data_6LON
#
_entry.id   6LON
#
_cell.length_a   92.917
_cell.length_b   219.401
_cell.length_c   213.141
_cell.angle_alpha   90.000
_cell.angle_beta   98.040
_cell.angle_gamma   90.000
#
_symmetry.space_group_name_H-M   'C 1 2 1'
#
loop_
_entity.id
_entity.type
_entity.pdbx_description
1 polymer 'PFL2/glycerol dehydratase family glycyl radical enzyme'
2 non-polymer '(2~{S})-2,3-bis(oxidanyl)propane-1-sulfonic acid'
3 non-polymer GLYCEROL
4 non-polymer 'SODIUM ION'
5 water water
#
_entity_poly.entity_id   1
_entity_poly.type   'polypeptide(L)'
_entity_poly.pdbx_seq_one_letter_code
;MSQCCCLSPQEERLQGTKKVNRQGRERVYKILDRIQFTVPHVDIERARYFTESMRQTEGELLTLRWAKALKNVAEKMTVY
ITPDQLLAGRVGQLGRYGILYPEIDGDFYIEVMKDLPNREKSPFQIDPAAAAILMEEIAPYWEGKTYHEHLNKVLPAEIR
GVTYHDERGLKSKFVVSETSSYRSALQWVPDYEKAMKRGFIDIQNEAKAKLAGLDLTNSVDIWEKKPFLEAMIIVCDAIM
IWAKRHAQLARDTAAATSDPVRKQELLRMADICEHVPAYPARNFREAVQCQWFVQMFSRIEQKASAIISNGRMDQYLYPY
YKKDIEEGTLTSEEAKELLECMWVDMAQFIDLYINPTGNEFQEGYAHWEAVTVGGQTPEGEDATNELSYLFLESKREFPM
TYPDLAVRIHSRTPDRFLYEIALTVQDGSGFPKLINDEEVVPLNAIKGCPINEALDYAISGCTETRMPNRDTYTSGCVYI
NFATALEMLMNNGRLHYYGDELIGLETGDPTRFQTWEEFYEAYKAQHINLLQKAFQQQHIVDRLRPQHFAAPLSSVLHNL
CMKNMQDLHSEKIEGGVDYSYFEFLGYATVVDSLAAIKKLVFEEKRLTMREVLDAMNANFVGYEPIQEMLKNAPCYGNND
PYADSIAKDVDRFTQVEAEKSSRDRGIHVDVRYVPITSHVPFGKIIAATPNGRVAGFPLADGSSASHGADHNGPTAVLLS
NYHSKNYGMINRASRLLNIKLSPKCVAGEQGAKKIMSIIRTWCDLKLWHLQFNIVNRDTLLAAQKDPNSYRNLIVRVAGY
SAYFCDMSPDLQNDIIDRTEHADL
;
_entity_poly.pdbx_strand_id   B,A,C,D
#
# COMPACT_ATOMS: atom_id res chain seq x y z
N ASN A 21 -50.02 -18.39 -40.66
CA ASN A 21 -49.20 -17.90 -39.56
C ASN A 21 -48.97 -19.00 -38.52
N ARG A 22 -49.94 -19.91 -38.37
CA ARG A 22 -49.82 -20.96 -37.35
C ARG A 22 -49.33 -22.29 -37.90
N GLN A 23 -49.18 -22.42 -39.21
CA GLN A 23 -48.74 -23.69 -39.76
C GLN A 23 -47.39 -24.07 -39.17
N GLY A 24 -47.29 -25.28 -38.64
CA GLY A 24 -46.04 -25.75 -38.08
C GLY A 24 -45.81 -25.35 -36.64
N ARG A 25 -46.73 -24.62 -36.04
CA ARG A 25 -46.57 -24.08 -34.69
C ARG A 25 -47.74 -24.47 -33.79
N GLU A 26 -48.27 -25.68 -33.96
CA GLU A 26 -49.42 -26.11 -33.15
C GLU A 26 -49.08 -26.14 -31.65
N ARG A 27 -47.90 -26.67 -31.28
CA ARG A 27 -47.58 -26.80 -29.86
C ARG A 27 -47.47 -25.44 -29.16
N VAL A 28 -46.68 -24.51 -29.71
CA VAL A 28 -46.48 -23.27 -28.98
C VAL A 28 -47.77 -22.47 -28.93
N TYR A 29 -48.55 -22.50 -30.02
CA TYR A 29 -49.82 -21.78 -30.01
C TYR A 29 -50.81 -22.43 -29.06
N LYS A 30 -50.79 -23.76 -28.96
CA LYS A 30 -51.68 -24.40 -28.00
C LYS A 30 -51.37 -23.92 -26.58
N ILE A 31 -50.10 -23.94 -26.18
CA ILE A 31 -49.70 -23.44 -24.86
C ILE A 31 -50.07 -21.96 -24.74
N LEU A 32 -49.74 -21.18 -25.76
CA LEU A 32 -49.92 -19.73 -25.65
C LEU A 32 -51.39 -19.36 -25.55
N ASP A 33 -52.24 -19.98 -26.37
CA ASP A 33 -53.65 -19.62 -26.38
C ASP A 33 -54.26 -19.77 -24.99
N ARG A 34 -53.82 -20.77 -24.22
CA ARG A 34 -54.44 -21.03 -22.92
C ARG A 34 -54.25 -19.88 -21.94
N ILE A 35 -53.10 -19.22 -21.97
CA ILE A 35 -52.73 -18.28 -20.89
C ILE A 35 -52.91 -16.84 -21.36
N GLN A 36 -52.81 -16.62 -22.65
CA GLN A 36 -52.75 -15.25 -23.17
C GLN A 36 -53.95 -14.45 -22.69
N PHE A 37 -53.66 -13.24 -22.18
CA PHE A 37 -54.67 -12.29 -21.73
C PHE A 37 -55.59 -12.93 -20.68
N THR A 38 -54.95 -13.29 -19.56
CA THR A 38 -55.60 -13.74 -18.33
C THR A 38 -54.91 -13.08 -17.14
N VAL A 39 -55.62 -12.93 -16.04
CA VAL A 39 -55.04 -12.25 -14.89
C VAL A 39 -54.07 -13.18 -14.16
N PRO A 40 -52.83 -12.77 -13.95
CA PRO A 40 -51.84 -13.68 -13.34
C PRO A 40 -52.13 -13.97 -11.86
N HIS A 41 -51.73 -15.17 -11.42
CA HIS A 41 -51.88 -15.62 -10.04
C HIS A 41 -50.64 -15.32 -9.21
N VAL A 42 -50.88 -15.06 -7.92
CA VAL A 42 -49.83 -15.04 -6.91
C VAL A 42 -49.59 -16.47 -6.43
N ASP A 43 -48.41 -16.99 -6.72
CA ASP A 43 -47.94 -18.27 -6.18
C ASP A 43 -47.06 -17.98 -4.97
N ILE A 44 -47.23 -18.76 -3.91
CA ILE A 44 -46.57 -18.47 -2.64
C ILE A 44 -45.51 -19.49 -2.29
N GLU A 45 -45.31 -20.52 -3.12
CA GLU A 45 -44.49 -21.63 -2.68
C GLU A 45 -43.05 -21.22 -2.45
N ARG A 46 -42.41 -20.59 -3.44
CA ARG A 46 -41.03 -20.15 -3.26
C ARG A 46 -40.88 -19.40 -1.94
N ALA A 47 -41.74 -18.41 -1.71
CA ALA A 47 -41.58 -17.61 -0.51
C ALA A 47 -41.86 -18.43 0.73
N ARG A 48 -42.75 -19.40 0.63
CA ARG A 48 -43.09 -20.18 1.81
C ARG A 48 -41.92 -21.06 2.24
N TYR A 49 -41.30 -21.76 1.31
CA TYR A 49 -40.22 -22.66 1.70
C TYR A 49 -38.89 -21.95 1.88
N PHE A 50 -38.70 -20.78 1.25
CA PHE A 50 -37.58 -19.91 1.56
C PHE A 50 -37.69 -19.42 2.99
N THR A 51 -38.83 -18.83 3.35
CA THR A 51 -39.07 -18.36 4.71
C THR A 51 -38.89 -19.48 5.72
N GLU A 52 -39.38 -20.67 5.39
CA GLU A 52 -39.32 -21.77 6.35
C GLU A 52 -37.88 -22.08 6.73
N SER A 53 -36.98 -22.09 5.76
CA SER A 53 -35.57 -22.38 6.03
C SER A 53 -34.89 -21.16 6.63
N MET A 54 -35.10 -19.98 6.05
CA MET A 54 -34.41 -18.78 6.52
C MET A 54 -34.67 -18.54 8.01
N ARG A 55 -35.87 -18.87 8.51
CA ARG A 55 -36.15 -18.58 9.92
C ARG A 55 -35.44 -19.54 10.88
N GLN A 56 -34.82 -20.59 10.39
CA GLN A 56 -34.05 -21.52 11.22
C GLN A 56 -32.56 -21.28 11.20
N THR A 57 -32.06 -20.40 10.33
CA THR A 57 -30.62 -20.24 10.10
C THR A 57 -30.09 -18.86 10.48
N GLU A 58 -30.86 -18.05 11.21
CA GLU A 58 -30.46 -16.71 11.58
C GLU A 58 -29.11 -16.73 12.27
N GLY A 59 -28.27 -15.74 11.96
CA GLY A 59 -26.96 -15.64 12.51
C GLY A 59 -25.86 -16.12 11.58
N GLU A 60 -26.18 -17.03 10.68
CA GLU A 60 -25.17 -17.62 9.80
C GLU A 60 -24.88 -16.70 8.62
N LEU A 61 -23.73 -16.95 7.98
CA LEU A 61 -23.37 -16.24 6.76
C LEU A 61 -24.56 -16.22 5.80
N LEU A 62 -24.91 -15.02 5.29
CA LEU A 62 -26.19 -14.88 4.57
C LEU A 62 -26.26 -15.80 3.36
N THR A 63 -25.16 -15.93 2.60
CA THR A 63 -25.26 -16.75 1.39
C THR A 63 -25.35 -18.25 1.73
N LEU A 64 -24.83 -18.65 2.89
CA LEU A 64 -25.03 -20.02 3.37
C LEU A 64 -26.48 -20.23 3.75
N ARG A 65 -27.06 -19.30 4.52
CA ARG A 65 -28.50 -19.35 4.77
C ARG A 65 -29.25 -19.46 3.47
N TRP A 66 -28.86 -18.64 2.49
CA TRP A 66 -29.61 -18.59 1.25
C TRP A 66 -29.58 -19.92 0.55
N ALA A 67 -28.40 -20.54 0.50
CA ALA A 67 -28.28 -21.82 -0.21
C ALA A 67 -29.11 -22.89 0.47
N LYS A 68 -29.09 -22.93 1.81
CA LYS A 68 -29.91 -23.89 2.55
C LYS A 68 -31.37 -23.68 2.22
N ALA A 69 -31.78 -22.42 2.11
CA ALA A 69 -33.16 -22.09 1.78
C ALA A 69 -33.51 -22.49 0.35
N LEU A 70 -32.61 -22.28 -0.61
CA LEU A 70 -32.89 -22.70 -1.98
C LEU A 70 -32.95 -24.21 -2.07
N LYS A 71 -32.18 -24.91 -1.23
CA LYS A 71 -32.28 -26.37 -1.22
C LYS A 71 -33.61 -26.81 -0.61
N ASN A 72 -34.11 -26.08 0.39
CA ASN A 72 -35.43 -26.37 0.93
C ASN A 72 -36.51 -26.18 -0.13
N VAL A 73 -36.46 -25.06 -0.85
CA VAL A 73 -37.38 -24.86 -1.96
C VAL A 73 -37.26 -26.01 -2.98
N ALA A 74 -36.03 -26.39 -3.31
CA ALA A 74 -35.83 -27.40 -4.34
C ALA A 74 -36.43 -28.74 -3.93
N GLU A 75 -36.43 -29.03 -2.64
CA GLU A 75 -36.90 -30.32 -2.15
C GLU A 75 -38.41 -30.35 -1.91
N LYS A 76 -39.05 -29.21 -1.63
CA LYS A 76 -40.42 -29.21 -1.11
C LYS A 76 -41.44 -28.56 -2.04
N MET A 77 -41.01 -27.69 -2.93
CA MET A 77 -41.94 -27.01 -3.83
C MET A 77 -42.50 -27.99 -4.86
N THR A 78 -43.74 -27.74 -5.26
CA THR A 78 -44.31 -28.39 -6.43
C THR A 78 -43.42 -28.24 -7.65
N VAL A 79 -43.12 -29.36 -8.31
CA VAL A 79 -42.42 -29.32 -9.60
C VAL A 79 -43.42 -29.58 -10.72
N TYR A 80 -43.16 -29.01 -11.89
CA TYR A 80 -44.15 -28.95 -12.94
C TYR A 80 -43.54 -29.25 -14.31
N ILE A 81 -44.37 -29.85 -15.16
CA ILE A 81 -44.16 -29.84 -16.60
C ILE A 81 -45.41 -29.19 -17.19
N THR A 82 -45.23 -28.05 -17.82
CA THR A 82 -46.36 -27.39 -18.43
C THR A 82 -46.95 -28.32 -19.49
N PRO A 83 -48.26 -28.51 -19.52
CA PRO A 83 -48.82 -29.46 -20.50
C PRO A 83 -48.39 -29.08 -21.92
N ASP A 84 -47.90 -30.08 -22.65
CA ASP A 84 -47.43 -29.98 -24.04
C ASP A 84 -46.01 -29.41 -24.16
N GLN A 85 -45.38 -28.92 -23.07
CA GLN A 85 -44.05 -28.31 -23.18
C GLN A 85 -43.00 -29.34 -23.54
N LEU A 86 -41.98 -28.91 -24.26
CA LEU A 86 -40.76 -29.69 -24.41
C LEU A 86 -39.74 -29.39 -23.31
N LEU A 87 -39.97 -28.36 -22.52
CA LEU A 87 -39.09 -27.97 -21.43
C LEU A 87 -39.75 -28.34 -20.12
N ALA A 88 -38.95 -28.88 -19.21
CA ALA A 88 -39.40 -29.13 -17.85
C ALA A 88 -39.05 -27.96 -16.94
N GLY A 89 -39.99 -27.61 -16.08
CA GLY A 89 -39.69 -26.67 -15.02
C GLY A 89 -40.53 -25.40 -15.11
N ARG A 90 -41.14 -25.08 -13.97
CA ARG A 90 -41.74 -23.78 -13.66
C ARG A 90 -41.33 -23.41 -12.25
N VAL A 91 -41.63 -22.17 -11.85
CA VAL A 91 -41.45 -21.80 -10.45
C VAL A 91 -42.77 -21.41 -9.80
N GLY A 92 -43.88 -21.86 -10.39
CA GLY A 92 -45.21 -21.56 -9.86
C GLY A 92 -46.29 -22.28 -10.69
N GLN A 93 -47.53 -22.17 -10.20
CA GLN A 93 -48.68 -22.93 -10.71
C GLN A 93 -48.98 -22.61 -12.17
N LEU A 94 -49.85 -23.44 -12.78
CA LEU A 94 -50.23 -23.25 -14.17
C LEU A 94 -51.01 -21.97 -14.35
N GLY A 95 -51.03 -21.49 -15.59
CA GLY A 95 -51.51 -20.15 -15.88
C GLY A 95 -50.36 -19.14 -15.91
N ARG A 96 -50.74 -17.87 -16.08
CA ARG A 96 -49.82 -16.77 -15.77
C ARG A 96 -49.71 -16.64 -14.26
N TYR A 97 -48.50 -16.33 -13.77
CA TYR A 97 -48.22 -16.34 -12.33
C TYR A 97 -47.02 -15.49 -12.01
N GLY A 98 -46.98 -15.01 -10.76
CA GLY A 98 -45.83 -14.33 -10.23
C GLY A 98 -45.52 -14.93 -8.86
N ILE A 99 -44.32 -14.62 -8.36
CA ILE A 99 -43.88 -15.18 -7.09
C ILE A 99 -43.45 -14.04 -6.18
N LEU A 100 -43.11 -14.41 -4.95
CA LEU A 100 -42.94 -13.46 -3.86
C LEU A 100 -41.53 -13.50 -3.24
N TYR A 101 -41.07 -12.33 -2.87
CA TYR A 101 -39.74 -12.13 -2.28
C TYR A 101 -39.91 -11.26 -1.05
N PRO A 102 -40.49 -11.83 0.02
CA PRO A 102 -40.78 -11.05 1.22
C PRO A 102 -39.56 -10.41 1.85
N GLU A 103 -38.37 -10.95 1.58
CA GLU A 103 -37.14 -10.35 2.10
C GLU A 103 -36.99 -8.90 1.65
N ILE A 104 -37.60 -8.53 0.52
CA ILE A 104 -37.52 -7.16 0.02
C ILE A 104 -38.52 -6.27 0.73
N ASP A 105 -39.81 -6.61 0.60
CA ASP A 105 -40.88 -5.65 0.81
C ASP A 105 -42.08 -6.28 1.51
N GLY A 106 -41.86 -7.29 2.36
CA GLY A 106 -42.95 -7.98 3.02
C GLY A 106 -43.76 -7.08 3.94
N ASP A 107 -43.19 -5.93 4.32
CA ASP A 107 -43.92 -4.95 5.11
C ASP A 107 -45.04 -4.31 4.32
N PHE A 108 -45.03 -4.46 2.99
CA PHE A 108 -46.12 -3.96 2.15
C PHE A 108 -47.31 -4.92 2.06
N TYR A 109 -47.16 -6.18 2.48
CA TYR A 109 -48.18 -7.19 2.18
C TYR A 109 -49.54 -6.85 2.78
N ILE A 110 -49.55 -6.37 4.03
CA ILE A 110 -50.81 -6.10 4.74
C ILE A 110 -51.66 -5.08 3.98
N GLU A 111 -51.03 -4.02 3.45
CA GLU A 111 -51.78 -2.98 2.73
C GLU A 111 -52.17 -3.42 1.32
N VAL A 112 -51.30 -4.17 0.64
CA VAL A 112 -51.35 -4.28 -0.80
C VAL A 112 -52.07 -5.55 -1.27
N MET A 113 -51.93 -6.67 -0.56
CA MET A 113 -52.54 -7.91 -1.04
C MET A 113 -54.05 -7.78 -1.17
N LYS A 114 -54.71 -7.09 -0.23
CA LYS A 114 -56.16 -6.89 -0.30
C LYS A 114 -56.58 -6.32 -1.64
N ASP A 115 -55.83 -5.35 -2.15
CA ASP A 115 -56.24 -4.54 -3.30
C ASP A 115 -55.67 -5.03 -4.63
N LEU A 116 -55.13 -6.25 -4.69
CA LEU A 116 -54.35 -6.65 -5.87
C LEU A 116 -55.25 -6.95 -7.07
N PRO A 117 -56.35 -7.67 -6.87
CA PRO A 117 -57.25 -7.93 -8.00
C PRO A 117 -57.83 -6.67 -8.61
N ASN A 118 -57.91 -5.58 -7.85
CA ASN A 118 -58.50 -4.33 -8.32
C ASN A 118 -57.46 -3.32 -8.75
N ARG A 119 -56.18 -3.67 -8.74
CA ARG A 119 -55.13 -2.70 -9.01
C ARG A 119 -55.27 -2.21 -10.44
N GLU A 120 -55.36 -0.89 -10.60
CA GLU A 120 -55.50 -0.32 -11.94
C GLU A 120 -54.35 -0.76 -12.83
N LYS A 121 -53.12 -0.60 -12.35
CA LYS A 121 -51.94 -1.05 -13.09
C LYS A 121 -51.56 -2.45 -12.62
N SER A 122 -51.48 -3.39 -13.59
CA SER A 122 -50.94 -4.72 -13.38
C SER A 122 -51.65 -5.50 -12.29
N PRO A 123 -52.94 -5.80 -12.42
CA PRO A 123 -53.64 -6.55 -11.37
C PRO A 123 -53.18 -7.99 -11.33
N PHE A 124 -53.25 -8.57 -10.13
CA PHE A 124 -53.01 -9.98 -9.90
C PHE A 124 -54.16 -10.53 -9.07
N GLN A 125 -54.41 -11.81 -9.22
CA GLN A 125 -55.36 -12.51 -8.39
C GLN A 125 -54.60 -13.42 -7.43
N ILE A 126 -55.22 -13.71 -6.29
CA ILE A 126 -54.62 -14.61 -5.30
C ILE A 126 -55.71 -15.49 -4.67
N ASP A 127 -55.46 -16.80 -4.69
CA ASP A 127 -56.30 -17.78 -3.99
C ASP A 127 -56.49 -17.37 -2.52
N PRO A 128 -57.70 -17.49 -1.98
CA PRO A 128 -57.87 -17.19 -0.53
C PRO A 128 -57.08 -18.07 0.41
N ALA A 129 -56.93 -19.37 0.10
CA ALA A 129 -56.15 -20.26 0.97
C ALA A 129 -54.67 -19.93 0.93
N ALA A 130 -54.15 -19.61 -0.25
CA ALA A 130 -52.76 -19.18 -0.34
C ALA A 130 -52.56 -17.86 0.38
N ALA A 131 -53.50 -16.92 0.23
CA ALA A 131 -53.37 -15.65 0.93
C ALA A 131 -53.39 -15.84 2.44
N ALA A 132 -54.12 -16.84 2.92
CA ALA A 132 -54.17 -17.07 4.37
C ALA A 132 -52.81 -17.49 4.90
N ILE A 133 -52.17 -18.44 4.23
CA ILE A 133 -50.83 -18.87 4.62
C ILE A 133 -49.86 -17.72 4.52
N LEU A 134 -49.99 -16.92 3.45
CA LEU A 134 -49.09 -15.80 3.25
C LEU A 134 -49.17 -14.84 4.43
N MET A 135 -50.37 -14.54 4.90
CA MET A 135 -50.54 -13.48 5.90
C MET A 135 -50.41 -14.00 7.32
N GLU A 136 -50.68 -15.27 7.54
CA GLU A 136 -50.60 -15.84 8.88
C GLU A 136 -49.29 -16.56 9.16
N GLU A 137 -48.65 -17.13 8.14
CA GLU A 137 -47.42 -17.91 8.33
C GLU A 137 -46.18 -17.23 7.79
N ILE A 138 -46.26 -16.53 6.66
CA ILE A 138 -45.08 -15.99 5.99
C ILE A 138 -44.81 -14.55 6.42
N ALA A 139 -45.79 -13.67 6.24
CA ALA A 139 -45.59 -12.25 6.54
C ALA A 139 -45.18 -11.98 7.97
N PRO A 140 -45.67 -12.71 8.97
CA PRO A 140 -45.27 -12.40 10.35
C PRO A 140 -43.80 -12.59 10.59
N TYR A 141 -43.19 -13.57 9.94
CA TYR A 141 -41.77 -13.79 10.16
C TYR A 141 -40.96 -12.56 9.74
N TRP A 142 -41.33 -11.92 8.65
CA TRP A 142 -40.57 -10.83 8.08
C TRP A 142 -40.81 -9.49 8.76
N GLU A 143 -41.73 -9.41 9.73
CA GLU A 143 -41.97 -8.14 10.40
C GLU A 143 -40.69 -7.71 11.11
N GLY A 144 -40.27 -6.47 10.85
CA GLY A 144 -39.02 -5.97 11.38
C GLY A 144 -37.77 -6.51 10.72
N LYS A 145 -37.89 -7.27 9.62
CA LYS A 145 -36.72 -7.87 8.99
C LYS A 145 -36.52 -7.52 7.53
N THR A 146 -37.49 -6.89 6.88
CA THR A 146 -37.36 -6.66 5.45
C THR A 146 -36.31 -5.58 5.18
N TYR A 147 -35.77 -5.65 3.97
CA TYR A 147 -34.88 -4.60 3.50
C TYR A 147 -35.58 -3.25 3.50
N HIS A 148 -36.82 -3.19 3.03
CA HIS A 148 -37.50 -1.90 2.99
C HIS A 148 -37.62 -1.29 4.38
N GLU A 149 -38.01 -2.08 5.37
CA GLU A 149 -38.16 -1.51 6.70
C GLU A 149 -36.85 -0.93 7.20
N HIS A 150 -35.75 -1.58 6.85
CA HIS A 150 -34.44 -1.19 7.35
C HIS A 150 -33.99 0.10 6.68
N LEU A 151 -34.15 0.20 5.36
CA LEU A 151 -33.81 1.44 4.68
C LEU A 151 -34.62 2.61 5.23
N ASN A 152 -35.92 2.41 5.42
CA ASN A 152 -36.77 3.49 5.88
C ASN A 152 -36.41 3.88 7.29
N LYS A 153 -36.09 2.91 8.13
CA LYS A 153 -35.74 3.22 9.50
C LYS A 153 -34.54 4.15 9.56
N VAL A 154 -33.49 3.85 8.78
CA VAL A 154 -32.19 4.47 9.02
C VAL A 154 -31.91 5.64 8.11
N LEU A 155 -32.75 5.89 7.11
CA LEU A 155 -32.49 6.99 6.19
C LEU A 155 -32.32 8.31 6.94
N PRO A 156 -31.24 9.06 6.72
CA PRO A 156 -31.08 10.33 7.45
C PRO A 156 -32.21 11.30 7.16
N ALA A 157 -32.57 12.09 8.18
CA ALA A 157 -33.66 13.05 8.04
C ALA A 157 -33.45 14.00 6.86
N GLU A 158 -32.19 14.38 6.59
CA GLU A 158 -31.91 15.32 5.51
C GLU A 158 -32.30 14.78 4.13
N ILE A 159 -32.51 13.46 4.04
CA ILE A 159 -32.77 12.77 2.77
C ILE A 159 -34.22 12.28 2.67
N ARG A 160 -34.93 12.14 3.80
CA ARG A 160 -36.27 11.58 3.79
C ARG A 160 -37.21 12.40 2.94
N GLY A 161 -37.08 13.74 3.00
CA GLY A 161 -38.04 14.60 2.33
C GLY A 161 -38.13 14.33 0.84
N VAL A 162 -36.99 14.10 0.19
CA VAL A 162 -37.05 13.81 -1.24
C VAL A 162 -37.30 12.34 -1.55
N THR A 163 -37.32 11.48 -0.54
CA THR A 163 -37.39 10.03 -0.78
C THR A 163 -38.78 9.47 -0.55
N TYR A 164 -39.35 9.76 0.60
CA TYR A 164 -40.61 9.16 1.03
C TYR A 164 -41.58 10.26 1.41
N HIS A 165 -42.84 10.11 1.03
CA HIS A 165 -43.84 11.06 1.47
C HIS A 165 -44.30 10.78 2.91
N ASP A 166 -44.29 9.51 3.34
CA ASP A 166 -44.86 9.07 4.61
C ASP A 166 -43.79 8.51 5.52
N GLU A 167 -44.16 8.38 6.80
CA GLU A 167 -43.24 7.93 7.82
C GLU A 167 -42.85 6.47 7.64
N ARG A 168 -43.78 5.64 7.14
CA ARG A 168 -43.54 4.21 6.95
C ARG A 168 -42.81 3.94 5.63
N GLY A 169 -42.54 4.97 4.85
CA GLY A 169 -41.81 4.79 3.61
C GLY A 169 -42.54 3.97 2.59
N LEU A 170 -43.86 3.91 2.70
CA LEU A 170 -44.67 3.17 1.74
C LEU A 170 -45.00 3.97 0.49
N LYS A 171 -44.86 5.29 0.51
CA LYS A 171 -45.17 6.11 -0.67
C LYS A 171 -43.92 6.88 -1.07
N SER A 172 -43.46 6.69 -2.29
CA SER A 172 -42.38 7.51 -2.80
C SER A 172 -42.80 8.97 -2.95
N LYS A 173 -41.83 9.86 -2.81
CA LYS A 173 -42.03 11.26 -3.17
C LYS A 173 -42.01 11.49 -4.67
N PHE A 174 -41.43 10.57 -5.43
CA PHE A 174 -41.20 10.74 -6.87
C PHE A 174 -40.40 12.00 -7.16
N VAL A 175 -39.49 12.33 -6.24
CA VAL A 175 -38.46 13.35 -6.45
C VAL A 175 -37.10 12.65 -6.61
N VAL A 176 -36.56 12.09 -5.52
CA VAL A 176 -35.37 11.24 -5.58
C VAL A 176 -35.78 9.87 -5.07
N SER A 177 -36.14 8.98 -5.98
CA SER A 177 -36.78 7.71 -5.64
C SER A 177 -35.73 6.62 -5.50
N GLU A 178 -35.70 5.99 -4.34
CA GLU A 178 -35.00 4.73 -4.22
C GLU A 178 -35.80 3.64 -4.95
N THR A 179 -35.06 2.67 -5.47
CA THR A 179 -35.61 1.60 -6.28
C THR A 179 -35.16 0.24 -5.78
N SER A 180 -34.51 0.20 -4.64
CA SER A 180 -33.98 -1.05 -4.14
C SER A 180 -34.95 -1.80 -3.24
N SER A 181 -36.07 -1.17 -2.85
CA SER A 181 -37.09 -1.80 -2.01
C SER A 181 -38.18 -2.47 -2.81
N TYR A 182 -37.96 -2.68 -4.11
CA TYR A 182 -38.94 -3.40 -4.90
C TYR A 182 -38.32 -4.47 -5.78
N ARG A 183 -37.03 -4.72 -5.65
CA ARG A 183 -36.31 -5.73 -6.42
C ARG A 183 -35.12 -6.16 -5.57
N SER A 184 -34.62 -7.38 -5.79
CA SER A 184 -33.47 -7.83 -5.02
C SER A 184 -32.18 -7.15 -5.48
N ALA A 185 -32.11 -6.78 -6.74
CA ALA A 185 -30.83 -6.52 -7.37
C ALA A 185 -31.11 -5.88 -8.71
N LEU A 186 -30.07 -5.26 -9.28
CA LEU A 186 -30.11 -4.88 -10.66
C LEU A 186 -30.33 -6.11 -11.53
N GLN A 187 -30.50 -5.86 -12.83
CA GLN A 187 -30.53 -6.94 -13.81
C GLN A 187 -29.24 -7.77 -13.71
N TRP A 188 -29.30 -9.00 -14.22
CA TRP A 188 -28.15 -9.89 -14.16
C TRP A 188 -28.17 -10.87 -15.34
N VAL A 189 -26.96 -11.25 -15.77
CA VAL A 189 -26.75 -12.30 -16.75
C VAL A 189 -25.80 -13.33 -16.14
N PRO A 190 -26.29 -14.50 -15.73
CA PRO A 190 -25.39 -15.53 -15.23
C PRO A 190 -24.70 -16.26 -16.38
N ASP A 191 -23.57 -16.87 -16.04
CA ASP A 191 -22.74 -17.61 -16.99
C ASP A 191 -23.38 -18.96 -17.32
N TYR A 192 -24.42 -18.91 -18.16
CA TYR A 192 -25.10 -20.13 -18.61
C TYR A 192 -24.13 -21.11 -19.25
N GLU A 193 -23.23 -20.62 -20.10
CA GLU A 193 -22.29 -21.48 -20.79
C GLU A 193 -21.49 -22.36 -19.83
N LYS A 194 -21.03 -21.80 -18.72
CA LYS A 194 -20.22 -22.56 -17.79
C LYS A 194 -21.01 -23.72 -17.20
N ALA A 195 -22.30 -23.50 -16.94
CA ALA A 195 -23.16 -24.56 -16.42
C ALA A 195 -23.35 -25.68 -17.44
N MET A 196 -23.51 -25.33 -18.71
CA MET A 196 -23.76 -26.36 -19.72
C MET A 196 -22.48 -27.09 -20.12
N LYS A 197 -21.34 -26.41 -20.11
CA LYS A 197 -20.08 -27.07 -20.42
C LYS A 197 -19.58 -27.95 -19.27
N ARG A 198 -19.77 -27.54 -18.02
CA ARG A 198 -19.16 -28.27 -16.89
C ARG A 198 -20.14 -29.14 -16.09
N GLY A 199 -21.38 -28.71 -15.93
CA GLY A 199 -22.31 -29.37 -15.05
C GLY A 199 -22.02 -29.01 -13.61
N PHE A 200 -23.05 -29.13 -12.78
CA PHE A 200 -22.91 -28.69 -11.41
C PHE A 200 -22.22 -29.70 -10.51
N ILE A 201 -22.04 -30.95 -10.97
CA ILE A 201 -21.15 -31.86 -10.23
C ILE A 201 -19.71 -31.38 -10.30
N ASP A 202 -19.27 -31.03 -11.50
CA ASP A 202 -17.92 -30.52 -11.64
C ASP A 202 -17.73 -29.17 -10.92
N ILE A 203 -18.76 -28.32 -10.94
CA ILE A 203 -18.65 -27.04 -10.23
C ILE A 203 -18.59 -27.28 -8.74
N GLN A 204 -19.47 -28.14 -8.24
CA GLN A 204 -19.42 -28.53 -6.84
C GLN A 204 -18.06 -29.13 -6.48
N ASN A 205 -17.50 -29.95 -7.35
CA ASN A 205 -16.20 -30.54 -7.05
C ASN A 205 -15.11 -29.48 -6.93
N GLU A 206 -15.19 -28.43 -7.75
CA GLU A 206 -14.27 -27.31 -7.58
C GLU A 206 -14.41 -26.69 -6.19
N ALA A 207 -15.64 -26.48 -5.73
CA ALA A 207 -15.87 -25.96 -4.38
C ALA A 207 -15.29 -26.90 -3.33
N LYS A 208 -15.55 -28.19 -3.48
CA LYS A 208 -14.97 -29.18 -2.59
C LYS A 208 -13.45 -29.14 -2.63
N ALA A 209 -12.87 -28.94 -3.81
CA ALA A 209 -11.40 -28.90 -3.89
C ALA A 209 -10.85 -27.66 -3.18
N LYS A 210 -11.47 -26.49 -3.43
CA LYS A 210 -11.08 -25.27 -2.72
C LYS A 210 -11.16 -25.50 -1.21
N LEU A 211 -12.20 -26.19 -0.77
CA LEU A 211 -12.41 -26.45 0.65
C LEU A 211 -11.32 -27.34 1.22
N ALA A 212 -10.94 -28.40 0.47
CA ALA A 212 -9.87 -29.28 0.93
C ALA A 212 -8.54 -28.55 0.95
N GLY A 213 -8.36 -27.56 0.07
CA GLY A 213 -7.17 -26.73 0.08
C GLY A 213 -7.10 -25.64 1.14
N LEU A 214 -8.17 -25.41 1.91
CA LEU A 214 -8.04 -24.50 3.05
C LEU A 214 -7.12 -25.09 4.13
N ASP A 215 -6.49 -24.23 4.90
CA ASP A 215 -5.82 -24.68 6.12
C ASP A 215 -6.80 -24.59 7.29
N LEU A 216 -7.51 -25.68 7.55
CA LEU A 216 -8.45 -25.73 8.67
C LEU A 216 -7.79 -25.97 10.02
N THR A 217 -6.47 -25.84 10.12
CA THR A 217 -5.81 -25.77 11.42
C THR A 217 -5.48 -24.34 11.81
N ASN A 218 -5.57 -23.39 10.87
CA ASN A 218 -5.17 -22.03 11.17
C ASN A 218 -6.34 -21.25 11.77
N SER A 219 -6.04 -20.01 12.22
CA SER A 219 -6.99 -19.28 13.05
C SER A 219 -8.20 -18.78 12.29
N VAL A 220 -8.19 -18.80 10.94
CA VAL A 220 -9.15 -17.97 10.19
C VAL A 220 -9.94 -18.67 9.09
N ASP A 221 -9.32 -19.58 8.34
CA ASP A 221 -10.02 -20.11 7.15
C ASP A 221 -11.37 -20.75 7.51
N ILE A 222 -11.43 -21.49 8.62
CA ILE A 222 -12.65 -22.18 9.02
C ILE A 222 -13.80 -21.20 9.14
N TRP A 223 -13.50 -19.93 9.42
CA TRP A 223 -14.56 -18.94 9.50
C TRP A 223 -14.69 -18.06 8.26
N GLU A 224 -13.56 -17.60 7.70
CA GLU A 224 -13.63 -16.61 6.63
C GLU A 224 -14.01 -17.22 5.29
N LYS A 225 -13.62 -18.47 5.04
CA LYS A 225 -13.73 -19.11 3.72
C LYS A 225 -14.60 -20.35 3.70
N LYS A 226 -14.48 -21.22 4.70
CA LYS A 226 -15.23 -22.47 4.66
C LYS A 226 -16.75 -22.23 4.58
N PRO A 227 -17.36 -21.33 5.33
CA PRO A 227 -18.83 -21.21 5.23
C PRO A 227 -19.29 -20.85 3.83
N PHE A 228 -18.51 -20.06 3.09
CA PHE A 228 -18.85 -19.74 1.72
C PHE A 228 -18.78 -20.99 0.82
N LEU A 229 -17.73 -21.79 0.97
CA LEU A 229 -17.60 -22.97 0.11
C LEU A 229 -18.67 -24.02 0.47
N GLU A 230 -19.00 -24.16 1.76
CA GLU A 230 -20.15 -24.97 2.15
C GLU A 230 -21.43 -24.49 1.46
N ALA A 231 -21.66 -23.17 1.42
CA ALA A 231 -22.84 -22.63 0.73
C ALA A 231 -22.84 -23.02 -0.74
N MET A 232 -21.67 -22.95 -1.38
CA MET A 232 -21.62 -23.25 -2.78
C MET A 232 -21.91 -24.74 -3.00
N ILE A 233 -21.37 -25.60 -2.15
CA ILE A 233 -21.65 -27.02 -2.26
C ILE A 233 -23.15 -27.26 -2.14
N ILE A 234 -23.79 -26.55 -1.22
CA ILE A 234 -25.21 -26.74 -0.96
C ILE A 234 -26.05 -26.23 -2.12
N VAL A 235 -25.70 -25.07 -2.68
CA VAL A 235 -26.52 -24.52 -3.76
C VAL A 235 -26.38 -25.39 -5.00
N CYS A 236 -25.24 -26.05 -5.19
CA CYS A 236 -25.13 -26.99 -6.31
C CYS A 236 -26.04 -28.19 -6.11
N ASP A 237 -26.10 -28.74 -4.89
CA ASP A 237 -27.10 -29.77 -4.59
C ASP A 237 -28.52 -29.26 -4.84
N ALA A 238 -28.82 -28.03 -4.43
CA ALA A 238 -30.19 -27.54 -4.54
C ALA A 238 -30.67 -27.65 -5.99
N ILE A 239 -29.90 -27.10 -6.93
CA ILE A 239 -30.42 -27.07 -8.28
C ILE A 239 -30.42 -28.46 -8.87
N MET A 240 -29.46 -29.30 -8.48
CA MET A 240 -29.43 -30.67 -8.99
C MET A 240 -30.60 -31.50 -8.46
N ILE A 241 -30.94 -31.33 -7.18
CA ILE A 241 -32.10 -32.01 -6.60
C ILE A 241 -33.36 -31.59 -7.35
N TRP A 242 -33.49 -30.29 -7.59
CA TRP A 242 -34.65 -29.78 -8.28
C TRP A 242 -34.77 -30.39 -9.66
N ALA A 243 -33.66 -30.44 -10.40
CA ALA A 243 -33.72 -31.01 -11.73
C ALA A 243 -34.10 -32.48 -11.68
N LYS A 244 -33.55 -33.23 -10.72
CA LYS A 244 -33.83 -34.66 -10.65
C LYS A 244 -35.31 -34.91 -10.39
N ARG A 245 -35.95 -34.08 -9.56
CA ARG A 245 -37.37 -34.29 -9.31
C ARG A 245 -38.18 -34.12 -10.60
N HIS A 246 -37.69 -33.32 -11.54
CA HIS A 246 -38.33 -33.19 -12.85
C HIS A 246 -38.21 -34.48 -13.66
N ALA A 247 -37.03 -35.10 -13.64
CA ALA A 247 -36.85 -36.34 -14.38
C ALA A 247 -37.91 -37.36 -13.97
N GLN A 248 -38.15 -37.49 -12.66
CA GLN A 248 -39.13 -38.43 -12.15
C GLN A 248 -40.56 -37.99 -12.48
N LEU A 249 -40.84 -36.70 -12.41
CA LEU A 249 -42.14 -36.19 -12.85
C LEU A 249 -42.40 -36.52 -14.30
N ALA A 250 -41.36 -36.53 -15.13
CA ALA A 250 -41.57 -36.82 -16.54
C ALA A 250 -41.91 -38.29 -16.76
N ARG A 251 -41.24 -39.19 -16.03
N ARG A 251 -41.20 -39.18 -16.07
CA ARG A 251 -41.53 -40.60 -16.19
CA ARG A 251 -41.52 -40.61 -16.16
C ARG A 251 -42.93 -40.94 -15.68
C ARG A 251 -42.96 -40.86 -15.73
N ASP A 252 -43.34 -40.37 -14.54
CA ASP A 252 -44.69 -40.59 -14.04
C ASP A 252 -45.71 -40.00 -15.00
N THR A 253 -45.41 -38.84 -15.58
CA THR A 253 -46.34 -38.26 -16.53
C THR A 253 -46.40 -39.12 -17.79
N ALA A 254 -45.26 -39.66 -18.20
CA ALA A 254 -45.25 -40.51 -19.38
C ALA A 254 -46.12 -41.74 -19.13
N ALA A 255 -45.98 -42.35 -17.96
CA ALA A 255 -46.76 -43.55 -17.69
C ALA A 255 -48.26 -43.25 -17.72
N ALA A 256 -48.66 -42.06 -17.30
CA ALA A 256 -50.06 -41.67 -17.25
C ALA A 256 -50.57 -41.11 -18.57
N THR A 257 -49.76 -41.14 -19.63
CA THR A 257 -50.12 -40.52 -20.90
C THR A 257 -50.29 -41.62 -21.94
N SER A 258 -51.49 -41.68 -22.51
CA SER A 258 -51.81 -42.69 -23.52
C SER A 258 -51.19 -42.38 -24.86
N ASP A 259 -51.31 -41.12 -25.33
CA ASP A 259 -50.76 -40.74 -26.63
C ASP A 259 -49.32 -41.26 -26.75
N PRO A 260 -49.01 -42.10 -27.74
CA PRO A 260 -47.65 -42.64 -27.80
C PRO A 260 -46.60 -41.58 -28.05
N VAL A 261 -46.94 -40.54 -28.82
CA VAL A 261 -45.91 -39.59 -29.25
C VAL A 261 -45.46 -38.73 -28.07
N ARG A 262 -46.43 -38.15 -27.37
CA ARG A 262 -46.17 -37.38 -26.17
C ARG A 262 -45.50 -38.23 -25.11
N LYS A 263 -45.84 -39.51 -25.03
CA LYS A 263 -45.18 -40.38 -24.08
C LYS A 263 -43.70 -40.47 -24.37
N GLN A 264 -43.33 -40.64 -25.66
CA GLN A 264 -41.90 -40.68 -25.97
C GLN A 264 -41.25 -39.33 -25.67
N GLU A 265 -41.94 -38.24 -25.97
CA GLU A 265 -41.45 -36.90 -25.66
C GLU A 265 -41.13 -36.78 -24.19
N LEU A 266 -42.10 -37.14 -23.34
CA LEU A 266 -41.89 -37.09 -21.90
C LEU A 266 -40.76 -38.02 -21.47
N LEU A 267 -40.56 -39.15 -22.17
CA LEU A 267 -39.49 -40.04 -21.77
C LEU A 267 -38.13 -39.47 -22.15
N ARG A 268 -38.01 -38.82 -23.30
CA ARG A 268 -36.75 -38.17 -23.66
C ARG A 268 -36.46 -37.02 -22.70
N MET A 269 -37.50 -36.30 -22.30
CA MET A 269 -37.37 -35.25 -21.29
C MET A 269 -36.76 -35.81 -20.01
N ALA A 270 -37.22 -36.99 -19.57
CA ALA A 270 -36.67 -37.56 -18.34
C ALA A 270 -35.19 -37.90 -18.49
N ASP A 271 -34.78 -38.43 -19.64
CA ASP A 271 -33.35 -38.67 -19.85
C ASP A 271 -32.57 -37.36 -19.80
N ILE A 272 -33.09 -36.33 -20.43
CA ILE A 272 -32.44 -35.01 -20.42
C ILE A 272 -32.28 -34.48 -19.01
N CYS A 273 -33.35 -34.49 -18.23
CA CYS A 273 -33.31 -33.95 -16.89
C CYS A 273 -32.48 -34.81 -15.94
N GLU A 274 -32.25 -36.07 -16.27
CA GLU A 274 -31.32 -36.87 -15.50
C GLU A 274 -29.88 -36.45 -15.74
N HIS A 275 -29.56 -36.03 -16.96
CA HIS A 275 -28.19 -35.69 -17.27
C HIS A 275 -27.87 -34.24 -16.92
N VAL A 276 -28.70 -33.29 -17.33
CA VAL A 276 -28.38 -31.88 -17.10
C VAL A 276 -29.25 -31.35 -15.97
N PRO A 277 -28.76 -30.41 -15.15
CA PRO A 277 -27.49 -29.67 -15.18
C PRO A 277 -26.38 -30.32 -14.37
N ALA A 278 -26.60 -31.55 -13.91
CA ALA A 278 -25.59 -32.21 -13.09
C ALA A 278 -24.33 -32.46 -13.89
N TYR A 279 -24.48 -32.87 -15.14
CA TYR A 279 -23.38 -33.20 -16.02
C TYR A 279 -23.39 -32.31 -17.25
N PRO A 280 -22.27 -32.23 -17.97
CA PRO A 280 -22.23 -31.41 -19.19
C PRO A 280 -23.29 -31.80 -20.19
N ALA A 281 -23.88 -30.79 -20.80
CA ALA A 281 -24.84 -30.99 -21.87
C ALA A 281 -24.15 -31.72 -23.03
N ARG A 282 -24.86 -32.66 -23.63
CA ARG A 282 -24.33 -33.48 -24.71
C ARG A 282 -24.86 -33.08 -26.08
N ASN A 283 -25.85 -32.19 -26.13
CA ASN A 283 -26.45 -31.79 -27.38
C ASN A 283 -27.29 -30.54 -27.15
N PHE A 284 -27.83 -30.00 -28.24
CA PHE A 284 -28.55 -28.74 -28.20
C PHE A 284 -29.71 -28.81 -27.21
N ARG A 285 -30.49 -29.89 -27.28
CA ARG A 285 -31.64 -30.01 -26.41
C ARG A 285 -31.23 -30.04 -24.94
N GLU A 286 -30.11 -30.67 -24.62
CA GLU A 286 -29.67 -30.66 -23.22
C GLU A 286 -29.11 -29.29 -22.83
N ALA A 287 -28.45 -28.62 -23.76
CA ALA A 287 -27.92 -27.29 -23.52
C ALA A 287 -29.04 -26.31 -23.19
N VAL A 288 -30.13 -26.37 -23.95
CA VAL A 288 -31.27 -25.47 -23.73
C VAL A 288 -31.97 -25.77 -22.41
N GLN A 289 -32.16 -27.06 -22.09
CA GLN A 289 -32.82 -27.40 -20.83
C GLN A 289 -31.94 -27.08 -19.65
N CYS A 290 -30.62 -27.21 -19.80
CA CYS A 290 -29.70 -26.70 -18.78
C CYS A 290 -29.91 -25.21 -18.55
N GLN A 291 -29.84 -24.44 -19.63
CA GLN A 291 -30.08 -23.00 -19.58
C GLN A 291 -31.39 -22.72 -18.85
N TRP A 292 -32.44 -23.45 -19.23
CA TRP A 292 -33.77 -23.28 -18.65
C TRP A 292 -33.76 -23.51 -17.15
N PHE A 293 -33.07 -24.57 -16.69
CA PHE A 293 -32.99 -24.82 -15.25
C PHE A 293 -32.26 -23.69 -14.53
N VAL A 294 -31.18 -23.16 -15.12
CA VAL A 294 -30.42 -22.10 -14.46
C VAL A 294 -31.25 -20.82 -14.40
N GLN A 295 -31.93 -20.46 -15.49
CA GLN A 295 -32.68 -19.21 -15.44
C GLN A 295 -33.89 -19.32 -14.55
N MET A 296 -34.53 -20.50 -14.51
CA MET A 296 -35.69 -20.66 -13.63
C MET A 296 -35.27 -20.73 -12.16
N PHE A 297 -34.19 -21.44 -11.87
CA PHE A 297 -33.70 -21.45 -10.49
C PHE A 297 -33.17 -20.07 -10.07
N SER A 298 -32.72 -19.24 -11.03
CA SER A 298 -32.34 -17.87 -10.69
C SER A 298 -33.55 -17.07 -10.19
N ARG A 299 -34.74 -17.32 -10.76
CA ARG A 299 -35.97 -16.68 -10.25
C ARG A 299 -36.28 -17.14 -8.84
N ILE A 300 -36.04 -18.40 -8.53
CA ILE A 300 -36.20 -18.87 -7.16
C ILE A 300 -35.17 -18.19 -6.25
N GLU A 301 -33.95 -18.01 -6.75
CA GLU A 301 -32.92 -17.35 -5.96
C GLU A 301 -33.32 -15.95 -5.56
N GLN A 302 -33.80 -15.14 -6.52
CA GLN A 302 -33.99 -13.73 -6.21
C GLN A 302 -34.75 -13.05 -7.34
N LYS A 303 -35.11 -11.78 -7.09
CA LYS A 303 -35.77 -10.90 -8.06
C LYS A 303 -34.74 -9.94 -8.65
N ALA A 304 -33.98 -10.46 -9.61
CA ALA A 304 -33.12 -9.61 -10.44
C ALA A 304 -33.97 -8.69 -11.29
N SER A 305 -33.54 -7.44 -11.39
CA SER A 305 -34.36 -6.46 -12.09
C SER A 305 -34.62 -6.90 -13.52
N ALA A 306 -35.86 -6.71 -13.97
CA ALA A 306 -36.31 -6.91 -15.33
C ALA A 306 -36.63 -8.38 -15.60
N ILE A 307 -36.50 -9.24 -14.58
CA ILE A 307 -36.44 -10.69 -14.68
C ILE A 307 -35.15 -11.12 -15.38
N ILE A 308 -34.55 -12.20 -14.86
CA ILE A 308 -33.19 -12.59 -15.18
C ILE A 308 -32.98 -12.62 -16.70
N SER A 309 -31.83 -12.11 -17.16
CA SER A 309 -31.58 -12.08 -18.59
C SER A 309 -30.83 -13.35 -19.05
N ASN A 310 -30.81 -13.56 -20.37
CA ASN A 310 -30.49 -14.85 -20.93
C ASN A 310 -29.14 -14.92 -21.63
N GLY A 311 -28.47 -13.79 -21.84
CA GLY A 311 -27.12 -13.80 -22.36
C GLY A 311 -27.08 -14.00 -23.86
N ARG A 312 -25.88 -14.32 -24.35
CA ARG A 312 -25.60 -14.43 -25.77
C ARG A 312 -25.98 -15.83 -26.26
N MET A 313 -27.28 -16.08 -26.32
CA MET A 313 -27.77 -17.42 -26.68
C MET A 313 -27.23 -17.88 -28.02
N ASP A 314 -27.08 -16.98 -28.99
CA ASP A 314 -26.61 -17.45 -30.29
C ASP A 314 -25.15 -17.84 -30.24
N GLN A 315 -24.39 -17.37 -29.26
CA GLN A 315 -23.00 -17.77 -29.14
C GLN A 315 -22.83 -19.07 -28.34
N TYR A 316 -23.35 -19.16 -27.13
CA TYR A 316 -23.01 -20.36 -26.37
C TYR A 316 -23.81 -21.61 -26.81
N LEU A 317 -24.93 -21.46 -27.52
CA LEU A 317 -25.67 -22.58 -28.05
C LEU A 317 -25.15 -23.04 -29.39
N TYR A 318 -24.32 -22.24 -30.06
CA TYR A 318 -23.95 -22.57 -31.43
C TYR A 318 -23.13 -23.86 -31.55
N PRO A 319 -22.13 -24.14 -30.71
CA PRO A 319 -21.43 -25.43 -30.85
C PRO A 319 -22.39 -26.62 -30.80
N TYR A 320 -23.37 -26.60 -29.92
CA TYR A 320 -24.33 -27.68 -29.84
C TYR A 320 -25.18 -27.74 -31.10
N TYR A 321 -25.59 -26.57 -31.58
CA TYR A 321 -26.50 -26.50 -32.70
C TYR A 321 -25.82 -26.97 -33.97
N LYS A 322 -24.59 -26.53 -34.20
CA LYS A 322 -23.86 -26.93 -35.38
C LYS A 322 -23.60 -28.43 -35.40
N LYS A 323 -23.24 -29.00 -34.25
CA LYS A 323 -22.93 -30.42 -34.18
C LYS A 323 -24.17 -31.25 -34.47
N ASP A 324 -25.28 -30.97 -33.78
CA ASP A 324 -26.49 -31.73 -34.00
C ASP A 324 -27.00 -31.57 -35.44
N ILE A 325 -27.00 -30.35 -35.95
CA ILE A 325 -27.38 -30.17 -37.36
C ILE A 325 -26.55 -31.11 -38.23
N GLU A 326 -25.23 -31.01 -38.12
CA GLU A 326 -24.35 -31.78 -38.99
C GLU A 326 -24.59 -33.27 -38.84
N GLU A 327 -24.74 -33.74 -37.62
CA GLU A 327 -24.95 -35.17 -37.40
C GLU A 327 -26.39 -35.62 -37.64
N GLY A 328 -27.28 -34.74 -38.08
CA GLY A 328 -28.63 -35.12 -38.39
C GLY A 328 -29.53 -35.41 -37.22
N THR A 329 -29.11 -35.13 -35.99
CA THR A 329 -30.01 -35.28 -34.85
C THR A 329 -30.95 -34.09 -34.63
N LEU A 330 -30.81 -33.04 -35.42
CA LEU A 330 -31.56 -31.81 -35.18
C LEU A 330 -31.68 -31.06 -36.48
N THR A 331 -32.83 -30.43 -36.68
CA THR A 331 -33.02 -29.50 -37.78
C THR A 331 -33.24 -28.10 -37.22
N SER A 332 -33.12 -27.12 -38.12
CA SER A 332 -33.29 -25.73 -37.70
C SER A 332 -34.72 -25.45 -37.28
N GLU A 333 -35.69 -26.14 -37.91
CA GLU A 333 -37.08 -26.01 -37.52
C GLU A 333 -37.31 -26.56 -36.11
N GLU A 334 -36.66 -27.68 -35.78
CA GLU A 334 -36.78 -28.20 -34.42
C GLU A 334 -36.09 -27.28 -33.42
N ALA A 335 -34.92 -26.72 -33.78
CA ALA A 335 -34.26 -25.78 -32.87
C ALA A 335 -35.16 -24.57 -32.60
N LYS A 336 -35.74 -24.03 -33.67
CA LYS A 336 -36.63 -22.90 -33.53
C LYS A 336 -37.85 -23.26 -32.67
N GLU A 337 -38.38 -24.47 -32.81
CA GLU A 337 -39.49 -24.86 -31.96
C GLU A 337 -39.08 -24.87 -30.51
N LEU A 338 -37.90 -25.39 -30.21
CA LEU A 338 -37.49 -25.48 -28.80
C LEU A 338 -37.29 -24.07 -28.21
N LEU A 339 -36.65 -23.17 -28.96
CA LEU A 339 -36.50 -21.79 -28.46
C LEU A 339 -37.86 -21.15 -28.22
N GLU A 340 -38.82 -21.41 -29.11
CA GLU A 340 -40.15 -20.83 -28.96
C GLU A 340 -40.90 -21.43 -27.80
N CYS A 341 -40.61 -22.69 -27.46
CA CYS A 341 -41.14 -23.24 -26.21
C CYS A 341 -40.64 -22.45 -25.01
N MET A 342 -39.39 -22.01 -25.06
CA MET A 342 -38.87 -21.15 -24.00
C MET A 342 -39.69 -19.87 -23.89
N TRP A 343 -39.98 -19.25 -25.02
CA TRP A 343 -40.66 -17.96 -24.97
C TRP A 343 -42.05 -18.10 -24.35
N VAL A 344 -42.79 -19.17 -24.69
CA VAL A 344 -44.20 -19.24 -24.25
C VAL A 344 -44.26 -19.58 -22.77
N ASP A 345 -43.27 -20.27 -22.24
CA ASP A 345 -43.27 -20.44 -20.79
C ASP A 345 -42.67 -19.25 -20.06
N MET A 346 -41.71 -18.54 -20.66
CA MET A 346 -41.30 -17.25 -20.07
C MET A 346 -42.48 -16.30 -20.03
N ALA A 347 -43.36 -16.36 -21.04
CA ALA A 347 -44.51 -15.47 -21.05
C ALA A 347 -45.51 -15.78 -19.94
N GLN A 348 -45.40 -16.91 -19.26
CA GLN A 348 -46.27 -17.15 -18.13
C GLN A 348 -45.69 -16.71 -16.80
N PHE A 349 -44.41 -16.35 -16.74
CA PHE A 349 -43.82 -15.83 -15.51
C PHE A 349 -43.89 -14.31 -15.58
N ILE A 350 -44.75 -13.73 -14.75
CA ILE A 350 -45.08 -12.32 -14.74
C ILE A 350 -44.38 -11.66 -13.55
N ASP A 351 -43.73 -10.52 -13.80
CA ASP A 351 -43.05 -9.79 -12.74
C ASP A 351 -44.08 -9.18 -11.79
N LEU A 352 -44.08 -9.64 -10.55
CA LEU A 352 -45.03 -9.23 -9.52
C LEU A 352 -44.38 -8.22 -8.59
N TYR A 353 -44.77 -6.96 -8.73
CA TYR A 353 -44.28 -5.90 -7.88
C TYR A 353 -45.34 -5.60 -6.83
N ILE A 354 -45.00 -5.80 -5.57
CA ILE A 354 -45.90 -5.44 -4.46
C ILE A 354 -45.76 -3.96 -4.11
N ASN A 355 -44.53 -3.49 -3.92
CA ASN A 355 -44.24 -2.11 -3.59
C ASN A 355 -44.81 -1.21 -4.69
N PRO A 356 -45.71 -0.27 -4.37
CA PRO A 356 -46.29 0.58 -5.43
C PRO A 356 -45.26 1.26 -6.30
N THR A 357 -44.11 1.66 -5.72
CA THR A 357 -43.09 2.32 -6.55
C THR A 357 -42.64 1.42 -7.68
N GLY A 358 -42.38 0.15 -7.36
CA GLY A 358 -42.00 -0.79 -8.41
C GLY A 358 -43.11 -0.98 -9.43
N ASN A 359 -44.37 -1.00 -8.95
CA ASN A 359 -45.48 -1.20 -9.88
C ASN A 359 -45.58 -0.04 -10.86
N GLU A 360 -45.42 1.20 -10.36
CA GLU A 360 -45.58 2.34 -11.24
C GLU A 360 -44.31 2.63 -12.04
N PHE A 361 -43.15 2.12 -11.61
CA PHE A 361 -41.96 2.22 -12.45
C PHE A 361 -41.90 1.09 -13.49
N GLN A 362 -42.66 0.02 -13.31
CA GLN A 362 -42.75 -1.04 -14.29
C GLN A 362 -44.21 -1.42 -14.55
N GLU A 363 -45.06 -0.45 -14.89
CA GLU A 363 -46.47 -0.73 -15.02
C GLU A 363 -46.73 -1.58 -16.25
N GLY A 364 -47.84 -2.32 -16.20
CA GLY A 364 -48.17 -3.23 -17.28
C GLY A 364 -47.33 -4.49 -17.34
N TYR A 365 -46.85 -4.98 -16.20
CA TYR A 365 -45.99 -6.14 -16.19
C TYR A 365 -44.73 -5.94 -17.03
N ALA A 366 -44.14 -4.75 -16.94
CA ALA A 366 -42.91 -4.47 -17.69
C ALA A 366 -41.82 -5.50 -17.37
N HIS A 367 -41.12 -5.94 -18.40
CA HIS A 367 -40.16 -7.02 -18.27
C HIS A 367 -39.19 -6.87 -19.42
N TRP A 368 -37.93 -7.24 -19.20
CA TRP A 368 -36.91 -7.18 -20.24
C TRP A 368 -35.92 -8.31 -20.00
N GLU A 369 -36.34 -9.53 -20.35
CA GLU A 369 -35.50 -10.72 -20.22
C GLU A 369 -34.65 -10.82 -21.48
N ALA A 370 -33.60 -9.99 -21.53
CA ALA A 370 -32.87 -9.77 -22.78
C ALA A 370 -32.27 -11.06 -23.31
N VAL A 371 -32.39 -11.24 -24.63
CA VAL A 371 -31.67 -12.27 -25.36
C VAL A 371 -30.74 -11.56 -26.32
N THR A 372 -29.43 -11.86 -26.22
CA THR A 372 -28.44 -11.15 -27.03
C THR A 372 -28.05 -12.02 -28.22
N VAL A 373 -28.09 -11.42 -29.41
CA VAL A 373 -27.57 -12.04 -30.62
C VAL A 373 -26.66 -11.06 -31.35
N GLY A 374 -25.75 -11.62 -32.11
CA GLY A 374 -24.83 -10.81 -32.87
C GLY A 374 -23.75 -10.20 -31.98
N GLY A 375 -22.98 -9.32 -32.61
CA GLY A 375 -21.91 -8.62 -31.95
C GLY A 375 -20.57 -9.10 -32.41
N GLN A 376 -19.63 -9.18 -31.46
CA GLN A 376 -18.25 -9.56 -31.75
C GLN A 376 -17.86 -10.71 -30.85
N THR A 377 -16.86 -11.46 -31.29
CA THR A 377 -16.28 -12.47 -30.44
C THR A 377 -15.32 -11.84 -29.44
N PRO A 378 -14.88 -12.61 -28.45
CA PRO A 378 -13.84 -12.10 -27.53
C PRO A 378 -12.55 -11.68 -28.23
N GLU A 379 -12.35 -12.09 -29.48
CA GLU A 379 -11.21 -11.67 -30.26
C GLU A 379 -11.52 -10.46 -31.16
N GLY A 380 -12.71 -9.89 -31.04
CA GLY A 380 -13.01 -8.69 -31.79
C GLY A 380 -13.28 -8.88 -33.25
N GLU A 381 -13.77 -10.04 -33.66
CA GLU A 381 -14.33 -10.19 -34.99
C GLU A 381 -15.84 -10.39 -34.91
N ASP A 382 -16.50 -10.20 -36.04
CA ASP A 382 -17.94 -10.35 -36.06
C ASP A 382 -18.32 -11.74 -35.60
N ALA A 383 -19.40 -11.83 -34.82
CA ALA A 383 -19.80 -13.08 -34.21
C ALA A 383 -21.07 -13.64 -34.82
N THR A 384 -21.55 -13.07 -35.92
CA THR A 384 -22.75 -13.59 -36.60
C THR A 384 -22.60 -15.06 -37.00
N ASN A 385 -23.62 -15.88 -36.69
CA ASN A 385 -23.67 -17.26 -37.13
C ASN A 385 -25.11 -17.63 -37.52
N GLU A 386 -25.29 -18.88 -37.98
CA GLU A 386 -26.62 -19.33 -38.44
C GLU A 386 -27.68 -19.14 -37.37
N LEU A 387 -27.30 -19.34 -36.10
CA LEU A 387 -28.24 -19.16 -35.00
C LEU A 387 -28.66 -17.70 -34.85
N SER A 388 -27.74 -16.76 -35.06
CA SER A 388 -28.13 -15.35 -35.03
C SER A 388 -29.31 -15.10 -35.96
N TYR A 389 -29.22 -15.60 -37.20
CA TYR A 389 -30.30 -15.43 -38.17
C TYR A 389 -31.56 -16.17 -37.73
N LEU A 390 -31.38 -17.35 -37.16
CA LEU A 390 -32.53 -18.13 -36.71
C LEU A 390 -33.35 -17.36 -35.69
N PHE A 391 -32.69 -16.69 -34.73
CA PHE A 391 -33.41 -15.90 -33.75
C PHE A 391 -34.23 -14.78 -34.40
N LEU A 392 -33.68 -14.13 -35.42
CA LEU A 392 -34.41 -13.04 -36.04
C LEU A 392 -35.57 -13.58 -36.89
N GLU A 393 -35.35 -14.68 -37.60
CA GLU A 393 -36.45 -15.34 -38.33
C GLU A 393 -37.60 -15.64 -37.40
N SER A 394 -37.30 -16.32 -36.28
CA SER A 394 -38.32 -16.72 -35.33
C SER A 394 -39.11 -15.53 -34.82
N LYS A 395 -38.49 -14.37 -34.70
CA LYS A 395 -39.19 -13.23 -34.12
C LYS A 395 -40.23 -12.72 -35.09
N ARG A 396 -39.88 -12.72 -36.37
CA ARG A 396 -40.79 -12.39 -37.47
C ARG A 396 -41.90 -13.43 -37.60
N GLU A 397 -41.53 -14.71 -37.64
CA GLU A 397 -42.50 -15.78 -37.86
C GLU A 397 -43.45 -15.95 -36.69
N PHE A 398 -42.98 -15.68 -35.48
CA PHE A 398 -43.73 -16.01 -34.27
C PHE A 398 -43.81 -14.74 -33.43
N PRO A 399 -44.56 -13.74 -33.91
CA PRO A 399 -44.55 -12.44 -33.25
C PRO A 399 -45.17 -12.51 -31.87
N MET A 400 -44.49 -11.90 -30.92
CA MET A 400 -44.85 -12.06 -29.53
C MET A 400 -43.95 -11.13 -28.74
N THR A 401 -44.37 -10.82 -27.53
CA THR A 401 -43.65 -9.89 -26.69
C THR A 401 -42.49 -10.56 -25.95
N TYR A 402 -42.27 -11.84 -26.18
CA TYR A 402 -41.10 -12.55 -25.70
C TYR A 402 -40.43 -13.21 -26.90
N PRO A 403 -39.10 -13.30 -26.90
CA PRO A 403 -38.22 -12.76 -25.86
C PRO A 403 -37.87 -11.30 -26.16
N ASP A 404 -37.20 -10.59 -25.26
CA ASP A 404 -36.71 -9.26 -25.58
C ASP A 404 -35.41 -9.42 -26.38
N LEU A 405 -35.57 -9.48 -27.69
CA LEU A 405 -34.45 -9.75 -28.57
C LEU A 405 -33.65 -8.47 -28.76
N ALA A 406 -32.37 -8.55 -28.43
CA ALA A 406 -31.48 -7.40 -28.47
C ALA A 406 -30.27 -7.77 -29.31
N VAL A 407 -29.91 -6.92 -30.28
CA VAL A 407 -28.81 -7.19 -31.19
C VAL A 407 -27.65 -6.24 -30.91
N ARG A 408 -26.44 -6.77 -30.90
CA ARG A 408 -25.22 -5.99 -30.80
C ARG A 408 -24.76 -5.56 -32.19
N ILE A 409 -24.47 -4.29 -32.34
CA ILE A 409 -24.00 -3.70 -33.58
C ILE A 409 -22.59 -3.20 -33.38
N HIS A 410 -21.77 -3.30 -34.42
CA HIS A 410 -20.43 -2.71 -34.37
C HIS A 410 -20.08 -2.20 -35.75
N SER A 411 -18.91 -1.56 -35.86
CA SER A 411 -18.55 -0.90 -37.13
C SER A 411 -18.40 -1.89 -38.28
N ARG A 412 -18.32 -3.19 -38.01
CA ARG A 412 -18.13 -4.19 -39.06
C ARG A 412 -19.25 -5.22 -39.06
N THR A 413 -20.42 -4.83 -38.58
CA THR A 413 -21.58 -5.68 -38.73
C THR A 413 -21.78 -5.93 -40.22
N PRO A 414 -21.88 -7.20 -40.64
CA PRO A 414 -21.96 -7.49 -42.08
C PRO A 414 -23.27 -6.99 -42.68
N ASP A 415 -23.19 -6.53 -43.94
CA ASP A 415 -24.36 -5.98 -44.62
C ASP A 415 -25.53 -6.96 -44.64
N ARG A 416 -25.25 -8.26 -44.84
CA ARG A 416 -26.33 -9.23 -44.91
C ARG A 416 -27.03 -9.38 -43.55
N PHE A 417 -26.29 -9.30 -42.45
CA PHE A 417 -26.95 -9.39 -41.14
C PHE A 417 -27.71 -8.12 -40.85
N LEU A 418 -27.14 -6.97 -41.21
CA LEU A 418 -27.85 -5.71 -40.99
C LEU A 418 -29.14 -5.67 -41.79
N TYR A 419 -29.11 -6.21 -43.02
CA TYR A 419 -30.33 -6.29 -43.81
C TYR A 419 -31.36 -7.15 -43.10
N GLU A 420 -30.95 -8.31 -42.60
CA GLU A 420 -31.86 -9.16 -41.83
C GLU A 420 -32.46 -8.42 -40.65
N ILE A 421 -31.64 -7.62 -39.94
CA ILE A 421 -32.14 -6.77 -38.87
C ILE A 421 -33.20 -5.82 -39.40
N ALA A 422 -32.93 -5.19 -40.53
CA ALA A 422 -33.88 -4.23 -41.09
C ALA A 422 -35.19 -4.89 -41.45
N LEU A 423 -35.13 -6.09 -42.04
CA LEU A 423 -36.35 -6.86 -42.29
C LEU A 423 -37.14 -7.04 -41.00
N THR A 424 -36.45 -7.37 -39.91
CA THR A 424 -37.13 -7.57 -38.63
C THR A 424 -37.71 -6.25 -38.12
N VAL A 425 -36.97 -5.14 -38.24
CA VAL A 425 -37.52 -3.83 -37.91
C VAL A 425 -38.79 -3.57 -38.73
N GLN A 426 -38.72 -3.80 -40.04
CA GLN A 426 -39.86 -3.58 -40.91
C GLN A 426 -41.09 -4.34 -40.47
N ASP A 427 -40.91 -5.52 -39.88
CA ASP A 427 -42.04 -6.36 -39.50
C ASP A 427 -42.96 -5.67 -38.52
N GLY A 428 -42.49 -4.62 -37.85
CA GLY A 428 -43.36 -3.78 -37.04
C GLY A 428 -43.78 -4.34 -35.70
N SER A 429 -43.02 -5.28 -35.13
CA SER A 429 -43.27 -5.73 -33.76
C SER A 429 -42.32 -5.11 -32.76
N GLY A 430 -41.50 -4.15 -33.19
CA GLY A 430 -40.54 -3.45 -32.34
C GLY A 430 -39.35 -4.29 -31.94
N PHE A 431 -38.87 -5.15 -32.83
CA PHE A 431 -37.68 -5.92 -32.55
C PHE A 431 -36.75 -5.79 -33.74
N PRO A 432 -35.44 -5.98 -33.54
CA PRO A 432 -34.79 -6.10 -32.22
C PRO A 432 -34.45 -4.72 -31.64
N LYS A 433 -34.19 -4.60 -30.33
CA LYS A 433 -33.51 -3.41 -29.85
C LYS A 433 -32.03 -3.53 -30.20
N LEU A 434 -31.37 -2.38 -30.35
CA LEU A 434 -29.99 -2.32 -30.81
C LEU A 434 -29.10 -1.69 -29.75
N ILE A 435 -27.92 -2.30 -29.54
CA ILE A 435 -26.92 -1.81 -28.60
C ILE A 435 -25.61 -1.76 -29.34
N ASN A 436 -24.84 -0.68 -29.11
CA ASN A 436 -23.70 -0.32 -29.94
C ASN A 436 -22.38 -0.71 -29.25
N ASP A 437 -21.70 -1.73 -29.79
CA ASP A 437 -20.39 -2.14 -29.30
C ASP A 437 -19.41 -0.97 -29.27
N GLU A 438 -19.49 -0.08 -30.26
CA GLU A 438 -18.47 0.96 -30.43
C GLU A 438 -18.57 2.02 -29.34
N GLU A 439 -19.71 2.13 -28.66
CA GLU A 439 -19.83 2.93 -27.45
C GLU A 439 -19.50 2.11 -26.22
N VAL A 440 -20.12 0.94 -26.11
CA VAL A 440 -20.11 0.15 -24.89
C VAL A 440 -18.73 -0.42 -24.58
N VAL A 441 -18.08 -1.01 -25.59
CA VAL A 441 -16.88 -1.80 -25.30
C VAL A 441 -15.77 -0.89 -24.82
N PRO A 442 -15.50 0.23 -25.50
CA PRO A 442 -14.46 1.12 -24.99
C PRO A 442 -14.77 1.70 -23.64
N LEU A 443 -16.01 2.10 -23.37
CA LEU A 443 -16.31 2.62 -22.04
C LEU A 443 -16.08 1.55 -20.99
N ASN A 444 -16.63 0.35 -21.20
CA ASN A 444 -16.47 -0.69 -20.19
C ASN A 444 -15.01 -1.07 -19.99
N ALA A 445 -14.23 -1.15 -21.06
CA ALA A 445 -12.81 -1.47 -20.92
C ALA A 445 -12.03 -0.34 -20.25
N ILE A 446 -12.24 0.91 -20.68
CA ILE A 446 -11.56 2.05 -20.02
C ILE A 446 -11.84 2.04 -18.52
N LYS A 447 -13.04 1.62 -18.14
CA LYS A 447 -13.38 1.59 -16.73
C LYS A 447 -12.78 0.39 -16.02
N GLY A 448 -12.04 -0.47 -16.71
CA GLY A 448 -11.31 -1.55 -16.07
C GLY A 448 -11.67 -2.96 -16.52
N CYS A 449 -12.66 -3.19 -17.38
CA CYS A 449 -12.94 -4.56 -17.78
C CYS A 449 -11.91 -5.01 -18.81
N PRO A 450 -11.29 -6.18 -18.65
CA PRO A 450 -10.36 -6.67 -19.69
C PRO A 450 -11.05 -6.70 -21.05
N ILE A 451 -10.29 -6.31 -22.09
CA ILE A 451 -10.89 -6.04 -23.39
C ILE A 451 -11.60 -7.28 -23.95
N ASN A 452 -11.01 -8.47 -23.78
CA ASN A 452 -11.65 -9.69 -24.28
C ASN A 452 -12.99 -9.95 -23.59
N GLU A 453 -13.07 -9.68 -22.28
CA GLU A 453 -14.34 -9.82 -21.58
C GLU A 453 -15.32 -8.70 -21.96
N ALA A 454 -14.82 -7.48 -22.16
CA ALA A 454 -15.69 -6.40 -22.59
C ALA A 454 -16.30 -6.69 -23.95
N LEU A 455 -15.51 -7.27 -24.87
CA LEU A 455 -16.03 -7.62 -26.18
C LEU A 455 -17.08 -8.71 -26.11
N ASP A 456 -17.15 -9.43 -25.00
CA ASP A 456 -18.00 -10.60 -24.88
C ASP A 456 -19.25 -10.29 -24.10
N TYR A 457 -19.65 -9.02 -24.02
CA TYR A 457 -20.75 -8.63 -23.15
C TYR A 457 -22.11 -9.13 -23.65
N ALA A 458 -22.97 -9.35 -22.68
CA ALA A 458 -24.37 -9.66 -22.87
C ALA A 458 -25.17 -8.40 -22.64
N ILE A 459 -26.24 -8.23 -23.41
CA ILE A 459 -27.22 -7.21 -23.12
C ILE A 459 -28.07 -7.71 -21.97
N SER A 460 -28.42 -6.83 -21.05
CA SER A 460 -29.09 -7.25 -19.82
C SER A 460 -30.17 -6.23 -19.48
N GLY A 461 -31.37 -6.72 -19.22
CA GLY A 461 -32.44 -5.81 -18.89
C GLY A 461 -32.79 -4.93 -20.09
N CYS A 462 -33.03 -3.66 -19.82
N CYS A 462 -33.13 -3.69 -19.81
CA CYS A 462 -33.48 -2.75 -20.86
CA CYS A 462 -33.44 -2.72 -20.86
C CYS A 462 -32.36 -2.38 -21.83
C CYS A 462 -32.26 -2.56 -21.80
N THR A 463 -31.19 -1.96 -21.31
CA THR A 463 -30.09 -1.56 -22.18
C THR A 463 -28.72 -1.83 -21.56
N GLU A 464 -28.64 -2.61 -20.51
CA GLU A 464 -27.41 -2.66 -19.75
C GLU A 464 -26.49 -3.72 -20.35
N THR A 465 -25.24 -3.69 -19.91
CA THR A 465 -24.17 -4.48 -20.52
C THR A 465 -23.43 -5.19 -19.40
N ARG A 466 -23.53 -6.52 -19.38
CA ARG A 466 -22.98 -7.33 -18.31
C ARG A 466 -21.85 -8.19 -18.83
N MET A 467 -20.80 -8.28 -18.04
CA MET A 467 -19.68 -9.17 -18.26
C MET A 467 -19.73 -10.20 -17.13
N PRO A 468 -20.24 -11.41 -17.38
CA PRO A 468 -20.74 -12.25 -16.29
C PRO A 468 -19.68 -12.77 -15.32
N ASN A 469 -18.40 -12.67 -15.63
CA ASN A 469 -17.37 -13.05 -14.69
C ASN A 469 -16.51 -11.86 -14.27
N ARG A 470 -17.01 -10.64 -14.47
CA ARG A 470 -16.27 -9.43 -14.15
C ARG A 470 -17.14 -8.43 -13.40
N ASP A 471 -18.36 -8.19 -13.88
CA ASP A 471 -19.34 -7.41 -13.14
C ASP A 471 -19.52 -7.92 -11.72
N THR A 472 -19.47 -7.00 -10.78
CA THR A 472 -19.74 -7.31 -9.39
C THR A 472 -20.80 -6.41 -8.72
N TYR A 473 -21.31 -5.37 -9.36
CA TYR A 473 -22.19 -4.42 -8.66
C TYR A 473 -23.65 -4.76 -8.95
N THR A 474 -24.48 -4.84 -7.90
CA THR A 474 -25.83 -5.37 -8.03
C THR A 474 -26.91 -4.50 -7.37
N SER A 475 -26.59 -3.29 -6.93
CA SER A 475 -27.56 -2.44 -6.20
C SER A 475 -28.48 -1.65 -7.16
N GLY A 476 -29.78 -1.82 -6.99
CA GLY A 476 -30.72 -1.01 -7.73
C GLY A 476 -30.52 0.44 -7.41
N CYS A 477 -30.49 1.30 -8.42
CA CYS A 477 -30.00 2.65 -8.25
C CYS A 477 -31.12 3.70 -8.34
N VAL A 478 -30.83 4.83 -7.71
CA VAL A 478 -31.76 5.92 -7.53
C VAL A 478 -32.28 6.46 -8.88
N TYR A 479 -33.54 6.90 -8.88
CA TYR A 479 -34.18 7.56 -10.01
C TYR A 479 -34.46 9.02 -9.64
N ILE A 480 -33.99 9.96 -10.46
CA ILE A 480 -34.10 11.39 -10.13
C ILE A 480 -35.07 12.05 -11.11
N ASN A 481 -36.10 12.68 -10.56
CA ASN A 481 -37.09 13.44 -11.31
C ASN A 481 -36.55 14.88 -11.44
N PHE A 482 -35.74 15.13 -12.47
CA PHE A 482 -35.14 16.44 -12.59
C PHE A 482 -36.14 17.51 -13.04
N ALA A 483 -37.32 17.13 -13.51
CA ALA A 483 -38.33 18.15 -13.74
C ALA A 483 -38.70 18.82 -12.42
N THR A 484 -38.46 18.16 -11.28
CA THR A 484 -38.71 18.82 -10.01
C THR A 484 -37.73 19.94 -9.80
N ALA A 485 -36.49 19.78 -10.26
CA ALA A 485 -35.55 20.90 -10.11
C ALA A 485 -36.06 22.11 -10.88
N LEU A 486 -36.64 21.88 -12.05
CA LEU A 486 -37.19 22.95 -12.88
C LEU A 486 -38.37 23.62 -12.18
N GLU A 487 -39.34 22.82 -11.73
CA GLU A 487 -40.49 23.42 -11.06
C GLU A 487 -40.06 24.15 -9.81
N MET A 488 -39.11 23.60 -9.06
CA MET A 488 -38.74 24.23 -7.80
C MET A 488 -37.99 25.53 -8.07
N LEU A 489 -37.26 25.61 -9.18
CA LEU A 489 -36.67 26.89 -9.58
C LEU A 489 -37.77 27.93 -9.80
N MET A 490 -38.88 27.52 -10.41
CA MET A 490 -39.99 28.44 -10.63
C MET A 490 -40.86 28.65 -9.39
N ASN A 491 -40.62 27.95 -8.26
CA ASN A 491 -41.60 27.94 -7.19
C ASN A 491 -40.91 27.96 -5.82
N ASN A 492 -39.74 28.60 -5.73
CA ASN A 492 -39.05 28.77 -4.46
C ASN A 492 -38.89 27.46 -3.69
N GLY A 493 -38.55 26.38 -4.39
CA GLY A 493 -38.25 25.14 -3.68
C GLY A 493 -39.46 24.31 -3.35
N ARG A 494 -40.64 24.71 -3.83
CA ARG A 494 -41.86 23.98 -3.64
C ARG A 494 -42.26 23.32 -4.95
N LEU A 495 -43.04 22.27 -4.82
CA LEU A 495 -43.77 21.67 -5.93
C LEU A 495 -45.25 21.88 -5.67
N HIS A 496 -45.99 22.27 -6.70
CA HIS A 496 -47.40 22.55 -6.49
C HIS A 496 -48.10 21.31 -5.99
N TYR A 497 -47.72 20.15 -6.50
CA TYR A 497 -48.33 18.90 -6.04
C TYR A 497 -48.24 18.73 -4.54
N TYR A 498 -47.22 19.27 -3.89
CA TYR A 498 -47.07 19.08 -2.45
C TYR A 498 -47.36 20.33 -1.65
N GLY A 499 -47.92 21.37 -2.28
CA GLY A 499 -48.33 22.55 -1.54
C GLY A 499 -47.13 23.36 -1.14
N ASP A 500 -47.13 23.81 0.11
CA ASP A 500 -46.09 24.72 0.57
C ASP A 500 -44.87 24.01 1.16
N GLU A 501 -44.86 22.66 1.21
CA GLU A 501 -43.72 21.94 1.76
C GLU A 501 -42.43 22.34 1.03
N LEU A 502 -41.41 22.71 1.81
CA LEU A 502 -40.11 23.01 1.22
C LEU A 502 -39.40 21.68 0.92
N ILE A 503 -39.30 21.36 -0.35
CA ILE A 503 -38.65 20.14 -0.81
C ILE A 503 -37.21 20.39 -1.22
N GLY A 504 -36.99 21.41 -2.05
CA GLY A 504 -35.68 21.79 -2.57
C GLY A 504 -35.10 23.01 -1.89
N LEU A 505 -34.44 23.84 -2.69
CA LEU A 505 -33.80 25.05 -2.20
C LEU A 505 -34.70 26.26 -2.40
N GLU A 506 -34.50 27.27 -1.54
CA GLU A 506 -35.26 28.52 -1.61
C GLU A 506 -34.54 29.50 -2.53
N THR A 507 -34.66 29.24 -3.83
CA THR A 507 -34.01 30.08 -4.84
C THR A 507 -34.79 31.36 -5.12
N GLY A 508 -35.97 31.52 -4.56
CA GLY A 508 -36.65 32.81 -4.54
C GLY A 508 -37.60 33.02 -5.69
N ASP A 509 -38.06 34.25 -5.76
CA ASP A 509 -39.04 34.64 -6.76
C ASP A 509 -38.38 34.60 -8.13
N PRO A 510 -38.88 33.78 -9.08
CA PRO A 510 -38.19 33.69 -10.39
C PRO A 510 -38.24 34.96 -11.21
N THR A 511 -39.15 35.90 -10.90
CA THR A 511 -39.18 37.16 -11.64
C THR A 511 -38.05 38.10 -11.23
N ARG A 512 -37.33 37.79 -10.15
CA ARG A 512 -36.20 38.60 -9.72
C ARG A 512 -34.90 38.24 -10.44
N PHE A 513 -34.82 37.09 -11.10
CA PHE A 513 -33.60 36.79 -11.81
C PHE A 513 -33.43 37.77 -12.95
N GLN A 514 -32.25 38.42 -13.00
CA GLN A 514 -31.99 39.50 -13.94
C GLN A 514 -31.32 39.04 -15.23
N THR A 515 -30.59 37.94 -15.19
CA THR A 515 -29.87 37.44 -16.34
C THR A 515 -30.09 35.94 -16.44
N TRP A 516 -29.91 35.44 -17.67
CA TRP A 516 -29.89 34.00 -17.90
C TRP A 516 -28.89 33.32 -16.97
N GLU A 517 -27.67 33.84 -16.92
CA GLU A 517 -26.62 33.28 -16.08
C GLU A 517 -27.09 33.06 -14.64
N GLU A 518 -27.74 34.07 -14.05
CA GLU A 518 -28.22 33.88 -12.68
C GLU A 518 -29.32 32.84 -12.63
N PHE A 519 -30.23 32.86 -13.60
CA PHE A 519 -31.30 31.87 -13.67
C PHE A 519 -30.72 30.45 -13.77
N TYR A 520 -29.78 30.25 -14.68
CA TYR A 520 -29.22 28.92 -14.89
C TYR A 520 -28.43 28.46 -13.67
N GLU A 521 -27.71 29.37 -13.00
CA GLU A 521 -27.00 29.00 -11.77
C GLU A 521 -27.97 28.56 -10.70
N ALA A 522 -29.15 29.19 -10.64
CA ALA A 522 -30.16 28.73 -9.70
C ALA A 522 -30.71 27.37 -10.10
N TYR A 523 -30.89 27.15 -11.41
CA TYR A 523 -31.27 25.82 -11.88
C TYR A 523 -30.24 24.79 -11.38
N LYS A 524 -28.95 25.10 -11.58
CA LYS A 524 -27.87 24.17 -11.21
C LYS A 524 -27.88 23.92 -9.72
N ALA A 525 -28.14 24.94 -8.91
CA ALA A 525 -28.23 24.72 -7.46
C ALA A 525 -29.30 23.69 -7.14
N GLN A 526 -30.49 23.82 -7.75
CA GLN A 526 -31.55 22.86 -7.49
C GLN A 526 -31.15 21.48 -7.97
N HIS A 527 -30.53 21.44 -9.14
CA HIS A 527 -30.18 20.20 -9.79
C HIS A 527 -29.13 19.45 -8.99
N ILE A 528 -28.03 20.13 -8.63
CA ILE A 528 -26.94 19.51 -7.87
C ILE A 528 -27.41 19.09 -6.47
N ASN A 529 -28.33 19.85 -5.87
CA ASN A 529 -28.91 19.46 -4.59
C ASN A 529 -29.61 18.10 -4.69
N LEU A 530 -30.37 17.87 -5.76
CA LEU A 530 -30.97 16.56 -5.95
C LEU A 530 -29.88 15.50 -6.13
N LEU A 531 -28.88 15.79 -6.96
CA LEU A 531 -27.78 14.86 -7.18
C LEU A 531 -27.14 14.45 -5.86
N GLN A 532 -26.83 15.46 -5.02
CA GLN A 532 -26.17 15.18 -3.76
C GLN A 532 -26.99 14.22 -2.90
N LYS A 533 -28.30 14.42 -2.87
CA LYS A 533 -29.14 13.55 -2.05
C LYS A 533 -29.29 12.18 -2.69
N ALA A 534 -29.30 12.13 -4.03
CA ALA A 534 -29.35 10.86 -4.74
C ALA A 534 -28.12 10.01 -4.43
N PHE A 535 -26.94 10.63 -4.48
CA PHE A 535 -25.70 9.88 -4.24
C PHE A 535 -25.63 9.41 -2.79
N GLN A 536 -26.09 10.22 -1.85
CA GLN A 536 -26.13 9.81 -0.44
C GLN A 536 -27.11 8.67 -0.21
N GLN A 537 -28.28 8.75 -0.82
CA GLN A 537 -29.23 7.66 -0.71
C GLN A 537 -28.64 6.38 -1.28
N GLN A 538 -28.03 6.47 -2.47
CA GLN A 538 -27.48 5.29 -3.10
C GLN A 538 -26.35 4.67 -2.27
N HIS A 539 -25.48 5.52 -1.68
CA HIS A 539 -24.40 4.96 -0.86
C HIS A 539 -24.96 4.16 0.30
N ILE A 540 -26.01 4.68 0.94
CA ILE A 540 -26.62 3.95 2.05
C ILE A 540 -27.21 2.64 1.59
N VAL A 541 -27.87 2.68 0.42
CA VAL A 541 -28.41 1.45 -0.18
C VAL A 541 -27.30 0.42 -0.37
N ASP A 542 -26.15 0.87 -0.88
CA ASP A 542 -25.00 -0.02 -1.09
C ASP A 542 -24.54 -0.65 0.22
N ARG A 543 -24.58 0.13 1.32
CA ARG A 543 -24.17 -0.40 2.62
C ARG A 543 -25.19 -1.37 3.19
N LEU A 544 -26.48 -1.20 2.90
CA LEU A 544 -27.51 -2.00 3.53
C LEU A 544 -27.84 -3.28 2.76
N ARG A 545 -27.80 -3.26 1.43
CA ARG A 545 -28.21 -4.42 0.66
C ARG A 545 -27.45 -5.69 1.04
N PRO A 546 -26.14 -5.66 1.31
CA PRO A 546 -25.41 -6.91 1.66
C PRO A 546 -25.87 -7.54 2.95
N GLN A 547 -26.58 -6.79 3.78
CA GLN A 547 -27.14 -7.31 5.01
C GLN A 547 -28.48 -8.01 4.80
N HIS A 548 -29.09 -7.89 3.61
CA HIS A 548 -30.39 -8.49 3.32
C HIS A 548 -30.40 -9.45 2.14
N PHE A 549 -29.45 -9.35 1.23
CA PHE A 549 -29.54 -10.08 -0.01
C PHE A 549 -28.28 -10.90 -0.26
N ALA A 550 -28.47 -12.14 -0.69
CA ALA A 550 -27.40 -12.97 -1.20
C ALA A 550 -27.90 -13.64 -2.46
N ALA A 551 -26.95 -14.25 -3.17
CA ALA A 551 -27.25 -14.95 -4.44
C ALA A 551 -26.24 -16.07 -4.61
N PRO A 552 -26.42 -17.18 -3.88
CA PRO A 552 -25.44 -18.26 -3.93
C PRO A 552 -25.32 -18.92 -5.30
N LEU A 553 -26.43 -19.06 -6.04
CA LEU A 553 -26.33 -19.65 -7.39
C LEU A 553 -25.57 -18.74 -8.35
N SER A 554 -25.94 -17.45 -8.37
CA SER A 554 -25.21 -16.50 -9.21
C SER A 554 -23.73 -16.47 -8.83
N SER A 555 -23.43 -16.61 -7.55
CA SER A 555 -22.04 -16.58 -7.09
C SER A 555 -21.25 -17.79 -7.60
N VAL A 556 -21.85 -18.98 -7.54
CA VAL A 556 -21.09 -20.18 -7.88
C VAL A 556 -20.77 -20.22 -9.35
N LEU A 557 -21.56 -19.52 -10.16
CA LEU A 557 -21.30 -19.34 -11.58
C LEU A 557 -20.39 -18.16 -11.90
N HIS A 558 -19.80 -17.52 -10.89
CA HIS A 558 -19.03 -16.29 -11.08
C HIS A 558 -17.58 -16.54 -10.69
N ASN A 559 -16.67 -16.37 -11.67
CA ASN A 559 -15.26 -16.64 -11.42
C ASN A 559 -14.72 -15.91 -10.19
N LEU A 560 -15.08 -14.63 -10.00
CA LEU A 560 -14.50 -13.84 -8.93
C LEU A 560 -15.13 -14.15 -7.60
N CYS A 561 -16.42 -14.49 -7.58
CA CYS A 561 -17.02 -14.94 -6.32
C CYS A 561 -16.33 -16.18 -5.82
N MET A 562 -16.06 -17.12 -6.72
CA MET A 562 -15.43 -18.38 -6.34
C MET A 562 -13.98 -18.16 -5.93
N LYS A 563 -13.27 -17.29 -6.66
CA LYS A 563 -11.87 -17.08 -6.37
C LYS A 563 -11.69 -16.39 -5.03
N ASN A 564 -12.50 -15.37 -4.77
CA ASN A 564 -12.41 -14.64 -3.50
C ASN A 564 -13.24 -15.27 -2.40
N MET A 565 -14.05 -16.27 -2.70
CA MET A 565 -14.95 -16.88 -1.73
C MET A 565 -15.82 -15.81 -1.05
N GLN A 566 -16.53 -15.08 -1.90
CA GLN A 566 -17.51 -14.08 -1.48
C GLN A 566 -18.75 -14.14 -2.34
N ASP A 567 -19.90 -13.91 -1.70
CA ASP A 567 -21.17 -13.76 -2.40
C ASP A 567 -21.17 -12.53 -3.30
N LEU A 568 -21.86 -12.64 -4.43
CA LEU A 568 -21.94 -11.57 -5.42
C LEU A 568 -22.42 -10.24 -4.83
N HIS A 569 -23.32 -10.29 -3.85
CA HIS A 569 -23.84 -9.04 -3.30
C HIS A 569 -22.97 -8.47 -2.20
N SER A 570 -21.77 -9.02 -2.00
CA SER A 570 -20.77 -8.33 -1.19
C SER A 570 -20.46 -6.98 -1.82
N GLU A 571 -20.03 -6.03 -1.00
CA GLU A 571 -19.81 -4.65 -1.47
C GLU A 571 -18.63 -4.57 -2.42
N LYS A 572 -17.50 -5.16 -2.04
CA LYS A 572 -16.26 -5.09 -2.80
C LYS A 572 -15.74 -6.50 -3.02
N ILE A 573 -15.46 -6.83 -4.28
CA ILE A 573 -14.92 -8.13 -4.66
C ILE A 573 -13.73 -7.86 -5.54
N GLU A 574 -12.54 -8.16 -5.02
CA GLU A 574 -11.30 -7.80 -5.69
C GLU A 574 -11.24 -8.39 -7.09
N GLY A 575 -10.86 -7.55 -8.05
CA GLY A 575 -10.91 -7.88 -9.46
C GLY A 575 -12.20 -7.52 -10.14
N GLY A 576 -13.27 -7.31 -9.38
CA GLY A 576 -14.52 -6.91 -9.99
C GLY A 576 -14.46 -5.48 -10.51
N VAL A 577 -15.40 -5.19 -11.39
CA VAL A 577 -15.68 -3.82 -11.80
C VAL A 577 -17.12 -3.54 -11.40
N ASP A 578 -17.30 -2.44 -10.70
CA ASP A 578 -18.57 -2.02 -10.16
C ASP A 578 -19.13 -0.87 -11.02
N TYR A 579 -20.14 -1.19 -11.80
CA TYR A 579 -20.80 -0.21 -12.67
C TYR A 579 -22.09 0.20 -11.97
N SER A 580 -22.09 1.37 -11.28
CA SER A 580 -23.32 1.89 -10.70
C SER A 580 -23.89 3.05 -11.54
N TYR A 581 -25.12 3.44 -11.17
CA TYR A 581 -25.95 4.29 -11.99
C TYR A 581 -26.67 5.32 -11.13
N PHE A 582 -27.18 6.35 -11.82
CA PHE A 582 -28.27 7.16 -11.32
C PHE A 582 -29.03 7.64 -12.54
N GLU A 583 -30.37 7.63 -12.42
CA GLU A 583 -31.26 7.88 -13.57
C GLU A 583 -31.64 9.34 -13.69
N PHE A 584 -31.47 9.85 -14.89
CA PHE A 584 -31.88 11.19 -15.27
C PHE A 584 -33.24 11.05 -15.95
N LEU A 585 -34.30 11.50 -15.27
CA LEU A 585 -35.63 11.51 -15.86
C LEU A 585 -36.02 12.95 -16.22
N GLY A 586 -36.62 13.13 -17.39
CA GLY A 586 -37.07 14.45 -17.82
C GLY A 586 -36.08 15.28 -18.59
N TYR A 587 -35.04 14.68 -19.17
CA TYR A 587 -33.96 15.42 -19.82
C TYR A 587 -34.48 16.46 -20.82
N ALA A 588 -35.22 16.01 -21.82
CA ALA A 588 -35.68 16.93 -22.84
C ALA A 588 -36.68 17.94 -22.29
N THR A 589 -37.47 17.55 -21.29
CA THR A 589 -38.38 18.50 -20.65
C THR A 589 -37.60 19.63 -20.02
N VAL A 590 -36.53 19.29 -19.28
CA VAL A 590 -35.70 20.34 -18.66
C VAL A 590 -35.01 21.14 -19.74
N VAL A 591 -34.43 20.47 -20.73
CA VAL A 591 -33.62 21.18 -21.73
C VAL A 591 -34.50 22.19 -22.49
N ASP A 592 -35.66 21.71 -22.96
CA ASP A 592 -36.53 22.54 -23.80
C ASP A 592 -37.11 23.70 -23.00
N SER A 593 -37.44 23.45 -21.73
CA SER A 593 -37.89 24.51 -20.83
C SER A 593 -36.82 25.58 -20.66
N LEU A 594 -35.60 25.17 -20.32
CA LEU A 594 -34.53 26.13 -20.13
C LEU A 594 -34.27 26.91 -21.40
N ALA A 595 -34.22 26.21 -22.54
CA ALA A 595 -34.00 26.88 -23.81
C ALA A 595 -35.07 27.93 -24.06
N ALA A 596 -36.32 27.59 -23.75
CA ALA A 596 -37.42 28.51 -24.03
C ALA A 596 -37.24 29.79 -23.24
N ILE A 597 -36.96 29.67 -21.94
CA ILE A 597 -36.74 30.83 -21.08
C ILE A 597 -35.51 31.61 -21.52
N LYS A 598 -34.40 30.91 -21.80
CA LYS A 598 -33.20 31.60 -22.27
C LYS A 598 -33.47 32.43 -23.53
N LYS A 599 -34.13 31.83 -24.52
CA LYS A 599 -34.45 32.53 -25.75
C LYS A 599 -35.48 33.64 -25.54
N LEU A 600 -36.61 33.30 -24.96
CA LEU A 600 -37.74 34.22 -24.99
C LEU A 600 -37.68 35.27 -23.88
N VAL A 601 -37.29 34.87 -22.66
CA VAL A 601 -37.25 35.81 -21.54
C VAL A 601 -35.96 36.60 -21.54
N PHE A 602 -34.82 35.97 -21.75
CA PHE A 602 -33.59 36.68 -21.47
C PHE A 602 -32.87 37.20 -22.69
N GLU A 603 -32.90 36.52 -23.84
CA GLU A 603 -32.12 36.97 -24.99
C GLU A 603 -32.95 37.78 -25.97
N GLU A 604 -34.05 37.24 -26.48
CA GLU A 604 -34.91 38.01 -27.36
C GLU A 604 -35.87 38.91 -26.59
N LYS A 605 -36.11 38.64 -25.31
CA LYS A 605 -36.96 39.50 -24.51
C LYS A 605 -38.35 39.62 -25.12
N ARG A 606 -38.84 38.51 -25.67
CA ARG A 606 -40.20 38.46 -26.23
C ARG A 606 -41.25 38.30 -25.14
N LEU A 607 -40.87 37.84 -23.95
CA LEU A 607 -41.81 37.58 -22.87
C LEU A 607 -41.13 37.90 -21.56
N THR A 608 -41.93 38.27 -20.56
CA THR A 608 -41.41 38.42 -19.22
C THR A 608 -41.52 37.08 -18.50
N MET A 609 -40.70 36.91 -17.47
CA MET A 609 -40.81 35.74 -16.63
C MET A 609 -42.20 35.62 -16.04
N ARG A 610 -42.80 36.76 -15.65
CA ARG A 610 -44.14 36.74 -15.08
C ARG A 610 -45.17 36.27 -16.12
N GLU A 611 -45.03 36.70 -17.37
CA GLU A 611 -45.95 36.19 -18.37
C GLU A 611 -45.85 34.69 -18.50
N VAL A 612 -44.63 34.15 -18.50
CA VAL A 612 -44.47 32.70 -18.66
C VAL A 612 -45.07 32.00 -17.45
N LEU A 613 -44.81 32.54 -16.26
CA LEU A 613 -45.30 31.91 -15.04
C LEU A 613 -46.82 31.92 -14.99
N ASP A 614 -47.43 33.02 -15.41
CA ASP A 614 -48.90 33.11 -15.43
C ASP A 614 -49.48 32.08 -16.39
N ALA A 615 -48.95 32.03 -17.62
CA ALA A 615 -49.39 31.00 -18.56
C ALA A 615 -49.28 29.59 -17.96
N MET A 616 -48.15 29.29 -17.31
CA MET A 616 -47.97 27.99 -16.69
C MET A 616 -49.00 27.74 -15.59
N ASN A 617 -49.20 28.73 -14.72
CA ASN A 617 -50.09 28.49 -13.60
C ASN A 617 -51.54 28.32 -14.04
N ALA A 618 -51.89 28.81 -15.23
CA ALA A 618 -53.19 28.58 -15.83
C ALA A 618 -53.25 27.32 -16.70
N ASN A 619 -52.22 26.49 -16.66
CA ASN A 619 -52.12 25.30 -17.52
C ASN A 619 -52.29 25.66 -18.99
N PHE A 620 -51.86 26.87 -19.36
CA PHE A 620 -51.97 27.42 -20.69
C PHE A 620 -53.42 27.62 -21.18
N VAL A 621 -54.44 27.41 -20.35
CA VAL A 621 -55.80 27.66 -20.83
C VAL A 621 -55.96 29.18 -21.00
N GLY A 622 -56.27 29.60 -22.22
CA GLY A 622 -56.33 31.02 -22.51
C GLY A 622 -54.99 31.70 -22.63
N TYR A 623 -53.90 30.94 -22.67
CA TYR A 623 -52.57 31.50 -22.92
C TYR A 623 -51.93 30.79 -24.10
N GLU A 624 -52.77 30.27 -24.99
CA GLU A 624 -52.29 29.46 -26.11
C GLU A 624 -51.25 30.18 -26.97
N PRO A 625 -51.35 31.49 -27.21
CA PRO A 625 -50.28 32.13 -28.02
C PRO A 625 -48.94 32.05 -27.32
N ILE A 626 -48.93 32.18 -25.98
CA ILE A 626 -47.70 32.03 -25.21
C ILE A 626 -47.19 30.60 -25.30
N GLN A 627 -48.07 29.63 -25.02
CA GLN A 627 -47.72 28.23 -25.16
C GLN A 627 -47.09 27.97 -26.52
N GLU A 628 -47.70 28.50 -27.58
CA GLU A 628 -47.18 28.27 -28.93
C GLU A 628 -45.81 28.91 -29.12
N MET A 629 -45.52 30.01 -28.45
CA MET A 629 -44.20 30.61 -28.59
C MET A 629 -43.16 29.78 -27.85
N LEU A 630 -43.51 29.30 -26.66
CA LEU A 630 -42.59 28.44 -25.93
C LEU A 630 -42.25 27.22 -26.76
N LYS A 631 -43.27 26.55 -27.29
CA LYS A 631 -43.07 25.39 -28.14
C LYS A 631 -42.21 25.70 -29.34
N ASN A 632 -42.32 26.91 -29.90
CA ASN A 632 -41.52 27.24 -31.08
C ASN A 632 -40.08 27.62 -30.74
N ALA A 633 -39.77 27.88 -29.49
CA ALA A 633 -38.37 28.10 -29.15
C ALA A 633 -37.58 26.81 -29.32
N PRO A 634 -36.28 26.92 -29.47
CA PRO A 634 -35.50 25.76 -29.93
C PRO A 634 -35.63 24.59 -28.98
N CYS A 635 -35.74 23.41 -29.58
CA CYS A 635 -35.98 22.17 -28.86
C CYS A 635 -34.86 21.20 -29.14
N TYR A 636 -34.55 20.41 -28.12
CA TYR A 636 -33.67 19.25 -28.27
C TYR A 636 -34.26 18.23 -29.24
N GLY A 637 -33.38 17.63 -30.03
CA GLY A 637 -33.79 16.60 -30.97
C GLY A 637 -33.89 17.07 -32.39
N ASN A 638 -33.50 18.33 -32.67
CA ASN A 638 -33.53 18.93 -33.99
C ASN A 638 -32.15 19.27 -34.52
N ASN A 639 -31.09 18.76 -33.87
CA ASN A 639 -29.74 19.15 -34.20
C ASN A 639 -29.63 20.67 -34.25
N ASP A 640 -30.26 21.31 -33.27
CA ASP A 640 -30.18 22.75 -33.08
C ASP A 640 -29.24 23.06 -31.93
N PRO A 641 -28.05 23.61 -32.17
CA PRO A 641 -27.10 23.84 -31.08
C PRO A 641 -27.61 24.75 -30.01
N TYR A 642 -28.61 25.59 -30.30
CA TYR A 642 -29.13 26.47 -29.26
C TYR A 642 -29.65 25.65 -28.09
N ALA A 643 -30.41 24.58 -28.38
CA ALA A 643 -30.93 23.70 -27.33
C ALA A 643 -29.95 22.59 -26.97
N ASP A 644 -29.24 22.01 -27.95
CA ASP A 644 -28.34 20.90 -27.67
C ASP A 644 -27.14 21.33 -26.82
N SER A 645 -26.71 22.58 -26.93
CA SER A 645 -25.63 23.05 -26.07
C SER A 645 -26.06 23.11 -24.63
N ILE A 646 -27.33 23.40 -24.39
CA ILE A 646 -27.82 23.33 -23.02
C ILE A 646 -27.89 21.89 -22.54
N ALA A 647 -28.43 21.01 -23.39
CA ALA A 647 -28.44 19.58 -23.11
C ALA A 647 -27.03 19.08 -22.74
N LYS A 648 -26.04 19.46 -23.56
CA LYS A 648 -24.66 19.07 -23.33
C LYS A 648 -24.18 19.53 -21.97
N ASP A 649 -24.39 20.80 -21.65
CA ASP A 649 -23.84 21.32 -20.41
C ASP A 649 -24.51 20.69 -19.19
N VAL A 650 -25.81 20.41 -19.29
CA VAL A 650 -26.52 19.74 -18.20
C VAL A 650 -25.95 18.35 -17.98
N ASP A 651 -25.75 17.62 -19.07
CA ASP A 651 -25.11 16.30 -18.98
C ASP A 651 -23.68 16.43 -18.42
N ARG A 652 -22.94 17.45 -18.87
CA ARG A 652 -21.57 17.66 -18.42
C ARG A 652 -21.48 17.91 -16.92
N PHE A 653 -22.19 18.96 -16.41
CA PHE A 653 -22.00 19.28 -15.01
C PHE A 653 -22.58 18.22 -14.10
N THR A 654 -23.54 17.45 -14.60
CA THR A 654 -24.00 16.25 -13.89
C THR A 654 -22.86 15.23 -13.76
N GLN A 655 -22.12 15.00 -14.84
CA GLN A 655 -21.03 14.05 -14.77
C GLN A 655 -19.91 14.56 -13.86
N VAL A 656 -19.69 15.87 -13.82
CA VAL A 656 -18.68 16.42 -12.93
C VAL A 656 -18.96 16.00 -11.49
N GLU A 657 -20.23 16.09 -11.07
CA GLU A 657 -20.60 15.65 -9.73
C GLU A 657 -20.45 14.14 -9.62
N ALA A 658 -20.76 13.41 -10.69
CA ALA A 658 -20.66 11.96 -10.65
C ALA A 658 -19.21 11.51 -10.47
N GLU A 659 -18.26 12.21 -11.10
CA GLU A 659 -16.84 11.90 -10.91
C GLU A 659 -16.47 11.99 -9.44
N LYS A 660 -17.02 12.98 -8.73
CA LYS A 660 -16.67 13.13 -7.33
C LYS A 660 -17.26 12.01 -6.48
N SER A 661 -18.52 11.64 -6.75
CA SER A 661 -19.14 10.54 -6.03
C SER A 661 -18.37 9.25 -6.28
N SER A 662 -17.89 9.06 -7.53
CA SER A 662 -17.12 7.88 -7.89
C SER A 662 -15.85 7.75 -7.06
N ARG A 663 -15.10 8.85 -6.89
CA ARG A 663 -13.89 8.80 -6.08
C ARG A 663 -14.23 8.51 -4.62
N ASP A 664 -15.27 9.14 -4.11
CA ASP A 664 -15.61 8.97 -2.70
C ASP A 664 -16.16 7.57 -2.40
N ARG A 665 -16.79 6.92 -3.39
CA ARG A 665 -17.41 5.62 -3.18
C ARG A 665 -16.55 4.47 -3.73
N GLY A 666 -15.49 4.77 -4.45
CA GLY A 666 -14.66 3.72 -5.02
C GLY A 666 -15.38 2.84 -6.02
N ILE A 667 -16.35 3.40 -6.74
CA ILE A 667 -17.05 2.70 -7.81
C ILE A 667 -17.37 3.71 -8.90
N HIS A 668 -17.75 3.18 -10.08
CA HIS A 668 -18.20 4.01 -11.20
C HIS A 668 -19.63 4.44 -10.98
N VAL A 669 -19.82 5.76 -10.86
CA VAL A 669 -21.12 6.38 -10.64
C VAL A 669 -21.43 7.16 -11.91
N ASP A 670 -22.31 6.59 -12.73
CA ASP A 670 -22.47 7.03 -14.11
C ASP A 670 -23.90 7.44 -14.40
N VAL A 671 -24.04 8.57 -15.11
CA VAL A 671 -25.36 9.07 -15.46
C VAL A 671 -25.99 8.17 -16.52
N ARG A 672 -27.24 7.80 -16.30
CA ARG A 672 -27.95 6.90 -17.19
C ARG A 672 -29.31 7.48 -17.49
N TYR A 673 -29.84 7.21 -18.68
CA TYR A 673 -31.14 7.73 -19.11
C TYR A 673 -32.02 6.56 -19.58
N VAL A 674 -32.35 5.67 -18.65
CA VAL A 674 -33.16 4.48 -18.84
C VAL A 674 -34.42 4.65 -17.99
N PRO A 675 -35.55 5.06 -18.61
CA PRO A 675 -36.68 5.56 -17.82
C PRO A 675 -37.59 4.49 -17.23
N ILE A 676 -37.51 3.24 -17.69
CA ILE A 676 -38.60 2.26 -17.52
C ILE A 676 -39.91 3.03 -17.66
N THR A 677 -40.91 2.85 -16.78
CA THR A 677 -42.14 3.64 -16.89
C THR A 677 -42.19 4.77 -15.85
N SER A 678 -41.02 5.23 -15.36
CA SER A 678 -41.00 6.18 -14.25
C SER A 678 -41.39 7.60 -14.68
N HIS A 679 -41.30 7.90 -15.98
CA HIS A 679 -41.69 9.22 -16.47
C HIS A 679 -43.18 9.47 -16.38
N VAL A 680 -43.98 8.42 -16.16
CA VAL A 680 -45.42 8.56 -15.97
C VAL A 680 -45.71 9.08 -14.56
N PRO A 681 -45.35 8.36 -13.50
CA PRO A 681 -45.59 8.91 -12.17
C PRO A 681 -44.82 10.19 -11.91
N PHE A 682 -43.59 10.28 -12.42
CA PHE A 682 -42.84 11.53 -12.30
C PHE A 682 -43.61 12.70 -12.92
N GLY A 683 -44.11 12.53 -14.14
CA GLY A 683 -44.83 13.60 -14.80
C GLY A 683 -46.10 13.99 -14.07
N LYS A 684 -46.71 13.05 -13.35
CA LYS A 684 -47.96 13.32 -12.69
C LYS A 684 -47.79 14.35 -11.57
N ILE A 685 -46.61 14.47 -10.97
CA ILE A 685 -46.44 15.43 -9.87
C ILE A 685 -45.86 16.76 -10.33
N ILE A 686 -45.75 16.98 -11.64
CA ILE A 686 -45.12 18.17 -12.21
C ILE A 686 -46.19 18.97 -12.94
N ALA A 687 -46.32 20.24 -12.60
CA ALA A 687 -47.28 21.13 -13.22
C ALA A 687 -46.81 21.45 -14.64
N ALA A 688 -47.50 22.38 -15.27
CA ALA A 688 -47.08 22.83 -16.58
C ALA A 688 -45.63 23.32 -16.52
N THR A 689 -44.93 23.15 -17.62
CA THR A 689 -43.54 23.56 -17.66
C THR A 689 -43.28 24.53 -18.81
N PRO A 690 -42.20 25.30 -18.72
CA PRO A 690 -41.98 26.38 -19.69
C PRO A 690 -41.82 25.91 -21.11
N ASN A 691 -41.61 24.61 -21.35
CA ASN A 691 -41.56 24.13 -22.72
C ASN A 691 -42.93 23.93 -23.33
N GLY A 692 -44.00 24.17 -22.57
CA GLY A 692 -45.34 24.09 -23.12
C GLY A 692 -46.09 22.81 -22.78
N ARG A 693 -45.44 21.88 -22.10
CA ARG A 693 -46.09 20.68 -21.61
C ARG A 693 -47.09 21.06 -20.52
N VAL A 694 -48.23 20.37 -20.50
CA VAL A 694 -49.28 20.65 -19.53
C VAL A 694 -49.06 19.87 -18.27
N ALA A 695 -49.78 20.27 -17.22
CA ALA A 695 -49.63 19.64 -15.92
C ALA A 695 -49.95 18.16 -16.00
N GLY A 696 -49.20 17.35 -15.23
CA GLY A 696 -49.45 15.94 -15.09
C GLY A 696 -49.09 15.07 -16.28
N PHE A 697 -48.78 15.64 -17.43
CA PHE A 697 -48.38 14.87 -18.60
C PHE A 697 -47.02 14.18 -18.34
N PRO A 698 -46.78 13.03 -18.97
CA PRO A 698 -45.48 12.36 -18.74
C PRO A 698 -44.30 13.25 -19.11
N LEU A 699 -43.22 13.05 -18.39
CA LEU A 699 -41.96 13.70 -18.75
C LEU A 699 -41.43 13.07 -20.04
N ALA A 700 -40.51 13.79 -20.65
CA ALA A 700 -39.66 13.16 -21.65
C ALA A 700 -38.87 12.03 -20.99
N ASP A 701 -38.79 10.92 -21.70
CA ASP A 701 -38.15 9.70 -21.21
C ASP A 701 -36.83 9.44 -21.94
N GLY A 702 -35.87 8.87 -21.22
CA GLY A 702 -34.58 8.56 -21.84
C GLY A 702 -33.94 9.82 -22.42
N SER A 703 -33.26 9.65 -23.55
CA SER A 703 -32.62 10.75 -24.26
C SER A 703 -33.37 11.07 -25.54
N SER A 704 -34.60 10.58 -25.67
CA SER A 704 -35.43 10.89 -26.82
C SER A 704 -35.92 12.32 -26.75
N ALA A 705 -36.35 12.83 -27.90
CA ALA A 705 -36.97 14.14 -27.95
C ALA A 705 -38.23 14.18 -27.08
N SER A 706 -38.55 15.37 -26.60
CA SER A 706 -39.82 15.57 -25.94
C SER A 706 -40.96 15.29 -26.92
N HIS A 707 -42.11 14.89 -26.40
CA HIS A 707 -43.21 14.50 -27.27
C HIS A 707 -43.49 15.56 -28.34
N GLY A 708 -43.35 15.15 -29.60
CA GLY A 708 -43.61 16.00 -30.75
C GLY A 708 -42.69 17.18 -30.98
N ALA A 709 -41.59 17.31 -30.25
CA ALA A 709 -40.70 18.44 -30.47
C ALA A 709 -39.73 18.25 -31.62
N ASP A 710 -39.60 17.04 -32.14
CA ASP A 710 -38.61 16.78 -33.18
C ASP A 710 -39.29 16.89 -34.53
N HIS A 711 -38.87 17.88 -35.30
CA HIS A 711 -39.47 18.17 -36.60
C HIS A 711 -38.45 18.19 -37.71
N ASN A 712 -37.23 17.67 -37.49
CA ASN A 712 -36.19 17.67 -38.50
C ASN A 712 -35.76 16.27 -38.89
N GLY A 713 -36.60 15.26 -38.63
CA GLY A 713 -36.28 13.91 -39.04
C GLY A 713 -35.42 13.15 -38.05
N PRO A 714 -35.29 11.84 -38.28
CA PRO A 714 -34.62 10.99 -37.28
C PRO A 714 -33.12 11.21 -37.20
N THR A 715 -32.43 11.47 -38.33
CA THR A 715 -30.99 11.70 -38.22
C THR A 715 -30.70 12.90 -37.34
N ALA A 716 -31.59 13.90 -37.33
CA ALA A 716 -31.35 15.06 -36.48
C ALA A 716 -31.48 14.70 -35.01
N VAL A 717 -32.37 13.76 -34.68
CA VAL A 717 -32.47 13.29 -33.30
C VAL A 717 -31.17 12.61 -32.88
N LEU A 718 -30.60 11.76 -33.74
CA LEU A 718 -29.31 11.14 -33.47
C LEU A 718 -28.24 12.20 -33.24
N LEU A 719 -28.17 13.19 -34.12
CA LEU A 719 -27.16 14.21 -34.03
C LEU A 719 -27.34 15.02 -32.75
N SER A 720 -28.58 15.26 -32.35
CA SER A 720 -28.81 15.94 -31.08
C SER A 720 -28.28 15.09 -29.93
N ASN A 721 -28.52 13.77 -29.97
CA ASN A 721 -27.97 12.88 -28.97
C ASN A 721 -26.45 12.97 -28.94
N TYR A 722 -25.82 12.90 -30.10
CA TYR A 722 -24.38 12.99 -30.19
C TYR A 722 -23.86 14.28 -29.57
N HIS A 723 -24.49 15.41 -29.92
CA HIS A 723 -23.97 16.71 -29.55
C HIS A 723 -24.31 17.11 -28.11
N SER A 724 -25.22 16.41 -27.44
CA SER A 724 -25.51 16.67 -26.05
C SER A 724 -24.74 15.75 -25.11
N LYS A 725 -23.88 14.88 -25.63
CA LYS A 725 -23.09 13.99 -24.81
C LYS A 725 -21.72 14.64 -24.55
N ASN A 726 -20.92 13.99 -23.70
CA ASN A 726 -19.61 14.51 -23.33
C ASN A 726 -18.56 13.40 -23.46
N TYR A 727 -18.09 13.22 -24.68
CA TYR A 727 -17.21 12.10 -24.99
C TYR A 727 -15.82 12.25 -24.40
N GLY A 728 -15.45 13.44 -23.90
CA GLY A 728 -14.21 13.65 -23.17
C GLY A 728 -14.31 13.32 -21.70
N MET A 729 -15.42 12.74 -21.30
CA MET A 729 -15.66 12.23 -19.96
C MET A 729 -16.03 10.75 -20.09
N ILE A 730 -16.16 10.06 -18.96
CA ILE A 730 -16.53 8.65 -18.99
C ILE A 730 -17.68 8.31 -18.06
N ASN A 731 -18.22 9.28 -17.32
CA ASN A 731 -19.20 8.94 -16.29
C ASN A 731 -20.61 8.85 -16.86
N ARG A 732 -20.77 8.08 -17.93
CA ARG A 732 -22.03 7.88 -18.61
C ARG A 732 -22.27 6.41 -18.82
N ALA A 733 -23.54 6.04 -18.83
CA ALA A 733 -23.92 4.71 -19.27
C ALA A 733 -24.99 4.84 -20.37
N SER A 734 -25.96 3.93 -20.37
CA SER A 734 -26.97 3.92 -21.43
C SER A 734 -27.75 5.22 -21.51
N ARG A 735 -28.13 5.58 -22.74
CA ARG A 735 -29.29 6.42 -23.05
C ARG A 735 -30.28 5.60 -23.86
N LEU A 736 -31.53 5.51 -23.37
CA LEU A 736 -32.63 4.93 -24.15
C LEU A 736 -33.11 5.92 -25.20
N LEU A 737 -33.04 5.54 -26.47
CA LEU A 737 -33.36 6.40 -27.58
C LEU A 737 -34.39 5.73 -28.50
N ASN A 738 -35.55 6.36 -28.63
CA ASN A 738 -36.66 5.84 -29.43
C ASN A 738 -36.96 6.80 -30.57
N ILE A 739 -37.08 6.25 -31.77
CA ILE A 739 -37.54 7.00 -32.93
C ILE A 739 -38.71 6.24 -33.53
N LYS A 740 -39.77 6.97 -33.87
CA LYS A 740 -40.95 6.40 -34.55
C LYS A 740 -40.96 6.82 -36.02
N LEU A 741 -41.15 5.85 -36.92
CA LEU A 741 -41.21 6.07 -38.36
C LEU A 741 -42.55 5.61 -38.90
N SER A 742 -43.05 6.32 -39.89
CA SER A 742 -44.27 5.89 -40.55
C SER A 742 -43.98 4.65 -41.41
N PRO A 743 -44.79 3.62 -41.33
CA PRO A 743 -44.53 2.42 -42.13
C PRO A 743 -44.33 2.72 -43.61
N LYS A 744 -45.00 3.75 -44.16
CA LYS A 744 -44.76 4.13 -45.55
C LYS A 744 -43.29 4.45 -45.79
N CYS A 745 -42.64 5.14 -44.85
CA CYS A 745 -41.28 5.61 -45.10
C CYS A 745 -40.28 4.47 -45.22
N VAL A 746 -40.57 3.30 -44.64
CA VAL A 746 -39.62 2.19 -44.61
C VAL A 746 -40.18 0.95 -45.28
N ALA A 747 -41.10 1.14 -46.22
CA ALA A 747 -41.66 0.02 -46.97
C ALA A 747 -40.66 -0.53 -47.98
N GLY A 748 -40.75 -1.83 -48.20
CA GLY A 748 -40.01 -2.52 -49.23
C GLY A 748 -38.50 -2.49 -49.10
N GLU A 749 -37.86 -2.90 -50.19
CA GLU A 749 -36.40 -2.99 -50.23
C GLU A 749 -35.75 -1.64 -50.00
N GLN A 750 -36.35 -0.57 -50.51
CA GLN A 750 -35.72 0.73 -50.31
C GLN A 750 -35.87 1.18 -48.88
N GLY A 751 -36.99 0.81 -48.24
CA GLY A 751 -37.16 1.11 -46.83
C GLY A 751 -36.18 0.35 -45.95
N ALA A 752 -35.96 -0.93 -46.24
CA ALA A 752 -34.97 -1.70 -45.49
C ALA A 752 -33.62 -1.03 -45.56
N LYS A 753 -33.25 -0.55 -46.76
CA LYS A 753 -31.97 0.13 -46.97
C LYS A 753 -31.89 1.42 -46.16
N LYS A 754 -33.02 2.16 -46.05
CA LYS A 754 -33.00 3.35 -45.21
C LYS A 754 -32.75 2.98 -43.75
N ILE A 755 -33.38 1.89 -43.28
CA ILE A 755 -33.19 1.48 -41.89
C ILE A 755 -31.73 1.14 -41.66
N MET A 756 -31.13 0.39 -42.59
CA MET A 756 -29.71 0.05 -42.47
C MET A 756 -28.83 1.30 -42.39
N SER A 757 -29.15 2.31 -43.20
CA SER A 757 -28.33 3.50 -43.22
C SER A 757 -28.44 4.28 -41.92
N ILE A 758 -29.65 4.38 -41.38
CA ILE A 758 -29.80 5.01 -40.09
C ILE A 758 -28.96 4.27 -39.03
N ILE A 759 -29.00 2.92 -39.05
CA ILE A 759 -28.26 2.15 -38.05
C ILE A 759 -26.76 2.40 -38.17
N ARG A 760 -26.25 2.45 -39.40
CA ARG A 760 -24.83 2.74 -39.59
C ARG A 760 -24.46 4.11 -39.01
N THR A 761 -25.32 5.10 -39.21
CA THR A 761 -25.02 6.44 -38.70
C THR A 761 -25.01 6.44 -37.17
N TRP A 762 -26.06 5.87 -36.58
CA TRP A 762 -26.16 5.70 -35.13
C TRP A 762 -24.91 5.05 -34.55
N CYS A 763 -24.39 4.04 -35.23
CA CYS A 763 -23.23 3.33 -34.74
C CYS A 763 -22.00 4.21 -34.76
N ASP A 764 -21.76 4.86 -35.92
CA ASP A 764 -20.68 5.83 -36.08
C ASP A 764 -20.68 6.93 -35.04
N LEU A 765 -21.87 7.32 -34.58
CA LEU A 765 -21.99 8.41 -33.61
C LEU A 765 -21.76 7.93 -32.18
N LYS A 766 -21.54 6.64 -31.99
CA LYS A 766 -21.26 6.10 -30.68
C LYS A 766 -22.43 6.31 -29.73
N LEU A 767 -23.63 6.19 -30.26
CA LEU A 767 -24.78 6.21 -29.38
C LEU A 767 -25.02 4.80 -28.87
N TRP A 768 -25.52 4.70 -27.63
CA TRP A 768 -25.50 3.44 -26.92
C TRP A 768 -26.57 2.51 -27.43
N HIS A 769 -27.79 3.03 -27.58
CA HIS A 769 -28.98 2.24 -27.84
C HIS A 769 -29.84 2.91 -28.91
N LEU A 770 -30.57 2.09 -29.66
CA LEU A 770 -31.56 2.57 -30.59
C LEU A 770 -32.73 1.60 -30.64
N GLN A 771 -33.93 2.16 -30.65
CA GLN A 771 -35.16 1.39 -30.82
C GLN A 771 -36.01 2.08 -31.87
N PHE A 772 -36.38 1.33 -32.91
CA PHE A 772 -37.31 1.81 -33.92
C PHE A 772 -38.73 1.50 -33.49
N ASN A 773 -39.63 2.43 -33.75
CA ASN A 773 -41.06 2.17 -33.64
C ASN A 773 -41.68 2.40 -35.03
N ILE A 774 -42.11 1.32 -35.69
CA ILE A 774 -42.73 1.40 -37.03
C ILE A 774 -44.23 1.20 -36.86
N VAL A 775 -44.96 2.30 -36.84
CA VAL A 775 -46.41 2.25 -36.68
C VAL A 775 -46.98 3.62 -37.03
N ASN A 776 -48.21 3.67 -37.52
CA ASN A 776 -48.83 4.94 -37.88
C ASN A 776 -50.00 5.27 -36.96
N ARG A 777 -50.31 6.56 -36.91
CA ARG A 777 -51.31 7.09 -35.99
C ARG A 777 -52.66 6.40 -36.14
N ASP A 778 -53.06 6.11 -37.38
CA ASP A 778 -54.40 5.57 -37.60
C ASP A 778 -54.51 4.16 -37.05
N THR A 779 -53.45 3.37 -37.15
CA THR A 779 -53.44 2.05 -36.55
C THR A 779 -53.58 2.12 -35.03
N LEU A 780 -52.94 3.11 -34.41
CA LEU A 780 -52.93 3.21 -32.95
C LEU A 780 -54.25 3.78 -32.42
N LEU A 781 -54.85 4.77 -33.09
CA LEU A 781 -56.17 5.23 -32.68
C LEU A 781 -57.25 4.21 -33.03
N ALA A 782 -57.10 3.51 -34.16
CA ALA A 782 -58.04 2.45 -34.53
C ALA A 782 -58.04 1.30 -33.51
N ALA A 783 -56.88 1.01 -32.90
CA ALA A 783 -56.82 -0.03 -31.88
C ALA A 783 -57.42 0.43 -30.56
N GLN A 784 -57.35 1.74 -30.27
CA GLN A 784 -58.02 2.26 -29.08
C GLN A 784 -59.53 2.14 -29.20
N LYS A 785 -60.05 2.34 -30.42
CA LYS A 785 -61.49 2.23 -30.63
C LYS A 785 -61.91 0.77 -30.61
N ASP A 786 -61.31 -0.03 -31.47
CA ASP A 786 -61.74 -1.41 -31.75
C ASP A 786 -60.64 -2.37 -31.31
N PRO A 787 -60.44 -2.53 -29.99
CA PRO A 787 -59.31 -3.36 -29.53
C PRO A 787 -59.36 -4.80 -30.01
N ASN A 788 -60.54 -5.43 -30.02
CA ASN A 788 -60.63 -6.83 -30.40
C ASN A 788 -60.14 -7.07 -31.83
N SER A 789 -60.16 -6.05 -32.69
CA SER A 789 -59.66 -6.20 -34.06
C SER A 789 -58.15 -5.90 -34.18
N TYR A 790 -57.45 -5.71 -33.05
CA TYR A 790 -56.01 -5.48 -33.04
C TYR A 790 -55.35 -6.17 -31.85
N ARG A 791 -55.82 -7.39 -31.51
CA ARG A 791 -55.25 -8.15 -30.40
C ARG A 791 -53.76 -8.44 -30.58
N ASN A 792 -53.24 -8.26 -31.80
CA ASN A 792 -51.91 -8.66 -32.23
C ASN A 792 -50.95 -7.49 -32.40
N LEU A 793 -51.41 -6.27 -32.13
CA LEU A 793 -50.55 -5.11 -32.32
C LEU A 793 -49.52 -5.09 -31.20
N ILE A 794 -48.27 -5.38 -31.51
CA ILE A 794 -47.19 -5.30 -30.55
C ILE A 794 -46.45 -3.99 -30.77
N VAL A 795 -46.25 -3.20 -29.73
CA VAL A 795 -45.47 -2.00 -29.89
C VAL A 795 -44.45 -1.89 -28.74
N ARG A 796 -43.54 -0.93 -28.83
CA ARG A 796 -42.57 -0.73 -27.79
C ARG A 796 -42.94 0.49 -26.98
N VAL A 797 -43.15 0.33 -25.70
CA VAL A 797 -43.44 1.47 -24.85
C VAL A 797 -42.52 1.39 -23.64
N ALA A 798 -41.91 2.47 -23.19
CA ALA A 798 -41.04 2.55 -22.00
C ALA A 798 -39.87 1.57 -22.08
N GLY A 799 -39.39 1.27 -23.28
CA GLY A 799 -38.33 0.29 -23.47
C GLY A 799 -38.80 -1.15 -23.67
N TYR A 800 -40.04 -1.49 -23.30
CA TYR A 800 -40.47 -2.89 -23.31
C TYR A 800 -41.53 -3.18 -24.37
N SER A 801 -41.53 -4.45 -24.82
CA SER A 801 -42.56 -4.98 -25.72
C SER A 801 -43.88 -5.15 -24.99
N ALA A 802 -44.94 -4.60 -25.57
CA ALA A 802 -46.27 -4.73 -25.02
C ALA A 802 -47.28 -4.93 -26.14
N TYR A 803 -48.37 -5.60 -25.81
CA TYR A 803 -49.54 -5.54 -26.67
C TYR A 803 -50.19 -4.18 -26.48
N PHE A 804 -50.40 -3.47 -27.59
CA PHE A 804 -50.96 -2.12 -27.48
C PHE A 804 -52.32 -2.12 -26.82
N CYS A 805 -53.12 -3.17 -27.04
CA CYS A 805 -54.48 -3.19 -26.51
C CYS A 805 -54.55 -3.54 -25.02
N ASP A 806 -53.65 -4.41 -24.52
CA ASP A 806 -53.59 -4.69 -23.08
C ASP A 806 -52.85 -3.59 -22.29
N MET A 807 -52.66 -2.42 -22.89
CA MET A 807 -51.80 -1.35 -22.38
C MET A 807 -52.65 -0.17 -21.90
N SER A 808 -52.18 0.47 -20.82
CA SER A 808 -52.98 1.49 -20.16
C SER A 808 -53.10 2.75 -21.03
N PRO A 809 -54.12 3.58 -20.78
CA PRO A 809 -54.24 4.82 -21.56
C PRO A 809 -53.05 5.75 -21.41
N ASP A 810 -52.58 5.96 -20.18
CA ASP A 810 -51.35 6.73 -19.94
C ASP A 810 -50.25 6.37 -20.94
N LEU A 811 -49.94 5.08 -21.06
CA LEU A 811 -48.83 4.65 -21.89
C LEU A 811 -49.21 4.60 -23.36
N GLN A 812 -50.48 4.30 -23.67
CA GLN A 812 -50.95 4.42 -25.04
C GLN A 812 -50.70 5.84 -25.55
N ASN A 813 -51.10 6.85 -24.76
CA ASN A 813 -50.97 8.24 -25.18
C ASN A 813 -49.51 8.65 -25.29
N ASP A 814 -48.68 8.10 -24.41
CA ASP A 814 -47.23 8.32 -24.45
C ASP A 814 -46.65 7.91 -25.81
N ILE A 815 -47.14 6.80 -26.38
CA ILE A 815 -46.67 6.34 -27.68
C ILE A 815 -47.32 7.15 -28.81
N ILE A 816 -48.62 7.45 -28.69
CA ILE A 816 -49.33 8.18 -29.74
C ILE A 816 -48.74 9.57 -29.92
N ASP A 817 -48.53 10.30 -28.80
CA ASP A 817 -48.04 11.69 -28.85
C ASP A 817 -46.54 11.83 -29.27
N ARG A 818 -45.79 10.79 -29.66
CA ARG A 818 -44.44 10.96 -30.19
C ARG A 818 -44.51 11.24 -31.68
N THR A 819 -43.49 11.96 -32.17
CA THR A 819 -43.42 12.26 -33.59
C THR A 819 -43.35 11.00 -34.41
N GLU A 820 -44.25 10.90 -35.39
CA GLU A 820 -44.18 9.91 -36.44
C GLU A 820 -43.38 10.53 -37.59
N HIS A 821 -42.20 10.00 -37.88
CA HIS A 821 -41.29 10.58 -38.86
C HIS A 821 -41.62 10.06 -40.26
N ALA A 822 -41.79 10.98 -41.21
CA ALA A 822 -42.12 10.60 -42.57
C ALA A 822 -41.01 10.96 -43.54
N ASN B 21 -10.90 -0.84 64.22
CA ASN B 21 -10.30 0.39 64.66
C ASN B 21 -11.06 1.57 64.05
N ARG B 22 -12.19 1.94 64.66
CA ARG B 22 -13.17 2.80 64.00
C ARG B 22 -13.04 4.29 64.33
N GLN B 23 -12.03 4.71 65.09
CA GLN B 23 -11.93 6.12 65.45
C GLN B 23 -11.87 7.00 64.20
N GLY B 24 -12.76 7.98 64.12
CA GLY B 24 -12.76 8.91 63.00
C GLY B 24 -13.41 8.38 61.74
N ARG B 25 -13.88 7.14 61.73
CA ARG B 25 -14.46 6.50 60.57
C ARG B 25 -15.91 6.14 60.82
N GLU B 26 -16.62 6.97 61.60
CA GLU B 26 -18.00 6.67 61.92
C GLU B 26 -18.86 6.57 60.65
N ARG B 27 -18.60 7.43 59.65
CA ARG B 27 -19.44 7.47 58.46
C ARG B 27 -19.29 6.20 57.62
N VAL B 28 -18.06 5.85 57.24
CA VAL B 28 -17.91 4.69 56.37
C VAL B 28 -18.34 3.42 57.09
N TYR B 29 -18.04 3.30 58.39
CA TYR B 29 -18.49 2.10 59.10
C TYR B 29 -19.99 2.05 59.24
N LYS B 30 -20.65 3.20 59.38
CA LYS B 30 -22.10 3.16 59.42
C LYS B 30 -22.64 2.66 58.09
N ILE B 31 -22.01 3.04 56.97
CA ILE B 31 -22.49 2.58 55.68
C ILE B 31 -22.20 1.09 55.53
N LEU B 32 -20.99 0.68 55.86
CA LEU B 32 -20.56 -0.68 55.62
C LEU B 32 -21.28 -1.67 56.53
N ASP B 33 -21.63 -1.25 57.76
CA ASP B 33 -22.29 -2.13 58.71
C ASP B 33 -23.67 -2.54 58.22
N ARG B 34 -24.38 -1.63 57.56
CA ARG B 34 -25.71 -1.93 57.07
C ARG B 34 -25.73 -2.97 55.96
N ILE B 35 -24.61 -3.22 55.27
CA ILE B 35 -24.65 -4.00 54.03
C ILE B 35 -23.82 -5.27 54.17
N GLN B 36 -22.83 -5.26 55.04
CA GLN B 36 -22.11 -6.48 55.35
C GLN B 36 -23.08 -7.50 55.95
N PHE B 37 -22.96 -8.76 55.50
CA PHE B 37 -23.78 -9.88 55.97
C PHE B 37 -25.13 -10.00 55.25
N THR B 38 -25.26 -9.47 54.03
CA THR B 38 -26.53 -9.42 53.33
C THR B 38 -26.40 -10.02 51.93
N VAL B 39 -27.50 -10.58 51.44
CA VAL B 39 -27.49 -11.23 50.13
C VAL B 39 -27.79 -10.18 49.07
N PRO B 40 -26.98 -10.08 48.02
CA PRO B 40 -27.21 -9.04 47.02
C PRO B 40 -28.52 -9.20 46.28
N HIS B 41 -29.11 -8.07 45.93
CA HIS B 41 -30.33 -8.06 45.12
C HIS B 41 -30.00 -7.90 43.63
N VAL B 42 -30.88 -8.45 42.79
CA VAL B 42 -30.90 -8.16 41.36
C VAL B 42 -31.73 -6.89 41.12
N ASP B 43 -31.08 -5.85 40.63
CA ASP B 43 -31.76 -4.64 40.19
C ASP B 43 -31.95 -4.70 38.68
N ILE B 44 -33.14 -4.32 38.20
CA ILE B 44 -33.48 -4.50 36.78
C ILE B 44 -33.55 -3.19 36.00
N GLU B 45 -33.34 -2.05 36.65
CA GLU B 45 -33.68 -0.79 35.98
C GLU B 45 -32.77 -0.50 34.79
N ARG B 46 -31.46 -0.66 34.95
CA ARG B 46 -30.57 -0.47 33.80
C ARG B 46 -31.03 -1.33 32.61
N ALA B 47 -31.28 -2.62 32.88
CA ALA B 47 -31.67 -3.51 31.79
C ALA B 47 -33.02 -3.12 31.21
N ARG B 48 -33.94 -2.67 32.05
CA ARG B 48 -35.26 -2.31 31.57
C ARG B 48 -35.16 -1.12 30.61
N TYR B 49 -34.53 -0.03 31.04
CA TYR B 49 -34.55 1.17 30.23
C TYR B 49 -33.61 1.04 29.04
N PHE B 50 -32.53 0.25 29.19
CA PHE B 50 -31.71 -0.10 28.04
C PHE B 50 -32.54 -0.81 26.98
N THR B 51 -33.26 -1.85 27.39
CA THR B 51 -34.07 -2.64 26.47
C THR B 51 -35.17 -1.82 25.84
N GLU B 52 -35.82 -0.97 26.62
CA GLU B 52 -36.92 -0.17 26.10
C GLU B 52 -36.46 0.70 24.92
N SER B 53 -35.29 1.32 25.03
CA SER B 53 -34.75 2.11 23.92
C SER B 53 -34.29 1.21 22.77
N MET B 54 -33.51 0.17 23.07
CA MET B 54 -32.90 -0.63 21.99
C MET B 54 -33.96 -1.24 21.09
N ARG B 55 -35.08 -1.65 21.66
CA ARG B 55 -36.12 -2.25 20.83
C ARG B 55 -36.75 -1.24 19.88
N GLN B 56 -36.54 0.05 20.06
CA GLN B 56 -37.06 1.05 19.13
C GLN B 56 -36.05 1.53 18.09
N THR B 57 -34.79 1.13 18.18
CA THR B 57 -33.77 1.70 17.31
C THR B 57 -33.10 0.67 16.43
N GLU B 58 -33.69 -0.51 16.32
CA GLU B 58 -33.08 -1.57 15.55
C GLU B 58 -32.72 -1.10 14.16
N GLY B 59 -31.54 -1.49 13.71
CA GLY B 59 -31.05 -1.23 12.37
C GLY B 59 -30.14 -0.04 12.27
N GLU B 60 -30.15 0.83 13.28
CA GLU B 60 -29.24 1.95 13.32
C GLU B 60 -27.87 1.51 13.79
N LEU B 61 -26.89 2.38 13.54
CA LEU B 61 -25.53 2.17 14.03
C LEU B 61 -25.57 1.82 15.51
N LEU B 62 -24.84 0.75 15.86
CA LEU B 62 -25.00 0.19 17.19
C LEU B 62 -24.59 1.20 18.26
N THR B 63 -23.47 1.91 18.09
CA THR B 63 -23.10 2.80 19.16
C THR B 63 -24.08 3.98 19.25
N LEU B 64 -24.73 4.35 18.14
CA LEU B 64 -25.80 5.34 18.22
C LEU B 64 -27.01 4.80 18.99
N ARG B 65 -27.44 3.56 18.69
CA ARG B 65 -28.50 2.95 19.48
C ARG B 65 -28.12 2.94 20.95
N TRP B 66 -26.85 2.63 21.22
CA TRP B 66 -26.41 2.46 22.59
C TRP B 66 -26.45 3.77 23.34
N ALA B 67 -25.98 4.84 22.68
CA ALA B 67 -26.01 6.16 23.32
C ALA B 67 -27.45 6.58 23.62
N LYS B 68 -28.39 6.34 22.67
CA LYS B 68 -29.79 6.66 22.92
C LYS B 68 -30.33 5.85 24.10
N ALA B 69 -29.95 4.58 24.19
CA ALA B 69 -30.36 3.75 25.31
C ALA B 69 -29.78 4.27 26.62
N LEU B 70 -28.52 4.67 26.62
CA LEU B 70 -27.95 5.19 27.86
C LEU B 70 -28.62 6.48 28.27
N LYS B 71 -29.06 7.29 27.30
CA LYS B 71 -29.81 8.49 27.62
C LYS B 71 -31.16 8.13 28.21
N ASN B 72 -31.79 7.09 27.69
CA ASN B 72 -33.05 6.65 28.27
C ASN B 72 -32.86 6.21 29.71
N VAL B 73 -31.74 5.53 29.99
CA VAL B 73 -31.46 5.12 31.36
C VAL B 73 -31.22 6.34 32.23
N ALA B 74 -30.47 7.31 31.72
CA ALA B 74 -30.14 8.50 32.49
C ALA B 74 -31.38 9.30 32.87
N GLU B 75 -32.41 9.24 32.04
CA GLU B 75 -33.62 10.04 32.22
C GLU B 75 -34.64 9.34 33.08
N LYS B 76 -34.70 8.02 33.04
CA LYS B 76 -35.79 7.28 33.64
C LYS B 76 -35.41 6.50 34.90
N MET B 77 -34.14 6.12 35.07
CA MET B 77 -33.78 5.24 36.17
C MET B 77 -33.82 6.02 37.49
N THR B 78 -34.17 5.32 38.56
CA THR B 78 -34.07 5.91 39.89
C THR B 78 -32.64 6.37 40.14
N VAL B 79 -32.48 7.61 40.62
CA VAL B 79 -31.19 8.11 41.04
C VAL B 79 -31.17 8.14 42.56
N TYR B 80 -29.97 8.05 43.11
CA TYR B 80 -29.79 7.71 44.51
C TYR B 80 -28.65 8.49 45.11
N ILE B 81 -28.80 8.75 46.41
CA ILE B 81 -27.70 9.13 47.30
C ILE B 81 -27.76 8.15 48.45
N THR B 82 -26.73 7.32 48.58
CA THR B 82 -26.70 6.35 49.66
C THR B 82 -26.82 7.11 50.98
N PRO B 83 -27.64 6.65 51.91
CA PRO B 83 -27.72 7.34 53.20
C PRO B 83 -26.34 7.51 53.81
N ASP B 84 -26.04 8.76 54.14
CA ASP B 84 -24.80 9.23 54.77
C ASP B 84 -23.61 9.38 53.81
N GLN B 85 -23.74 9.02 52.54
CA GLN B 85 -22.62 9.18 51.61
C GLN B 85 -22.26 10.64 51.40
N LEU B 86 -20.97 10.88 51.18
CA LEU B 86 -20.48 12.12 50.57
C LEU B 86 -20.54 12.09 49.03
N LEU B 87 -20.65 10.90 48.44
CA LEU B 87 -20.73 10.73 46.99
C LEU B 87 -22.17 10.50 46.54
N ALA B 88 -22.53 11.08 45.41
CA ALA B 88 -23.85 10.89 44.83
C ALA B 88 -23.79 9.88 43.69
N GLY B 89 -24.72 8.93 43.71
CA GLY B 89 -24.85 8.06 42.53
C GLY B 89 -24.68 6.59 42.86
N ARG B 90 -25.67 5.83 42.39
CA ARG B 90 -25.63 4.37 42.31
C ARG B 90 -26.17 3.97 40.95
N VAL B 91 -26.06 2.68 40.64
CA VAL B 91 -26.72 2.17 39.45
C VAL B 91 -27.71 1.10 39.83
N GLY B 92 -28.23 1.19 41.06
CA GLY B 92 -29.25 0.27 41.54
C GLY B 92 -29.58 0.53 43.00
N GLN B 93 -30.56 -0.22 43.47
CA GLN B 93 -31.20 -0.01 44.75
C GLN B 93 -30.21 -0.13 45.93
N LEU B 94 -30.71 0.24 47.11
CA LEU B 94 -29.94 0.21 48.34
C LEU B 94 -29.60 -1.23 48.76
N GLY B 95 -28.57 -1.35 49.60
CA GLY B 95 -28.00 -2.65 49.88
C GLY B 95 -26.96 -3.05 48.84
N ARG B 96 -26.59 -4.32 48.93
CA ARG B 96 -25.73 -4.95 47.94
C ARG B 96 -26.61 -5.37 46.77
N TYR B 97 -26.16 -5.08 45.55
CA TYR B 97 -26.96 -5.26 44.36
C TYR B 97 -26.04 -5.53 43.17
N GLY B 98 -26.59 -6.21 42.17
CA GLY B 98 -25.96 -6.30 40.87
C GLY B 98 -26.98 -5.88 39.82
N ILE B 99 -26.50 -5.69 38.59
CA ILE B 99 -27.36 -5.24 37.50
C ILE B 99 -27.22 -6.21 36.32
N LEU B 100 -28.03 -6.00 35.28
CA LEU B 100 -28.22 -7.01 34.24
C LEU B 100 -27.86 -6.49 32.86
N TYR B 101 -27.35 -7.39 32.04
CA TYR B 101 -26.89 -7.11 30.68
C TYR B 101 -27.43 -8.17 29.73
N PRO B 102 -28.72 -8.11 29.43
CA PRO B 102 -29.35 -9.19 28.64
C PRO B 102 -28.82 -9.28 27.24
N GLU B 103 -28.15 -8.25 26.76
CA GLU B 103 -27.50 -8.27 25.47
C GLU B 103 -26.46 -9.38 25.39
N ILE B 104 -25.88 -9.78 26.52
CA ILE B 104 -24.89 -10.85 26.53
C ILE B 104 -25.58 -12.20 26.55
N ASP B 105 -26.33 -12.45 27.61
CA ASP B 105 -26.72 -13.80 28.03
C ASP B 105 -28.19 -13.88 28.46
N GLY B 106 -29.06 -13.03 27.89
CA GLY B 106 -30.49 -13.09 28.20
C GLY B 106 -31.14 -14.46 27.95
N ASP B 107 -30.58 -15.26 27.05
CA ASP B 107 -31.15 -16.60 26.86
C ASP B 107 -31.01 -17.51 28.08
N PHE B 108 -30.16 -17.15 29.05
CA PHE B 108 -30.06 -17.94 30.27
C PHE B 108 -31.11 -17.58 31.33
N TYR B 109 -31.80 -16.46 31.20
CA TYR B 109 -32.62 -15.97 32.30
C TYR B 109 -33.67 -17.02 32.72
N ILE B 110 -34.36 -17.60 31.75
CA ILE B 110 -35.38 -18.59 32.06
C ILE B 110 -34.77 -19.76 32.83
N GLU B 111 -33.54 -20.14 32.51
CA GLU B 111 -32.95 -21.30 33.19
C GLU B 111 -32.41 -20.94 34.56
N VAL B 112 -31.88 -19.73 34.73
CA VAL B 112 -31.08 -19.40 35.91
C VAL B 112 -31.87 -18.62 36.98
N MET B 113 -32.80 -17.74 36.58
CA MET B 113 -33.37 -16.84 37.58
C MET B 113 -34.02 -17.59 38.74
N LYS B 114 -34.76 -18.68 38.42
CA LYS B 114 -35.46 -19.46 39.43
C LYS B 114 -34.50 -19.98 40.49
N ASP B 115 -33.28 -20.36 40.08
CA ASP B 115 -32.31 -20.94 41.00
C ASP B 115 -31.36 -19.93 41.64
N LEU B 116 -31.37 -18.64 41.23
CA LEU B 116 -30.39 -17.70 41.75
C LEU B 116 -30.29 -17.71 43.26
N PRO B 117 -31.40 -17.63 43.99
CA PRO B 117 -31.28 -17.49 45.45
C PRO B 117 -30.69 -18.72 46.13
N ASN B 118 -30.80 -19.89 45.50
CA ASN B 118 -30.23 -21.09 46.09
C ASN B 118 -28.90 -21.51 45.46
N ARG B 119 -28.38 -20.70 44.54
CA ARG B 119 -27.09 -21.00 43.92
C ARG B 119 -26.04 -21.25 44.98
N GLU B 120 -25.37 -22.41 44.89
CA GLU B 120 -24.32 -22.69 45.85
C GLU B 120 -23.23 -21.63 45.77
N LYS B 121 -22.86 -21.21 44.55
CA LYS B 121 -21.84 -20.20 44.35
C LYS B 121 -22.49 -18.84 44.06
N SER B 122 -22.26 -17.86 44.95
CA SER B 122 -22.69 -16.48 44.70
C SER B 122 -24.20 -16.31 44.54
N PRO B 123 -25.00 -16.63 45.55
CA PRO B 123 -26.44 -16.43 45.42
C PRO B 123 -26.80 -14.96 45.30
N PHE B 124 -27.91 -14.71 44.61
CA PHE B 124 -28.55 -13.41 44.55
C PHE B 124 -30.03 -13.58 44.83
N GLN B 125 -30.64 -12.57 45.40
CA GLN B 125 -32.08 -12.53 45.57
C GLN B 125 -32.66 -11.59 44.53
N ILE B 126 -33.89 -11.89 44.07
CA ILE B 126 -34.64 -10.97 43.23
C ILE B 126 -36.07 -10.82 43.75
N ASP B 127 -36.50 -9.57 43.92
CA ASP B 127 -37.85 -9.22 44.33
C ASP B 127 -38.87 -9.75 43.32
N PRO B 128 -40.04 -10.22 43.76
CA PRO B 128 -41.03 -10.75 42.79
C PRO B 128 -41.49 -9.76 41.71
N ALA B 129 -41.64 -8.48 42.02
CA ALA B 129 -42.05 -7.51 41.00
C ALA B 129 -40.96 -7.33 39.96
N ALA B 130 -39.72 -7.18 40.43
CA ALA B 130 -38.59 -7.06 39.52
C ALA B 130 -38.50 -8.29 38.64
N ALA B 131 -38.65 -9.49 39.21
CA ALA B 131 -38.59 -10.70 38.40
C ALA B 131 -39.72 -10.75 37.38
N ALA B 132 -40.91 -10.20 37.70
CA ALA B 132 -42.00 -10.23 36.74
C ALA B 132 -41.67 -9.33 35.54
N ILE B 133 -41.18 -8.13 35.80
CA ILE B 133 -40.81 -7.27 34.69
C ILE B 133 -39.69 -7.91 33.89
N LEU B 134 -38.76 -8.58 34.58
CA LEU B 134 -37.61 -9.17 33.90
C LEU B 134 -38.03 -10.24 32.93
N MET B 135 -38.90 -11.15 33.37
CA MET B 135 -39.27 -12.33 32.59
C MET B 135 -40.44 -12.10 31.65
N GLU B 136 -41.26 -11.08 31.90
CA GLU B 136 -42.42 -10.79 31.05
C GLU B 136 -42.17 -9.68 30.05
N GLU B 137 -41.30 -8.74 30.34
CA GLU B 137 -41.02 -7.64 29.44
C GLU B 137 -39.61 -7.68 28.88
N ILE B 138 -38.61 -7.87 29.72
CA ILE B 138 -37.23 -7.72 29.26
C ILE B 138 -36.79 -8.95 28.48
N ALA B 139 -36.77 -10.10 29.13
CA ALA B 139 -36.25 -11.30 28.50
C ALA B 139 -36.92 -11.63 27.18
N PRO B 140 -38.22 -11.45 27.01
CA PRO B 140 -38.81 -11.82 25.71
C PRO B 140 -38.28 -10.98 24.58
N TYR B 141 -37.91 -9.72 24.83
CA TYR B 141 -37.41 -8.91 23.72
C TYR B 141 -36.13 -9.53 23.16
N TRP B 142 -35.27 -10.05 24.04
CA TRP B 142 -33.92 -10.44 23.67
C TRP B 142 -33.84 -11.87 23.12
N GLU B 143 -34.97 -12.58 23.03
CA GLU B 143 -35.00 -13.90 22.41
C GLU B 143 -34.60 -13.78 20.93
N GLY B 144 -33.68 -14.64 20.53
CA GLY B 144 -33.07 -14.57 19.21
C GLY B 144 -32.12 -13.41 19.02
N LYS B 145 -31.79 -12.63 20.05
CA LYS B 145 -30.96 -11.44 19.84
C LYS B 145 -29.68 -11.39 20.67
N THR B 146 -29.49 -12.32 21.60
CA THR B 146 -28.37 -12.20 22.51
C THR B 146 -27.08 -12.58 21.79
N TYR B 147 -25.97 -12.03 22.29
CA TYR B 147 -24.66 -12.45 21.82
C TYR B 147 -24.47 -13.96 21.99
N HIS B 148 -24.85 -14.49 23.15
CA HIS B 148 -24.67 -15.93 23.39
C HIS B 148 -25.39 -16.79 22.36
N GLU B 149 -26.65 -16.46 22.04
CA GLU B 149 -27.38 -17.27 21.06
C GLU B 149 -26.70 -17.27 19.71
N HIS B 150 -26.14 -16.13 19.31
CA HIS B 150 -25.54 -15.99 18.01
C HIS B 150 -24.26 -16.81 17.93
N LEU B 151 -23.42 -16.70 18.94
CA LEU B 151 -22.18 -17.47 18.99
C LEU B 151 -22.46 -18.96 18.98
N ASN B 152 -23.37 -19.40 19.83
CA ASN B 152 -23.72 -20.80 19.86
C ASN B 152 -24.25 -21.26 18.49
N LYS B 153 -25.04 -20.40 17.84
CA LYS B 153 -25.65 -20.76 16.58
C LYS B 153 -24.60 -21.05 15.51
N VAL B 154 -23.58 -20.21 15.41
CA VAL B 154 -22.70 -20.23 14.25
C VAL B 154 -21.41 -21.00 14.48
N LEU B 155 -21.12 -21.41 15.70
CA LEU B 155 -19.84 -22.01 16.00
C LEU B 155 -19.63 -23.22 15.09
N PRO B 156 -18.52 -23.31 14.37
CA PRO B 156 -18.29 -24.48 13.49
C PRO B 156 -18.37 -25.79 14.26
N ALA B 157 -18.91 -26.81 13.60
CA ALA B 157 -19.07 -28.11 14.24
C ALA B 157 -17.73 -28.64 14.77
N GLU B 158 -16.63 -28.36 14.08
CA GLU B 158 -15.32 -28.83 14.49
C GLU B 158 -14.84 -28.21 15.79
N ILE B 159 -15.47 -27.13 16.22
CA ILE B 159 -15.10 -26.38 17.42
C ILE B 159 -16.05 -26.64 18.58
N ARG B 160 -17.29 -27.05 18.28
CA ARG B 160 -18.31 -27.18 19.32
C ARG B 160 -17.86 -28.13 20.40
N GLY B 161 -17.23 -29.25 20.00
CA GLY B 161 -16.94 -30.33 20.92
C GLY B 161 -16.15 -29.86 22.13
N VAL B 162 -15.16 -28.99 21.91
CA VAL B 162 -14.35 -28.53 23.04
C VAL B 162 -14.93 -27.31 23.71
N THR B 163 -16.02 -26.74 23.16
CA THR B 163 -16.59 -25.47 23.62
C THR B 163 -17.79 -25.67 24.54
N TYR B 164 -18.81 -26.36 24.03
CA TYR B 164 -20.08 -26.51 24.74
C TYR B 164 -20.44 -27.98 24.88
N HIS B 165 -20.99 -28.32 26.04
CA HIS B 165 -21.44 -29.69 26.23
C HIS B 165 -22.77 -29.96 25.56
N ASP B 166 -23.65 -28.95 25.48
CA ASP B 166 -25.04 -29.07 25.06
C ASP B 166 -25.33 -28.25 23.81
N GLU B 167 -26.42 -28.62 23.13
CA GLU B 167 -26.81 -27.97 21.88
C GLU B 167 -27.23 -26.51 22.09
N ARG B 168 -27.73 -26.14 23.25
CA ARG B 168 -28.02 -24.73 23.47
C ARG B 168 -26.81 -23.92 23.94
N GLY B 169 -25.65 -24.56 24.11
CA GLY B 169 -24.49 -23.88 24.60
C GLY B 169 -24.63 -23.30 25.97
N LEU B 170 -25.58 -23.79 26.76
CA LEU B 170 -25.72 -23.32 28.12
C LEU B 170 -24.70 -23.89 29.07
N LYS B 171 -24.02 -25.00 28.71
CA LYS B 171 -23.04 -25.66 29.55
C LYS B 171 -21.69 -25.67 28.83
N SER B 172 -20.70 -25.05 29.45
CA SER B 172 -19.35 -25.13 28.92
C SER B 172 -18.84 -26.56 28.98
N LYS B 173 -17.96 -26.91 28.06
CA LYS B 173 -17.23 -28.16 28.19
C LYS B 173 -16.11 -28.09 29.23
N PHE B 174 -15.63 -26.87 29.53
CA PHE B 174 -14.47 -26.65 30.39
C PHE B 174 -13.23 -27.30 29.81
N VAL B 175 -13.16 -27.36 28.48
CA VAL B 175 -11.97 -27.79 27.77
C VAL B 175 -11.32 -26.56 27.11
N VAL B 176 -11.97 -25.99 26.11
CA VAL B 176 -11.57 -24.74 25.47
C VAL B 176 -12.76 -23.81 25.63
N SER B 177 -12.79 -23.04 26.71
CA SER B 177 -13.98 -22.30 27.13
C SER B 177 -13.98 -20.89 26.53
N GLU B 178 -15.04 -20.55 25.81
CA GLU B 178 -15.26 -19.15 25.43
C GLU B 178 -15.72 -18.38 26.67
N THR B 179 -15.34 -17.10 26.75
CA THR B 179 -15.62 -16.28 27.92
C THR B 179 -16.33 -14.98 27.58
N SER B 180 -16.77 -14.83 26.33
CA SER B 180 -17.42 -13.63 25.86
C SER B 180 -18.93 -13.63 26.06
N SER B 181 -19.50 -14.74 26.51
CA SER B 181 -20.94 -14.82 26.72
C SER B 181 -21.33 -14.63 28.19
N TYR B 182 -20.41 -14.16 29.02
CA TYR B 182 -20.74 -13.80 30.39
C TYR B 182 -20.28 -12.41 30.75
N ARG B 183 -19.77 -11.65 29.79
CA ARG B 183 -19.28 -10.31 30.03
C ARG B 183 -19.32 -9.57 28.71
N SER B 184 -19.41 -8.25 28.77
CA SER B 184 -19.49 -7.44 27.55
C SER B 184 -18.13 -7.35 26.84
N ALA B 185 -17.06 -7.34 27.63
CA ALA B 185 -15.74 -6.94 27.18
C ALA B 185 -14.72 -7.35 28.23
N LEU B 186 -13.46 -7.32 27.81
CA LEU B 186 -12.35 -7.34 28.73
C LEU B 186 -12.44 -6.21 29.75
N GLN B 187 -11.54 -6.26 30.74
CA GLN B 187 -11.40 -5.12 31.64
C GLN B 187 -11.10 -3.86 30.82
N TRP B 188 -11.31 -2.71 31.45
CA TRP B 188 -11.10 -1.44 30.79
C TRP B 188 -10.78 -0.36 31.84
N VAL B 189 -9.97 0.61 31.45
CA VAL B 189 -9.76 1.82 32.23
C VAL B 189 -10.08 3.01 31.33
N PRO B 190 -11.15 3.76 31.58
CA PRO B 190 -11.36 4.99 30.80
C PRO B 190 -10.44 6.11 31.27
N ASP B 191 -10.42 7.17 30.47
CA ASP B 191 -9.57 8.32 30.75
C ASP B 191 -10.30 9.29 31.68
N TYR B 192 -10.29 8.97 32.97
CA TYR B 192 -10.96 9.82 33.96
C TYR B 192 -10.41 11.24 33.94
N GLU B 193 -9.10 11.37 33.81
CA GLU B 193 -8.45 12.67 33.86
C GLU B 193 -9.03 13.59 32.81
N LYS B 194 -9.29 13.06 31.62
CA LYS B 194 -9.84 13.85 30.54
C LYS B 194 -11.21 14.38 30.91
N ALA B 195 -12.03 13.53 31.56
CA ALA B 195 -13.37 13.95 31.98
C ALA B 195 -13.29 15.07 33.01
N MET B 196 -12.43 14.95 34.02
CA MET B 196 -12.39 15.96 35.08
C MET B 196 -11.67 17.24 34.65
N LYS B 197 -10.71 17.13 33.72
CA LYS B 197 -10.02 18.30 33.22
C LYS B 197 -10.84 19.09 32.22
N ARG B 198 -11.68 18.44 31.42
CA ARG B 198 -12.41 19.15 30.38
C ARG B 198 -13.90 19.30 30.65
N GLY B 199 -14.52 18.32 31.29
CA GLY B 199 -15.95 18.26 31.35
C GLY B 199 -16.55 17.78 30.04
N PHE B 200 -17.79 17.30 30.12
CA PHE B 200 -18.49 16.75 28.97
C PHE B 200 -19.15 17.81 28.11
N ILE B 201 -19.28 19.05 28.58
CA ILE B 201 -19.70 20.10 27.66
C ILE B 201 -18.62 20.34 26.62
N ASP B 202 -17.37 20.42 27.07
CA ASP B 202 -16.27 20.64 26.15
C ASP B 202 -16.02 19.40 25.27
N ILE B 203 -16.13 18.19 25.83
CA ILE B 203 -16.01 16.98 25.02
C ILE B 203 -17.11 16.94 23.96
N GLN B 204 -18.35 17.23 24.37
CA GLN B 204 -19.45 17.34 23.42
C GLN B 204 -19.21 18.44 22.37
N ASN B 205 -18.65 19.57 22.77
CA ASN B 205 -18.38 20.61 21.79
C ASN B 205 -17.35 20.12 20.76
N GLU B 206 -16.38 19.30 21.20
CA GLU B 206 -15.49 18.67 20.23
C GLU B 206 -16.27 17.83 19.23
N ALA B 207 -17.17 16.98 19.72
CA ALA B 207 -17.94 16.19 18.78
C ALA B 207 -18.72 17.08 17.84
N LYS B 208 -19.26 18.18 18.35
CA LYS B 208 -20.03 19.10 17.56
C LYS B 208 -19.20 19.76 16.48
N ALA B 209 -17.97 20.12 16.80
CA ALA B 209 -17.07 20.72 15.82
C ALA B 209 -16.65 19.72 14.77
N LYS B 210 -16.42 18.47 15.17
CA LYS B 210 -16.13 17.45 14.17
C LYS B 210 -17.32 17.30 13.22
N LEU B 211 -18.54 17.36 13.76
CA LEU B 211 -19.73 17.23 12.94
C LEU B 211 -19.83 18.38 11.95
N ALA B 212 -19.60 19.62 12.43
CA ALA B 212 -19.60 20.78 11.55
C ALA B 212 -18.50 20.68 10.49
N GLY B 213 -17.37 20.03 10.81
CA GLY B 213 -16.31 19.83 9.82
C GLY B 213 -16.60 18.78 8.77
N LEU B 214 -17.66 18.00 8.93
CA LEU B 214 -17.97 17.03 7.89
C LEU B 214 -18.40 17.76 6.63
N ASP B 215 -18.27 17.10 5.51
CA ASP B 215 -18.86 17.61 4.29
C ASP B 215 -20.16 16.86 4.07
N LEU B 216 -21.27 17.44 4.56
CA LEU B 216 -22.58 16.82 4.44
C LEU B 216 -23.22 17.03 3.08
N THR B 217 -22.49 17.55 2.11
CA THR B 217 -22.97 17.48 0.74
C THR B 217 -22.35 16.32 -0.04
N ASN B 218 -21.35 15.63 0.51
CA ASN B 218 -20.70 14.58 -0.26
C ASN B 218 -21.46 13.27 -0.09
N SER B 219 -21.01 12.24 -0.80
CA SER B 219 -21.81 11.02 -0.89
C SER B 219 -21.80 10.19 0.37
N VAL B 220 -20.87 10.42 1.30
CA VAL B 220 -20.54 9.42 2.31
C VAL B 220 -20.55 9.91 3.76
N ASP B 221 -20.09 11.15 4.03
CA ASP B 221 -19.87 11.56 5.42
C ASP B 221 -21.15 11.42 6.24
N ILE B 222 -22.29 11.75 5.62
CA ILE B 222 -23.57 11.73 6.32
C ILE B 222 -23.91 10.34 6.84
N TRP B 223 -23.43 9.29 6.17
CA TRP B 223 -23.65 7.93 6.66
C TRP B 223 -22.46 7.36 7.44
N GLU B 224 -21.22 7.62 6.98
CA GLU B 224 -20.06 6.95 7.57
C GLU B 224 -19.62 7.60 8.88
N LYS B 225 -19.80 8.91 9.04
CA LYS B 225 -19.24 9.62 10.18
C LYS B 225 -20.28 10.32 11.05
N LYS B 226 -21.26 10.98 10.45
CA LYS B 226 -22.24 11.71 11.26
C LYS B 226 -22.93 10.85 12.32
N PRO B 227 -23.41 9.64 12.03
CA PRO B 227 -24.09 8.88 13.08
C PRO B 227 -23.24 8.62 14.30
N PHE B 228 -21.94 8.33 14.11
CA PHE B 228 -21.04 8.20 15.26
C PHE B 228 -20.99 9.49 16.06
N LEU B 229 -20.81 10.63 15.40
CA LEU B 229 -20.71 11.90 16.12
C LEU B 229 -22.02 12.25 16.84
N GLU B 230 -23.17 12.00 16.20
N GLU B 230 -23.18 11.97 16.23
CA GLU B 230 -24.46 12.10 16.89
CA GLU B 230 -24.43 12.16 16.94
C GLU B 230 -24.44 11.27 18.17
C GLU B 230 -24.51 11.24 18.17
N ALA B 231 -23.94 10.03 18.08
CA ALA B 231 -23.87 9.15 19.25
C ALA B 231 -23.05 9.76 20.37
N MET B 232 -21.92 10.40 20.04
CA MET B 232 -21.06 10.98 21.08
C MET B 232 -21.76 12.16 21.74
N ILE B 233 -22.42 13.00 20.94
CA ILE B 233 -23.18 14.12 21.47
C ILE B 233 -24.26 13.61 22.42
N ILE B 234 -24.96 12.55 22.03
CA ILE B 234 -26.03 12.00 22.83
C ILE B 234 -25.49 11.39 24.12
N VAL B 235 -24.36 10.68 24.05
CA VAL B 235 -23.94 10.05 25.28
C VAL B 235 -23.39 11.08 26.26
N CYS B 236 -22.85 12.20 25.74
CA CYS B 236 -22.49 13.31 26.61
C CYS B 236 -23.71 13.87 27.31
N ASP B 237 -24.80 14.09 26.57
CA ASP B 237 -26.06 14.49 27.20
C ASP B 237 -26.45 13.48 28.26
N ALA B 238 -26.36 12.18 27.93
CA ALA B 238 -26.81 11.14 28.85
C ALA B 238 -26.14 11.27 30.21
N ILE B 239 -24.81 11.41 30.23
CA ILE B 239 -24.16 11.41 31.54
C ILE B 239 -24.44 12.74 32.25
N MET B 240 -24.64 13.83 31.50
CA MET B 240 -24.86 15.12 32.15
C MET B 240 -26.27 15.24 32.71
N ILE B 241 -27.25 14.73 31.98
CA ILE B 241 -28.61 14.62 32.50
C ILE B 241 -28.60 13.85 33.80
N TRP B 242 -27.91 12.71 33.80
CA TRP B 242 -27.91 11.84 34.96
C TRP B 242 -27.35 12.56 36.17
N ALA B 243 -26.23 13.25 35.95
CA ALA B 243 -25.60 14.01 37.02
C ALA B 243 -26.53 15.10 37.55
N LYS B 244 -27.11 15.90 36.65
CA LYS B 244 -27.96 16.99 37.10
C LYS B 244 -29.12 16.46 37.93
N ARG B 245 -29.66 15.28 37.57
CA ARG B 245 -30.74 14.73 38.36
C ARG B 245 -30.31 14.47 39.80
N HIS B 246 -29.00 14.22 40.01
CA HIS B 246 -28.51 14.00 41.38
C HIS B 246 -28.40 15.31 42.14
N ALA B 247 -28.18 16.42 41.44
CA ALA B 247 -28.16 17.70 42.13
C ALA B 247 -29.52 18.00 42.75
N GLN B 248 -30.59 17.72 42.02
CA GLN B 248 -31.90 18.05 42.57
C GLN B 248 -32.31 17.07 43.64
N LEU B 249 -31.94 15.80 43.48
CA LEU B 249 -32.12 14.86 44.57
C LEU B 249 -31.40 15.34 45.83
N ALA B 250 -30.19 15.88 45.69
CA ALA B 250 -29.45 16.32 46.88
C ALA B 250 -30.15 17.50 47.54
N ARG B 251 -30.71 18.40 46.74
CA ARG B 251 -31.47 19.52 47.30
C ARG B 251 -32.76 19.04 47.96
N ASP B 252 -33.54 18.22 47.25
CA ASP B 252 -34.77 17.70 47.85
C ASP B 252 -34.47 16.98 49.15
N THR B 253 -33.41 16.17 49.15
CA THR B 253 -33.02 15.46 50.36
C THR B 253 -32.61 16.43 51.45
N ALA B 254 -31.83 17.46 51.09
CA ALA B 254 -31.40 18.42 52.09
C ALA B 254 -32.61 19.11 52.70
N ALA B 255 -33.61 19.43 51.89
CA ALA B 255 -34.81 20.09 52.40
C ALA B 255 -35.55 19.21 53.40
N ALA B 256 -35.42 17.89 53.26
CA ALA B 256 -36.04 16.95 54.18
C ALA B 256 -35.14 16.57 55.34
N THR B 257 -34.01 17.24 55.50
CA THR B 257 -33.00 16.87 56.49
C THR B 257 -32.94 17.96 57.57
N SER B 258 -33.37 17.62 58.78
CA SER B 258 -33.34 18.60 59.86
C SER B 258 -31.93 18.76 60.41
N ASP B 259 -31.18 17.68 60.51
CA ASP B 259 -29.81 17.78 60.98
C ASP B 259 -29.07 18.82 60.14
N PRO B 260 -28.43 19.83 60.76
CA PRO B 260 -27.86 20.94 59.98
C PRO B 260 -26.52 20.62 59.36
N VAL B 261 -25.76 19.74 60.00
CA VAL B 261 -24.49 19.32 59.43
C VAL B 261 -24.73 18.51 58.16
N ARG B 262 -25.61 17.53 58.24
CA ARG B 262 -25.92 16.71 57.07
C ARG B 262 -26.62 17.54 56.01
N LYS B 263 -27.48 18.48 56.41
CA LYS B 263 -28.10 19.36 55.43
C LYS B 263 -27.05 20.11 54.63
N GLN B 264 -26.04 20.68 55.31
CA GLN B 264 -25.03 21.44 54.59
C GLN B 264 -24.20 20.52 53.69
N GLU B 265 -23.96 19.28 54.11
CA GLU B 265 -23.27 18.32 53.24
C GLU B 265 -24.05 18.09 51.96
N LEU B 266 -25.37 17.95 52.06
CA LEU B 266 -26.18 17.67 50.88
C LEU B 266 -26.27 18.87 49.97
N LEU B 267 -26.25 20.07 50.53
CA LEU B 267 -26.27 21.26 49.69
C LEU B 267 -24.95 21.45 48.97
N ARG B 268 -23.84 21.08 49.61
CA ARG B 268 -22.54 21.11 48.93
C ARG B 268 -22.49 20.07 47.82
N MET B 269 -23.02 18.87 48.10
CA MET B 269 -23.11 17.82 47.08
C MET B 269 -23.97 18.28 45.91
N ALA B 270 -25.05 19.03 46.18
CA ALA B 270 -25.84 19.61 45.10
C ALA B 270 -24.99 20.51 44.21
N ASP B 271 -24.23 21.43 44.80
CA ASP B 271 -23.41 22.33 43.98
C ASP B 271 -22.36 21.57 43.19
N ILE B 272 -21.74 20.58 43.82
CA ILE B 272 -20.76 19.74 43.13
C ILE B 272 -21.38 19.10 41.90
N CYS B 273 -22.52 18.43 42.10
CA CYS B 273 -23.15 17.67 41.03
C CYS B 273 -23.72 18.58 39.95
N GLU B 274 -23.97 19.84 40.27
CA GLU B 274 -24.34 20.79 39.23
C GLU B 274 -23.15 21.12 38.35
N HIS B 275 -21.94 21.08 38.88
CA HIS B 275 -20.78 21.51 38.11
C HIS B 275 -20.13 20.37 37.32
N VAL B 276 -19.82 19.25 37.97
CA VAL B 276 -19.22 18.09 37.29
C VAL B 276 -20.29 17.03 37.04
N PRO B 277 -20.19 16.24 35.98
CA PRO B 277 -19.07 16.21 35.06
C PRO B 277 -19.28 17.13 33.84
N ALA B 278 -20.25 18.03 33.90
CA ALA B 278 -20.48 18.94 32.77
C ALA B 278 -19.30 19.86 32.55
N TYR B 279 -18.73 20.37 33.64
CA TYR B 279 -17.67 21.36 33.60
C TYR B 279 -16.44 20.79 34.27
N PRO B 280 -15.29 21.41 34.07
CA PRO B 280 -14.07 20.91 34.69
C PRO B 280 -14.13 20.97 36.21
N ALA B 281 -13.63 19.90 36.83
CA ALA B 281 -13.51 19.87 38.27
C ALA B 281 -12.67 21.03 38.74
N ARG B 282 -13.12 21.68 39.80
CA ARG B 282 -12.42 22.83 40.37
C ARG B 282 -11.64 22.49 41.63
N ASN B 283 -11.82 21.29 42.18
CA ASN B 283 -11.11 20.93 43.40
C ASN B 283 -11.14 19.41 43.52
N PHE B 284 -10.49 18.92 44.59
CA PHE B 284 -10.38 17.48 44.83
C PHE B 284 -11.75 16.81 44.94
N ARG B 285 -12.70 17.44 45.63
CA ARG B 285 -14.01 16.81 45.82
C ARG B 285 -14.80 16.76 44.53
N GLU B 286 -14.66 17.77 43.67
CA GLU B 286 -15.30 17.69 42.37
C GLU B 286 -14.59 16.67 41.48
N ALA B 287 -13.28 16.56 41.60
CA ALA B 287 -12.56 15.61 40.78
C ALA B 287 -12.98 14.19 41.12
N VAL B 288 -13.09 13.88 42.41
CA VAL B 288 -13.49 12.55 42.83
C VAL B 288 -14.91 12.25 42.37
N GLN B 289 -15.81 13.24 42.50
CA GLN B 289 -17.20 13.01 42.10
C GLN B 289 -17.35 12.95 40.58
N CYS B 290 -16.46 13.61 39.86
CA CYS B 290 -16.39 13.38 38.42
C CYS B 290 -16.02 11.94 38.14
N GLN B 291 -14.92 11.48 38.74
CA GLN B 291 -14.46 10.10 38.57
C GLN B 291 -15.58 9.13 38.92
N TRP B 292 -16.28 9.39 40.03
CA TRP B 292 -17.39 8.56 40.46
C TRP B 292 -18.47 8.43 39.40
N PHE B 293 -18.93 9.57 38.87
CA PHE B 293 -19.98 9.54 37.88
C PHE B 293 -19.54 8.76 36.63
N VAL B 294 -18.26 8.87 36.26
CA VAL B 294 -17.82 8.22 35.02
C VAL B 294 -17.75 6.71 35.23
N GLN B 295 -17.16 6.27 36.36
CA GLN B 295 -17.11 4.83 36.63
C GLN B 295 -18.49 4.24 36.87
N MET B 296 -19.42 5.01 37.45
CA MET B 296 -20.77 4.45 37.63
C MET B 296 -21.52 4.43 36.32
N PHE B 297 -21.41 5.49 35.51
CA PHE B 297 -22.09 5.43 34.24
C PHE B 297 -21.47 4.36 33.34
N SER B 298 -20.15 4.08 33.51
CA SER B 298 -19.56 2.95 32.78
C SER B 298 -20.25 1.62 33.11
N ARG B 299 -20.63 1.42 34.39
CA ARG B 299 -21.39 0.21 34.73
C ARG B 299 -22.73 0.20 34.01
N ILE B 300 -23.37 1.36 33.85
CA ILE B 300 -24.61 1.42 33.07
C ILE B 300 -24.32 1.07 31.60
N GLU B 301 -23.15 1.49 31.09
CA GLU B 301 -22.82 1.26 29.68
C GLU B 301 -22.70 -0.22 29.36
N GLN B 302 -21.96 -0.96 30.18
CA GLN B 302 -21.64 -2.35 29.84
C GLN B 302 -21.01 -3.04 31.04
N LYS B 303 -20.72 -4.31 30.85
CA LYS B 303 -20.10 -5.20 31.82
C LYS B 303 -18.68 -5.47 31.36
N ALA B 304 -17.80 -4.50 31.63
CA ALA B 304 -16.37 -4.70 31.43
C ALA B 304 -15.84 -5.66 32.48
N SER B 305 -15.00 -6.60 32.05
CA SER B 305 -14.58 -7.68 32.93
C SER B 305 -13.96 -7.14 34.22
N ALA B 306 -14.29 -7.80 35.34
CA ALA B 306 -13.77 -7.53 36.67
C ALA B 306 -14.45 -6.36 37.32
N ILE B 307 -15.36 -5.69 36.61
CA ILE B 307 -15.96 -4.40 36.95
C ILE B 307 -14.95 -3.29 36.68
N ILE B 308 -15.43 -2.21 36.08
CA ILE B 308 -14.63 -1.13 35.53
C ILE B 308 -13.50 -0.75 36.48
N SER B 309 -12.28 -0.62 35.94
CA SER B 309 -11.11 -0.27 36.72
C SER B 309 -10.93 1.25 36.81
N ASN B 310 -10.13 1.67 37.79
CA ASN B 310 -10.19 3.05 38.23
C ASN B 310 -9.01 3.91 37.84
N GLY B 311 -7.94 3.31 37.33
CA GLY B 311 -6.85 4.09 36.80
C GLY B 311 -5.88 4.57 37.88
N ARG B 312 -4.96 5.45 37.46
CA ARG B 312 -3.89 5.95 38.32
C ARG B 312 -4.42 7.08 39.20
N MET B 313 -5.23 6.72 40.19
CA MET B 313 -5.89 7.74 41.00
C MET B 313 -4.89 8.66 41.71
N ASP B 314 -3.76 8.11 42.17
CA ASP B 314 -2.79 8.95 42.86
C ASP B 314 -2.14 9.95 41.92
N GLN B 315 -2.11 9.68 40.61
CA GLN B 315 -1.56 10.65 39.65
C GLN B 315 -2.60 11.70 39.26
N TYR B 316 -3.75 11.26 38.72
CA TYR B 316 -4.64 12.27 38.18
C TYR B 316 -5.40 13.04 39.26
N LEU B 317 -5.44 12.57 40.50
CA LEU B 317 -6.08 13.38 41.53
C LEU B 317 -5.09 14.29 42.24
N TYR B 318 -3.80 13.99 42.14
CA TYR B 318 -2.80 14.72 42.90
C TYR B 318 -2.84 16.23 42.72
N PRO B 319 -2.96 16.78 41.52
CA PRO B 319 -2.95 18.25 41.39
C PRO B 319 -4.11 18.92 42.11
N TYR B 320 -5.26 18.27 42.17
CA TYR B 320 -6.35 18.82 42.95
C TYR B 320 -6.04 18.72 44.43
N TYR B 321 -5.52 17.57 44.85
CA TYR B 321 -5.15 17.32 46.24
C TYR B 321 -4.15 18.36 46.73
N LYS B 322 -3.07 18.59 45.98
CA LYS B 322 -2.02 19.48 46.42
C LYS B 322 -2.53 20.92 46.52
N LYS B 323 -3.27 21.39 45.52
CA LYS B 323 -3.81 22.74 45.57
C LYS B 323 -4.73 22.94 46.77
N ASP B 324 -5.60 21.97 47.05
CA ASP B 324 -6.57 22.14 48.13
C ASP B 324 -5.90 22.04 49.49
N ILE B 325 -4.92 21.15 49.64
CA ILE B 325 -4.18 21.08 50.90
C ILE B 325 -3.45 22.39 51.13
N GLU B 326 -2.90 22.98 50.08
CA GLU B 326 -2.07 24.16 50.23
C GLU B 326 -2.92 25.37 50.52
N GLU B 327 -4.12 25.41 49.96
CA GLU B 327 -5.03 26.51 50.18
C GLU B 327 -5.83 26.36 51.47
N GLY B 328 -5.73 25.24 52.17
CA GLY B 328 -6.44 25.05 53.42
C GLY B 328 -7.90 24.66 53.27
N THR B 329 -8.33 24.24 52.08
CA THR B 329 -9.70 23.81 51.85
C THR B 329 -9.88 22.30 51.98
N LEU B 330 -8.81 21.57 52.27
CA LEU B 330 -8.87 20.12 52.36
C LEU B 330 -7.75 19.67 53.28
N THR B 331 -8.01 18.61 54.02
CA THR B 331 -6.97 17.94 54.79
C THR B 331 -6.79 16.52 54.27
N SER B 332 -5.64 15.93 54.62
CA SER B 332 -5.37 14.59 54.17
C SER B 332 -6.35 13.62 54.79
N GLU B 333 -6.85 13.93 55.99
CA GLU B 333 -7.82 13.04 56.64
C GLU B 333 -9.17 13.13 55.95
N GLU B 334 -9.55 14.33 55.51
CA GLU B 334 -10.77 14.49 54.73
C GLU B 334 -10.64 13.81 53.36
N ALA B 335 -9.49 13.95 52.70
CA ALA B 335 -9.26 13.27 51.43
C ALA B 335 -9.42 11.78 51.60
N LYS B 336 -8.85 11.25 52.68
CA LYS B 336 -8.94 9.82 52.94
C LYS B 336 -10.38 9.39 53.15
N GLU B 337 -11.15 10.19 53.88
CA GLU B 337 -12.56 9.86 54.11
C GLU B 337 -13.31 9.75 52.80
N LEU B 338 -13.07 10.72 51.89
CA LEU B 338 -13.80 10.74 50.63
C LEU B 338 -13.47 9.51 49.81
N LEU B 339 -12.19 9.10 49.81
CA LEU B 339 -11.75 7.91 49.11
C LEU B 339 -12.38 6.66 49.71
N GLU B 340 -12.41 6.57 51.04
CA GLU B 340 -13.06 5.45 51.71
C GLU B 340 -14.56 5.43 51.48
N CYS B 341 -15.17 6.61 51.35
CA CYS B 341 -16.56 6.66 50.91
C CYS B 341 -16.73 5.93 49.59
N MET B 342 -15.75 6.11 48.68
CA MET B 342 -15.81 5.46 47.38
C MET B 342 -15.79 3.95 47.57
N TRP B 343 -14.86 3.46 48.38
CA TRP B 343 -14.74 2.02 48.55
C TRP B 343 -16.02 1.42 49.13
N VAL B 344 -16.68 2.13 50.07
CA VAL B 344 -17.80 1.49 50.75
C VAL B 344 -19.00 1.37 49.80
N ASP B 345 -19.14 2.28 48.83
CA ASP B 345 -20.21 2.14 47.85
C ASP B 345 -19.83 1.23 46.70
N MET B 346 -18.54 1.18 46.33
CA MET B 346 -18.10 0.18 45.36
C MET B 346 -18.38 -1.22 45.90
N ALA B 347 -18.23 -1.39 47.22
CA ALA B 347 -18.48 -2.66 47.88
C ALA B 347 -19.95 -3.08 47.86
N GLN B 348 -20.85 -2.17 47.49
CA GLN B 348 -22.23 -2.56 47.37
C GLN B 348 -22.58 -2.96 45.94
N PHE B 349 -21.70 -2.68 44.97
CA PHE B 349 -21.97 -3.08 43.58
C PHE B 349 -21.28 -4.41 43.35
N ILE B 350 -22.10 -5.47 43.24
CA ILE B 350 -21.65 -6.85 43.24
C ILE B 350 -21.77 -7.41 41.82
N ASP B 351 -20.73 -8.09 41.35
CA ASP B 351 -20.72 -8.57 39.97
C ASP B 351 -21.66 -9.77 39.84
N LEU B 352 -22.69 -9.60 39.03
CA LEU B 352 -23.75 -10.59 38.85
C LEU B 352 -23.50 -11.36 37.55
N TYR B 353 -23.08 -12.62 37.67
CA TYR B 353 -22.94 -13.51 36.53
C TYR B 353 -24.15 -14.44 36.46
N ILE B 354 -24.87 -14.41 35.33
CA ILE B 354 -26.01 -15.30 35.09
C ILE B 354 -25.56 -16.59 34.45
N ASN B 355 -24.84 -16.47 33.35
CA ASN B 355 -24.20 -17.58 32.68
C ASN B 355 -23.35 -18.37 33.68
N PRO B 356 -23.65 -19.64 33.94
CA PRO B 356 -22.85 -20.40 34.92
C PRO B 356 -21.36 -20.40 34.63
N THR B 357 -20.93 -20.35 33.37
CA THR B 357 -19.50 -20.30 33.11
C THR B 357 -18.86 -19.08 33.79
N GLY B 358 -19.51 -17.92 33.66
CA GLY B 358 -18.99 -16.74 34.31
C GLY B 358 -19.02 -16.86 35.82
N ASN B 359 -20.11 -17.40 36.35
CA ASN B 359 -20.20 -17.54 37.81
C ASN B 359 -19.09 -18.46 38.32
N GLU B 360 -18.87 -19.59 37.64
CA GLU B 360 -17.88 -20.55 38.10
C GLU B 360 -16.46 -20.09 37.80
N PHE B 361 -16.30 -19.18 36.82
CA PHE B 361 -14.99 -18.57 36.57
C PHE B 361 -14.76 -17.37 37.47
N GLN B 362 -15.79 -16.88 38.17
CA GLN B 362 -15.61 -15.77 39.09
C GLN B 362 -16.39 -15.99 40.38
N GLU B 363 -16.15 -17.13 41.04
CA GLU B 363 -17.04 -17.52 42.13
C GLU B 363 -16.78 -16.68 43.36
N GLY B 364 -17.81 -16.61 44.20
CA GLY B 364 -17.74 -15.74 45.36
C GLY B 364 -17.78 -14.27 45.02
N TYR B 365 -18.41 -13.90 43.92
CA TYR B 365 -18.52 -12.49 43.56
C TYR B 365 -17.13 -11.89 43.32
N ALA B 366 -16.25 -12.67 42.70
CA ALA B 366 -14.91 -12.21 42.44
C ALA B 366 -14.99 -10.89 41.68
N HIS B 367 -14.05 -10.00 41.98
CA HIS B 367 -14.04 -8.66 41.39
C HIS B 367 -12.63 -8.08 41.54
N TRP B 368 -12.27 -7.18 40.63
CA TRP B 368 -10.90 -6.61 40.58
C TRP B 368 -10.95 -5.20 40.01
N GLU B 369 -11.62 -4.29 40.72
CA GLU B 369 -11.75 -2.88 40.30
C GLU B 369 -10.45 -2.17 40.63
N ALA B 370 -9.43 -2.43 39.79
CA ALA B 370 -8.04 -2.07 40.16
C ALA B 370 -7.88 -0.56 40.37
N VAL B 371 -7.17 -0.22 41.44
CA VAL B 371 -6.74 1.16 41.69
C VAL B 371 -5.23 1.17 41.61
N THR B 372 -4.67 2.00 40.73
CA THR B 372 -3.25 1.97 40.44
C THR B 372 -2.59 3.10 41.19
N VAL B 373 -1.56 2.79 41.98
CA VAL B 373 -0.76 3.87 42.54
C VAL B 373 0.70 3.58 42.27
N GLY B 374 1.52 4.62 42.30
CA GLY B 374 2.94 4.45 42.07
C GLY B 374 3.30 4.24 40.60
N GLY B 375 4.56 3.92 40.40
CA GLY B 375 5.09 3.61 39.09
C GLY B 375 5.93 4.76 38.59
N GLN B 376 5.81 5.06 37.30
CA GLN B 376 6.58 6.11 36.67
C GLN B 376 5.67 7.12 35.99
N THR B 377 6.20 8.32 35.78
CA THR B 377 5.52 9.33 34.98
C THR B 377 5.67 9.01 33.50
N PRO B 378 4.91 9.70 32.63
CA PRO B 378 5.13 9.55 31.19
C PRO B 378 6.55 9.90 30.75
N GLU B 379 7.34 10.54 31.61
CA GLU B 379 8.70 10.93 31.28
C GLU B 379 9.72 9.97 31.85
N GLY B 380 9.26 8.92 32.53
CA GLY B 380 10.17 7.89 32.97
C GLY B 380 10.83 8.13 34.31
N GLU B 381 10.33 9.07 35.10
CA GLU B 381 10.80 9.24 36.45
C GLU B 381 9.77 8.68 37.43
N ASP B 382 10.24 8.38 38.65
CA ASP B 382 9.37 7.82 39.67
C ASP B 382 8.19 8.75 39.93
N ALA B 383 7.00 8.18 40.14
CA ALA B 383 5.79 8.99 40.24
C ALA B 383 5.19 9.02 41.64
N THR B 384 5.90 8.49 42.64
CA THR B 384 5.40 8.51 44.02
C THR B 384 5.09 9.93 44.46
N ASN B 385 3.95 10.10 45.12
CA ASN B 385 3.61 11.38 45.71
C ASN B 385 2.87 11.14 47.03
N GLU B 386 2.51 12.24 47.71
CA GLU B 386 1.87 12.10 49.02
C GLU B 386 0.61 11.24 48.94
N LEU B 387 -0.12 11.37 47.84
CA LEU B 387 -1.36 10.61 47.65
C LEU B 387 -1.07 9.12 47.55
N SER B 388 0.03 8.74 46.88
CA SER B 388 0.43 7.34 46.85
C SER B 388 0.55 6.77 48.26
N TYR B 389 1.13 7.55 49.17
CA TYR B 389 1.27 7.13 50.56
C TYR B 389 -0.08 7.04 51.25
N LEU B 390 -0.94 8.03 51.03
CA LEU B 390 -2.27 8.05 51.64
C LEU B 390 -3.05 6.79 51.29
N PHE B 391 -3.01 6.35 50.02
CA PHE B 391 -3.73 5.13 49.63
C PHE B 391 -3.26 3.94 50.43
N LEU B 392 -1.93 3.79 50.56
CA LEU B 392 -1.40 2.65 51.30
C LEU B 392 -1.80 2.74 52.78
N GLU B 393 -1.73 3.93 53.37
CA GLU B 393 -2.12 4.12 54.77
C GLU B 393 -3.56 3.74 54.99
N SER B 394 -4.45 4.23 54.10
CA SER B 394 -5.88 3.94 54.18
C SER B 394 -6.13 2.44 54.10
N LYS B 395 -5.32 1.76 53.28
CA LYS B 395 -5.48 0.31 53.17
C LYS B 395 -5.15 -0.39 54.48
N ARG B 396 -4.08 0.03 55.17
CA ARG B 396 -3.79 -0.58 56.46
C ARG B 396 -4.80 -0.15 57.54
N GLU B 397 -5.25 1.11 57.50
CA GLU B 397 -6.11 1.64 58.56
C GLU B 397 -7.58 1.21 58.39
N PHE B 398 -8.02 0.96 57.16
CA PHE B 398 -9.42 0.62 56.86
C PHE B 398 -9.43 -0.69 56.10
N PRO B 399 -9.04 -1.78 56.76
CA PRO B 399 -8.95 -3.06 56.08
C PRO B 399 -10.27 -3.47 55.52
N MET B 400 -10.28 -3.88 54.25
CA MET B 400 -11.50 -4.15 53.52
C MET B 400 -11.13 -4.76 52.17
N THR B 401 -12.07 -5.46 51.57
CA THR B 401 -11.76 -6.09 50.31
C THR B 401 -11.77 -5.13 49.13
N TYR B 402 -12.04 -3.85 49.36
CA TYR B 402 -12.03 -2.78 48.39
C TYR B 402 -11.16 -1.66 48.93
N PRO B 403 -10.41 -0.94 48.07
CA PRO B 403 -10.29 -1.20 46.63
C PRO B 403 -9.30 -2.31 46.38
N ASP B 404 -9.22 -2.77 45.14
CA ASP B 404 -8.18 -3.71 44.74
C ASP B 404 -6.93 -2.89 44.44
N LEU B 405 -6.18 -2.62 45.50
CA LEU B 405 -5.06 -1.69 45.43
C LEU B 405 -3.87 -2.39 44.78
N ALA B 406 -3.37 -1.78 43.71
CA ALA B 406 -2.31 -2.34 42.88
C ALA B 406 -1.19 -1.32 42.77
N VAL B 407 0.03 -1.77 42.98
CA VAL B 407 1.15 -0.85 43.02
C VAL B 407 2.08 -1.21 41.87
N ARG B 408 2.45 -0.19 41.11
CA ARG B 408 3.45 -0.33 40.06
C ARG B 408 4.84 -0.21 40.66
N ILE B 409 5.71 -1.18 40.33
CA ILE B 409 7.10 -1.23 40.78
C ILE B 409 8.05 -1.06 39.60
N HIS B 410 9.22 -0.46 39.85
CA HIS B 410 10.21 -0.35 38.79
C HIS B 410 11.60 -0.33 39.42
N SER B 411 12.64 -0.39 38.63
CA SER B 411 13.99 -0.48 39.06
C SER B 411 14.41 0.62 39.99
N ARG B 412 13.81 1.78 39.83
CA ARG B 412 14.10 2.88 40.68
C ARG B 412 13.03 3.18 41.69
N THR B 413 12.31 2.18 42.14
CA THR B 413 11.31 2.41 43.14
C THR B 413 12.04 2.92 44.44
N PRO B 414 11.62 4.08 45.00
CA PRO B 414 12.38 4.55 46.18
C PRO B 414 12.24 3.61 47.38
N ASP B 415 13.32 3.50 48.16
CA ASP B 415 13.35 2.66 49.35
C ASP B 415 12.22 3.02 50.31
N ARG B 416 12.03 4.32 50.57
CA ARG B 416 10.97 4.76 51.47
C ARG B 416 9.61 4.26 51.02
N PHE B 417 9.34 4.26 49.70
CA PHE B 417 8.03 3.82 49.21
C PHE B 417 7.93 2.31 49.24
N LEU B 418 9.01 1.63 48.89
CA LEU B 418 9.01 0.17 48.97
C LEU B 418 8.83 -0.29 50.40
N TYR B 419 9.32 0.47 51.37
CA TYR B 419 9.13 0.09 52.76
C TYR B 419 7.66 0.21 53.15
N GLU B 420 7.05 1.33 52.79
CA GLU B 420 5.62 1.52 52.98
C GLU B 420 4.82 0.38 52.35
N ILE B 421 5.26 -0.10 51.18
CA ILE B 421 4.61 -1.27 50.56
C ILE B 421 4.80 -2.49 51.43
N ALA B 422 6.04 -2.75 51.85
CA ALA B 422 6.28 -3.90 52.71
C ALA B 422 5.45 -3.85 53.98
N LEU B 423 5.32 -2.66 54.59
CA LEU B 423 4.48 -2.53 55.78
C LEU B 423 3.02 -2.88 55.49
N THR B 424 2.52 -2.51 54.30
CA THR B 424 1.16 -2.88 53.94
C THR B 424 1.06 -4.37 53.74
N VAL B 425 2.08 -4.99 53.13
CA VAL B 425 2.06 -6.44 53.01
C VAL B 425 2.04 -7.08 54.38
N GLN B 426 2.89 -6.59 55.29
CA GLN B 426 2.91 -7.09 56.67
C GLN B 426 1.53 -7.01 57.34
N ASP B 427 0.74 -5.97 57.03
CA ASP B 427 -0.56 -5.84 57.71
C ASP B 427 -1.40 -7.11 57.54
N GLY B 428 -1.15 -7.90 56.50
CA GLY B 428 -1.77 -9.20 56.40
C GLY B 428 -3.12 -9.26 55.72
N SER B 429 -3.53 -8.19 55.03
CA SER B 429 -4.82 -8.17 54.33
C SER B 429 -4.68 -8.50 52.85
N GLY B 430 -3.46 -8.77 52.36
CA GLY B 430 -3.23 -9.12 50.97
C GLY B 430 -3.14 -7.96 50.01
N PHE B 431 -2.77 -6.79 50.48
CA PHE B 431 -2.53 -5.66 49.61
C PHE B 431 -1.12 -5.14 49.80
N PRO B 432 -0.59 -4.41 48.81
CA PRO B 432 -1.14 -4.27 47.47
C PRO B 432 -0.75 -5.47 46.58
N LYS B 433 -1.43 -5.69 45.46
CA LYS B 433 -0.78 -6.52 44.45
C LYS B 433 0.27 -5.67 43.73
N LEU B 434 1.26 -6.35 43.15
CA LEU B 434 2.40 -5.70 42.54
C LEU B 434 2.45 -6.00 41.04
N ILE B 435 2.66 -4.98 40.23
CA ILE B 435 2.89 -5.16 38.79
C ILE B 435 4.21 -4.50 38.43
N ASN B 436 4.98 -5.15 37.57
CA ASN B 436 6.37 -4.80 37.31
C ASN B 436 6.54 -4.02 35.99
N ASP B 437 6.76 -2.70 36.12
CA ASP B 437 7.05 -1.84 34.96
C ASP B 437 8.16 -2.41 34.07
N GLU B 438 9.19 -3.03 34.67
CA GLU B 438 10.35 -3.44 33.88
C GLU B 438 10.01 -4.59 32.96
N GLU B 439 8.92 -5.32 33.21
CA GLU B 439 8.41 -6.30 32.26
C GLU B 439 7.36 -5.69 31.34
N VAL B 440 6.45 -4.90 31.89
CA VAL B 440 5.26 -4.48 31.18
C VAL B 440 5.61 -3.44 30.10
N VAL B 441 6.34 -2.41 30.49
CA VAL B 441 6.53 -1.27 29.61
C VAL B 441 7.29 -1.65 28.34
N PRO B 442 8.43 -2.32 28.40
CA PRO B 442 9.10 -2.70 27.14
C PRO B 442 8.27 -3.65 26.27
N LEU B 443 7.56 -4.62 26.86
CA LEU B 443 6.71 -5.48 26.04
C LEU B 443 5.64 -4.66 25.31
N ASN B 444 4.91 -3.79 26.03
CA ASN B 444 3.84 -3.04 25.39
C ASN B 444 4.39 -2.06 24.36
N ALA B 445 5.56 -1.48 24.62
CA ALA B 445 6.15 -0.52 23.69
C ALA B 445 6.69 -1.24 22.44
N ILE B 446 7.41 -2.35 22.64
CA ILE B 446 7.86 -3.17 21.53
C ILE B 446 6.69 -3.57 20.65
N LYS B 447 5.53 -3.83 21.26
CA LYS B 447 4.33 -4.24 20.54
C LYS B 447 3.63 -3.09 19.85
N GLY B 448 4.08 -1.85 20.04
CA GLY B 448 3.52 -0.74 19.31
C GLY B 448 3.10 0.48 20.12
N CYS B 449 3.00 0.37 21.43
CA CYS B 449 2.56 1.51 22.21
C CYS B 449 3.68 2.57 22.27
N PRO B 450 3.39 3.84 21.98
CA PRO B 450 4.40 4.89 22.19
C PRO B 450 4.91 4.84 23.63
N ILE B 451 6.23 5.03 23.80
CA ILE B 451 6.87 4.79 25.09
C ILE B 451 6.25 5.65 26.19
N ASN B 452 5.93 6.91 25.90
CA ASN B 452 5.38 7.77 26.95
C ASN B 452 4.01 7.27 27.39
N GLU B 453 3.18 6.77 26.46
CA GLU B 453 1.89 6.23 26.86
C GLU B 453 2.06 4.90 27.58
N ALA B 454 3.04 4.12 27.17
CA ALA B 454 3.29 2.84 27.81
C ALA B 454 3.77 3.04 29.25
N LEU B 455 4.59 4.07 29.48
CA LEU B 455 5.04 4.36 30.83
C LEU B 455 3.90 4.84 31.71
N ASP B 456 2.80 5.30 31.10
CA ASP B 456 1.65 5.86 31.79
C ASP B 456 0.55 4.84 32.03
N TYR B 457 0.87 3.55 32.03
CA TYR B 457 -0.18 2.55 32.03
C TYR B 457 -0.89 2.45 33.38
N ALA B 458 -2.16 2.03 33.31
CA ALA B 458 -3.00 1.70 34.45
C ALA B 458 -3.13 0.20 34.57
N ILE B 459 -3.06 -0.29 35.81
CA ILE B 459 -3.43 -1.66 36.08
C ILE B 459 -4.94 -1.79 35.93
N SER B 460 -5.38 -2.91 35.37
CA SER B 460 -6.77 -3.08 34.98
C SER B 460 -7.18 -4.52 35.20
N GLY B 461 -8.28 -4.70 35.92
CA GLY B 461 -8.67 -6.04 36.31
C GLY B 461 -7.65 -6.67 37.23
N CYS B 462 -7.32 -7.93 36.97
N CYS B 462 -7.39 -7.96 37.02
CA CYS B 462 -6.48 -8.69 37.88
CA CYS B 462 -6.46 -8.74 37.81
C CYS B 462 -5.00 -8.32 37.74
C CYS B 462 -5.05 -8.17 37.69
N THR B 463 -4.45 -8.30 36.51
CA THR B 463 -3.04 -8.02 36.31
C THR B 463 -2.78 -7.25 35.02
N GLU B 464 -3.80 -6.75 34.36
CA GLU B 464 -3.63 -6.32 32.99
C GLU B 464 -3.21 -4.86 32.97
N THR B 465 -2.71 -4.42 31.82
CA THR B 465 -2.06 -3.13 31.71
C THR B 465 -2.68 -2.36 30.55
N ARG B 466 -3.38 -1.27 30.86
CA ARG B 466 -4.14 -0.54 29.85
C ARG B 466 -3.53 0.83 29.60
N MET B 467 -3.53 1.21 28.33
CA MET B 467 -3.14 2.55 27.88
C MET B 467 -4.40 3.21 27.33
N PRO B 468 -5.07 4.07 28.09
CA PRO B 468 -6.48 4.38 27.79
C PRO B 468 -6.73 5.09 26.49
N ASN B 469 -5.71 5.65 25.84
CA ASN B 469 -5.92 6.28 24.55
C ASN B 469 -5.16 5.56 23.46
N ARG B 470 -4.78 4.32 23.70
CA ARG B 470 -4.02 3.55 22.72
C ARG B 470 -4.60 2.14 22.58
N ASP B 471 -4.88 1.47 23.70
CA ASP B 471 -5.57 0.17 23.68
C ASP B 471 -6.85 0.26 22.86
N THR B 472 -7.08 -0.74 22.02
CA THR B 472 -8.33 -0.81 21.27
C THR B 472 -9.01 -2.17 21.29
N TYR B 473 -8.40 -3.21 21.86
CA TYR B 473 -8.96 -4.55 21.80
C TYR B 473 -9.71 -4.89 23.08
N THR B 474 -10.93 -5.42 22.93
CA THR B 474 -11.87 -5.57 24.05
C THR B 474 -12.57 -6.95 24.14
N SER B 475 -12.14 -7.96 23.41
CA SER B 475 -12.86 -9.24 23.38
C SER B 475 -12.41 -10.14 24.51
N GLY B 476 -13.37 -10.60 25.31
CA GLY B 476 -13.07 -11.63 26.28
C GLY B 476 -12.48 -12.82 25.58
N CYS B 477 -11.35 -13.34 26.09
CA CYS B 477 -10.55 -14.33 25.38
C CYS B 477 -10.67 -15.72 26.00
N VAL B 478 -10.46 -16.71 25.15
CA VAL B 478 -10.53 -18.13 25.44
C VAL B 478 -9.70 -18.53 26.66
N TYR B 479 -10.23 -19.47 27.43
CA TYR B 479 -9.56 -20.12 28.57
C TYR B 479 -9.35 -21.59 28.23
N ILE B 480 -8.10 -22.05 28.29
CA ILE B 480 -7.74 -23.40 27.86
C ILE B 480 -7.38 -24.26 29.06
N ASN B 481 -8.08 -25.38 29.19
CA ASN B 481 -7.82 -26.37 30.24
C ASN B 481 -6.74 -27.32 29.72
N PHE B 482 -5.48 -26.93 29.89
CA PHE B 482 -4.43 -27.78 29.31
C PHE B 482 -4.23 -29.08 30.05
N ALA B 483 -4.78 -29.21 31.27
CA ALA B 483 -4.76 -30.53 31.89
C ALA B 483 -5.51 -31.54 31.04
N THR B 484 -6.45 -31.07 30.19
CA THR B 484 -7.13 -32.02 29.31
C THR B 484 -6.19 -32.60 28.25
N ALA B 485 -5.21 -31.81 27.81
CA ALA B 485 -4.24 -32.35 26.85
C ALA B 485 -3.47 -33.49 27.48
N LEU B 486 -3.10 -33.33 28.75
CA LEU B 486 -2.40 -34.37 29.50
C LEU B 486 -3.27 -35.61 29.68
N GLU B 487 -4.49 -35.44 30.17
CA GLU B 487 -5.33 -36.60 30.37
C GLU B 487 -5.66 -37.27 29.06
N MET B 488 -5.92 -36.47 28.02
CA MET B 488 -6.27 -37.08 26.74
C MET B 488 -5.10 -37.85 26.16
N LEU B 489 -3.87 -37.41 26.42
CA LEU B 489 -2.70 -38.21 26.06
C LEU B 489 -2.70 -39.55 26.82
N MET B 490 -3.15 -39.55 28.07
CA MET B 490 -3.23 -40.75 28.89
C MET B 490 -4.46 -41.59 28.60
N ASN B 491 -5.27 -41.20 27.63
CA ASN B 491 -6.59 -41.80 27.50
C ASN B 491 -7.14 -41.72 26.07
N ASN B 492 -6.23 -41.72 25.08
CA ASN B 492 -6.58 -41.83 23.66
C ASN B 492 -7.61 -40.78 23.22
N GLY B 493 -7.43 -39.55 23.68
CA GLY B 493 -8.30 -38.46 23.28
C GLY B 493 -9.60 -38.36 24.03
N ARG B 494 -9.83 -39.21 25.01
CA ARG B 494 -11.00 -39.13 25.87
C ARG B 494 -10.66 -38.47 27.18
N LEU B 495 -11.71 -37.97 27.83
CA LEU B 495 -11.67 -37.52 29.20
C LEU B 495 -12.62 -38.43 29.98
N HIS B 496 -12.19 -38.91 31.15
CA HIS B 496 -13.03 -39.82 31.92
C HIS B 496 -14.37 -39.15 32.25
N TYR B 497 -14.33 -37.87 32.63
CA TYR B 497 -15.54 -37.14 32.96
C TYR B 497 -16.59 -37.24 31.84
N TYR B 498 -16.16 -37.35 30.59
CA TYR B 498 -17.06 -37.44 29.44
C TYR B 498 -17.11 -38.84 28.84
N GLY B 499 -16.53 -39.83 29.50
CA GLY B 499 -16.70 -41.19 29.05
C GLY B 499 -15.95 -41.41 27.76
N ASP B 500 -16.64 -42.00 26.80
CA ASP B 500 -16.03 -42.44 25.56
C ASP B 500 -16.07 -41.37 24.45
N GLU B 501 -16.60 -40.19 24.72
CA GLU B 501 -16.64 -39.15 23.69
C GLU B 501 -15.23 -38.81 23.27
N LEU B 502 -15.00 -38.82 21.97
CA LEU B 502 -13.71 -38.39 21.43
C LEU B 502 -13.67 -36.86 21.48
N ILE B 503 -12.79 -36.32 22.32
CA ILE B 503 -12.68 -34.88 22.49
C ILE B 503 -11.44 -34.34 21.79
N GLY B 504 -10.31 -35.00 21.96
CA GLY B 504 -9.09 -34.56 21.31
C GLY B 504 -8.60 -35.54 20.28
N LEU B 505 -7.29 -35.78 20.27
CA LEU B 505 -6.65 -36.62 19.28
C LEU B 505 -6.53 -38.06 19.78
N GLU B 506 -6.62 -39.00 18.84
CA GLU B 506 -6.48 -40.42 19.17
C GLU B 506 -5.00 -40.77 19.09
N THR B 507 -4.29 -40.40 20.14
CA THR B 507 -2.87 -40.66 20.24
C THR B 507 -2.56 -42.09 20.71
N GLY B 508 -3.57 -42.92 20.95
CA GLY B 508 -3.36 -44.34 21.19
C GLY B 508 -3.14 -44.74 22.63
N ASP B 509 -2.83 -46.01 22.78
CA ASP B 509 -2.54 -46.63 24.09
C ASP B 509 -1.23 -46.06 24.62
N PRO B 510 -1.24 -45.42 25.79
CA PRO B 510 -0.01 -44.74 26.26
C PRO B 510 1.07 -45.70 26.69
N THR B 511 0.73 -46.96 26.97
CA THR B 511 1.74 -47.96 27.26
C THR B 511 2.53 -48.34 26.01
N ARG B 512 2.10 -47.93 24.83
CA ARG B 512 2.86 -48.23 23.63
C ARG B 512 4.06 -47.33 23.45
N PHE B 513 4.13 -46.16 24.09
CA PHE B 513 5.19 -45.21 23.78
C PHE B 513 6.53 -45.76 24.25
N GLN B 514 7.49 -45.84 23.34
CA GLN B 514 8.79 -46.44 23.66
C GLN B 514 9.73 -45.45 24.34
N THR B 515 9.63 -44.17 24.01
CA THR B 515 10.60 -43.17 24.44
C THR B 515 9.89 -41.94 24.99
N TRP B 516 10.61 -41.21 25.84
CA TRP B 516 10.13 -39.91 26.27
C TRP B 516 9.79 -39.04 25.05
N GLU B 517 10.70 -39.04 24.07
CA GLU B 517 10.54 -38.19 22.90
C GLU B 517 9.22 -38.45 22.21
N GLU B 518 8.85 -39.71 22.06
CA GLU B 518 7.57 -40.06 21.45
C GLU B 518 6.42 -39.60 22.31
N PHE B 519 6.53 -39.84 23.60
CA PHE B 519 5.47 -39.44 24.53
C PHE B 519 5.25 -37.92 24.51
N TYR B 520 6.34 -37.16 24.60
CA TYR B 520 6.24 -35.71 24.60
C TYR B 520 5.67 -35.18 23.28
N GLU B 521 6.07 -35.77 22.15
CA GLU B 521 5.53 -35.30 20.87
C GLU B 521 4.03 -35.52 20.82
N ALA B 522 3.56 -36.64 21.38
CA ALA B 522 2.12 -36.87 21.45
C ALA B 522 1.46 -35.87 22.40
N TYR B 523 2.14 -35.48 23.49
CA TYR B 523 1.60 -34.40 24.34
C TYR B 523 1.44 -33.12 23.52
N LYS B 524 2.48 -32.78 22.75
CA LYS B 524 2.44 -31.56 21.96
C LYS B 524 1.29 -31.58 20.98
N ALA B 525 1.04 -32.73 20.37
CA ALA B 525 -0.05 -32.81 19.40
C ALA B 525 -1.38 -32.49 20.06
N GLN B 526 -1.63 -33.08 21.22
CA GLN B 526 -2.83 -32.77 21.97
C GLN B 526 -2.88 -31.30 22.32
N HIS B 527 -1.79 -30.80 22.90
CA HIS B 527 -1.70 -29.41 23.33
C HIS B 527 -1.93 -28.45 22.16
N ILE B 528 -1.28 -28.70 21.03
CA ILE B 528 -1.40 -27.80 19.89
C ILE B 528 -2.79 -27.89 19.27
N ASN B 529 -3.40 -29.09 19.28
CA ASN B 529 -4.78 -29.22 18.80
C ASN B 529 -5.71 -28.30 19.59
N LEU B 530 -5.53 -28.21 20.92
CA LEU B 530 -6.37 -27.31 21.72
C LEU B 530 -6.10 -25.86 21.38
N LEU B 531 -4.83 -25.49 21.18
CA LEU B 531 -4.51 -24.12 20.80
C LEU B 531 -5.17 -23.75 19.48
N GLN B 532 -5.06 -24.65 18.50
CA GLN B 532 -5.61 -24.34 17.19
C GLN B 532 -7.09 -24.05 17.28
N LYS B 533 -7.82 -24.83 18.09
CA LYS B 533 -9.25 -24.63 18.22
C LYS B 533 -9.54 -23.38 19.06
N ALA B 534 -8.69 -23.09 20.05
CA ALA B 534 -8.86 -21.88 20.82
C ALA B 534 -8.67 -20.63 19.96
N PHE B 535 -7.67 -20.65 19.09
CA PHE B 535 -7.44 -19.48 18.25
C PHE B 535 -8.61 -19.28 17.29
N GLN B 536 -9.14 -20.37 16.77
CA GLN B 536 -10.29 -20.28 15.86
C GLN B 536 -11.51 -19.74 16.58
N GLN B 537 -11.78 -20.28 17.77
CA GLN B 537 -12.90 -19.80 18.56
C GLN B 537 -12.77 -18.30 18.81
N GLN B 538 -11.57 -17.85 19.17
CA GLN B 538 -11.40 -16.45 19.50
C GLN B 538 -11.59 -15.55 18.29
N HIS B 539 -11.14 -15.99 17.11
CA HIS B 539 -11.26 -15.13 15.94
C HIS B 539 -12.73 -14.94 15.59
N ILE B 540 -13.55 -16.00 15.77
CA ILE B 540 -15.00 -15.88 15.56
C ILE B 540 -15.60 -14.92 16.58
N VAL B 541 -15.19 -15.04 17.85
CA VAL B 541 -15.62 -14.08 18.85
C VAL B 541 -15.29 -12.65 18.42
N ASP B 542 -14.05 -12.43 17.96
CA ASP B 542 -13.65 -11.10 17.51
C ASP B 542 -14.55 -10.61 16.38
N ARG B 543 -14.97 -11.51 15.49
CA ARG B 543 -15.85 -11.14 14.39
C ARG B 543 -17.29 -10.91 14.82
N LEU B 544 -17.76 -11.57 15.89
CA LEU B 544 -19.16 -11.46 16.30
C LEU B 544 -19.41 -10.34 17.30
N ARG B 545 -18.49 -10.09 18.22
CA ARG B 545 -18.72 -9.07 19.23
C ARG B 545 -19.12 -7.70 18.68
N PRO B 546 -18.47 -7.15 17.64
CA PRO B 546 -18.89 -5.82 17.13
C PRO B 546 -20.35 -5.78 16.69
N GLN B 547 -20.96 -6.91 16.41
CA GLN B 547 -22.38 -6.93 16.02
C GLN B 547 -23.31 -6.86 17.22
N HIS B 548 -22.80 -7.04 18.44
CA HIS B 548 -23.64 -7.04 19.63
C HIS B 548 -23.27 -5.99 20.65
N PHE B 549 -22.03 -5.49 20.65
CA PHE B 549 -21.54 -4.66 21.73
C PHE B 549 -21.03 -3.32 21.21
N ALA B 550 -21.42 -2.25 21.89
CA ALA B 550 -20.88 -0.92 21.71
C ALA B 550 -20.60 -0.32 23.08
N ALA B 551 -19.84 0.77 23.07
CA ALA B 551 -19.46 1.46 24.30
C ALA B 551 -19.26 2.94 24.00
N PRO B 552 -20.37 3.66 23.84
CA PRO B 552 -20.26 5.07 23.42
C PRO B 552 -19.59 5.98 24.43
N LEU B 553 -19.75 5.73 25.73
CA LEU B 553 -19.08 6.56 26.73
C LEU B 553 -17.57 6.34 26.73
N SER B 554 -17.17 5.07 26.74
CA SER B 554 -15.75 4.74 26.65
C SER B 554 -15.11 5.31 25.38
N SER B 555 -15.88 5.34 24.28
CA SER B 555 -15.38 5.81 22.99
C SER B 555 -15.17 7.30 23.02
N VAL B 556 -16.14 8.04 23.55
CA VAL B 556 -16.00 9.49 23.56
C VAL B 556 -14.79 9.89 24.39
N LEU B 557 -14.40 9.05 25.35
CA LEU B 557 -13.26 9.35 26.17
C LEU B 557 -11.97 8.82 25.57
N HIS B 558 -12.01 8.34 24.33
CA HIS B 558 -10.88 7.66 23.71
C HIS B 558 -10.43 8.43 22.48
N ASN B 559 -9.19 8.93 22.53
CA ASN B 559 -8.65 9.74 21.43
C ASN B 559 -8.83 9.08 20.08
N LEU B 560 -8.52 7.77 19.98
CA LEU B 560 -8.54 7.13 18.67
C LEU B 560 -9.94 6.86 18.20
N CYS B 561 -10.88 6.56 19.10
CA CYS B 561 -12.27 6.44 18.69
C CYS B 561 -12.77 7.77 18.13
N MET B 562 -12.42 8.87 18.81
CA MET B 562 -12.91 10.17 18.39
C MET B 562 -12.22 10.60 17.08
N LYS B 563 -10.92 10.37 16.96
CA LYS B 563 -10.22 10.72 15.73
C LYS B 563 -10.76 9.93 14.53
N ASN B 564 -10.96 8.61 14.69
CA ASN B 564 -11.41 7.78 13.59
C ASN B 564 -12.91 7.71 13.45
N MET B 565 -13.64 8.26 14.42
CA MET B 565 -15.08 8.19 14.45
C MET B 565 -15.55 6.76 14.34
N GLN B 566 -15.06 5.94 15.28
CA GLN B 566 -15.41 4.53 15.41
C GLN B 566 -15.62 4.18 16.86
N ASP B 567 -16.60 3.32 17.10
CA ASP B 567 -16.83 2.76 18.42
C ASP B 567 -15.67 1.86 18.83
N LEU B 568 -15.38 1.90 20.13
CA LEU B 568 -14.25 1.13 20.69
C LEU B 568 -14.33 -0.36 20.38
N HIS B 569 -15.53 -0.92 20.29
CA HIS B 569 -15.62 -2.36 20.02
C HIS B 569 -15.59 -2.68 18.53
N SER B 570 -15.23 -1.70 17.70
CA SER B 570 -14.86 -1.97 16.33
C SER B 570 -13.65 -2.90 16.29
N GLU B 571 -13.57 -3.72 15.23
CA GLU B 571 -12.51 -4.71 15.14
C GLU B 571 -11.15 -4.05 14.99
N LYS B 572 -11.05 -3.02 14.14
CA LYS B 572 -9.78 -2.41 13.85
C LYS B 572 -9.96 -0.91 13.86
N ILE B 573 -9.15 -0.26 14.67
CA ILE B 573 -9.17 1.17 14.84
C ILE B 573 -7.75 1.66 14.59
N GLU B 574 -7.58 2.40 13.49
CA GLU B 574 -6.25 2.82 13.04
C GLU B 574 -5.52 3.58 14.14
N GLY B 575 -4.29 3.18 14.38
CA GLY B 575 -3.47 3.75 15.42
C GLY B 575 -3.51 2.95 16.72
N GLY B 576 -4.54 2.13 16.88
CA GLY B 576 -4.64 1.32 18.07
C GLY B 576 -3.60 0.23 18.13
N VAL B 577 -3.41 -0.31 19.33
CA VAL B 577 -2.69 -1.55 19.55
C VAL B 577 -3.67 -2.52 20.20
N ASP B 578 -3.76 -3.73 19.62
CA ASP B 578 -4.72 -4.75 20.05
C ASP B 578 -3.94 -5.84 20.77
N TYR B 579 -4.07 -5.85 22.09
CA TYR B 579 -3.45 -6.86 22.94
C TYR B 579 -4.48 -7.93 23.23
N SER B 580 -4.35 -9.09 22.60
CA SER B 580 -5.28 -10.16 22.93
C SER B 580 -4.54 -11.29 23.62
N TYR B 581 -5.34 -12.23 24.12
CA TYR B 581 -4.87 -13.23 25.06
C TYR B 581 -5.44 -14.60 24.71
N PHE B 582 -4.87 -15.62 25.35
CA PHE B 582 -5.47 -16.93 25.54
C PHE B 582 -4.91 -17.45 26.85
N GLU B 583 -5.75 -18.13 27.65
CA GLU B 583 -5.36 -18.48 28.99
C GLU B 583 -4.80 -19.89 29.07
N PHE B 584 -3.69 -20.02 29.78
CA PHE B 584 -3.07 -21.30 30.11
C PHE B 584 -3.44 -21.65 31.55
N LEU B 585 -4.35 -22.59 31.70
CA LEU B 585 -4.69 -23.12 33.02
C LEU B 585 -4.03 -24.48 33.22
N GLY B 586 -3.50 -24.69 34.43
CA GLY B 586 -2.93 -25.98 34.79
C GLY B 586 -1.47 -26.14 34.43
N TYR B 587 -0.74 -25.03 34.28
CA TYR B 587 0.67 -25.07 33.87
C TYR B 587 1.49 -26.02 34.72
N ALA B 588 1.56 -25.77 36.04
CA ALA B 588 2.36 -26.63 36.92
C ALA B 588 1.83 -28.06 36.97
N THR B 589 0.51 -28.24 36.88
CA THR B 589 -0.05 -29.60 36.83
C THR B 589 0.52 -30.38 35.64
N VAL B 590 0.54 -29.75 34.46
CA VAL B 590 1.06 -30.39 33.27
C VAL B 590 2.56 -30.63 33.40
N VAL B 591 3.29 -29.60 33.82
CA VAL B 591 4.73 -29.71 33.89
C VAL B 591 5.14 -30.82 34.84
N ASP B 592 4.58 -30.81 36.07
CA ASP B 592 4.93 -31.80 37.07
C ASP B 592 4.52 -33.19 36.62
N SER B 593 3.36 -33.31 35.96
CA SER B 593 2.95 -34.63 35.51
C SER B 593 3.92 -35.15 34.47
N LEU B 594 4.34 -34.30 33.54
CA LEU B 594 5.26 -34.72 32.49
C LEU B 594 6.63 -35.05 33.07
N ALA B 595 7.12 -34.22 33.99
CA ALA B 595 8.38 -34.49 34.66
C ALA B 595 8.34 -35.85 35.38
N ALA B 596 7.25 -36.11 36.12
CA ALA B 596 7.14 -37.36 36.85
C ALA B 596 7.22 -38.56 35.92
N ILE B 597 6.58 -38.48 34.76
CA ILE B 597 6.62 -39.60 33.82
C ILE B 597 7.99 -39.71 33.18
N LYS B 598 8.59 -38.57 32.82
CA LYS B 598 9.91 -38.60 32.20
C LYS B 598 10.93 -39.26 33.12
N LYS B 599 10.96 -38.80 34.37
CA LYS B 599 11.91 -39.31 35.35
C LYS B 599 11.68 -40.79 35.64
N LEU B 600 10.45 -41.14 36.05
CA LEU B 600 10.19 -42.43 36.70
C LEU B 600 9.83 -43.53 35.73
N VAL B 601 9.17 -43.21 34.63
CA VAL B 601 8.84 -44.20 33.64
C VAL B 601 9.95 -44.35 32.61
N PHE B 602 10.40 -43.26 32.00
CA PHE B 602 11.32 -43.40 30.87
C PHE B 602 12.78 -43.37 31.24
N GLU B 603 13.19 -42.58 32.23
CA GLU B 603 14.63 -42.48 32.49
C GLU B 603 15.10 -43.51 33.52
N GLU B 604 14.57 -43.45 34.74
CA GLU B 604 14.96 -44.42 35.77
C GLU B 604 14.23 -45.75 35.62
N LYS B 605 13.15 -45.80 34.85
CA LYS B 605 12.33 -47.00 34.70
C LYS B 605 11.98 -47.64 36.03
N ARG B 606 11.77 -46.82 37.05
CA ARG B 606 11.29 -47.31 38.32
C ARG B 606 9.82 -47.70 38.26
N LEU B 607 9.09 -47.23 37.24
CA LEU B 607 7.67 -47.54 37.06
C LEU B 607 7.38 -47.72 35.58
N THR B 608 6.41 -48.58 35.29
CA THR B 608 5.89 -48.73 33.94
C THR B 608 4.71 -47.79 33.74
N MET B 609 4.38 -47.52 32.47
CA MET B 609 3.24 -46.65 32.19
C MET B 609 1.98 -47.26 32.78
N ARG B 610 1.83 -48.58 32.63
CA ARG B 610 0.65 -49.29 33.14
C ARG B 610 0.44 -49.04 34.62
N GLU B 611 1.53 -49.08 35.42
CA GLU B 611 1.42 -48.90 36.86
C GLU B 611 0.94 -47.50 37.20
N VAL B 612 1.49 -46.48 36.52
CA VAL B 612 1.02 -45.11 36.76
C VAL B 612 -0.46 -44.99 36.43
N LEU B 613 -0.87 -45.58 35.30
CA LEU B 613 -2.27 -45.53 34.89
C LEU B 613 -3.17 -46.19 35.91
N ASP B 614 -2.81 -47.40 36.35
CA ASP B 614 -3.64 -48.10 37.33
C ASP B 614 -3.75 -47.29 38.62
N ALA B 615 -2.64 -46.72 39.09
CA ALA B 615 -2.67 -45.89 40.28
C ALA B 615 -3.61 -44.70 40.09
N MET B 616 -3.51 -44.02 38.95
CA MET B 616 -4.36 -42.87 38.67
C MET B 616 -5.82 -43.28 38.60
N ASN B 617 -6.10 -44.40 37.94
CA ASN B 617 -7.47 -44.88 37.82
C ASN B 617 -8.09 -45.19 39.18
N ALA B 618 -7.27 -45.57 40.16
CA ALA B 618 -7.72 -45.80 41.53
C ALA B 618 -7.75 -44.54 42.38
N ASN B 619 -7.48 -43.38 41.80
CA ASN B 619 -7.34 -42.18 42.61
C ASN B 619 -6.29 -42.40 43.68
N PHE B 620 -5.28 -43.20 43.34
CA PHE B 620 -4.15 -43.55 44.19
C PHE B 620 -4.53 -44.39 45.40
N VAL B 621 -5.81 -44.76 45.56
CA VAL B 621 -6.21 -45.62 46.65
C VAL B 621 -5.53 -46.98 46.48
N GLY B 622 -4.70 -47.33 47.46
CA GLY B 622 -3.96 -48.57 47.41
C GLY B 622 -2.68 -48.46 46.65
N TYR B 623 -2.28 -47.25 46.27
CA TYR B 623 -1.09 -47.01 45.47
C TYR B 623 -0.28 -45.86 46.05
N GLU B 624 -0.41 -45.65 47.35
CA GLU B 624 0.21 -44.54 48.05
C GLU B 624 1.72 -44.54 47.84
N PRO B 625 2.38 -45.70 47.72
CA PRO B 625 3.82 -45.62 47.46
C PRO B 625 4.13 -45.08 46.08
N ILE B 626 3.36 -45.49 45.08
CA ILE B 626 3.52 -44.89 43.75
C ILE B 626 3.20 -43.40 43.80
N GLN B 627 2.14 -43.02 44.54
CA GLN B 627 1.81 -41.61 44.62
C GLN B 627 2.95 -40.82 45.23
N GLU B 628 3.49 -41.30 46.36
CA GLU B 628 4.62 -40.62 46.99
C GLU B 628 5.78 -40.50 46.01
N MET B 629 6.00 -41.51 45.18
CA MET B 629 7.14 -41.46 44.29
C MET B 629 6.94 -40.44 43.17
N LEU B 630 5.72 -40.37 42.65
CA LEU B 630 5.40 -39.38 41.63
C LEU B 630 5.55 -37.97 42.19
N LYS B 631 5.08 -37.77 43.42
CA LYS B 631 5.14 -36.47 44.06
C LYS B 631 6.57 -36.04 44.35
N ASN B 632 7.49 -36.99 44.50
CA ASN B 632 8.86 -36.62 44.79
C ASN B 632 9.70 -36.44 43.54
N ALA B 633 9.18 -36.79 42.35
CA ALA B 633 9.84 -36.44 41.11
C ALA B 633 9.98 -34.91 41.03
N PRO B 634 10.89 -34.40 40.20
CA PRO B 634 11.13 -32.96 40.18
C PRO B 634 9.88 -32.16 39.81
N CYS B 635 9.68 -31.07 40.54
CA CYS B 635 8.50 -30.23 40.41
C CYS B 635 8.91 -28.80 40.09
N TYR B 636 8.08 -28.17 39.26
CA TYR B 636 8.16 -26.73 39.00
C TYR B 636 8.03 -25.93 40.27
N GLY B 637 8.78 -24.84 40.35
CA GLY B 637 8.69 -23.95 41.48
C GLY B 637 9.77 -24.18 42.52
N ASN B 638 10.73 -25.04 42.21
CA ASN B 638 11.89 -25.29 43.05
C ASN B 638 13.21 -24.91 42.38
N ASN B 639 13.17 -24.13 41.31
CA ASN B 639 14.38 -23.82 40.57
C ASN B 639 15.15 -25.09 40.24
N ASP B 640 14.41 -26.14 39.90
CA ASP B 640 15.00 -27.39 39.45
C ASP B 640 14.87 -27.45 37.93
N PRO B 641 15.97 -27.38 37.19
CA PRO B 641 15.88 -27.39 35.74
C PRO B 641 15.26 -28.64 35.15
N TYR B 642 15.26 -29.77 35.87
CA TYR B 642 14.67 -30.97 35.30
C TYR B 642 13.22 -30.72 34.91
N ALA B 643 12.51 -29.99 35.77
CA ALA B 643 11.12 -29.64 35.52
C ALA B 643 11.00 -28.29 34.84
N ASP B 644 11.82 -27.32 35.26
CA ASP B 644 11.63 -25.97 34.74
C ASP B 644 11.93 -25.91 33.25
N SER B 645 12.86 -26.72 32.76
CA SER B 645 13.11 -26.78 31.32
C SER B 645 11.90 -27.32 30.55
N ILE B 646 11.12 -28.21 31.17
CA ILE B 646 9.88 -28.64 30.54
C ILE B 646 8.90 -27.47 30.51
N ALA B 647 8.76 -26.77 31.62
CA ALA B 647 7.90 -25.60 31.67
C ALA B 647 8.30 -24.58 30.61
N LYS B 648 9.61 -24.42 30.39
CA LYS B 648 10.09 -23.42 29.44
C LYS B 648 9.75 -23.82 28.03
N ASP B 649 9.96 -25.10 27.70
CA ASP B 649 9.66 -25.53 26.34
C ASP B 649 8.16 -25.50 26.06
N VAL B 650 7.36 -25.88 27.04
CA VAL B 650 5.92 -25.80 26.87
C VAL B 650 5.51 -24.36 26.60
N ASP B 651 6.02 -23.41 27.39
CA ASP B 651 5.68 -22.01 27.16
C ASP B 651 6.20 -21.55 25.79
N ARG B 652 7.34 -22.05 25.37
CA ARG B 652 7.97 -21.66 24.11
C ARG B 652 7.17 -22.11 22.90
N PHE B 653 6.88 -23.42 22.81
CA PHE B 653 6.21 -23.88 21.60
C PHE B 653 4.75 -23.42 21.59
N THR B 654 4.20 -23.05 22.75
CA THR B 654 2.90 -22.36 22.78
C THR B 654 3.01 -21.00 22.10
N GLN B 655 4.06 -20.25 22.43
CA GLN B 655 4.25 -18.96 21.78
C GLN B 655 4.56 -19.10 20.29
N VAL B 656 5.20 -20.19 19.86
CA VAL B 656 5.44 -20.37 18.43
C VAL B 656 4.10 -20.40 17.69
N GLU B 657 3.13 -21.13 18.22
CA GLU B 657 1.80 -21.14 17.61
C GLU B 657 1.16 -19.77 17.68
N ALA B 658 1.34 -19.08 18.80
CA ALA B 658 0.72 -17.77 18.99
C ALA B 658 1.27 -16.74 18.01
N GLU B 659 2.54 -16.84 17.64
CA GLU B 659 3.10 -15.95 16.62
C GLU B 659 2.39 -16.13 15.30
N LYS B 660 2.07 -17.38 14.96
CA LYS B 660 1.38 -17.63 13.70
C LYS B 660 -0.04 -17.06 13.72
N SER B 661 -0.78 -17.27 14.83
CA SER B 661 -2.13 -16.73 14.98
C SER B 661 -2.12 -15.20 14.93
N SER B 662 -1.11 -14.58 15.56
CA SER B 662 -0.96 -13.12 15.48
C SER B 662 -0.83 -12.65 14.04
N ARG B 663 0.02 -13.31 13.24
CA ARG B 663 0.15 -12.94 11.83
C ARG B 663 -1.19 -13.09 11.10
N ASP B 664 -1.89 -14.21 11.32
CA ASP B 664 -3.12 -14.47 10.57
C ASP B 664 -4.27 -13.55 11.01
N ARG B 665 -4.28 -13.09 12.26
CA ARG B 665 -5.35 -12.24 12.77
C ARG B 665 -5.00 -10.76 12.80
N GLY B 666 -3.73 -10.40 12.64
CA GLY B 666 -3.38 -8.99 12.64
C GLY B 666 -3.44 -8.34 14.00
N ILE B 667 -3.35 -9.12 15.08
CA ILE B 667 -3.30 -8.61 16.45
C ILE B 667 -2.24 -9.38 17.23
N HIS B 668 -1.89 -8.87 18.41
CA HIS B 668 -1.02 -9.60 19.32
C HIS B 668 -1.81 -10.71 20.01
N VAL B 669 -1.39 -11.95 19.79
CA VAL B 669 -1.98 -13.12 20.44
C VAL B 669 -0.96 -13.66 21.43
N ASP B 670 -1.17 -13.37 22.71
CA ASP B 670 -0.17 -13.60 23.74
C ASP B 670 -0.67 -14.56 24.81
N VAL B 671 0.19 -15.50 25.18
CA VAL B 671 -0.15 -16.47 26.22
C VAL B 671 -0.19 -15.77 27.57
N ARG B 672 -1.20 -16.08 28.35
CA ARG B 672 -1.43 -15.45 29.64
C ARG B 672 -1.83 -16.50 30.66
N TYR B 673 -1.40 -16.29 31.90
CA TYR B 673 -1.65 -17.24 32.98
C TYR B 673 -2.39 -16.52 34.11
N VAL B 674 -3.59 -16.05 33.81
CA VAL B 674 -4.44 -15.36 34.76
C VAL B 674 -5.69 -16.21 34.99
N PRO B 675 -5.76 -16.95 36.10
CA PRO B 675 -6.76 -18.03 36.22
C PRO B 675 -8.16 -17.60 36.60
N ILE B 676 -8.35 -16.40 37.16
CA ILE B 676 -9.56 -16.05 37.91
C ILE B 676 -9.90 -17.30 38.75
N THR B 677 -11.15 -17.76 38.85
CA THR B 677 -11.40 -19.00 39.57
C THR B 677 -11.59 -20.19 38.64
N SER B 678 -11.13 -20.08 37.38
CA SER B 678 -11.38 -21.13 36.42
C SER B 678 -10.71 -22.48 36.79
N HIS B 679 -9.68 -22.47 37.64
CA HIS B 679 -8.97 -23.72 37.93
C HIS B 679 -9.82 -24.67 38.79
N VAL B 680 -10.87 -24.17 39.43
CA VAL B 680 -11.80 -25.00 40.20
C VAL B 680 -12.60 -25.80 39.19
N PRO B 681 -13.48 -25.19 38.37
CA PRO B 681 -14.25 -26.02 37.42
C PRO B 681 -13.38 -26.79 36.46
N PHE B 682 -12.24 -26.23 36.02
CA PHE B 682 -11.35 -26.99 35.13
C PHE B 682 -10.83 -28.23 35.85
N GLY B 683 -10.50 -28.10 37.14
CA GLY B 683 -10.05 -29.23 37.92
C GLY B 683 -11.12 -30.28 38.16
N LYS B 684 -12.40 -29.86 38.23
CA LYS B 684 -13.46 -30.83 38.48
C LYS B 684 -13.59 -31.86 37.38
N ILE B 685 -13.22 -31.53 36.14
CA ILE B 685 -13.44 -32.45 35.03
C ILE B 685 -12.20 -33.26 34.69
N ILE B 686 -11.16 -33.18 35.53
CA ILE B 686 -9.88 -33.81 35.27
C ILE B 686 -9.67 -34.89 36.33
N ALA B 687 -9.39 -36.12 35.90
CA ALA B 687 -9.17 -37.24 36.83
C ALA B 687 -7.82 -37.06 37.51
N ALA B 688 -7.42 -38.04 38.32
CA ALA B 688 -6.11 -37.99 38.95
C ALA B 688 -5.04 -37.85 37.87
N THR B 689 -3.97 -37.15 38.21
CA THR B 689 -2.93 -36.86 37.22
C THR B 689 -1.57 -37.37 37.68
N PRO B 690 -0.62 -37.58 36.76
CA PRO B 690 0.65 -38.24 37.14
C PRO B 690 1.51 -37.50 38.15
N ASN B 691 1.22 -36.25 38.46
CA ASN B 691 1.95 -35.57 39.52
C ASN B 691 1.44 -35.90 40.91
N GLY B 692 0.41 -36.73 41.03
CA GLY B 692 -0.10 -37.14 42.31
C GLY B 692 -1.33 -36.40 42.77
N ARG B 693 -1.75 -35.38 42.03
CA ARG B 693 -3.03 -34.72 42.27
C ARG B 693 -4.16 -35.73 42.06
N VAL B 694 -5.11 -35.71 42.99
CA VAL B 694 -6.28 -36.60 42.93
C VAL B 694 -7.36 -36.00 42.03
N ALA B 695 -8.30 -36.86 41.65
CA ALA B 695 -9.36 -36.52 40.70
C ALA B 695 -10.24 -35.37 41.18
N GLY B 696 -10.62 -34.48 40.25
CA GLY B 696 -11.53 -33.39 40.58
C GLY B 696 -10.92 -32.25 41.38
N PHE B 697 -9.69 -32.37 41.83
CA PHE B 697 -9.07 -31.32 42.64
C PHE B 697 -8.68 -30.12 41.76
N PRO B 698 -8.63 -28.92 42.32
CA PRO B 698 -8.28 -27.75 41.51
C PRO B 698 -6.95 -27.93 40.79
N LEU B 699 -6.90 -27.40 39.56
CA LEU B 699 -5.63 -27.35 38.85
C LEU B 699 -4.73 -26.30 39.47
N ALA B 700 -3.44 -26.44 39.25
CA ALA B 700 -2.52 -25.34 39.48
C ALA B 700 -2.98 -24.11 38.72
N ASP B 701 -2.94 -22.97 39.38
CA ASP B 701 -3.40 -21.72 38.79
C ASP B 701 -2.24 -20.79 38.47
N GLY B 702 -2.44 -19.95 37.47
CA GLY B 702 -1.43 -18.98 37.08
C GLY B 702 -0.12 -19.69 36.78
N SER B 703 0.97 -19.01 37.12
CA SER B 703 2.30 -19.62 37.03
C SER B 703 2.87 -19.93 38.41
N SER B 704 2.00 -20.04 39.41
CA SER B 704 2.42 -20.50 40.73
C SER B 704 2.79 -21.98 40.71
N ALA B 705 3.49 -22.38 41.76
CA ALA B 705 3.72 -23.79 41.99
C ALA B 705 2.42 -24.55 42.18
N SER B 706 2.39 -25.78 41.70
CA SER B 706 1.32 -26.66 42.09
C SER B 706 1.27 -26.79 43.60
N HIS B 707 0.07 -27.03 44.12
CA HIS B 707 -0.21 -27.05 45.56
C HIS B 707 0.82 -27.88 46.33
N GLY B 708 1.54 -27.22 47.23
CA GLY B 708 2.49 -27.93 48.09
C GLY B 708 3.71 -28.49 47.40
N ALA B 709 3.93 -28.23 46.11
CA ALA B 709 5.04 -28.83 45.40
C ALA B 709 6.33 -28.04 45.55
N ASP B 710 6.24 -26.82 46.04
CA ASP B 710 7.39 -25.93 46.16
C ASP B 710 7.93 -26.04 47.57
N HIS B 711 9.13 -26.61 47.70
CA HIS B 711 9.71 -26.91 49.00
C HIS B 711 11.08 -26.25 49.17
N ASN B 712 11.44 -25.27 48.32
CA ASN B 712 12.75 -24.62 48.35
C ASN B 712 12.70 -23.12 48.62
N GLY B 713 11.62 -22.61 49.20
CA GLY B 713 11.54 -21.22 49.56
C GLY B 713 11.06 -20.32 48.42
N PRO B 714 10.70 -19.09 48.75
CA PRO B 714 10.07 -18.22 47.75
C PRO B 714 10.99 -17.79 46.63
N THR B 715 12.27 -17.54 46.88
CA THR B 715 13.13 -17.10 45.79
C THR B 715 13.17 -18.17 44.70
N ALA B 716 13.23 -19.44 45.09
CA ALA B 716 13.23 -20.54 44.13
C ALA B 716 12.00 -20.48 43.23
N VAL B 717 10.86 -20.08 43.78
CA VAL B 717 9.64 -19.98 42.97
C VAL B 717 9.81 -18.88 41.93
N LEU B 718 10.38 -17.74 42.32
CA LEU B 718 10.63 -16.66 41.36
C LEU B 718 11.55 -17.11 40.26
N LEU B 719 12.57 -17.90 40.61
CA LEU B 719 13.57 -18.35 39.65
C LEU B 719 12.98 -19.37 38.70
N SER B 720 12.13 -20.25 39.20
CA SER B 720 11.45 -21.16 38.29
C SER B 720 10.63 -20.36 37.29
N ASN B 721 9.96 -19.30 37.75
CA ASN B 721 9.19 -18.46 36.85
C ASN B 721 10.12 -17.87 35.79
N TYR B 722 11.21 -17.26 36.23
CA TYR B 722 12.17 -16.64 35.32
C TYR B 722 12.68 -17.63 34.30
N HIS B 723 13.07 -18.82 34.74
CA HIS B 723 13.70 -19.77 33.84
C HIS B 723 12.71 -20.52 32.97
N SER B 724 11.41 -20.46 33.27
CA SER B 724 10.41 -21.13 32.43
C SER B 724 9.85 -20.19 31.37
N LYS B 725 10.25 -18.92 31.41
CA LYS B 725 9.78 -17.93 30.44
C LYS B 725 10.69 -17.96 29.20
N ASN B 726 10.32 -17.19 28.17
CA ASN B 726 11.08 -17.19 26.91
C ASN B 726 11.27 -15.73 26.48
N TYR B 727 12.31 -15.08 27.03
CA TYR B 727 12.46 -13.63 26.96
C TYR B 727 12.97 -13.18 25.60
N GLY B 728 13.41 -14.10 24.75
CA GLY B 728 13.73 -13.79 23.38
C GLY B 728 12.53 -13.85 22.44
N MET B 729 11.34 -14.04 22.99
CA MET B 729 10.06 -13.90 22.30
C MET B 729 9.26 -12.79 22.95
N ILE B 730 8.10 -12.45 22.36
CA ILE B 730 7.27 -11.39 22.91
C ILE B 730 5.82 -11.78 23.05
N ASN B 731 5.44 -13.02 22.72
CA ASN B 731 4.04 -13.42 22.70
C ASN B 731 3.58 -13.92 24.06
N ARG B 732 3.83 -13.07 25.04
CA ARG B 732 3.46 -13.32 26.42
C ARG B 732 2.81 -12.07 26.99
N ALA B 733 1.89 -12.29 27.93
CA ALA B 733 1.29 -11.24 28.74
C ALA B 733 1.45 -11.62 30.22
N SER B 734 0.46 -11.33 31.07
CA SER B 734 0.60 -11.56 32.50
C SER B 734 0.85 -13.03 32.86
N ARG B 735 1.63 -13.23 33.93
CA ARG B 735 1.61 -14.43 34.76
C ARG B 735 1.17 -14.06 36.18
N LEU B 736 0.11 -14.71 36.68
CA LEU B 736 -0.38 -14.52 38.04
C LEU B 736 0.52 -15.38 38.92
N LEU B 737 1.21 -14.77 39.88
CA LEU B 737 2.15 -15.47 40.75
C LEU B 737 1.85 -15.16 42.21
N ASN B 738 1.48 -16.19 42.98
CA ASN B 738 1.18 -16.07 44.40
C ASN B 738 2.18 -16.89 45.22
N ILE B 739 2.65 -16.30 46.33
CA ILE B 739 3.52 -16.97 47.28
C ILE B 739 3.00 -16.71 48.69
N LYS B 740 2.85 -17.76 49.48
CA LYS B 740 2.35 -17.64 50.83
C LYS B 740 3.52 -17.68 51.81
N LEU B 741 3.58 -16.69 52.69
CA LEU B 741 4.63 -16.57 53.70
C LEU B 741 4.03 -16.73 55.10
N SER B 742 4.76 -17.40 55.99
CA SER B 742 4.33 -17.47 57.39
C SER B 742 4.53 -16.11 58.05
N PRO B 743 3.57 -15.65 58.85
CA PRO B 743 3.74 -14.31 59.45
C PRO B 743 4.96 -14.20 60.36
N LYS B 744 5.38 -15.28 61.03
CA LYS B 744 6.61 -15.22 61.83
C LYS B 744 7.80 -14.79 60.97
N CYS B 745 7.86 -15.27 59.72
CA CYS B 745 8.98 -15.01 58.83
C CYS B 745 9.09 -13.55 58.40
N VAL B 746 8.01 -12.78 58.46
CA VAL B 746 7.99 -11.41 57.98
C VAL B 746 7.66 -10.42 59.10
N ALA B 747 7.72 -10.85 60.35
CA ALA B 747 7.35 -9.94 61.44
C ALA B 747 8.37 -8.83 61.61
N GLY B 748 7.89 -7.66 62.04
CA GLY B 748 8.72 -6.54 62.41
C GLY B 748 9.65 -5.99 61.32
N GLU B 749 10.52 -5.08 61.77
CA GLU B 749 11.43 -4.38 60.89
C GLU B 749 12.20 -5.34 60.00
N GLN B 750 12.86 -6.35 60.59
CA GLN B 750 13.62 -7.29 59.79
C GLN B 750 12.73 -7.97 58.74
N GLY B 751 11.48 -8.25 59.08
CA GLY B 751 10.58 -8.92 58.14
C GLY B 751 10.21 -8.01 56.99
N ALA B 752 10.05 -6.72 57.24
CA ALA B 752 9.72 -5.79 56.18
C ALA B 752 10.86 -5.65 55.19
N LYS B 753 12.10 -5.66 55.69
CA LYS B 753 13.26 -5.61 54.82
C LYS B 753 13.35 -6.87 53.97
N LYS B 754 12.91 -8.01 54.50
CA LYS B 754 12.89 -9.23 53.71
C LYS B 754 11.84 -9.14 52.59
N ILE B 755 10.68 -8.57 52.89
CA ILE B 755 9.67 -8.35 51.85
C ILE B 755 10.23 -7.43 50.77
N MET B 756 10.88 -6.34 51.20
CA MET B 756 11.49 -5.42 50.25
C MET B 756 12.47 -6.14 49.34
N SER B 757 13.28 -7.04 49.91
CA SER B 757 14.32 -7.69 49.12
C SER B 757 13.72 -8.66 48.11
N ILE B 758 12.67 -9.39 48.50
CA ILE B 758 11.99 -10.27 47.55
C ILE B 758 11.43 -9.47 46.38
N ILE B 759 10.86 -8.30 46.69
CA ILE B 759 10.26 -7.49 45.65
C ILE B 759 11.32 -7.01 44.67
N ARG B 760 12.49 -6.55 45.16
CA ARG B 760 13.56 -6.10 44.26
C ARG B 760 14.05 -7.23 43.36
N THR B 761 14.19 -8.44 43.91
CA THR B 761 14.59 -9.59 43.09
C THR B 761 13.56 -9.89 42.01
N TRP B 762 12.28 -9.87 42.37
CA TRP B 762 11.22 -10.16 41.42
C TRP B 762 11.22 -9.12 40.29
N CYS B 763 11.49 -7.87 40.63
CA CYS B 763 11.59 -6.81 39.64
C CYS B 763 12.75 -7.07 38.67
N ASP B 764 13.94 -7.34 39.21
CA ASP B 764 15.10 -7.61 38.36
C ASP B 764 14.88 -8.79 37.43
N LEU B 765 14.14 -9.79 37.89
CA LEU B 765 13.86 -10.95 37.06
C LEU B 765 12.80 -10.66 35.99
N LYS B 766 12.23 -9.46 35.96
CA LYS B 766 11.25 -9.09 34.92
C LYS B 766 10.00 -9.96 34.96
N LEU B 767 9.63 -10.39 36.16
CA LEU B 767 8.36 -11.07 36.37
C LEU B 767 7.23 -10.05 36.40
N TRP B 768 6.08 -10.42 35.85
CA TRP B 768 5.00 -9.46 35.61
C TRP B 768 4.31 -9.06 36.91
N HIS B 769 3.95 -10.04 37.73
CA HIS B 769 3.07 -9.83 38.85
C HIS B 769 3.57 -10.56 40.09
N LEU B 770 3.25 -10.00 41.25
CA LEU B 770 3.51 -10.69 42.51
C LEU B 770 2.43 -10.37 43.52
N GLN B 771 2.02 -11.40 44.23
CA GLN B 771 1.07 -11.27 45.33
C GLN B 771 1.57 -12.08 46.52
N PHE B 772 1.66 -11.44 47.67
CA PHE B 772 2.00 -12.12 48.92
C PHE B 772 0.74 -12.52 49.67
N ASN B 773 0.78 -13.70 50.25
CA ASN B 773 -0.23 -14.10 51.23
C ASN B 773 0.48 -14.36 52.55
N ILE B 774 0.15 -13.58 53.57
CA ILE B 774 0.79 -13.72 54.89
C ILE B 774 -0.27 -14.23 55.84
N VAL B 775 -0.25 -15.53 56.11
CA VAL B 775 -1.26 -16.16 56.94
C VAL B 775 -0.70 -17.49 57.42
N ASN B 776 -1.01 -17.79 58.69
CA ASN B 776 -0.62 -19.07 59.29
C ASN B 776 -1.68 -20.11 58.98
N ARG B 777 -1.21 -21.35 58.80
CA ARG B 777 -2.12 -22.47 58.57
C ARG B 777 -3.11 -22.66 59.73
N ASP B 778 -2.68 -22.41 60.97
CA ASP B 778 -3.59 -22.58 62.11
C ASP B 778 -4.71 -21.54 62.05
N THR B 779 -4.38 -20.30 61.73
CA THR B 779 -5.40 -19.27 61.57
C THR B 779 -6.46 -19.72 60.56
N LEU B 780 -6.04 -20.30 59.44
CA LEU B 780 -6.98 -20.66 58.39
C LEU B 780 -7.90 -21.78 58.84
N LEU B 781 -7.34 -22.86 59.41
CA LEU B 781 -8.18 -23.97 59.85
C LEU B 781 -9.03 -23.54 61.04
N ALA B 782 -8.47 -22.72 61.93
CA ALA B 782 -9.24 -22.20 63.06
C ALA B 782 -10.44 -21.40 62.57
N ALA B 783 -10.29 -20.63 61.48
CA ALA B 783 -11.40 -19.87 60.94
C ALA B 783 -12.45 -20.75 60.25
N GLN B 784 -12.08 -21.97 59.82
CA GLN B 784 -13.07 -22.90 59.29
C GLN B 784 -13.97 -23.45 60.39
N LYS B 785 -13.41 -23.67 61.59
CA LYS B 785 -14.18 -24.22 62.70
C LYS B 785 -15.05 -23.16 63.37
N ASP B 786 -14.50 -21.98 63.65
CA ASP B 786 -15.17 -20.93 64.43
C ASP B 786 -15.20 -19.63 63.64
N PRO B 787 -15.94 -19.60 62.51
CA PRO B 787 -15.99 -18.37 61.69
C PRO B 787 -16.22 -17.09 62.48
N ASN B 788 -17.15 -17.08 63.45
CA ASN B 788 -17.53 -15.83 64.10
C ASN B 788 -16.32 -15.12 64.72
N SER B 789 -15.29 -15.87 65.14
CA SER B 789 -14.11 -15.24 65.74
C SER B 789 -13.08 -14.76 64.71
N TYR B 790 -13.29 -14.99 63.40
CA TYR B 790 -12.33 -14.60 62.36
C TYR B 790 -13.01 -13.87 61.20
N ARG B 791 -14.10 -13.13 61.48
CA ARG B 791 -14.81 -12.43 60.41
C ARG B 791 -13.97 -11.33 59.78
N ASN B 792 -12.85 -10.94 60.41
CA ASN B 792 -11.94 -9.93 59.87
C ASN B 792 -10.82 -10.52 59.02
N LEU B 793 -10.87 -11.82 58.71
CA LEU B 793 -9.77 -12.49 58.01
C LEU B 793 -9.91 -12.21 56.51
N ILE B 794 -9.09 -11.30 56.00
CA ILE B 794 -9.03 -11.01 54.56
C ILE B 794 -7.83 -11.74 53.97
N VAL B 795 -8.08 -12.51 52.91
CA VAL B 795 -7.07 -13.28 52.21
C VAL B 795 -7.18 -13.00 50.72
N ARG B 796 -6.21 -13.53 49.98
CA ARG B 796 -6.18 -13.48 48.53
C ARG B 796 -6.48 -14.88 47.99
N VAL B 797 -7.46 -14.97 47.09
CA VAL B 797 -7.89 -16.25 46.50
C VAL B 797 -8.20 -15.98 45.05
N ALA B 798 -7.65 -16.83 44.16
CA ALA B 798 -7.83 -16.69 42.71
C ALA B 798 -7.47 -15.31 42.18
N GLY B 799 -6.82 -14.46 42.98
CA GLY B 799 -6.38 -13.15 42.55
C GLY B 799 -7.07 -12.00 43.24
N TYR B 800 -8.21 -12.24 43.88
CA TYR B 800 -9.00 -11.15 44.45
C TYR B 800 -9.03 -11.28 45.97
N SER B 801 -9.21 -10.14 46.62
CA SER B 801 -9.32 -10.08 48.08
C SER B 801 -10.71 -10.56 48.50
N ALA B 802 -10.75 -11.42 49.51
CA ALA B 802 -12.00 -11.92 50.03
C ALA B 802 -11.88 -12.11 51.54
N TYR B 803 -13.01 -12.00 52.22
CA TYR B 803 -13.11 -12.51 53.57
C TYR B 803 -13.04 -14.02 53.51
N PHE B 804 -12.01 -14.60 54.12
CA PHE B 804 -11.84 -16.04 54.13
C PHE B 804 -13.14 -16.74 54.55
N CYS B 805 -13.82 -16.19 55.57
CA CYS B 805 -15.00 -16.83 56.11
C CYS B 805 -16.22 -16.76 55.20
N ASP B 806 -16.20 -15.91 54.17
CA ASP B 806 -17.24 -15.93 53.16
C ASP B 806 -16.93 -16.86 51.99
N MET B 807 -15.73 -17.46 51.96
CA MET B 807 -15.33 -18.23 50.79
C MET B 807 -15.95 -19.62 50.85
N SER B 808 -16.13 -20.21 49.66
CA SER B 808 -16.59 -21.58 49.57
C SER B 808 -15.48 -22.55 49.99
N PRO B 809 -15.85 -23.74 50.47
CA PRO B 809 -14.84 -24.77 50.75
C PRO B 809 -13.87 -25.01 49.60
N ASP B 810 -14.34 -25.03 48.35
CA ASP B 810 -13.43 -25.23 47.22
C ASP B 810 -12.24 -24.27 47.28
N LEU B 811 -12.52 -23.00 47.56
CA LEU B 811 -11.50 -21.95 47.52
C LEU B 811 -10.73 -21.86 48.83
N GLN B 812 -11.40 -22.08 49.97
CA GLN B 812 -10.69 -22.16 51.24
C GLN B 812 -9.56 -23.18 51.15
N ASN B 813 -9.89 -24.38 50.70
CA ASN B 813 -8.90 -25.44 50.60
C ASN B 813 -7.86 -25.10 49.55
N ASP B 814 -8.27 -24.37 48.50
CA ASP B 814 -7.29 -23.90 47.52
C ASP B 814 -6.18 -23.12 48.20
N ILE B 815 -6.53 -22.16 49.07
CA ILE B 815 -5.55 -21.36 49.78
C ILE B 815 -4.83 -22.18 50.85
N ILE B 816 -5.57 -23.00 51.62
CA ILE B 816 -4.97 -23.78 52.69
C ILE B 816 -3.89 -24.70 52.14
N ASP B 817 -4.17 -25.37 51.03
CA ASP B 817 -3.25 -26.38 50.53
C ASP B 817 -2.04 -25.78 49.80
N ARG B 818 -1.87 -24.46 49.78
CA ARG B 818 -0.64 -23.91 49.26
C ARG B 818 0.47 -24.02 50.31
N THR B 819 1.71 -24.11 49.84
CA THR B 819 2.86 -24.10 50.74
C THR B 819 2.92 -22.79 51.53
N GLU B 820 3.14 -22.92 52.83
CA GLU B 820 3.43 -21.77 53.68
C GLU B 820 4.94 -21.73 53.86
N HIS B 821 5.60 -20.81 53.16
CA HIS B 821 7.04 -20.64 53.30
C HIS B 821 7.34 -20.01 54.66
N ALA B 822 8.20 -20.66 55.44
CA ALA B 822 8.50 -20.19 56.78
C ALA B 822 9.85 -19.49 56.86
N ASP B 823 10.87 -20.07 56.25
CA ASP B 823 12.21 -19.48 56.23
C ASP B 823 12.30 -18.26 55.31
N LEU B 824 11.19 -17.83 54.72
CA LEU B 824 11.15 -16.63 53.87
C LEU B 824 12.42 -16.47 53.04
N ASN C 21 55.05 -9.67 35.38
CA ASN C 21 54.63 -9.10 34.10
C ASN C 21 54.84 -10.14 32.98
N ARG C 22 56.09 -10.31 32.52
CA ARG C 22 56.34 -11.01 31.26
C ARG C 22 56.50 -12.51 31.39
N GLN C 23 56.42 -13.04 32.60
CA GLN C 23 56.47 -14.49 32.77
C GLN C 23 55.41 -15.14 31.90
N GLY C 24 55.82 -16.16 31.14
CA GLY C 24 54.92 -16.95 30.32
C GLY C 24 54.51 -16.32 28.99
N ARG C 25 54.82 -15.05 28.77
CA ARG C 25 54.39 -14.35 27.57
C ARG C 25 55.57 -13.90 26.71
N GLU C 26 56.52 -14.81 26.48
CA GLU C 26 57.69 -14.45 25.68
C GLU C 26 57.29 -14.06 24.27
N ARG C 27 56.39 -14.85 23.65
CA ARG C 27 56.04 -14.68 22.25
C ARG C 27 55.43 -13.31 21.98
N VAL C 28 54.35 -12.98 22.70
CA VAL C 28 53.67 -11.71 22.46
C VAL C 28 54.59 -10.53 22.76
N TYR C 29 55.45 -10.67 23.78
CA TYR C 29 56.34 -9.57 24.13
C TYR C 29 57.50 -9.43 23.14
N LYS C 30 58.00 -10.53 22.58
CA LYS C 30 58.95 -10.42 21.48
C LYS C 30 58.33 -9.58 20.36
N ILE C 31 57.14 -9.97 19.91
CA ILE C 31 56.43 -9.24 18.86
C ILE C 31 56.19 -7.81 19.28
N LEU C 32 55.68 -7.59 20.48
CA LEU C 32 55.25 -6.25 20.84
C LEU C 32 56.44 -5.30 21.01
N ASP C 33 57.55 -5.81 21.58
CA ASP C 33 58.71 -4.96 21.80
C ASP C 33 59.28 -4.42 20.49
N ARG C 34 59.22 -5.21 19.42
CA ARG C 34 59.80 -4.78 18.16
C ARG C 34 59.12 -3.56 17.58
N ILE C 35 57.89 -3.26 17.99
CA ILE C 35 57.10 -2.24 17.33
C ILE C 35 56.66 -1.13 18.27
N GLN C 36 56.62 -1.36 19.59
CA GLN C 36 56.08 -0.37 20.51
C GLN C 36 56.75 0.98 20.30
N PHE C 37 55.91 2.02 20.18
CA PHE C 37 56.37 3.40 20.03
C PHE C 37 57.41 3.50 18.89
N THR C 38 57.02 2.96 17.74
CA THR C 38 57.68 3.12 16.47
C THR C 38 56.76 3.94 15.57
N VAL C 39 57.30 4.53 14.50
CA VAL C 39 56.46 5.40 13.68
C VAL C 39 55.82 4.56 12.59
N PRO C 40 54.49 4.61 12.46
CA PRO C 40 53.82 3.73 11.48
C PRO C 40 54.10 4.17 10.05
N HIS C 41 54.21 3.17 9.17
CA HIS C 41 54.37 3.39 7.74
C HIS C 41 53.02 3.42 7.01
N VAL C 42 52.96 4.26 5.99
CA VAL C 42 51.95 4.17 4.94
C VAL C 42 52.26 2.99 4.02
N ASP C 43 51.36 2.01 3.98
CA ASP C 43 51.44 0.93 3.02
C ASP C 43 50.40 1.18 1.94
N ILE C 44 50.76 0.88 0.69
CA ILE C 44 49.95 1.28 -0.45
C ILE C 44 49.34 0.12 -1.21
N GLU C 45 49.67 -1.13 -0.87
CA GLU C 45 49.32 -2.22 -1.76
C GLU C 45 47.80 -2.39 -1.89
N ARG C 46 47.06 -2.24 -0.79
CA ARG C 46 45.60 -2.39 -0.90
C ARG C 46 45.05 -1.36 -1.87
N ALA C 47 45.42 -0.09 -1.66
CA ALA C 47 44.99 0.97 -2.56
C ALA C 47 45.43 0.69 -4.00
N ARG C 48 46.67 0.26 -4.18
CA ARG C 48 47.16 0.06 -5.53
C ARG C 48 46.35 -1.01 -6.27
N TYR C 49 46.16 -2.18 -5.67
CA TYR C 49 45.50 -3.23 -6.41
C TYR C 49 43.98 -3.06 -6.41
N PHE C 50 43.44 -2.30 -5.45
CA PHE C 50 42.04 -1.88 -5.54
C PHE C 50 41.83 -0.93 -6.72
N THR C 51 42.67 0.10 -6.84
CA THR C 51 42.56 1.05 -7.94
C THR C 51 42.74 0.37 -9.28
N GLU C 52 43.70 -0.55 -9.35
CA GLU C 52 44.00 -1.24 -10.59
C GLU C 52 42.78 -1.95 -11.13
N SER C 53 41.96 -2.48 -10.28
CA SER C 53 40.80 -3.13 -10.79
C SER C 53 39.62 -2.22 -10.97
N MET C 54 39.42 -1.27 -10.09
CA MET C 54 38.26 -0.40 -10.24
C MET C 54 38.35 0.40 -11.54
N ARG C 55 39.58 0.72 -11.95
CA ARG C 55 39.83 1.42 -13.19
C ARG C 55 39.24 0.70 -14.39
N GLN C 56 39.10 -0.63 -14.33
CA GLN C 56 38.70 -1.42 -15.48
C GLN C 56 37.23 -1.83 -15.48
N THR C 57 36.48 -1.53 -14.44
CA THR C 57 35.12 -2.06 -14.29
C THR C 57 34.09 -0.96 -14.17
N GLU C 58 34.47 0.28 -14.48
CA GLU C 58 33.55 1.41 -14.35
C GLU C 58 32.24 1.16 -15.08
N GLY C 59 31.16 1.51 -14.41
CA GLY C 59 29.86 1.41 -14.95
C GLY C 59 29.09 0.23 -14.40
N GLU C 60 29.80 -0.79 -13.92
CA GLU C 60 29.16 -1.98 -13.37
C GLU C 60 28.60 -1.67 -11.97
N LEU C 61 27.67 -2.53 -11.53
CA LEU C 61 27.20 -2.52 -10.13
C LEU C 61 28.37 -2.35 -9.18
N LEU C 62 28.27 -1.37 -8.28
CA LEU C 62 29.41 -1.02 -7.46
C LEU C 62 29.93 -2.21 -6.64
N THR C 63 29.05 -3.01 -6.03
CA THR C 63 29.54 -4.07 -5.17
C THR C 63 30.13 -5.22 -5.98
N LEU C 64 29.67 -5.39 -7.22
CA LEU C 64 30.38 -6.29 -8.13
C LEU C 64 31.76 -5.74 -8.48
N ARG C 65 31.86 -4.47 -8.83
CA ARG C 65 33.21 -3.93 -9.05
C ARG C 65 34.05 -4.15 -7.80
N TRP C 66 33.46 -3.88 -6.63
CA TRP C 66 34.21 -3.93 -5.40
C TRP C 66 34.74 -5.33 -5.15
N ALA C 67 33.96 -6.34 -5.48
CA ALA C 67 34.37 -7.71 -5.22
C ALA C 67 35.47 -8.14 -6.18
N LYS C 68 35.37 -7.75 -7.45
CA LYS C 68 36.46 -7.97 -8.39
C LYS C 68 37.73 -7.32 -7.87
N ALA C 69 37.63 -6.13 -7.30
CA ALA C 69 38.83 -5.43 -6.87
C ALA C 69 39.44 -6.11 -5.66
N LEU C 70 38.60 -6.59 -4.74
CA LEU C 70 39.10 -7.32 -3.57
C LEU C 70 39.74 -8.63 -3.99
N LYS C 71 39.18 -9.29 -5.01
CA LYS C 71 39.84 -10.47 -5.55
C LYS C 71 41.21 -10.12 -6.15
N ASN C 72 41.32 -8.96 -6.79
CA ASN C 72 42.61 -8.53 -7.32
C ASN C 72 43.58 -8.27 -6.18
N VAL C 73 43.10 -7.68 -5.08
CA VAL C 73 43.97 -7.47 -3.93
C VAL C 73 44.40 -8.81 -3.35
N ALA C 74 43.49 -9.78 -3.30
CA ALA C 74 43.81 -11.06 -2.71
C ALA C 74 44.84 -11.83 -3.54
N GLU C 75 44.82 -11.63 -4.86
CA GLU C 75 45.68 -12.39 -5.75
C GLU C 75 47.09 -11.81 -5.84
N LYS C 76 47.24 -10.49 -5.62
CA LYS C 76 48.42 -9.73 -5.98
C LYS C 76 49.12 -9.08 -4.81
N MET C 77 48.39 -8.73 -3.77
CA MET C 77 49.01 -8.14 -2.60
C MET C 77 50.01 -9.11 -1.97
N THR C 78 51.04 -8.54 -1.32
CA THR C 78 51.96 -9.34 -0.51
C THR C 78 51.22 -9.99 0.67
N VAL C 79 51.38 -11.33 0.82
CA VAL C 79 50.89 -11.99 2.03
C VAL C 79 52.05 -12.13 3.02
N TYR C 80 51.70 -12.10 4.29
CA TYR C 80 52.67 -12.06 5.37
C TYR C 80 52.30 -13.01 6.50
N ILE C 81 53.33 -13.47 7.20
CA ILE C 81 53.20 -14.03 8.54
C ILE C 81 54.13 -13.25 9.44
N THR C 82 53.58 -12.41 10.29
CA THR C 82 54.41 -11.66 11.22
C THR C 82 55.40 -12.61 11.91
N PRO C 83 56.67 -12.23 12.05
CA PRO C 83 57.65 -13.16 12.64
C PRO C 83 57.27 -13.52 14.06
N ASP C 84 57.20 -14.83 14.32
CA ASP C 84 56.85 -15.41 15.61
C ASP C 84 55.34 -15.45 15.88
N GLN C 85 54.48 -15.00 14.97
CA GLN C 85 53.06 -15.06 15.22
C GLN C 85 52.55 -16.50 15.16
N LEU C 86 51.51 -16.79 15.94
CA LEU C 86 50.67 -17.95 15.69
C LEU C 86 49.56 -17.72 14.68
N LEU C 87 49.27 -16.44 14.36
CA LEU C 87 48.25 -16.05 13.38
C LEU C 87 48.87 -15.66 12.03
N ALA C 88 48.30 -16.17 10.94
CA ALA C 88 48.70 -15.78 9.61
C ALA C 88 47.89 -14.58 9.10
N GLY C 89 48.60 -13.57 8.60
CA GLY C 89 47.92 -12.52 7.85
C GLY C 89 48.11 -11.12 8.38
N ARG C 90 48.48 -10.24 7.47
CA ARG C 90 48.47 -8.80 7.66
C ARG C 90 47.82 -8.20 6.43
N VAL C 91 47.55 -6.90 6.47
CA VAL C 91 47.17 -6.19 5.27
C VAL C 91 48.18 -5.09 4.92
N GLY C 92 49.41 -5.22 5.41
CA GLY C 92 50.48 -4.27 5.15
C GLY C 92 51.80 -4.79 5.69
N GLN C 93 52.83 -3.96 5.51
CA GLN C 93 54.24 -4.32 5.76
C GLN C 93 54.54 -4.44 7.26
N LEU C 94 55.67 -5.09 7.56
CA LEU C 94 56.06 -5.29 8.94
C LEU C 94 56.26 -3.96 9.64
N GLY C 95 56.22 -4.01 10.97
CA GLY C 95 56.16 -2.81 11.77
C GLY C 95 54.74 -2.36 11.97
N ARG C 96 54.63 -1.15 12.52
CA ARG C 96 53.36 -0.46 12.59
C ARG C 96 53.03 0.17 11.24
N TYR C 97 51.77 0.05 10.81
CA TYR C 97 51.41 0.54 9.48
C TYR C 97 49.95 0.96 9.42
N GLY C 98 49.65 1.77 8.40
CA GLY C 98 48.30 2.03 7.97
C GLY C 98 48.15 1.77 6.48
N ILE C 99 46.90 1.68 6.01
CA ILE C 99 46.62 1.50 4.59
C ILE C 99 45.68 2.61 4.11
N LEU C 100 45.44 2.63 2.81
CA LEU C 100 44.84 3.78 2.12
C LEU C 100 43.52 3.45 1.42
N TYR C 101 42.61 4.40 1.46
CA TYR C 101 41.28 4.26 0.86
C TYR C 101 41.05 5.51 0.00
N PRO C 102 41.70 5.56 -1.17
CA PRO C 102 41.56 6.73 -2.05
C PRO C 102 40.14 6.99 -2.50
N GLU C 103 39.27 5.99 -2.43
CA GLU C 103 37.88 6.21 -2.80
C GLU C 103 37.22 7.23 -1.90
N ILE C 104 37.73 7.46 -0.69
CA ILE C 104 37.12 8.43 0.22
C ILE C 104 37.63 9.84 -0.05
N ASP C 105 38.96 9.98 -0.07
CA ASP C 105 39.60 11.26 0.18
C ASP C 105 40.92 11.40 -0.60
N GLY C 106 41.02 10.75 -1.77
CA GLY C 106 42.22 10.80 -2.58
C GLY C 106 42.59 12.20 -3.01
N ASP C 107 41.62 13.12 -3.04
CA ASP C 107 41.89 14.51 -3.39
C ASP C 107 42.67 15.25 -2.31
N PHE C 108 42.91 14.62 -1.17
CA PHE C 108 43.78 15.18 -0.15
C PHE C 108 45.24 14.82 -0.35
N TYR C 109 45.54 13.75 -1.10
CA TYR C 109 46.88 13.19 -1.09
C TYR C 109 47.94 14.23 -1.50
N ILE C 110 47.64 15.06 -2.51
CA ILE C 110 48.62 16.05 -2.98
C ILE C 110 49.01 16.97 -1.83
N GLU C 111 48.04 17.43 -1.03
CA GLU C 111 48.30 18.41 0.00
C GLU C 111 48.86 17.81 1.30
N VAL C 112 48.59 16.54 1.59
CA VAL C 112 48.78 15.99 2.92
C VAL C 112 49.98 15.06 3.00
N MET C 113 50.24 14.28 1.94
CA MET C 113 51.33 13.32 1.99
C MET C 113 52.67 14.01 2.23
N LYS C 114 52.86 15.21 1.65
CA LYS C 114 54.09 15.96 1.87
C LYS C 114 54.38 16.13 3.36
N ASP C 115 53.40 16.61 4.14
CA ASP C 115 53.59 17.01 5.52
C ASP C 115 53.38 15.86 6.54
N LEU C 116 53.23 14.61 6.08
CA LEU C 116 52.83 13.53 6.99
C LEU C 116 53.86 13.19 8.05
N PRO C 117 55.15 13.02 7.73
CA PRO C 117 56.11 12.62 8.78
C PRO C 117 56.32 13.66 9.84
N ASN C 118 55.91 14.89 9.58
CA ASN C 118 56.09 15.97 10.54
C ASN C 118 54.75 16.47 11.07
N ARG C 119 53.68 15.74 10.78
CA ARG C 119 52.36 16.10 11.28
C ARG C 119 52.38 16.10 12.81
N GLU C 120 51.96 17.23 13.40
CA GLU C 120 51.93 17.34 14.85
C GLU C 120 51.13 16.20 15.46
N LYS C 121 49.96 15.92 14.89
CA LYS C 121 49.04 14.90 15.39
C LYS C 121 49.13 13.67 14.49
N SER C 122 49.59 12.54 15.07
CA SER C 122 49.54 11.22 14.42
C SER C 122 50.45 11.15 13.20
N PRO C 123 51.76 11.29 13.38
CA PRO C 123 52.67 11.28 12.24
C PRO C 123 52.79 9.90 11.62
N PHE C 124 53.09 9.91 10.32
CA PHE C 124 53.27 8.70 9.52
C PHE C 124 54.48 8.92 8.60
N GLN C 125 55.20 7.83 8.33
CA GLN C 125 56.31 7.84 7.40
C GLN C 125 55.91 7.07 6.15
N ILE C 126 56.50 7.45 5.01
CA ILE C 126 56.21 6.77 3.75
C ILE C 126 57.48 6.66 2.94
N ASP C 127 57.77 5.44 2.49
CA ASP C 127 58.92 5.22 1.63
C ASP C 127 58.78 6.08 0.36
N PRO C 128 59.82 6.80 -0.07
CA PRO C 128 59.67 7.66 -1.27
C PRO C 128 59.31 6.90 -2.54
N ALA C 129 59.64 5.62 -2.64
CA ALA C 129 59.25 4.84 -3.82
C ALA C 129 57.77 4.50 -3.80
N ALA C 130 57.23 4.22 -2.63
CA ALA C 130 55.80 4.06 -2.52
C ALA C 130 55.09 5.39 -2.76
N ALA C 131 55.65 6.48 -2.26
CA ALA C 131 55.01 7.78 -2.47
C ALA C 131 54.95 8.14 -3.95
N ALA C 132 55.91 7.67 -4.74
CA ALA C 132 55.89 8.01 -6.17
C ALA C 132 54.82 7.22 -6.90
N ILE C 133 54.72 5.92 -6.63
CA ILE C 133 53.63 5.12 -7.18
C ILE C 133 52.28 5.69 -6.74
N LEU C 134 52.16 6.00 -5.46
CA LEU C 134 50.94 6.63 -4.96
C LEU C 134 50.57 7.85 -5.80
N MET C 135 51.50 8.80 -5.97
CA MET C 135 51.15 10.09 -6.56
C MET C 135 51.16 10.08 -8.07
N GLU C 136 51.68 9.02 -8.71
CA GLU C 136 51.75 8.96 -10.16
C GLU C 136 50.84 7.90 -10.75
N GLU C 137 50.62 6.80 -10.07
CA GLU C 137 49.76 5.73 -10.56
C GLU C 137 48.39 5.70 -9.88
N ILE C 138 48.31 5.96 -8.58
CA ILE C 138 47.08 5.79 -7.85
C ILE C 138 46.27 7.08 -7.80
N ALA C 139 46.80 8.09 -7.14
CA ALA C 139 46.06 9.33 -6.93
C ALA C 139 45.48 9.92 -8.21
N PRO C 140 46.12 9.83 -9.38
CA PRO C 140 45.52 10.45 -10.55
C PRO C 140 44.28 9.74 -11.05
N TYR C 141 44.15 8.43 -10.83
CA TYR C 141 42.90 7.79 -11.24
C TYR C 141 41.70 8.42 -10.52
N TRP C 142 41.88 8.84 -9.26
CA TRP C 142 40.77 9.20 -8.39
C TRP C 142 40.40 10.67 -8.49
N GLU C 143 41.14 11.43 -9.29
CA GLU C 143 40.80 12.81 -9.56
C GLU C 143 39.39 12.92 -10.15
N GLY C 144 38.57 13.74 -9.51
CA GLY C 144 37.21 13.89 -9.93
C GLY C 144 36.33 12.70 -9.61
N LYS C 145 36.82 11.75 -8.83
CA LYS C 145 36.06 10.54 -8.57
C LYS C 145 35.81 10.26 -7.10
N THR C 146 36.37 11.03 -6.18
CA THR C 146 36.35 10.65 -4.77
C THR C 146 35.01 11.02 -4.16
N TYR C 147 34.68 10.37 -3.05
CA TYR C 147 33.49 10.78 -2.31
C TYR C 147 33.60 12.23 -1.90
N HIS C 148 34.74 12.61 -1.31
CA HIS C 148 34.89 13.97 -0.79
C HIS C 148 34.64 15.02 -1.87
N GLU C 149 35.23 14.83 -3.06
CA GLU C 149 35.02 15.76 -4.15
C GLU C 149 33.54 15.89 -4.49
N HIS C 150 32.83 14.76 -4.52
CA HIS C 150 31.42 14.78 -4.85
C HIS C 150 30.63 15.57 -3.81
N LEU C 151 30.78 15.23 -2.54
CA LEU C 151 30.09 15.95 -1.48
C LEU C 151 30.34 17.44 -1.58
N ASN C 152 31.62 17.82 -1.66
CA ASN C 152 31.95 19.24 -1.69
C ASN C 152 31.31 19.91 -2.88
N LYS C 153 31.33 19.24 -4.02
CA LYS C 153 30.79 19.85 -5.23
C LYS C 153 29.31 20.18 -5.10
N VAL C 154 28.51 19.27 -4.56
CA VAL C 154 27.06 19.40 -4.66
C VAL C 154 26.42 20.03 -3.46
N LEU C 155 27.15 20.25 -2.39
CA LEU C 155 26.53 20.77 -1.19
C LEU C 155 25.82 22.10 -1.47
N PRO C 156 24.54 22.24 -1.13
CA PRO C 156 23.86 23.52 -1.35
C PRO C 156 24.59 24.65 -0.68
N ALA C 157 24.49 25.83 -1.30
CA ALA C 157 25.16 27.01 -0.78
C ALA C 157 24.70 27.32 0.64
N GLU C 158 23.41 27.14 0.90
CA GLU C 158 22.85 27.47 2.21
C GLU C 158 23.51 26.68 3.33
N ILE C 159 24.23 25.61 2.99
CA ILE C 159 24.79 24.68 3.96
C ILE C 159 26.32 24.68 3.96
N ARG C 160 26.97 25.21 2.91
CA ARG C 160 28.44 25.23 2.87
C ARG C 160 29.04 26.03 4.02
N GLY C 161 28.45 27.18 4.32
CA GLY C 161 28.87 28.04 5.41
C GLY C 161 29.29 27.32 6.69
N VAL C 162 28.45 26.38 7.17
CA VAL C 162 28.73 25.72 8.44
C VAL C 162 29.54 24.45 8.28
N THR C 163 29.73 23.99 7.04
CA THR C 163 30.42 22.73 6.78
C THR C 163 31.91 22.91 6.48
N TYR C 164 32.21 23.79 5.54
CA TYR C 164 33.55 23.91 4.95
C TYR C 164 34.00 25.37 4.99
N HIS C 165 35.26 25.56 5.32
CA HIS C 165 35.85 26.89 5.30
C HIS C 165 36.28 27.31 3.89
N ASP C 166 36.80 26.37 3.11
CA ASP C 166 37.36 26.66 1.79
C ASP C 166 36.47 26.14 0.67
N GLU C 167 36.69 26.68 -0.53
CA GLU C 167 35.88 26.32 -1.69
C GLU C 167 36.07 24.86 -2.06
N ARG C 168 37.22 24.29 -1.76
CA ARG C 168 37.53 22.91 -2.07
C ARG C 168 37.18 21.95 -0.93
N GLY C 169 36.64 22.46 0.17
CA GLY C 169 36.17 21.59 1.25
C GLY C 169 37.24 20.77 1.93
N LEU C 170 38.50 21.22 1.88
CA LEU C 170 39.56 20.53 2.59
C LEU C 170 39.66 20.94 4.06
N LYS C 171 38.99 22.01 4.46
CA LYS C 171 39.00 22.47 5.83
C LYS C 171 37.59 22.53 6.38
N SER C 172 37.36 21.81 7.47
CA SER C 172 36.06 21.91 8.15
C SER C 172 35.95 23.27 8.80
N LYS C 173 34.75 23.82 8.77
CA LYS C 173 34.44 24.97 9.62
C LYS C 173 34.44 24.61 11.09
N PHE C 174 34.40 23.33 11.43
CA PHE C 174 34.19 22.88 12.80
C PHE C 174 32.97 23.53 13.46
N VAL C 175 31.93 23.80 12.66
CA VAL C 175 30.64 24.19 13.19
C VAL C 175 29.68 23.00 13.06
N VAL C 176 29.27 22.69 11.82
CA VAL C 176 28.49 21.47 11.51
C VAL C 176 29.35 20.64 10.58
N SER C 177 30.09 19.70 11.15
CA SER C 177 31.13 18.99 10.42
C SER C 177 30.59 17.67 9.86
N GLU C 178 30.67 17.50 8.54
CA GLU C 178 30.50 16.16 8.00
C GLU C 178 31.69 15.30 8.38
N THR C 179 31.42 14.00 8.51
CA THR C 179 32.39 13.03 8.98
C THR C 179 32.50 11.86 8.03
N SER C 180 31.87 11.95 6.86
CA SER C 180 31.85 10.85 5.90
C SER C 180 32.99 10.94 4.87
N SER C 181 33.72 12.06 4.81
CA SER C 181 34.88 12.19 3.92
C SER C 181 36.19 11.78 4.57
N TYR C 182 36.16 11.05 5.67
CA TYR C 182 37.41 10.52 6.21
C TYR C 182 37.29 9.07 6.63
N ARG C 183 36.19 8.42 6.30
CA ARG C 183 35.94 7.02 6.62
C ARG C 183 34.97 6.50 5.57
N SER C 184 35.03 5.19 5.33
CA SER C 184 34.11 4.58 4.38
C SER C 184 32.70 4.52 4.95
N ALA C 185 32.58 4.40 6.25
CA ALA C 185 31.33 3.97 6.86
C ALA C 185 31.42 4.13 8.37
N LEU C 186 30.29 3.95 9.03
CA LEU C 186 30.27 3.84 10.48
C LEU C 186 31.01 2.59 10.90
N GLN C 187 31.13 2.42 12.22
CA GLN C 187 31.59 1.15 12.77
C GLN C 187 30.73 -0.02 12.28
N TRP C 188 31.26 -1.23 12.43
CA TRP C 188 30.57 -2.39 11.91
C TRP C 188 31.05 -3.63 12.64
N VAL C 189 30.11 -4.54 12.86
CA VAL C 189 30.42 -5.88 13.39
C VAL C 189 29.92 -6.90 12.38
N PRO C 190 30.81 -7.55 11.62
CA PRO C 190 30.36 -8.65 10.76
C PRO C 190 30.02 -9.89 11.57
N ASP C 191 29.18 -10.73 10.97
CA ASP C 191 28.77 -12.01 11.56
C ASP C 191 29.89 -13.05 11.44
N TYR C 192 30.90 -12.92 12.31
CA TYR C 192 32.03 -13.85 12.34
C TYR C 192 31.57 -15.28 12.59
N GLU C 193 30.62 -15.46 13.50
CA GLU C 193 30.15 -16.80 13.82
C GLU C 193 29.67 -17.53 12.57
N LYS C 194 29.01 -16.82 11.66
CA LYS C 194 28.52 -17.45 10.44
C LYS C 194 29.67 -17.93 9.58
N ALA C 195 30.73 -17.12 9.47
CA ALA C 195 31.89 -17.52 8.68
C ALA C 195 32.53 -18.78 9.26
N MET C 196 32.71 -18.84 10.58
CA MET C 196 33.40 -19.99 11.13
C MET C 196 32.51 -21.21 11.17
N LYS C 197 31.18 -21.03 11.27
CA LYS C 197 30.28 -22.19 11.30
C LYS C 197 30.06 -22.81 9.93
N ARG C 198 30.13 -22.03 8.86
CA ARG C 198 29.76 -22.52 7.53
C ARG C 198 30.92 -22.59 6.56
N GLY C 199 31.89 -21.71 6.68
CA GLY C 199 32.90 -21.56 5.66
C GLY C 199 32.34 -20.87 4.45
N PHE C 200 33.25 -20.27 3.66
CA PHE C 200 32.86 -19.49 2.51
C PHE C 200 32.55 -20.36 1.29
N ILE C 201 32.95 -21.64 1.28
CA ILE C 201 32.44 -22.53 0.23
C ILE C 201 30.94 -22.69 0.38
N ASP C 202 30.48 -22.95 1.59
CA ASP C 202 29.06 -23.14 1.77
C ASP C 202 28.28 -21.82 1.58
N ILE C 203 28.86 -20.69 1.98
CA ILE C 203 28.24 -19.41 1.72
C ILE C 203 28.20 -19.13 0.23
N GLN C 204 29.32 -19.34 -0.45
CA GLN C 204 29.33 -19.25 -1.90
C GLN C 204 28.31 -20.18 -2.53
N ASN C 205 28.14 -21.36 -1.97
CA ASN C 205 27.18 -22.28 -2.54
C ASN C 205 25.75 -21.74 -2.40
N GLU C 206 25.45 -21.04 -1.30
CA GLU C 206 24.14 -20.41 -1.15
C GLU C 206 23.91 -19.36 -2.23
N ALA C 207 24.93 -18.56 -2.51
CA ALA C 207 24.81 -17.57 -3.58
C ALA C 207 24.58 -18.26 -4.92
N LYS C 208 25.30 -19.35 -5.18
CA LYS C 208 25.14 -20.09 -6.44
C LYS C 208 23.74 -20.65 -6.55
N ALA C 209 23.19 -21.11 -5.43
CA ALA C 209 21.85 -21.69 -5.44
C ALA C 209 20.78 -20.61 -5.64
N LYS C 210 20.95 -19.45 -5.00
CA LYS C 210 20.10 -18.32 -5.30
C LYS C 210 20.21 -17.94 -6.77
N LEU C 211 21.43 -17.98 -7.34
CA LEU C 211 21.60 -17.63 -8.74
C LEU C 211 20.87 -18.63 -9.62
N ALA C 212 21.04 -19.92 -9.34
CA ALA C 212 20.31 -20.94 -10.09
C ALA C 212 18.80 -20.78 -9.94
N GLY C 213 18.35 -20.23 -8.81
CA GLY C 213 16.92 -20.03 -8.62
C GLY C 213 16.30 -18.82 -9.31
N LEU C 214 17.11 -17.94 -9.88
CA LEU C 214 16.59 -16.82 -10.65
C LEU C 214 15.93 -17.32 -11.92
N ASP C 215 15.01 -16.53 -12.45
CA ASP C 215 14.44 -16.82 -13.75
C ASP C 215 15.15 -15.94 -14.77
N LEU C 216 16.21 -16.48 -15.35
CA LEU C 216 17.00 -15.76 -16.33
C LEU C 216 16.38 -15.79 -17.73
N THR C 217 15.10 -16.17 -17.87
CA THR C 217 14.36 -15.90 -19.08
C THR C 217 13.46 -14.69 -18.95
N ASN C 218 13.26 -14.17 -17.74
CA ASN C 218 12.36 -13.04 -17.57
C ASN C 218 13.07 -11.71 -17.83
N SER C 219 12.32 -10.61 -17.84
CA SER C 219 12.90 -9.34 -18.31
C SER C 219 13.87 -8.72 -17.32
N VAL C 220 13.92 -9.18 -16.05
CA VAL C 220 14.47 -8.36 -14.98
C VAL C 220 15.55 -9.06 -14.15
N ASP C 221 15.38 -10.34 -13.82
CA ASP C 221 16.31 -10.94 -12.86
C ASP C 221 17.80 -10.83 -13.30
N ILE C 222 18.07 -11.09 -14.58
CA ILE C 222 19.44 -11.05 -15.08
C ILE C 222 20.12 -9.72 -14.79
N TRP C 223 19.37 -8.63 -14.61
CA TRP C 223 19.96 -7.36 -14.28
C TRP C 223 19.79 -6.96 -12.82
N GLU C 224 18.61 -7.17 -12.24
CA GLU C 224 18.32 -6.70 -10.89
C GLU C 224 19.02 -7.55 -9.84
N LYS C 225 19.17 -8.84 -10.09
CA LYS C 225 19.58 -9.79 -9.06
C LYS C 225 20.90 -10.49 -9.38
N LYS C 226 21.08 -10.99 -10.60
CA LYS C 226 22.26 -11.80 -10.90
C LYS C 226 23.58 -11.07 -10.66
N PRO C 227 23.73 -9.78 -10.95
CA PRO C 227 25.04 -9.15 -10.70
C PRO C 227 25.42 -9.12 -9.23
N PHE C 228 24.46 -8.94 -8.34
CA PHE C 228 24.78 -8.96 -6.92
C PHE C 228 25.30 -10.33 -6.52
N LEU C 229 24.65 -11.38 -7.02
CA LEU C 229 25.04 -12.71 -6.61
C LEU C 229 26.38 -13.10 -7.22
N GLU C 230 26.67 -12.63 -8.44
CA GLU C 230 28.01 -12.76 -9.01
C GLU C 230 29.04 -12.07 -8.13
N ALA C 231 28.73 -10.86 -7.66
CA ALA C 231 29.61 -10.19 -6.71
C ALA C 231 29.87 -11.05 -5.48
N MET C 232 28.81 -11.65 -4.91
CA MET C 232 28.97 -12.47 -3.72
C MET C 232 29.85 -13.70 -4.00
N ILE C 233 29.64 -14.34 -5.15
CA ILE C 233 30.46 -15.49 -5.51
C ILE C 233 31.92 -15.08 -5.62
N ILE C 234 32.17 -13.94 -6.23
CA ILE C 234 33.53 -13.43 -6.39
C ILE C 234 34.16 -13.10 -5.03
N VAL C 235 33.43 -12.44 -4.13
CA VAL C 235 34.10 -12.05 -2.89
C VAL C 235 34.39 -13.28 -2.02
N CYS C 236 33.58 -14.32 -2.14
CA CYS C 236 33.91 -15.55 -1.45
C CYS C 236 35.22 -16.11 -2.00
N ASP C 237 35.35 -16.14 -3.33
CA ASP C 237 36.61 -16.57 -3.95
C ASP C 237 37.76 -15.69 -3.46
N ALA C 238 37.53 -14.38 -3.37
CA ALA C 238 38.61 -13.48 -3.02
C ALA C 238 39.20 -13.83 -1.65
N ILE C 239 38.35 -14.05 -0.64
CA ILE C 239 38.90 -14.27 0.69
C ILE C 239 39.51 -15.68 0.76
N MET C 240 38.89 -16.66 0.08
CA MET C 240 39.46 -18.01 0.05
C MET C 240 40.80 -18.06 -0.70
N ILE C 241 40.96 -17.26 -1.75
CA ILE C 241 42.26 -17.16 -2.43
C ILE C 241 43.27 -16.59 -1.48
N TRP C 242 42.89 -15.52 -0.80
CA TRP C 242 43.83 -14.84 0.07
C TRP C 242 44.34 -15.78 1.15
N ALA C 243 43.45 -16.61 1.69
CA ALA C 243 43.82 -17.52 2.77
C ALA C 243 44.74 -18.63 2.26
N LYS C 244 44.39 -19.25 1.13
CA LYS C 244 45.21 -20.31 0.57
C LYS C 244 46.63 -19.82 0.29
N ARG C 245 46.81 -18.52 0.01
CA ARG C 245 48.14 -17.98 -0.19
C ARG C 245 48.94 -17.95 1.11
N HIS C 246 48.26 -17.89 2.24
CA HIS C 246 48.95 -17.93 3.52
C HIS C 246 49.40 -19.34 3.86
N ALA C 247 48.69 -20.36 3.38
CA ALA C 247 49.12 -21.73 3.63
C ALA C 247 50.44 -22.03 2.93
N GLN C 248 50.54 -21.71 1.63
CA GLN C 248 51.80 -21.92 0.93
C GLN C 248 52.91 -21.13 1.59
N LEU C 249 52.64 -19.90 2.01
CA LEU C 249 53.68 -19.11 2.65
C LEU C 249 54.13 -19.73 3.95
N ALA C 250 53.21 -20.33 4.71
CA ALA C 250 53.62 -20.99 5.94
C ALA C 250 54.44 -22.22 5.64
N ARG C 251 54.03 -23.01 4.63
CA ARG C 251 54.84 -24.16 4.20
C ARG C 251 56.24 -23.72 3.76
N ASP C 252 56.34 -22.58 3.06
CA ASP C 252 57.64 -22.12 2.59
C ASP C 252 58.47 -21.58 3.74
N THR C 253 57.85 -20.86 4.66
CA THR C 253 58.60 -20.38 5.82
C THR C 253 59.04 -21.53 6.72
N ALA C 254 58.27 -22.62 6.75
CA ALA C 254 58.66 -23.80 7.52
C ALA C 254 59.91 -24.43 6.91
N ALA C 255 59.82 -24.76 5.62
CA ALA C 255 60.95 -25.29 4.86
C ALA C 255 62.23 -24.53 5.17
N ALA C 256 62.13 -23.21 5.30
CA ALA C 256 63.28 -22.37 5.57
C ALA C 256 63.50 -22.10 7.05
N THR C 257 63.00 -22.95 7.93
CA THR C 257 63.12 -22.72 9.36
C THR C 257 63.75 -23.94 10.01
N SER C 258 64.84 -23.71 10.73
CA SER C 258 65.59 -24.77 11.40
C SER C 258 65.04 -25.05 12.79
N ASP C 259 64.83 -23.99 13.61
CA ASP C 259 64.18 -24.17 14.91
C ASP C 259 63.00 -25.11 14.70
N PRO C 260 63.05 -26.34 15.22
CA PRO C 260 62.08 -27.34 14.79
C PRO C 260 60.73 -27.21 15.47
N VAL C 261 60.64 -26.47 16.58
CA VAL C 261 59.35 -26.21 17.17
C VAL C 261 58.59 -25.18 16.34
N ARG C 262 59.27 -24.08 15.97
N ARG C 262 59.26 -24.08 15.96
CA ARG C 262 58.65 -23.11 15.09
CA ARG C 262 58.63 -23.10 15.08
C ARG C 262 58.28 -23.73 13.75
C ARG C 262 58.27 -23.73 13.75
N LYS C 263 59.15 -24.56 13.19
CA LYS C 263 58.85 -25.18 11.91
C LYS C 263 57.56 -25.98 11.99
N GLN C 264 57.30 -26.61 13.14
CA GLN C 264 56.06 -27.36 13.30
C GLN C 264 54.86 -26.44 13.58
N GLU C 265 55.10 -25.31 14.26
CA GLU C 265 54.07 -24.29 14.41
C GLU C 265 53.58 -23.84 13.05
N LEU C 266 54.53 -23.48 12.16
CA LEU C 266 54.20 -23.01 10.83
C LEU C 266 53.51 -24.06 10.00
N LEU C 267 53.83 -25.34 10.24
CA LEU C 267 53.16 -26.39 9.49
C LEU C 267 51.75 -26.61 9.98
N ARG C 268 51.51 -26.42 11.29
CA ARG C 268 50.15 -26.45 11.81
C ARG C 268 49.37 -25.26 11.27
N MET C 269 50.01 -24.11 11.24
CA MET C 269 49.44 -22.92 10.64
C MET C 269 49.03 -23.18 9.19
N ALA C 270 49.90 -23.84 8.42
CA ALA C 270 49.57 -24.14 7.03
C ALA C 270 48.34 -25.02 6.94
N ASP C 271 48.25 -26.04 7.78
CA ASP C 271 47.05 -26.88 7.75
C ASP C 271 45.81 -26.08 8.12
N ILE C 272 45.95 -25.19 9.11
CA ILE C 272 44.85 -24.34 9.53
C ILE C 272 44.35 -23.51 8.35
N CYS C 273 45.26 -22.82 7.67
CA CYS C 273 44.86 -21.95 6.58
C CYS C 273 44.38 -22.70 5.34
N GLU C 274 44.75 -23.97 5.18
CA GLU C 274 44.15 -24.76 4.11
C GLU C 274 42.67 -25.02 4.36
N HIS C 275 42.26 -25.03 5.62
CA HIS C 275 40.90 -25.42 5.97
C HIS C 275 39.95 -24.24 6.13
N VAL C 276 40.32 -23.25 6.96
CA VAL C 276 39.47 -22.07 7.16
C VAL C 276 40.01 -20.91 6.35
N PRO C 277 39.17 -19.98 5.87
CA PRO C 277 37.73 -19.90 6.13
C PRO C 277 36.92 -20.55 5.03
N ALA C 278 37.55 -21.40 4.21
CA ALA C 278 36.79 -22.04 3.13
C ALA C 278 35.81 -23.06 3.68
N TYR C 279 36.18 -23.73 4.77
CA TYR C 279 35.45 -24.80 5.42
C TYR C 279 35.18 -24.42 6.88
N PRO C 280 34.17 -25.03 7.49
CA PRO C 280 33.90 -24.80 8.91
C PRO C 280 35.10 -25.07 9.82
N ALA C 281 35.31 -24.17 10.76
CA ALA C 281 36.33 -24.36 11.77
C ALA C 281 36.07 -25.65 12.53
N ARG C 282 37.15 -26.38 12.81
CA ARG C 282 37.04 -27.67 13.50
C ARG C 282 37.44 -27.58 14.96
N ASN C 283 37.97 -26.45 15.42
CA ASN C 283 38.49 -26.31 16.76
C ASN C 283 38.71 -24.81 17.01
N PHE C 284 39.17 -24.50 18.21
CA PHE C 284 39.29 -23.13 18.65
C PHE C 284 40.38 -22.40 17.89
N ARG C 285 41.43 -23.11 17.51
CA ARG C 285 42.53 -22.51 16.75
C ARG C 285 42.07 -22.10 15.35
N GLU C 286 41.32 -22.97 14.69
CA GLU C 286 40.80 -22.69 13.36
C GLU C 286 39.77 -21.58 13.41
N ALA C 287 38.97 -21.56 14.48
CA ALA C 287 37.92 -20.55 14.64
C ALA C 287 38.53 -19.16 14.83
N VAL C 288 39.65 -19.10 15.54
CA VAL C 288 40.28 -17.80 15.76
C VAL C 288 40.95 -17.33 14.47
N GLN C 289 41.58 -18.23 13.74
CA GLN C 289 42.22 -17.81 12.49
C GLN C 289 41.18 -17.43 11.44
N CYS C 290 40.02 -18.09 11.45
CA CYS C 290 38.91 -17.67 10.60
C CYS C 290 38.48 -16.25 10.97
N GLN C 291 38.19 -16.02 12.25
CA GLN C 291 37.84 -14.68 12.69
C GLN C 291 38.85 -13.68 12.18
N TRP C 292 40.12 -14.04 12.28
CA TRP C 292 41.23 -13.15 11.94
C TRP C 292 41.22 -12.81 10.46
N PHE C 293 41.12 -13.83 9.61
CA PHE C 293 40.99 -13.60 8.17
C PHE C 293 39.82 -12.65 7.86
N VAL C 294 38.66 -12.86 8.48
CA VAL C 294 37.52 -12.01 8.20
C VAL C 294 37.78 -10.58 8.68
N GLN C 295 38.32 -10.40 9.87
CA GLN C 295 38.48 -9.01 10.27
C GLN C 295 39.59 -8.34 9.48
N MET C 296 40.56 -9.10 9.00
CA MET C 296 41.62 -8.46 8.23
C MET C 296 41.17 -8.20 6.79
N PHE C 297 40.41 -9.12 6.19
CA PHE C 297 39.87 -8.83 4.86
C PHE C 297 38.86 -7.70 4.91
N SER C 298 38.18 -7.52 6.06
CA SER C 298 37.29 -6.36 6.20
C SER C 298 38.06 -5.07 6.07
N ARG C 299 39.25 -5.00 6.69
CA ARG C 299 40.14 -3.86 6.51
C ARG C 299 40.50 -3.66 5.05
N ILE C 300 40.73 -4.75 4.31
CA ILE C 300 40.97 -4.61 2.90
C ILE C 300 39.71 -4.06 2.19
N GLU C 301 38.53 -4.48 2.63
CA GLU C 301 37.27 -4.05 2.00
C GLU C 301 37.07 -2.55 2.10
N GLN C 302 37.24 -1.98 3.29
CA GLN C 302 36.82 -0.60 3.50
C GLN C 302 37.36 -0.14 4.83
N LYS C 303 37.14 1.15 5.12
CA LYS C 303 37.53 1.79 6.37
C LYS C 303 36.26 1.99 7.23
N ALA C 304 35.83 0.91 7.86
CA ALA C 304 34.76 1.04 8.86
C ALA C 304 35.23 1.85 10.07
N SER C 305 34.45 2.85 10.46
CA SER C 305 34.89 3.76 11.50
C SER C 305 35.40 2.99 12.72
N ALA C 306 36.48 3.49 13.31
CA ALA C 306 37.13 3.01 14.55
C ALA C 306 37.97 1.77 14.32
N ILE C 307 37.98 1.24 13.10
CA ILE C 307 38.57 -0.04 12.70
C ILE C 307 37.60 -1.14 13.11
N ILE C 308 37.42 -2.10 12.21
CA ILE C 308 36.39 -3.12 12.30
C ILE C 308 36.35 -3.69 13.71
N SER C 309 35.14 -3.81 14.28
CA SER C 309 34.96 -4.32 15.61
C SER C 309 34.82 -5.84 15.57
N ASN C 310 34.92 -6.49 16.73
CA ASN C 310 35.16 -7.94 16.76
C ASN C 310 34.01 -8.79 17.30
N GLY C 311 32.95 -8.20 17.79
CA GLY C 311 31.80 -9.02 18.15
C GLY C 311 31.94 -9.67 19.52
N ARG C 312 30.96 -10.51 19.83
CA ARG C 312 30.86 -11.21 21.11
C ARG C 312 31.76 -12.45 21.10
N MET C 313 33.07 -12.21 21.26
CA MET C 313 34.04 -13.30 21.09
C MET C 313 33.86 -14.38 22.13
N ASP C 314 33.49 -14.01 23.37
CA ASP C 314 33.27 -15.03 24.39
C ASP C 314 32.09 -15.93 24.07
N GLN C 315 31.14 -15.45 23.27
CA GLN C 315 29.99 -16.29 22.88
C GLN C 315 30.33 -17.15 21.68
N TYR C 316 30.78 -16.57 20.57
CA TYR C 316 30.88 -17.43 19.39
C TYR C 316 32.11 -18.35 19.41
N LEU C 317 33.13 -18.05 20.21
CA LEU C 317 34.27 -18.96 20.34
C LEU C 317 34.09 -20.01 21.43
N TYR C 318 33.14 -19.80 22.34
CA TYR C 318 33.02 -20.69 23.49
C TYR C 318 32.79 -22.15 23.10
N PRO C 319 31.92 -22.48 22.14
CA PRO C 319 31.73 -23.92 21.82
C PRO C 319 33.01 -24.60 21.39
N TYR C 320 33.84 -23.88 20.61
CA TYR C 320 35.15 -24.41 20.22
C TYR C 320 36.06 -24.53 21.42
N TYR C 321 36.05 -23.52 22.28
CA TYR C 321 36.92 -23.50 23.43
C TYR C 321 36.58 -24.65 24.39
N LYS C 322 35.29 -24.82 24.67
CA LYS C 322 34.88 -25.81 25.65
C LYS C 322 35.14 -27.21 25.15
N LYS C 323 34.92 -27.45 23.86
CA LYS C 323 35.15 -28.78 23.34
C LYS C 323 36.62 -29.14 23.42
N ASP C 324 37.51 -28.18 23.11
CA ASP C 324 38.93 -28.45 23.06
C ASP C 324 39.51 -28.67 24.46
N ILE C 325 39.11 -27.85 25.42
CA ILE C 325 39.55 -28.05 26.81
C ILE C 325 39.16 -29.44 27.29
N GLU C 326 37.88 -29.81 27.09
CA GLU C 326 37.37 -31.10 27.56
C GLU C 326 38.07 -32.27 26.89
N GLU C 327 38.48 -32.11 25.64
CA GLU C 327 39.24 -33.15 24.97
C GLU C 327 40.75 -33.01 25.17
N GLY C 328 41.19 -32.05 25.97
CA GLY C 328 42.61 -31.92 26.26
C GLY C 328 43.50 -31.50 25.12
N THR C 329 42.93 -31.00 24.03
CA THR C 329 43.70 -30.44 22.92
C THR C 329 44.03 -28.96 23.11
N LEU C 330 43.61 -28.37 24.22
CA LEU C 330 43.78 -26.94 24.44
C LEU C 330 43.73 -26.68 25.94
N THR C 331 44.51 -25.73 26.41
CA THR C 331 44.43 -25.29 27.78
C THR C 331 44.04 -23.82 27.80
N SER C 332 43.61 -23.36 28.97
CA SER C 332 43.26 -21.95 29.07
C SER C 332 44.46 -21.04 28.81
N GLU C 333 45.67 -21.50 29.16
CA GLU C 333 46.85 -20.68 28.92
C GLU C 333 47.13 -20.56 27.44
N GLU C 334 46.96 -21.66 26.72
CA GLU C 334 47.12 -21.63 25.26
C GLU C 334 46.06 -20.73 24.61
N ALA C 335 44.83 -20.75 25.11
CA ALA C 335 43.80 -19.90 24.53
C ALA C 335 44.11 -18.44 24.78
N LYS C 336 44.58 -18.09 25.97
CA LYS C 336 45.00 -16.72 26.25
C LYS C 336 46.16 -16.29 25.37
N GLU C 337 47.08 -17.20 25.07
CA GLU C 337 48.20 -16.84 24.22
C GLU C 337 47.70 -16.43 22.84
N LEU C 338 46.86 -17.27 22.23
CA LEU C 338 46.36 -17.02 20.89
C LEU C 338 45.60 -15.70 20.82
N LEU C 339 44.71 -15.46 21.80
CA LEU C 339 44.01 -14.18 21.84
C LEU C 339 45.00 -13.04 21.93
N GLU C 340 46.00 -13.15 22.81
CA GLU C 340 46.96 -12.07 22.96
C GLU C 340 47.81 -11.91 21.70
N CYS C 341 48.05 -12.98 20.94
CA CYS C 341 48.65 -12.80 19.61
C CYS C 341 47.78 -11.90 18.74
N MET C 342 46.46 -12.13 18.77
CA MET C 342 45.55 -11.27 18.01
C MET C 342 45.78 -9.81 18.37
N TRP C 343 45.85 -9.51 19.68
CA TRP C 343 45.94 -8.11 20.10
C TRP C 343 47.24 -7.47 19.64
N VAL C 344 48.34 -8.23 19.62
CA VAL C 344 49.61 -7.60 19.29
C VAL C 344 49.68 -7.31 17.80
N ASP C 345 49.03 -8.12 16.97
CA ASP C 345 49.01 -7.77 15.55
C ASP C 345 47.96 -6.72 15.23
N MET C 346 46.80 -6.72 15.92
CA MET C 346 45.92 -5.57 15.83
C MET C 346 46.62 -4.29 16.25
N ALA C 347 47.53 -4.40 17.24
CA ALA C 347 48.26 -3.21 17.68
C ALA C 347 49.20 -2.66 16.61
N GLN C 348 49.52 -3.44 15.58
CA GLN C 348 50.36 -2.94 14.49
C GLN C 348 49.57 -2.32 13.34
N PHE C 349 48.23 -2.46 13.33
CA PHE C 349 47.40 -1.82 12.31
C PHE C 349 46.84 -0.52 12.89
N ILE C 350 47.33 0.60 12.38
CA ILE C 350 47.01 1.91 12.91
C ILE C 350 46.17 2.66 11.90
N ASP C 351 45.20 3.42 12.41
CA ASP C 351 44.20 4.08 11.56
C ASP C 351 44.85 5.30 10.93
N LEU C 352 44.98 5.26 9.62
CA LEU C 352 45.60 6.34 8.87
C LEU C 352 44.51 7.28 8.36
N TYR C 353 44.42 8.45 8.97
CA TYR C 353 43.50 9.49 8.57
C TYR C 353 44.27 10.51 7.76
N ILE C 354 43.88 10.72 6.51
CA ILE C 354 44.53 11.71 5.66
C ILE C 354 43.79 13.04 5.72
N ASN C 355 42.47 13.00 5.59
CA ASN C 355 41.62 14.15 5.83
C ASN C 355 41.92 14.75 7.21
N PRO C 356 42.32 16.02 7.28
CA PRO C 356 42.62 16.60 8.61
C PRO C 356 41.46 16.50 9.57
N THR C 357 40.22 16.60 9.07
CA THR C 357 39.06 16.53 9.96
C THR C 357 39.04 15.19 10.68
N GLY C 358 39.30 14.11 9.95
CA GLY C 358 39.38 12.80 10.56
C GLY C 358 40.54 12.71 11.52
N ASN C 359 41.68 13.25 11.13
CA ASN C 359 42.85 13.17 11.99
C ASN C 359 42.59 13.90 13.30
N GLU C 360 41.97 15.08 13.23
CA GLU C 360 41.70 15.86 14.44
C GLU C 360 40.51 15.34 15.22
N PHE C 361 39.62 14.54 14.60
CA PHE C 361 38.52 13.90 15.34
C PHE C 361 38.96 12.56 15.92
N GLN C 362 40.12 12.05 15.49
CA GLN C 362 40.69 10.82 16.02
C GLN C 362 42.19 11.04 16.30
N GLU C 363 42.48 12.04 17.14
CA GLU C 363 43.85 12.41 17.50
C GLU C 363 44.60 11.24 18.11
N GLY C 364 45.88 11.13 17.78
CA GLY C 364 46.70 10.09 18.38
C GLY C 364 46.40 8.67 17.95
N TYR C 365 46.06 8.45 16.67
CA TYR C 365 45.74 7.11 16.18
C TYR C 365 44.58 6.47 16.93
N ALA C 366 43.63 7.31 17.37
CA ALA C 366 42.44 6.84 18.08
C ALA C 366 41.82 5.64 17.38
N HIS C 367 41.34 4.68 18.17
CA HIS C 367 40.84 3.41 17.65
C HIS C 367 39.96 2.72 18.68
N TRP C 368 38.99 1.90 18.22
CA TRP C 368 38.09 1.22 19.14
C TRP C 368 37.55 -0.07 18.52
N GLU C 369 38.45 -1.05 18.39
CA GLU C 369 38.13 -2.37 17.87
C GLU C 369 37.45 -3.16 18.98
N ALA C 370 36.18 -2.82 19.22
CA ALA C 370 35.48 -3.36 20.38
C ALA C 370 35.46 -4.88 20.37
N VAL C 371 35.77 -5.44 21.53
CA VAL C 371 35.57 -6.85 21.81
C VAL C 371 34.50 -6.91 22.88
N THR C 372 33.44 -7.67 22.62
CA THR C 372 32.30 -7.70 23.53
C THR C 372 32.36 -8.97 24.35
N VAL C 373 32.22 -8.86 25.67
CA VAL C 373 32.05 -10.05 26.50
C VAL C 373 30.88 -9.83 27.45
N GLY C 374 30.32 -10.94 27.91
CA GLY C 374 29.19 -10.92 28.79
C GLY C 374 27.90 -10.50 28.08
N GLY C 375 26.91 -10.21 28.91
CA GLY C 375 25.60 -9.78 28.47
C GLY C 375 24.60 -10.91 28.65
N GLN C 376 23.67 -10.99 27.72
CA GLN C 376 22.64 -12.00 27.72
C GLN C 376 22.68 -12.79 26.42
N THR C 377 22.05 -13.96 26.46
CA THR C 377 21.82 -14.77 25.29
C THR C 377 20.64 -14.21 24.50
N PRO C 378 20.43 -14.73 23.28
CA PRO C 378 19.21 -14.38 22.52
C PRO C 378 17.93 -14.79 23.23
N GLU C 379 18.02 -15.70 24.21
CA GLU C 379 16.88 -16.09 25.04
C GLU C 379 16.74 -15.24 26.29
N GLY C 380 17.60 -14.25 26.48
CA GLY C 380 17.39 -13.35 27.60
C GLY C 380 17.86 -13.82 28.95
N GLU C 381 18.78 -14.78 29.00
CA GLU C 381 19.45 -15.16 30.23
C GLU C 381 20.89 -14.69 30.21
N ASP C 382 21.51 -14.66 31.38
CA ASP C 382 22.89 -14.24 31.45
C ASP C 382 23.77 -15.13 30.59
N ALA C 383 24.77 -14.53 29.95
CA ALA C 383 25.60 -15.24 28.97
C ALA C 383 27.04 -15.46 29.45
N THR C 384 27.34 -15.17 30.71
CA THR C 384 28.69 -15.35 31.22
C THR C 384 29.14 -16.81 31.08
N ASN C 385 30.38 -17.01 30.65
CA ASN C 385 30.98 -18.35 30.58
C ASN C 385 32.46 -18.24 30.94
N GLU C 386 33.18 -19.38 30.94
CA GLU C 386 34.60 -19.36 31.33
C GLU C 386 35.41 -18.42 30.45
N LEU C 387 35.11 -18.39 29.15
CA LEU C 387 35.79 -17.46 28.26
C LEU C 387 35.60 -16.02 28.69
N SER C 388 34.37 -15.66 29.14
CA SER C 388 34.15 -14.27 29.55
C SER C 388 35.15 -13.87 30.64
N TYR C 389 35.42 -14.80 31.55
CA TYR C 389 36.39 -14.55 32.63
C TYR C 389 37.80 -14.50 32.08
N LEU C 390 38.12 -15.43 31.18
CA LEU C 390 39.45 -15.45 30.56
C LEU C 390 39.79 -14.12 29.93
N PHE C 391 38.86 -13.49 29.20
CA PHE C 391 39.15 -12.18 28.61
C PHE C 391 39.51 -11.16 29.69
N LEU C 392 38.84 -11.21 30.84
CA LEU C 392 39.12 -10.23 31.88
C LEU C 392 40.46 -10.52 32.57
N GLU C 393 40.71 -11.78 32.92
CA GLU C 393 42.04 -12.14 33.42
C GLU C 393 43.13 -11.63 32.48
N SER C 394 42.97 -11.89 31.18
CA SER C 394 43.99 -11.52 30.20
C SER C 394 44.21 -10.02 30.19
N LYS C 395 43.15 -9.23 30.31
CA LYS C 395 43.34 -7.79 30.27
C LYS C 395 44.04 -7.26 31.49
N ARG C 396 43.99 -7.98 32.61
CA ARG C 396 44.72 -7.54 33.79
C ARG C 396 46.15 -8.02 33.73
N GLU C 397 46.34 -9.27 33.30
CA GLU C 397 47.66 -9.91 33.20
C GLU C 397 48.49 -9.39 32.03
N PHE C 398 47.86 -8.97 30.92
CA PHE C 398 48.55 -8.48 29.73
C PHE C 398 48.09 -7.05 29.47
N PRO C 399 48.48 -6.10 30.30
CA PRO C 399 47.99 -4.72 30.15
C PRO C 399 48.54 -4.10 28.88
N MET C 400 47.65 -3.46 28.14
CA MET C 400 47.94 -2.91 26.83
C MET C 400 46.66 -2.25 26.35
N THR C 401 46.79 -1.41 25.32
CA THR C 401 45.68 -0.60 24.84
C THR C 401 44.84 -1.34 23.80
N TYR C 402 45.00 -2.66 23.69
CA TYR C 402 44.35 -3.51 22.74
C TYR C 402 44.03 -4.78 23.52
N PRO C 403 42.82 -5.34 23.35
CA PRO C 403 41.74 -4.80 22.55
C PRO C 403 40.88 -3.83 23.36
N ASP C 404 39.93 -3.15 22.73
CA ASP C 404 38.97 -2.33 23.46
C ASP C 404 37.93 -3.27 24.09
N LEU C 405 38.28 -3.77 25.26
CA LEU C 405 37.43 -4.72 25.95
C LEU C 405 36.20 -3.99 26.47
N ALA C 406 35.03 -4.51 26.12
CA ALA C 406 33.78 -3.86 26.43
C ALA C 406 32.85 -4.93 26.97
N VAL C 407 32.19 -4.62 28.08
CA VAL C 407 31.38 -5.60 28.80
C VAL C 407 29.93 -5.15 28.84
N ARG C 408 29.03 -6.06 28.49
CA ARG C 408 27.60 -5.81 28.58
C ARG C 408 27.13 -6.12 30.01
N ILE C 409 26.39 -5.20 30.59
CA ILE C 409 25.79 -5.34 31.91
C ILE C 409 24.26 -5.40 31.76
N HIS C 410 23.63 -6.17 32.63
CA HIS C 410 22.17 -6.16 32.70
C HIS C 410 21.78 -6.36 34.14
N SER C 411 20.48 -6.27 34.40
CA SER C 411 19.98 -6.24 35.77
C SER C 411 20.23 -7.54 36.52
N ARG C 412 20.60 -8.62 35.81
CA ARG C 412 20.88 -9.91 36.42
C ARG C 412 22.30 -10.39 36.15
N THR C 413 23.20 -9.47 35.86
CA THR C 413 24.60 -9.80 35.84
C THR C 413 24.99 -10.45 37.18
N PRO C 414 25.54 -11.66 37.17
CA PRO C 414 25.86 -12.33 38.44
C PRO C 414 26.92 -11.58 39.23
N ASP C 415 26.80 -11.65 40.57
CA ASP C 415 27.74 -10.94 41.44
C ASP C 415 29.18 -11.37 41.19
N ARG C 416 29.42 -12.68 41.01
CA ARG C 416 30.79 -13.13 40.80
C ARG C 416 31.39 -12.52 39.54
N PHE C 417 30.58 -12.33 38.50
CA PHE C 417 31.11 -11.72 37.27
C PHE C 417 31.31 -10.24 37.46
N LEU C 418 30.34 -9.57 38.07
CA LEU C 418 30.49 -8.16 38.37
C LEU C 418 31.70 -7.89 39.28
N TYR C 419 32.03 -8.85 40.14
CA TYR C 419 33.24 -8.73 40.96
C TYR C 419 34.47 -8.80 40.06
N GLU C 420 34.52 -9.79 39.18
CA GLU C 420 35.64 -9.88 38.24
C GLU C 420 35.77 -8.59 37.45
N ILE C 421 34.66 -7.98 37.07
CA ILE C 421 34.70 -6.70 36.38
C ILE C 421 35.32 -5.65 37.28
N ALA C 422 34.83 -5.54 38.50
CA ALA C 422 35.37 -4.56 39.44
C ALA C 422 36.88 -4.74 39.64
N LEU C 423 37.34 -5.98 39.77
CA LEU C 423 38.76 -6.23 39.87
C LEU C 423 39.50 -5.67 38.66
N THR C 424 38.94 -5.87 37.47
CA THR C 424 39.58 -5.36 36.26
C THR C 424 39.62 -3.84 36.30
N VAL C 425 38.52 -3.20 36.71
CA VAL C 425 38.49 -1.75 36.87
C VAL C 425 39.57 -1.29 37.86
N GLN C 426 39.64 -1.97 39.02
CA GLN C 426 40.64 -1.65 40.04
C GLN C 426 42.05 -1.68 39.46
N ASP C 427 42.31 -2.61 38.54
CA ASP C 427 43.62 -2.74 37.91
C ASP C 427 44.14 -1.41 37.36
N GLY C 428 43.24 -0.48 37.05
CA GLY C 428 43.66 0.85 36.63
C GLY C 428 44.08 1.03 35.18
N SER C 429 43.85 0.06 34.30
CA SER C 429 44.18 0.23 32.88
C SER C 429 43.04 0.79 32.05
N GLY C 430 41.94 1.18 32.70
CA GLY C 430 40.81 1.73 31.97
C GLY C 430 40.02 0.69 31.21
N PHE C 431 39.96 -0.54 31.70
CA PHE C 431 39.11 -1.55 31.12
C PHE C 431 38.28 -2.20 32.23
N PRO C 432 37.12 -2.78 31.88
CA PRO C 432 36.52 -2.75 30.55
C PRO C 432 35.64 -1.53 30.47
N LYS C 433 35.24 -1.07 29.29
CA LYS C 433 34.12 -0.15 29.25
C LYS C 433 32.82 -0.95 29.43
N LEU C 434 31.78 -0.25 29.88
CA LEU C 434 30.49 -0.83 30.25
C LEU C 434 29.37 -0.27 29.37
N ILE C 435 28.55 -1.17 28.81
CA ILE C 435 27.32 -0.82 28.11
C ILE C 435 26.12 -1.52 28.77
N ASN C 436 25.00 -0.80 28.89
CA ASN C 436 23.84 -1.23 29.70
C ASN C 436 22.74 -1.82 28.80
N ASP C 437 22.65 -3.16 28.75
CA ASP C 437 21.52 -3.85 28.12
C ASP C 437 20.18 -3.22 28.46
N GLU C 438 20.01 -2.81 29.73
CA GLU C 438 18.70 -2.36 30.16
C GLU C 438 18.33 -1.05 29.51
N GLU C 439 19.31 -0.33 28.98
CA GLU C 439 19.00 0.86 28.18
C GLU C 439 18.92 0.51 26.70
N VAL C 440 19.90 -0.27 26.23
CA VAL C 440 20.13 -0.52 24.81
C VAL C 440 19.03 -1.43 24.22
N VAL C 441 18.77 -2.55 24.88
CA VAL C 441 17.91 -3.56 24.28
C VAL C 441 16.50 -3.03 24.06
N PRO C 442 15.84 -2.43 25.05
CA PRO C 442 14.51 -1.90 24.78
C PRO C 442 14.48 -0.78 23.73
N LEU C 443 15.45 0.11 23.70
CA LEU C 443 15.43 1.14 22.67
C LEU C 443 15.52 0.51 21.28
N ASN C 444 16.48 -0.38 21.09
CA ASN C 444 16.70 -0.97 19.79
C ASN C 444 15.52 -1.83 19.37
N ALA C 445 14.89 -2.53 20.32
CA ALA C 445 13.73 -3.35 19.99
C ALA C 445 12.50 -2.48 19.70
N ILE C 446 12.31 -1.44 20.50
CA ILE C 446 11.20 -0.54 20.25
C ILE C 446 11.32 0.05 18.85
N LYS C 447 12.55 0.33 18.44
CA LYS C 447 12.80 0.92 17.13
C LYS C 447 12.69 -0.09 16.02
N GLY C 448 12.36 -1.34 16.33
CA GLY C 448 12.05 -2.31 15.30
C GLY C 448 12.93 -3.55 15.29
N CYS C 449 13.96 -3.66 16.12
CA CYS C 449 14.80 -4.86 16.05
C CYS C 449 14.11 -6.01 16.79
N PRO C 450 13.97 -7.21 16.18
CA PRO C 450 13.42 -8.36 16.90
C PRO C 450 14.18 -8.60 18.20
N ILE C 451 13.44 -8.93 19.26
CA ILE C 451 13.97 -8.88 20.61
C ILE C 451 15.11 -9.87 20.77
N ASN C 452 15.02 -11.05 20.13
CA ASN C 452 16.09 -12.03 20.26
C ASN C 452 17.38 -11.50 19.62
N GLU C 453 17.26 -10.80 18.49
CA GLU C 453 18.46 -10.22 17.89
C GLU C 453 18.93 -9.00 18.69
N ALA C 454 18.00 -8.23 19.25
CA ALA C 454 18.38 -7.08 20.06
C ALA C 454 19.16 -7.52 21.30
N LEU C 455 18.75 -8.62 21.93
CA LEU C 455 19.45 -9.20 23.07
C LEU C 455 20.83 -9.73 22.68
N ASP C 456 21.05 -9.97 21.40
CA ASP C 456 22.27 -10.57 20.92
C ASP C 456 23.24 -9.54 20.38
N TYR C 457 23.14 -8.30 20.83
CA TYR C 457 23.90 -7.23 20.21
C TYR C 457 25.38 -7.28 20.58
N ALA C 458 26.19 -6.74 19.68
CA ALA C 458 27.61 -6.55 19.88
C ALA C 458 27.90 -5.07 20.13
N ILE C 459 28.85 -4.80 21.02
CA ILE C 459 29.39 -3.46 21.11
C ILE C 459 30.30 -3.20 19.90
N SER C 460 30.24 -1.99 19.39
CA SER C 460 30.88 -1.65 18.13
C SER C 460 31.45 -0.25 18.21
N GLY C 461 32.72 -0.10 17.83
CA GLY C 461 33.35 1.18 17.98
C GLY C 461 33.37 1.60 19.44
N CYS C 462 33.04 2.86 19.67
N CYS C 462 33.11 2.87 19.66
CA CYS C 462 33.18 3.46 21.00
CA CYS C 462 33.12 3.48 20.98
C CYS C 462 32.08 2.99 21.97
C CYS C 462 32.06 2.92 21.91
N THR C 463 30.80 3.19 21.59
CA THR C 463 29.70 2.83 22.49
C THR C 463 28.51 2.25 21.73
N GLU C 464 28.68 1.90 20.46
CA GLU C 464 27.54 1.63 19.61
C GLU C 464 27.13 0.15 19.70
N THR C 465 25.93 -0.13 19.21
CA THR C 465 25.29 -1.41 19.43
C THR C 465 24.84 -1.93 18.09
N ARG C 466 25.41 -3.04 17.66
CA ARG C 466 25.15 -3.59 16.35
C ARG C 466 24.47 -4.93 16.50
N MET C 467 23.52 -5.17 15.60
CA MET C 467 22.84 -6.44 15.41
C MET C 467 23.24 -6.90 14.00
N PRO C 468 24.20 -7.83 13.88
CA PRO C 468 24.90 -7.99 12.60
C PRO C 468 24.06 -8.49 11.45
N ASN C 469 22.87 -9.03 11.70
CA ASN C 469 22.00 -9.43 10.63
C ASN C 469 20.73 -8.60 10.58
N ARG C 470 20.71 -7.44 11.25
CA ARG C 470 19.53 -6.55 11.23
C ARG C 470 19.90 -5.12 10.91
N ASP C 471 20.97 -4.61 11.49
CA ASP C 471 21.45 -3.28 11.16
C ASP C 471 21.72 -3.14 9.67
N THR C 472 21.29 -2.02 9.09
CA THR C 472 21.59 -1.72 7.71
C THR C 472 22.12 -0.32 7.45
N TYR C 473 22.16 0.59 8.42
CA TYR C 473 22.61 1.94 8.16
C TYR C 473 24.11 2.08 8.46
N THR C 474 24.82 2.77 7.55
CA THR C 474 26.28 2.80 7.59
C THR C 474 26.91 4.18 7.36
N SER C 475 26.13 5.26 7.31
CA SER C 475 26.66 6.57 6.95
C SER C 475 27.27 7.26 8.17
N GLY C 476 28.51 7.69 8.02
CA GLY C 476 29.11 8.52 9.04
C GLY C 476 28.29 9.79 9.20
N CYS C 477 27.96 10.12 10.44
CA CYS C 477 27.02 11.19 10.73
C CYS C 477 27.71 12.46 11.25
N VAL C 478 27.02 13.56 10.99
CA VAL C 478 27.36 14.92 11.34
C VAL C 478 27.73 15.07 12.81
N TYR C 479 28.72 15.90 13.09
CA TYR C 479 29.12 16.30 14.44
C TYR C 479 28.83 17.79 14.57
N ILE C 480 28.02 18.17 15.56
CA ILE C 480 27.58 19.55 15.72
C ILE C 480 28.30 20.17 16.91
N ASN C 481 28.95 21.31 16.68
CA ASN C 481 29.65 22.08 17.71
C ASN C 481 28.63 23.05 18.29
N PHE C 482 27.91 22.61 19.34
CA PHE C 482 26.79 23.46 19.80
C PHE C 482 27.26 24.64 20.64
N ALA C 483 28.51 24.63 21.10
CA ALA C 483 29.10 25.86 21.65
C ALA C 483 29.00 27.01 20.67
N THR C 484 29.12 26.74 19.35
CA THR C 484 28.97 27.82 18.39
C THR C 484 27.61 28.49 18.50
N ALA C 485 26.58 27.77 18.95
CA ALA C 485 25.27 28.40 19.07
C ALA C 485 25.25 29.38 20.23
N LEU C 486 25.93 29.02 21.31
CA LEU C 486 26.10 29.91 22.44
C LEU C 486 26.82 31.19 22.04
N GLU C 487 28.00 31.05 21.39
CA GLU C 487 28.79 32.23 20.99
C GLU C 487 28.01 33.08 19.99
N MET C 488 27.39 32.46 19.01
CA MET C 488 26.66 33.22 18.02
C MET C 488 25.49 33.94 18.65
N LEU C 489 24.93 33.38 19.72
CA LEU C 489 23.91 34.11 20.45
C LEU C 489 24.51 35.35 21.10
N MET C 490 25.72 35.22 21.67
CA MET C 490 26.46 36.33 22.27
C MET C 490 27.04 37.30 21.25
N ASN C 491 27.00 37.00 19.94
CA ASN C 491 27.76 37.76 18.96
C ASN C 491 27.02 37.91 17.63
N ASN C 492 25.71 38.00 17.68
CA ASN C 492 24.88 38.29 16.51
C ASN C 492 25.22 37.39 15.34
N GLY C 493 25.37 36.11 15.62
CA GLY C 493 25.53 35.13 14.56
C GLY C 493 26.94 34.98 14.08
N ARG C 494 27.90 35.58 14.75
CA ARG C 494 29.30 35.51 14.37
C ARG C 494 30.06 34.68 15.39
N LEU C 495 31.19 34.17 14.95
CA LEU C 495 32.19 33.59 15.84
C LEU C 495 33.44 34.43 15.70
N HIS C 496 34.08 34.71 16.84
CA HIS C 496 35.25 35.56 16.83
C HIS C 496 36.36 34.94 16.00
N TYR C 497 36.45 33.60 15.99
CA TYR C 497 37.45 32.91 15.19
C TYR C 497 37.30 33.23 13.70
N TYR C 498 36.11 33.62 13.25
CA TYR C 498 35.87 33.90 11.84
C TYR C 498 35.57 35.37 11.56
N GLY C 499 35.66 36.23 12.57
CA GLY C 499 35.51 37.66 12.32
C GLY C 499 34.09 38.05 12.10
N ASP C 500 33.85 38.84 11.05
CA ASP C 500 32.52 39.37 10.75
C ASP C 500 31.65 38.40 9.95
N GLU C 501 32.17 37.22 9.57
CA GLU C 501 31.39 36.31 8.73
C GLU C 501 30.13 35.93 9.47
N LEU C 502 28.97 36.20 8.86
CA LEU C 502 27.71 35.72 9.41
C LEU C 502 27.62 34.20 9.22
N ILE C 503 27.76 33.45 10.30
CA ILE C 503 27.69 32.00 10.27
C ILE C 503 26.31 31.49 10.67
N GLY C 504 25.75 32.05 11.74
CA GLY C 504 24.46 31.64 12.26
C GLY C 504 23.38 32.68 12.03
N LEU C 505 22.55 32.91 13.03
CA LEU C 505 21.39 33.80 12.88
C LEU C 505 21.75 35.16 13.48
N GLU C 506 21.12 36.21 12.95
CA GLU C 506 21.34 37.56 13.47
C GLU C 506 20.34 37.82 14.59
N THR C 507 20.64 37.25 15.75
CA THR C 507 19.76 37.34 16.90
C THR C 507 19.89 38.67 17.66
N GLY C 508 20.81 39.57 17.27
CA GLY C 508 20.84 40.93 17.79
C GLY C 508 21.88 41.16 18.86
N ASP C 509 21.90 42.39 19.37
CA ASP C 509 22.74 42.75 20.52
C ASP C 509 22.28 41.93 21.72
N PRO C 510 23.16 41.13 22.33
CA PRO C 510 22.68 40.30 23.44
C PRO C 510 22.22 41.12 24.62
N THR C 511 22.85 42.27 24.88
CA THR C 511 22.41 43.10 26.00
C THR C 511 20.98 43.59 25.84
N ARG C 512 20.35 43.39 24.68
CA ARG C 512 18.98 43.82 24.50
C ARG C 512 17.96 42.86 25.09
N PHE C 513 18.38 41.68 25.54
CA PHE C 513 17.42 40.69 26.04
C PHE C 513 17.00 41.07 27.46
N GLN C 514 15.70 41.26 27.66
CA GLN C 514 15.18 41.75 28.93
C GLN C 514 14.83 40.63 29.91
N THR C 515 14.53 39.44 29.40
CA THR C 515 14.13 38.29 30.20
C THR C 515 14.88 37.04 29.75
N TRP C 516 15.08 36.13 30.69
CA TRP C 516 15.67 34.84 30.39
C TRP C 516 14.88 34.10 29.32
N GLU C 517 13.56 34.26 29.30
CA GLU C 517 12.76 33.57 28.30
C GLU C 517 13.11 34.04 26.90
N GLU C 518 13.31 35.34 26.73
CA GLU C 518 13.64 35.87 25.42
C GLU C 518 15.06 35.48 25.02
N PHE C 519 15.95 35.34 26.00
CA PHE C 519 17.33 34.94 25.75
C PHE C 519 17.41 33.45 25.44
N TYR C 520 16.56 32.65 26.06
CA TYR C 520 16.61 31.21 25.83
C TYR C 520 15.98 30.89 24.50
N GLU C 521 14.91 31.61 24.12
CA GLU C 521 14.33 31.40 22.79
C GLU C 521 15.33 31.73 21.69
N ALA C 522 16.14 32.76 21.90
CA ALA C 522 17.15 33.11 20.92
C ALA C 522 18.21 32.04 20.82
N TYR C 523 18.65 31.51 21.97
CA TYR C 523 19.54 30.36 21.94
C TYR C 523 18.92 29.23 21.11
N LYS C 524 17.66 28.90 21.37
CA LYS C 524 17.01 27.81 20.67
C LYS C 524 17.00 28.06 19.18
N ALA C 525 16.75 29.30 18.78
CA ALA C 525 16.84 29.63 17.36
C ALA C 525 18.22 29.27 16.81
N GLN C 526 19.29 29.63 17.52
CA GLN C 526 20.62 29.31 17.03
C GLN C 526 20.84 27.81 17.01
N HIS C 527 20.35 27.15 18.05
CA HIS C 527 20.54 25.71 18.22
C HIS C 527 19.83 24.94 17.13
N ILE C 528 18.59 25.32 16.84
CA ILE C 528 17.77 24.58 15.90
C ILE C 528 18.19 24.86 14.48
N ASN C 529 18.80 26.03 14.24
CA ASN C 529 19.33 26.39 12.93
C ASN C 529 20.48 25.46 12.55
N LEU C 530 21.35 25.15 13.51
CA LEU C 530 22.39 24.16 13.26
C LEU C 530 21.80 22.77 13.08
N LEU C 531 20.83 22.38 13.91
CA LEU C 531 20.16 21.09 13.76
C LEU C 531 19.61 20.92 12.35
N GLN C 532 18.87 21.92 11.87
CA GLN C 532 18.26 21.82 10.54
C GLN C 532 19.32 21.61 9.46
N LYS C 533 20.45 22.29 9.57
CA LYS C 533 21.49 22.19 8.55
C LYS C 533 22.25 20.88 8.68
N ALA C 534 22.41 20.42 9.91
CA ALA C 534 23.00 19.10 10.13
C ALA C 534 22.13 18.00 9.51
N PHE C 535 20.81 18.05 9.72
CA PHE C 535 19.93 17.03 9.16
C PHE C 535 19.93 17.07 7.64
N GLN C 536 19.97 18.28 7.07
CA GLN C 536 20.05 18.43 5.63
C GLN C 536 21.39 17.92 5.12
N GLN C 537 22.47 18.22 5.84
CA GLN C 537 23.76 17.70 5.45
C GLN C 537 23.74 16.18 5.48
N GLN C 538 23.20 15.59 6.55
CA GLN C 538 23.26 14.15 6.67
C GLN C 538 22.44 13.46 5.59
N HIS C 539 21.27 14.03 5.24
CA HIS C 539 20.44 13.43 4.21
C HIS C 539 21.18 13.36 2.87
N ILE C 540 21.93 14.41 2.53
CA ILE C 540 22.67 14.42 1.28
C ILE C 540 23.74 13.36 1.31
N VAL C 541 24.46 13.27 2.43
CA VAL C 541 25.44 12.22 2.64
C VAL C 541 24.81 10.85 2.43
N ASP C 542 23.60 10.66 2.96
CA ASP C 542 22.92 9.39 2.79
C ASP C 542 22.62 9.10 1.33
N ARG C 543 22.35 10.15 0.53
CA ARG C 543 22.11 9.98 -0.88
C ARG C 543 23.37 9.73 -1.69
N LEU C 544 24.50 10.34 -1.30
CA LEU C 544 25.73 10.22 -2.09
C LEU C 544 26.52 8.95 -1.76
N ARG C 545 26.56 8.53 -0.49
CA ARG C 545 27.44 7.41 -0.13
C ARG C 545 27.21 6.17 -0.96
N PRO C 546 25.96 5.77 -1.28
CA PRO C 546 25.77 4.54 -2.09
C PRO C 546 26.38 4.63 -3.49
N GLN C 547 26.61 5.83 -4.01
CA GLN C 547 27.29 6.00 -5.29
C GLN C 547 28.79 5.77 -5.20
N HIS C 548 29.36 5.67 -3.99
CA HIS C 548 30.82 5.61 -3.83
C HIS C 548 31.31 4.40 -3.08
N PHE C 549 30.49 3.86 -2.19
CA PHE C 549 30.90 2.83 -1.25
C PHE C 549 30.07 1.57 -1.41
N ALA C 550 30.78 0.44 -1.33
CA ALA C 550 30.19 -0.88 -1.30
C ALA C 550 31.03 -1.72 -0.37
N ALA C 551 30.47 -2.86 -0.03
CA ALA C 551 31.02 -3.73 1.01
C ALA C 551 30.57 -5.16 0.74
N PRO C 552 31.07 -5.77 -0.32
CA PRO C 552 30.61 -7.11 -0.71
C PRO C 552 30.86 -8.15 0.37
N LEU C 553 31.93 -8.04 1.15
CA LEU C 553 32.22 -9.06 2.14
C LEU C 553 31.26 -8.92 3.31
N SER C 554 31.09 -7.70 3.81
CA SER C 554 30.11 -7.45 4.85
C SER C 554 28.71 -7.89 4.40
N SER C 555 28.39 -7.70 3.12
CA SER C 555 27.07 -8.07 2.60
C SER C 555 26.88 -9.58 2.56
N VAL C 556 27.89 -10.33 2.14
CA VAL C 556 27.65 -11.77 1.98
C VAL C 556 27.45 -12.41 3.34
N LEU C 557 27.94 -11.78 4.40
CA LEU C 557 27.72 -12.22 5.76
C LEU C 557 26.47 -11.60 6.41
N HIS C 558 25.64 -10.90 5.64
CA HIS C 558 24.45 -10.25 6.18
C HIS C 558 23.21 -10.94 5.64
N ASN C 559 22.36 -11.46 6.54
CA ASN C 559 21.17 -12.19 6.11
C ASN C 559 20.30 -11.34 5.20
N LEU C 560 20.11 -10.05 5.53
CA LEU C 560 19.18 -9.24 4.75
C LEU C 560 19.79 -8.83 3.41
N CYS C 561 21.11 -8.62 3.35
CA CYS C 561 21.74 -8.32 2.07
C CYS C 561 21.58 -9.49 1.12
N MET C 562 21.73 -10.69 1.65
CA MET C 562 21.62 -11.88 0.83
C MET C 562 20.17 -12.15 0.47
N LYS C 563 19.25 -11.95 1.39
CA LYS C 563 17.84 -12.21 1.07
C LYS C 563 17.35 -11.25 -0.01
N ASN C 564 17.67 -9.96 0.15
CA ASN C 564 17.21 -8.92 -0.78
C ASN C 564 18.09 -8.75 -1.99
N MET C 565 19.28 -9.34 -1.98
CA MET C 565 20.25 -9.21 -3.07
C MET C 565 20.65 -7.76 -3.29
N GLN C 566 21.04 -7.12 -2.19
CA GLN C 566 21.49 -5.73 -2.14
C GLN C 566 22.74 -5.60 -1.29
N ASP C 567 23.65 -4.74 -1.74
CA ASP C 567 24.81 -4.36 -0.95
C ASP C 567 24.41 -3.58 0.29
N LEU C 568 25.18 -3.82 1.35
CA LEU C 568 24.90 -3.22 2.65
C LEU C 568 24.82 -1.70 2.60
N HIS C 569 25.58 -1.04 1.73
CA HIS C 569 25.52 0.43 1.70
C HIS C 569 24.39 0.95 0.79
N SER C 570 23.48 0.11 0.34
CA SER C 570 22.24 0.61 -0.23
C SER C 570 21.48 1.39 0.83
N GLU C 571 20.69 2.35 0.37
CA GLU C 571 19.97 3.26 1.27
C GLU C 571 18.89 2.55 2.05
N LYS C 572 18.13 1.68 1.40
CA LYS C 572 16.95 1.06 2.00
C LYS C 572 17.02 -0.43 1.70
N ILE C 573 17.06 -1.24 2.76
CA ILE C 573 17.15 -2.69 2.64
C ILE C 573 15.97 -3.25 3.44
N GLU C 574 15.00 -3.82 2.75
N GLU C 574 15.01 -3.83 2.74
CA GLU C 574 13.75 -4.21 3.39
CA GLU C 574 13.76 -4.25 3.38
C GLU C 574 14.02 -5.20 4.51
C GLU C 574 14.03 -5.21 4.52
N GLY C 575 13.41 -4.96 5.67
CA GLY C 575 13.65 -5.70 6.87
C GLY C 575 14.73 -5.11 7.77
N GLY C 576 15.55 -4.20 7.25
CA GLY C 576 16.61 -3.64 8.06
C GLY C 576 16.09 -2.62 9.03
N VAL C 577 16.89 -2.30 10.04
CA VAL C 577 16.62 -1.14 10.87
C VAL C 577 17.79 -0.19 10.71
N ASP C 578 17.48 1.09 10.49
CA ASP C 578 18.46 2.12 10.18
C ASP C 578 18.60 3.03 11.41
N TYR C 579 19.66 2.82 12.18
CA TYR C 579 19.99 3.63 13.33
C TYR C 579 21.02 4.70 12.92
N SER C 580 20.56 5.94 12.76
CA SER C 580 21.45 7.04 12.44
C SER C 580 21.52 8.01 13.62
N TYR C 581 22.50 8.92 13.51
CA TYR C 581 22.94 9.71 14.63
C TYR C 581 23.17 11.16 14.20
N PHE C 582 23.24 12.04 15.20
CA PHE C 582 23.89 13.34 15.08
C PHE C 582 24.56 13.63 16.42
N GLU C 583 25.76 14.20 16.38
CA GLU C 583 26.56 14.31 17.59
C GLU C 583 26.36 15.65 18.26
N PHE C 584 26.09 15.59 19.56
CA PHE C 584 26.00 16.77 20.41
C PHE C 584 27.35 16.95 21.10
N LEU C 585 28.10 17.96 20.68
CA LEU C 585 29.36 18.31 21.32
C LEU C 585 29.18 19.57 22.14
N GLY C 586 29.79 19.59 23.33
CA GLY C 586 29.69 20.73 24.23
C GLY C 586 28.51 20.76 25.17
N TYR C 587 27.92 19.62 25.51
CA TYR C 587 26.68 19.62 26.28
C TYR C 587 26.83 20.40 27.60
N ALA C 588 27.74 19.97 28.48
CA ALA C 588 27.89 20.67 29.76
C ALA C 588 28.29 22.13 29.59
N THR C 589 29.12 22.44 28.57
CA THR C 589 29.52 23.83 28.31
C THR C 589 28.31 24.72 28.03
N VAL C 590 27.42 24.29 27.12
CA VAL C 590 26.21 25.04 26.86
C VAL C 590 25.35 25.14 28.12
N VAL C 591 25.14 24.00 28.80
CA VAL C 591 24.23 23.98 29.94
C VAL C 591 24.74 24.91 31.04
N ASP C 592 26.02 24.76 31.42
CA ASP C 592 26.58 25.57 32.50
C ASP C 592 26.59 27.06 32.11
N SER C 593 26.92 27.37 30.86
CA SER C 593 26.91 28.76 30.42
C SER C 593 25.53 29.36 30.53
N LEU C 594 24.53 28.63 30.04
CA LEU C 594 23.17 29.14 30.08
C LEU C 594 22.71 29.31 31.51
N ALA C 595 23.04 28.33 32.37
CA ALA C 595 22.67 28.40 33.78
C ALA C 595 23.33 29.59 34.46
N ALA C 596 24.62 29.84 34.17
CA ALA C 596 25.29 31.01 34.72
C ALA C 596 24.59 32.29 34.32
N ILE C 597 24.34 32.48 33.02
CA ILE C 597 23.60 33.66 32.63
C ILE C 597 22.21 33.68 33.26
N LYS C 598 21.62 32.52 33.50
CA LYS C 598 20.25 32.52 34.02
C LYS C 598 20.24 33.04 35.46
N LYS C 599 21.14 32.52 36.29
CA LYS C 599 21.14 32.91 37.69
C LYS C 599 21.65 34.34 37.87
N LEU C 600 22.85 34.63 37.37
CA LEU C 600 23.52 35.90 37.70
C LEU C 600 22.94 37.09 36.93
N VAL C 601 22.53 36.91 35.68
CA VAL C 601 22.12 38.06 34.88
C VAL C 601 20.63 38.36 35.06
N PHE C 602 19.76 37.37 34.91
CA PHE C 602 18.32 37.62 34.87
C PHE C 602 17.65 37.39 36.21
N GLU C 603 18.09 36.39 36.97
CA GLU C 603 17.47 36.07 38.25
C GLU C 603 18.00 37.02 39.31
N GLU C 604 19.15 36.69 39.91
CA GLU C 604 19.80 37.48 40.94
C GLU C 604 20.29 38.85 40.47
N LYS C 605 20.09 39.23 39.21
CA LYS C 605 20.53 40.50 38.67
C LYS C 605 21.86 40.99 39.25
N ARG C 606 22.77 40.08 39.61
CA ARG C 606 24.08 40.50 40.12
C ARG C 606 25.05 40.96 39.03
N LEU C 607 24.78 40.69 37.76
CA LEU C 607 25.59 41.23 36.67
C LEU C 607 24.69 41.59 35.51
N THR C 608 25.21 42.46 34.65
CA THR C 608 24.55 42.78 33.41
C THR C 608 25.11 41.88 32.31
N MET C 609 24.31 41.70 31.25
CA MET C 609 24.83 41.02 30.07
C MET C 609 26.11 41.70 29.61
N ARG C 610 26.09 43.04 29.59
CA ARG C 610 27.25 43.83 29.22
C ARG C 610 28.48 43.46 30.05
N GLU C 611 28.31 43.36 31.36
CA GLU C 611 29.43 42.96 32.21
C GLU C 611 30.02 41.63 31.75
N VAL C 612 29.15 40.63 31.54
CA VAL C 612 29.62 39.29 31.21
C VAL C 612 30.37 39.30 29.88
N LEU C 613 29.80 39.99 28.88
CA LEU C 613 30.44 40.10 27.58
C LEU C 613 31.87 40.64 27.69
N ASP C 614 32.05 41.76 28.39
CA ASP C 614 33.38 42.37 28.46
C ASP C 614 34.35 41.44 29.17
N ALA C 615 33.89 40.74 30.21
CA ALA C 615 34.77 39.78 30.87
C ALA C 615 35.19 38.66 29.92
N MET C 616 34.27 38.21 29.07
CA MET C 616 34.62 37.16 28.13
C MET C 616 35.48 37.70 27.02
N ASN C 617 35.08 38.83 26.42
CA ASN C 617 35.89 39.48 25.41
C ASN C 617 37.34 39.63 25.88
N ALA C 618 37.57 39.83 27.18
CA ALA C 618 38.91 39.92 27.75
C ALA C 618 39.52 38.56 28.10
N ASN C 619 38.84 37.47 27.75
CA ASN C 619 39.26 36.13 28.16
C ASN C 619 39.48 36.04 29.67
N PHE C 620 38.64 36.77 30.41
CA PHE C 620 38.71 36.82 31.86
C PHE C 620 40.06 37.30 32.44
N VAL C 621 40.96 37.83 31.61
CA VAL C 621 42.14 38.50 32.15
C VAL C 621 41.67 39.80 32.77
N GLY C 622 41.89 39.95 34.08
CA GLY C 622 41.43 41.14 34.75
C GLY C 622 39.98 41.16 35.14
N TYR C 623 39.20 40.15 34.77
CA TYR C 623 37.88 39.98 35.36
C TYR C 623 37.78 38.66 36.11
N GLU C 624 38.83 38.29 36.84
CA GLU C 624 38.79 37.02 37.58
C GLU C 624 37.59 36.97 38.52
N PRO C 625 37.29 38.00 39.30
CA PRO C 625 36.01 38.02 40.03
C PRO C 625 34.79 37.57 39.23
N ILE C 626 34.45 38.26 38.13
CA ILE C 626 33.24 37.86 37.41
C ILE C 626 33.34 36.39 36.99
N GLN C 627 34.51 35.99 36.49
CA GLN C 627 34.73 34.59 36.13
C GLN C 627 34.36 33.65 37.28
N GLU C 628 34.66 34.05 38.52
CA GLU C 628 34.43 33.15 39.63
C GLU C 628 32.96 33.09 40.00
N MET C 629 32.27 34.23 39.90
CA MET C 629 30.81 34.20 40.07
C MET C 629 30.19 33.17 39.15
N LEU C 630 30.66 33.15 37.89
CA LEU C 630 30.10 32.29 36.86
C LEU C 630 30.38 30.81 37.17
N LYS C 631 31.64 30.48 37.46
CA LYS C 631 32.00 29.11 37.78
C LYS C 631 31.27 28.60 39.01
N ASN C 632 30.79 29.49 39.88
CA ASN C 632 30.03 29.08 41.04
C ASN C 632 28.53 29.02 40.77
N ALA C 633 28.07 29.50 39.61
CA ALA C 633 26.70 29.26 39.22
C ALA C 633 26.47 27.75 39.14
N PRO C 634 25.23 27.29 39.22
CA PRO C 634 24.99 25.83 39.23
C PRO C 634 25.43 25.19 37.93
N CYS C 635 26.03 24.02 38.06
CA CYS C 635 26.61 23.30 36.94
C CYS C 635 26.00 21.92 36.81
N TYR C 636 25.92 21.48 35.56
CA TYR C 636 25.52 20.13 35.24
C TYR C 636 26.50 19.17 35.89
N GLY C 637 25.98 18.05 36.36
CA GLY C 637 26.82 17.01 36.94
C GLY C 637 26.87 16.98 38.45
N ASN C 638 26.03 17.77 39.12
CA ASN C 638 25.97 17.80 40.59
C ASN C 638 24.61 17.40 41.13
N ASN C 639 23.78 16.75 40.32
CA ASN C 639 22.40 16.46 40.69
C ASN C 639 21.67 17.72 41.12
N ASP C 640 22.01 18.83 40.50
CA ASP C 640 21.39 20.11 40.81
C ASP C 640 20.33 20.46 39.77
N PRO C 641 19.05 20.35 40.10
CA PRO C 641 18.00 20.65 39.11
C PRO C 641 18.11 22.00 38.44
N TYR C 642 18.80 22.97 39.05
CA TYR C 642 18.89 24.26 38.41
C TYR C 642 19.55 24.13 37.05
N ALA C 643 20.63 23.37 36.98
CA ALA C 643 21.34 23.18 35.74
C ALA C 643 20.77 22.00 34.95
N ASP C 644 20.50 20.90 35.65
CA ASP C 644 20.04 19.68 35.00
C ASP C 644 18.68 19.88 34.32
N SER C 645 17.83 20.77 34.83
CA SER C 645 16.56 20.98 34.15
C SER C 645 16.78 21.64 32.80
N ILE C 646 17.82 22.46 32.68
CA ILE C 646 18.17 23.07 31.41
C ILE C 646 18.73 22.02 30.47
N ALA C 647 19.71 21.23 30.96
CA ALA C 647 20.21 20.08 30.22
C ALA C 647 19.07 19.20 29.72
N LYS C 648 18.06 18.96 30.56
CA LYS C 648 16.93 18.12 30.16
C LYS C 648 16.19 18.76 29.01
N ASP C 649 15.87 20.04 29.14
CA ASP C 649 15.11 20.70 28.10
C ASP C 649 15.89 20.73 26.80
N VAL C 650 17.22 20.89 26.87
CA VAL C 650 18.00 20.98 25.64
C VAL C 650 17.97 19.65 24.92
N ASP C 651 18.21 18.56 25.66
CA ASP C 651 18.10 17.23 25.07
C ASP C 651 16.68 17.02 24.51
N ARG C 652 15.66 17.55 25.19
CA ARG C 652 14.28 17.30 24.82
C ARG C 652 13.93 17.97 23.50
N PHE C 653 14.05 19.29 23.43
CA PHE C 653 13.69 19.96 22.20
C PHE C 653 14.62 19.58 21.06
N THR C 654 15.83 19.11 21.37
CA THR C 654 16.66 18.51 20.33
C THR C 654 16.00 17.27 19.75
N GLN C 655 15.45 16.40 20.62
CA GLN C 655 14.79 15.20 20.15
C GLN C 655 13.51 15.50 19.41
N VAL C 656 12.84 16.58 19.77
CA VAL C 656 11.62 16.98 19.06
C VAL C 656 11.93 17.25 17.59
N GLU C 657 13.06 17.88 17.31
CA GLU C 657 13.46 18.11 15.92
C GLU C 657 13.88 16.80 15.26
N ALA C 658 14.57 15.96 16.02
CA ALA C 658 15.01 14.67 15.52
C ALA C 658 13.83 13.79 15.11
N GLU C 659 12.75 13.76 15.92
CA GLU C 659 11.52 13.06 15.54
C GLU C 659 11.03 13.49 14.16
N LYS C 660 11.09 14.79 13.87
CA LYS C 660 10.64 15.27 12.57
C LYS C 660 11.57 14.81 11.45
N SER C 661 12.87 14.89 11.68
CA SER C 661 13.83 14.40 10.71
C SER C 661 13.65 12.92 10.47
N SER C 662 13.39 12.16 11.53
CA SER C 662 13.16 10.72 11.39
C SER C 662 11.96 10.45 10.46
N ARG C 663 10.85 11.18 10.64
CA ARG C 663 9.71 10.98 9.74
C ARG C 663 10.05 11.36 8.30
N ASP C 664 10.70 12.48 8.11
CA ASP C 664 11.01 12.93 6.79
C ASP C 664 12.03 12.06 6.07
N ARG C 665 12.90 11.40 6.79
CA ARG C 665 13.92 10.57 6.17
C ARG C 665 13.62 9.08 6.22
N GLY C 666 12.61 8.66 6.97
CA GLY C 666 12.31 7.25 7.06
C GLY C 666 13.35 6.43 7.76
N ILE C 667 14.14 7.04 8.65
CA ILE C 667 15.11 6.31 9.47
C ILE C 667 15.08 6.92 10.87
N HIS C 668 15.73 6.23 11.81
CA HIS C 668 15.84 6.74 13.17
C HIS C 668 16.98 7.73 13.23
N VAL C 669 16.68 8.94 13.64
CA VAL C 669 17.62 10.04 13.70
C VAL C 669 17.74 10.39 15.19
N ASP C 670 18.77 9.86 15.83
CA ASP C 670 18.89 9.95 17.28
C ASP C 670 20.08 10.80 17.72
N VAL C 671 19.83 11.66 18.71
CA VAL C 671 20.91 12.46 19.31
C VAL C 671 21.87 11.54 20.05
N ARG C 672 23.16 11.77 19.86
CA ARG C 672 24.22 10.96 20.44
C ARG C 672 25.28 11.90 21.00
N TYR C 673 25.94 11.47 22.07
CA TYR C 673 26.97 12.27 22.75
C TYR C 673 28.25 11.44 22.84
N VAL C 674 28.80 11.09 21.68
CA VAL C 674 30.04 10.31 21.57
C VAL C 674 31.10 11.20 20.94
N PRO C 675 32.00 11.80 21.72
CA PRO C 675 32.78 12.96 21.23
C PRO C 675 33.98 12.58 20.36
N ILE C 676 34.41 11.31 20.39
CA ILE C 676 35.74 10.93 19.94
C ILE C 676 36.65 12.07 20.41
N THR C 677 37.56 12.53 19.55
CA THR C 677 38.47 13.61 19.89
C THR C 677 37.94 15.00 19.49
N SER C 678 36.73 15.08 18.93
CA SER C 678 36.25 16.31 18.31
C SER C 678 36.15 17.51 19.26
N HIS C 679 36.08 17.29 20.59
CA HIS C 679 35.87 18.41 21.51
C HIS C 679 37.10 19.34 21.59
N VAL C 680 38.25 18.89 21.10
CA VAL C 680 39.48 19.68 21.03
C VAL C 680 39.40 20.65 19.86
N PRO C 681 39.39 20.20 18.60
CA PRO C 681 39.22 21.16 17.51
C PRO C 681 38.00 22.03 17.69
N PHE C 682 36.90 21.46 18.17
CA PHE C 682 35.71 22.26 18.42
C PHE C 682 35.98 23.31 19.49
N GLY C 683 36.74 22.94 20.52
CA GLY C 683 37.11 23.90 21.55
C GLY C 683 37.99 25.02 21.01
N LYS C 684 38.94 24.67 20.15
CA LYS C 684 39.90 25.66 19.66
C LYS C 684 39.25 26.82 18.92
N ILE C 685 38.06 26.64 18.35
CA ILE C 685 37.46 27.75 17.62
C ILE C 685 36.44 28.50 18.44
N ILE C 686 36.28 28.15 19.71
CA ILE C 686 35.28 28.80 20.56
C ILE C 686 36.02 29.68 21.55
N ALA C 687 35.54 30.91 21.72
CA ALA C 687 36.15 31.86 22.63
C ALA C 687 35.74 31.52 24.06
N ALA C 688 36.08 32.40 25.00
CA ALA C 688 35.65 32.20 26.37
C ALA C 688 34.14 32.17 26.43
N THR C 689 33.60 31.39 27.35
CA THR C 689 32.16 31.18 27.38
C THR C 689 31.62 31.52 28.76
N PRO C 690 30.30 31.75 28.86
CA PRO C 690 29.73 32.19 30.13
C PRO C 690 29.96 31.28 31.30
N ASN C 691 30.39 30.03 31.11
CA ASN C 691 30.64 29.16 32.26
C ASN C 691 32.04 29.35 32.85
N GLY C 692 32.86 30.24 32.31
CA GLY C 692 34.19 30.45 32.83
C GLY C 692 35.27 29.68 32.10
N ARG C 693 34.94 29.03 31.00
CA ARG C 693 35.93 28.38 30.16
C ARG C 693 36.65 29.46 29.35
N VAL C 694 37.96 29.30 29.21
CA VAL C 694 38.74 30.28 28.48
C VAL C 694 38.73 29.94 26.99
N ALA C 695 39.15 30.89 26.17
CA ALA C 695 39.14 30.71 24.74
C ALA C 695 40.02 29.54 24.34
N GLY C 696 39.56 28.78 23.33
CA GLY C 696 40.33 27.69 22.79
C GLY C 696 40.39 26.44 23.64
N PHE C 697 39.87 26.48 24.85
CA PHE C 697 39.94 25.30 25.69
C PHE C 697 38.95 24.25 25.18
N PRO C 698 39.27 22.95 25.32
CA PRO C 698 38.34 21.92 24.83
C PRO C 698 36.94 22.07 25.40
N LEU C 699 35.96 21.72 24.57
CA LEU C 699 34.57 21.65 25.02
C LEU C 699 34.38 20.50 26.00
N ALA C 700 33.30 20.58 26.79
CA ALA C 700 32.79 19.39 27.44
C ALA C 700 32.48 18.30 26.41
N ASP C 701 32.87 17.09 26.72
CA ASP C 701 32.72 15.96 25.84
C ASP C 701 31.62 15.02 26.35
N GLY C 702 31.00 14.31 25.43
CA GLY C 702 29.98 13.34 25.80
C GLY C 702 28.94 13.99 26.68
N SER C 703 28.52 13.25 27.69
CA SER C 703 27.56 13.70 28.69
C SER C 703 28.21 13.76 30.08
N SER C 704 29.55 13.77 30.11
CA SER C 704 30.32 14.01 31.32
C SER C 704 30.19 15.47 31.73
N ALA C 705 30.42 15.73 33.03
CA ALA C 705 30.40 17.10 33.52
C ALA C 705 31.49 17.91 32.83
N SER C 706 31.29 19.21 32.75
CA SER C 706 32.37 20.07 32.29
C SER C 706 33.59 19.89 33.19
N HIS C 707 34.79 20.17 32.64
CA HIS C 707 36.05 19.97 33.36
C HIS C 707 36.01 20.60 34.76
N GLY C 708 36.24 19.78 35.78
CA GLY C 708 36.30 20.26 37.15
C GLY C 708 35.00 20.78 37.74
N ALA C 709 33.86 20.67 37.05
CA ALA C 709 32.64 21.28 37.54
C ALA C 709 31.79 20.34 38.39
N ASP C 710 32.15 19.07 38.51
CA ASP C 710 31.39 18.12 39.31
C ASP C 710 32.04 18.03 40.68
N HIS C 711 31.36 18.59 41.68
CA HIS C 711 31.90 18.68 43.04
C HIS C 711 31.04 17.98 44.08
N ASN C 712 30.20 16.99 43.66
CA ASN C 712 29.27 16.32 44.56
C ASN C 712 29.38 14.80 44.51
N GLY C 713 30.50 14.26 44.06
CA GLY C 713 30.70 12.83 44.02
C GLY C 713 30.21 12.22 42.72
N PRO C 714 30.56 10.95 42.50
CA PRO C 714 30.28 10.30 41.22
C PRO C 714 28.81 9.89 41.03
N THR C 715 28.11 9.55 42.11
CA THR C 715 26.69 9.23 41.98
C THR C 715 25.89 10.43 41.54
N ALA C 716 26.30 11.63 41.93
CA ALA C 716 25.58 12.82 41.49
C ALA C 716 25.75 13.04 39.99
N VAL C 717 26.90 12.63 39.44
CA VAL C 717 27.08 12.66 37.99
C VAL C 717 26.06 11.74 37.32
N LEU C 718 25.98 10.49 37.80
CA LEU C 718 25.02 9.54 37.26
C LEU C 718 23.61 10.08 37.32
N LEU C 719 23.27 10.78 38.42
CA LEU C 719 21.91 11.27 38.56
C LEU C 719 21.66 12.48 37.69
N SER C 720 22.67 13.33 37.45
CA SER C 720 22.46 14.42 36.50
C SER C 720 22.20 13.85 35.11
N ASN C 721 22.92 12.79 34.74
CA ASN C 721 22.65 12.14 33.47
C ASN C 721 21.23 11.62 33.41
N TYR C 722 20.78 10.93 34.45
CA TYR C 722 19.42 10.41 34.50
C TYR C 722 18.38 11.51 34.33
N HIS C 723 18.50 12.59 35.11
CA HIS C 723 17.50 13.65 35.08
C HIS C 723 17.63 14.59 33.89
N SER C 724 18.71 14.54 33.10
CA SER C 724 18.82 15.35 31.90
C SER C 724 18.38 14.60 30.65
N LYS C 725 18.01 13.31 30.78
CA LYS C 725 17.51 12.54 29.64
C LYS C 725 15.99 12.68 29.57
N ASN C 726 15.40 12.14 28.48
CA ASN C 726 13.94 12.23 28.24
C ASN C 726 13.43 10.82 27.87
N TYR C 727 13.17 10.02 28.90
CA TYR C 727 12.86 8.61 28.76
C TYR C 727 11.46 8.36 28.22
N GLY C 728 10.64 9.40 28.13
CA GLY C 728 9.36 9.36 27.43
C GLY C 728 9.46 9.51 25.95
N MET C 729 10.67 9.69 25.42
CA MET C 729 10.94 9.74 24.00
C MET C 729 11.91 8.63 23.66
N ILE C 730 12.20 8.45 22.37
CA ILE C 730 13.12 7.39 21.94
C ILE C 730 14.23 7.90 21.03
N ASN C 731 14.26 9.17 20.69
CA ASN C 731 15.23 9.61 19.68
C ASN C 731 16.59 9.90 20.28
N ARG C 732 17.11 8.94 21.07
CA ARG C 732 18.43 9.03 21.69
C ARG C 732 19.21 7.76 21.42
N ALA C 733 20.54 7.93 21.31
CA ALA C 733 21.46 6.81 21.27
C ALA C 733 22.44 6.96 22.45
N SER C 734 23.69 6.55 22.28
CA SER C 734 24.68 6.56 23.36
C SER C 734 24.95 7.94 23.94
N ARG C 735 25.33 7.95 25.21
CA ARG C 735 25.97 9.09 25.88
C ARG C 735 27.31 8.57 26.43
N LEU C 736 28.43 9.18 26.02
CA LEU C 736 29.74 8.77 26.59
C LEU C 736 29.89 9.43 27.95
N LEU C 737 30.04 8.60 28.99
CA LEU C 737 30.07 9.08 30.37
C LEU C 737 31.36 8.59 31.05
N ASN C 738 32.21 9.53 31.43
CA ASN C 738 33.46 9.21 32.13
C ASN C 738 33.43 9.78 33.55
N ILE C 739 33.88 8.95 34.50
CA ILE C 739 34.08 9.35 35.90
C ILE C 739 35.50 8.94 36.33
N LYS C 740 36.28 9.90 36.86
CA LYS C 740 37.63 9.63 37.38
C LYS C 740 37.58 9.48 38.90
N LEU C 741 38.16 8.40 39.41
CA LEU C 741 38.19 8.10 40.85
C LEU C 741 39.63 7.98 41.32
N SER C 742 39.89 8.41 42.58
CA SER C 742 41.23 8.26 43.14
C SER C 742 41.50 6.79 43.45
N PRO C 743 42.66 6.24 43.08
CA PRO C 743 42.94 4.83 43.38
C PRO C 743 42.72 4.50 44.86
N LYS C 744 42.85 5.51 45.72
CA LYS C 744 42.62 5.33 47.14
C LYS C 744 41.21 4.80 47.40
N CYS C 745 40.21 5.52 46.91
CA CYS C 745 38.86 5.20 47.31
C CYS C 745 38.32 3.91 46.69
N VAL C 746 39.07 3.21 45.83
CA VAL C 746 38.59 1.94 45.30
C VAL C 746 39.59 0.83 45.56
N ALA C 747 40.40 0.97 46.61
CA ALA C 747 41.40 -0.04 46.92
C ALA C 747 40.79 -1.20 47.68
N GLY C 748 41.35 -2.39 47.46
CA GLY C 748 40.96 -3.55 48.23
C GLY C 748 39.52 -3.98 48.11
N GLU C 749 39.14 -5.00 48.88
CA GLU C 749 37.84 -5.63 48.76
C GLU C 749 36.70 -4.61 48.91
N GLN C 750 36.78 -3.74 49.91
CA GLN C 750 35.78 -2.69 50.05
C GLN C 750 35.67 -1.86 48.77
N GLY C 751 36.81 -1.62 48.11
CA GLY C 751 36.81 -0.76 46.94
C GLY C 751 36.19 -1.43 45.72
N ALA C 752 36.44 -2.73 45.55
CA ALA C 752 35.79 -3.51 44.50
C ALA C 752 34.28 -3.54 44.70
N LYS C 753 33.84 -3.60 45.96
CA LYS C 753 32.41 -3.65 46.20
C LYS C 753 31.78 -2.28 45.99
N LYS C 754 32.53 -1.21 46.21
CA LYS C 754 32.00 0.11 45.88
C LYS C 754 31.83 0.26 44.36
N ILE C 755 32.80 -0.24 43.60
CA ILE C 755 32.68 -0.26 42.14
C ILE C 755 31.46 -1.07 41.72
N MET C 756 31.31 -2.28 42.29
CA MET C 756 30.14 -3.10 41.99
C MET C 756 28.85 -2.33 42.20
N SER C 757 28.77 -1.61 43.31
CA SER C 757 27.53 -0.94 43.68
C SER C 757 27.23 0.22 42.75
N ILE C 758 28.27 0.95 42.36
CA ILE C 758 28.11 2.02 41.39
C ILE C 758 27.55 1.46 40.09
N ILE C 759 28.08 0.33 39.65
CA ILE C 759 27.61 -0.24 38.40
C ILE C 759 26.14 -0.63 38.51
N ARG C 760 25.73 -1.21 39.64
CA ARG C 760 24.32 -1.57 39.81
C ARG C 760 23.44 -0.33 39.68
N THR C 761 23.88 0.80 40.22
CA THR C 761 23.08 2.00 40.17
C THR C 761 22.99 2.57 38.76
N TRP C 762 24.13 2.62 38.06
CA TRP C 762 24.17 3.06 36.66
C TRP C 762 23.24 2.23 35.79
N CYS C 763 23.23 0.92 36.00
CA CYS C 763 22.35 0.03 35.27
C CYS C 763 20.88 0.30 35.59
N ASP C 764 20.54 0.34 36.88
CA ASP C 764 19.19 0.72 37.29
C ASP C 764 18.76 2.05 36.67
N LEU C 765 19.69 2.99 36.53
CA LEU C 765 19.27 4.28 35.99
C LEU C 765 19.12 4.27 34.46
N LYS C 766 19.42 3.14 33.79
CA LYS C 766 19.27 3.04 32.33
C LYS C 766 20.22 3.99 31.62
N LEU C 767 21.41 4.18 32.17
CA LEU C 767 22.41 4.92 31.44
C LEU C 767 23.12 4.00 30.46
N TRP C 768 23.51 4.56 29.31
CA TRP C 768 23.97 3.72 28.20
C TRP C 768 25.37 3.19 28.45
N HIS C 769 26.28 4.07 28.85
CA HIS C 769 27.68 3.72 28.90
C HIS C 769 28.28 4.23 30.21
N LEU C 770 29.30 3.52 30.68
CA LEU C 770 30.09 4.02 31.79
C LEU C 770 31.55 3.64 31.62
N GLN C 771 32.44 4.60 31.88
CA GLN C 771 33.88 4.37 31.88
C GLN C 771 34.48 4.95 33.16
N PHE C 772 35.21 4.13 33.91
CA PHE C 772 35.93 4.57 35.09
C PHE C 772 37.37 4.92 34.72
N ASN C 773 37.85 6.07 35.15
CA ASN C 773 39.29 6.32 35.14
C ASN C 773 39.83 6.34 36.58
N ILE C 774 40.78 5.46 36.83
CA ILE C 774 41.30 5.21 38.17
C ILE C 774 42.75 5.68 38.21
N VAL C 775 42.99 6.93 38.65
CA VAL C 775 44.34 7.47 38.62
C VAL C 775 44.40 8.75 39.46
N ASN C 776 45.52 8.94 40.17
CA ASN C 776 45.73 10.11 41.02
C ASN C 776 46.33 11.26 40.21
N ARG C 777 46.01 12.49 40.62
CA ARG C 777 46.55 13.65 39.93
C ARG C 777 48.08 13.63 39.89
N ASP C 778 48.72 13.25 41.01
CA ASP C 778 50.18 13.31 41.08
C ASP C 778 50.81 12.38 40.03
N THR C 779 50.22 11.21 39.80
CA THR C 779 50.75 10.28 38.82
C THR C 779 50.80 10.90 37.43
N LEU C 780 49.78 11.67 37.07
CA LEU C 780 49.70 12.25 35.73
C LEU C 780 50.67 13.41 35.57
N LEU C 781 50.88 14.20 36.62
CA LEU C 781 51.88 15.26 36.58
C LEU C 781 53.29 14.66 36.61
N ALA C 782 53.48 13.63 37.43
CA ALA C 782 54.73 12.88 37.40
C ALA C 782 55.04 12.32 36.02
N ALA C 783 54.01 12.03 35.22
CA ALA C 783 54.22 11.39 33.93
C ALA C 783 54.60 12.38 32.84
N GLN C 784 54.11 13.63 32.91
CA GLN C 784 54.61 14.65 31.99
C GLN C 784 56.06 15.00 32.32
N LYS C 785 56.37 15.16 33.62
CA LYS C 785 57.73 15.43 34.06
C LYS C 785 58.71 14.38 33.53
N ASP C 786 58.45 13.09 33.81
CA ASP C 786 59.40 11.99 33.53
C ASP C 786 58.72 10.87 32.76
N PRO C 787 58.47 11.07 31.45
CA PRO C 787 57.76 10.03 30.68
C PRO C 787 58.47 8.68 30.65
N ASN C 788 59.81 8.64 30.52
CA ASN C 788 60.51 7.37 30.41
C ASN C 788 60.30 6.48 31.64
N SER C 789 59.97 7.05 32.79
CA SER C 789 59.64 6.28 33.98
C SER C 789 58.15 6.03 34.12
N TYR C 790 57.37 6.23 33.05
CA TYR C 790 55.93 5.99 33.08
C TYR C 790 55.42 5.45 31.75
N ARG C 791 56.28 4.77 30.99
CA ARG C 791 55.92 4.32 29.65
C ARG C 791 54.85 3.22 29.63
N ASN C 792 54.42 2.74 30.80
CA ASN C 792 53.39 1.70 30.89
C ASN C 792 52.09 2.20 31.52
N LEU C 793 51.90 3.51 31.66
CA LEU C 793 50.67 4.08 32.21
C LEU C 793 49.60 4.17 31.11
N ILE C 794 48.50 3.44 31.27
CA ILE C 794 47.42 3.39 30.28
C ILE C 794 46.20 4.11 30.88
N VAL C 795 45.72 5.17 30.21
CA VAL C 795 44.55 5.91 30.70
C VAL C 795 43.58 6.18 29.55
N ARG C 796 42.29 6.31 29.85
CA ARG C 796 41.34 6.60 28.81
C ARG C 796 41.20 8.10 28.60
N VAL C 797 41.32 8.54 27.38
CA VAL C 797 41.01 9.92 26.95
C VAL C 797 40.19 9.78 25.65
N ALA C 798 39.08 10.53 25.47
CA ALA C 798 38.13 10.60 24.37
C ALA C 798 37.48 9.24 24.07
N GLY C 799 37.39 8.37 25.09
CA GLY C 799 36.80 7.05 24.94
C GLY C 799 37.79 5.94 24.61
N TYR C 800 39.02 6.27 24.20
CA TYR C 800 39.94 5.22 23.81
C TYR C 800 41.10 5.11 24.79
N SER C 801 41.61 3.89 24.91
CA SER C 801 42.75 3.62 25.76
C SER C 801 44.02 4.09 25.07
N ALA C 802 44.79 4.91 25.78
CA ALA C 802 46.02 5.45 25.25
C ALA C 802 47.12 5.27 26.27
N TYR C 803 48.35 5.12 25.79
CA TYR C 803 49.50 5.30 26.67
C TYR C 803 49.62 6.78 26.97
N PHE C 804 49.46 7.15 28.26
CA PHE C 804 49.42 8.56 28.62
C PHE C 804 50.63 9.32 28.12
N CYS C 805 51.79 8.66 28.07
CA CYS C 805 53.02 9.35 27.67
C CYS C 805 53.02 9.72 26.19
N ASP C 806 52.34 8.93 25.34
CA ASP C 806 52.22 9.31 23.93
C ASP C 806 51.08 10.26 23.65
N MET C 807 50.28 10.62 24.65
CA MET C 807 49.21 11.58 24.39
C MET C 807 49.78 12.97 24.19
N SER C 808 49.09 13.74 23.36
CA SER C 808 49.48 15.12 23.16
C SER C 808 49.15 15.93 24.40
N PRO C 809 49.79 17.10 24.56
CA PRO C 809 49.43 17.95 25.71
C PRO C 809 47.94 18.26 25.80
N ASP C 810 47.29 18.53 24.67
CA ASP C 810 45.87 18.86 24.71
C ASP C 810 45.05 17.73 25.34
N LEU C 811 45.37 16.49 24.97
CA LEU C 811 44.65 15.34 25.51
C LEU C 811 45.14 14.97 26.91
N GLN C 812 46.42 15.22 27.20
CA GLN C 812 46.92 15.04 28.56
C GLN C 812 46.20 15.95 29.53
N ASN C 813 46.15 17.25 29.21
CA ASN C 813 45.45 18.20 30.09
C ASN C 813 43.96 17.89 30.15
N ASP C 814 43.36 17.40 29.05
CA ASP C 814 41.93 17.07 29.05
C ASP C 814 41.61 16.02 30.09
N ILE C 815 42.49 15.03 30.27
CA ILE C 815 42.36 14.07 31.35
C ILE C 815 42.71 14.70 32.70
N ILE C 816 43.87 15.38 32.80
CA ILE C 816 44.30 15.96 34.08
C ILE C 816 43.22 16.90 34.63
N ASP C 817 42.58 17.71 33.78
CA ASP C 817 41.66 18.73 34.28
C ASP C 817 40.27 18.20 34.66
N ARG C 818 40.05 16.89 34.77
CA ARG C 818 38.79 16.34 35.25
C ARG C 818 38.80 16.17 36.76
N THR C 819 37.68 16.49 37.41
CA THR C 819 37.54 16.22 38.83
C THR C 819 37.93 14.80 39.17
N GLU C 820 38.79 14.68 40.18
CA GLU C 820 39.19 13.37 40.72
C GLU C 820 38.32 13.07 41.93
N HIS C 821 37.42 12.10 41.79
CA HIS C 821 36.48 11.76 42.86
C HIS C 821 37.17 10.82 43.82
N ALA C 822 37.37 11.27 45.05
CA ALA C 822 38.14 10.50 46.03
C ALA C 822 37.26 9.85 47.08
N ASP C 823 35.93 9.91 46.94
CA ASP C 823 35.02 9.34 47.91
C ASP C 823 34.35 8.07 47.43
N LEU C 824 33.69 8.09 46.27
CA LEU C 824 32.87 6.99 45.79
C LEU C 824 31.57 6.93 46.61
N ASN D 21 3.88 25.54 -59.32
CA ASN D 21 4.66 26.66 -59.83
C ASN D 21 5.04 27.63 -58.72
N ARG D 22 5.93 28.55 -59.05
CA ARG D 22 6.56 29.44 -58.07
C ARG D 22 5.86 30.77 -57.94
N GLN D 23 4.73 30.97 -58.63
CA GLN D 23 4.03 32.25 -58.52
C GLN D 23 3.64 32.50 -57.08
N GLY D 24 4.06 33.64 -56.55
CA GLY D 24 3.73 34.03 -55.19
C GLY D 24 4.67 33.48 -54.12
N ARG D 25 5.58 32.59 -54.48
CA ARG D 25 6.41 31.90 -53.51
C ARG D 25 7.89 32.19 -53.72
N GLU D 26 8.22 33.45 -54.04
CA GLU D 26 9.59 33.80 -54.38
C GLU D 26 10.50 33.67 -53.17
N ARG D 27 10.00 33.99 -51.98
CA ARG D 27 10.85 33.93 -50.81
C ARG D 27 11.22 32.49 -50.49
N VAL D 28 10.24 31.59 -50.40
CA VAL D 28 10.53 30.24 -49.96
C VAL D 28 11.39 29.53 -51.00
N TYR D 29 11.12 29.78 -52.29
CA TYR D 29 11.95 29.16 -53.33
C TYR D 29 13.35 29.77 -53.36
N LYS D 30 13.50 31.05 -53.00
CA LYS D 30 14.84 31.60 -52.94
C LYS D 30 15.66 30.87 -51.88
N ILE D 31 15.06 30.62 -50.72
CA ILE D 31 15.75 29.94 -49.63
C ILE D 31 16.04 28.50 -50.02
N LEU D 32 15.03 27.83 -50.57
CA LEU D 32 15.14 26.40 -50.87
C LEU D 32 16.13 26.14 -51.99
N ASP D 33 16.14 26.98 -53.03
CA ASP D 33 17.05 26.75 -54.15
C ASP D 33 18.50 26.85 -53.73
N ARG D 34 18.81 27.65 -52.71
CA ARG D 34 20.20 27.74 -52.29
C ARG D 34 20.68 26.50 -51.55
N ILE D 35 19.80 25.62 -51.09
CA ILE D 35 20.24 24.50 -50.24
C ILE D 35 19.89 23.17 -50.85
N GLN D 36 18.83 23.14 -51.67
CA GLN D 36 18.36 21.89 -52.24
C GLN D 36 19.54 21.14 -52.85
N PHE D 37 19.78 19.92 -52.34
CA PHE D 37 20.74 19.01 -52.96
C PHE D 37 22.19 19.50 -52.80
N THR D 38 22.53 19.90 -51.57
CA THR D 38 23.90 20.13 -51.13
C THR D 38 24.22 19.13 -50.03
N VAL D 39 25.51 18.93 -49.75
CA VAL D 39 25.95 17.98 -48.75
C VAL D 39 25.96 18.67 -47.38
N PRO D 40 25.26 18.15 -46.39
CA PRO D 40 25.15 18.84 -45.10
C PRO D 40 26.46 18.82 -44.37
N HIS D 41 26.67 19.87 -43.57
CA HIS D 41 27.85 20.05 -42.74
C HIS D 41 27.58 19.66 -41.30
N VAL D 42 28.65 19.20 -40.65
CA VAL D 42 28.65 18.96 -39.21
C VAL D 42 28.91 20.28 -38.53
N ASP D 43 27.95 20.74 -37.73
CA ASP D 43 28.11 21.91 -36.88
C ASP D 43 28.43 21.46 -35.46
N ILE D 44 29.47 22.07 -34.87
CA ILE D 44 29.96 21.61 -33.56
C ILE D 44 29.51 22.48 -32.40
N GLU D 45 28.75 23.55 -32.64
CA GLU D 45 28.59 24.55 -31.58
C GLU D 45 27.77 24.04 -30.39
N ARG D 46 26.59 23.45 -30.67
CA ARG D 46 25.78 22.92 -29.58
C ARG D 46 26.60 21.94 -28.74
N ALA D 47 27.28 21.01 -29.42
CA ALA D 47 28.05 20.02 -28.67
C ALA D 47 29.17 20.69 -27.92
N ARG D 48 29.77 21.71 -28.50
CA ARG D 48 30.92 22.33 -27.87
C ARG D 48 30.53 22.99 -26.57
N TYR D 49 29.52 23.85 -26.59
CA TYR D 49 29.17 24.60 -25.38
C TYR D 49 28.36 23.77 -24.39
N PHE D 50 27.65 22.74 -24.87
CA PHE D 50 27.08 21.76 -23.95
C PHE D 50 28.18 21.08 -23.15
N THR D 51 29.23 20.65 -23.85
CA THR D 51 30.32 19.95 -23.20
C THR D 51 31.06 20.84 -22.22
N GLU D 52 31.30 22.08 -22.65
CA GLU D 52 32.01 23.05 -21.81
C GLU D 52 31.36 23.20 -20.46
N SER D 53 30.03 23.27 -20.43
CA SER D 53 29.28 23.39 -19.18
C SER D 53 29.24 22.07 -18.41
N MET D 54 28.89 20.96 -19.09
CA MET D 54 28.76 19.68 -18.40
C MET D 54 30.04 19.31 -17.68
N ARG D 55 31.18 19.64 -18.28
CA ARG D 55 32.48 19.39 -17.70
C ARG D 55 32.66 20.04 -16.34
N GLN D 56 31.94 21.11 -16.07
CA GLN D 56 32.13 21.80 -14.81
C GLN D 56 31.08 21.50 -13.74
N THR D 57 30.07 20.68 -14.05
CA THR D 57 28.92 20.48 -13.16
C THR D 57 28.75 19.04 -12.72
N GLU D 58 29.73 18.18 -13.00
CA GLU D 58 29.69 16.77 -12.64
C GLU D 58 29.32 16.59 -11.18
N GLY D 59 28.40 15.66 -10.93
CA GLY D 59 27.97 15.30 -9.60
C GLY D 59 26.61 15.85 -9.24
N GLU D 60 26.19 16.94 -9.89
CA GLU D 60 24.94 17.62 -9.63
C GLU D 60 23.80 16.88 -10.30
N LEU D 61 22.58 17.14 -9.83
CA LEU D 61 21.40 16.60 -10.49
C LEU D 61 21.51 16.79 -11.99
N LEU D 62 21.24 15.72 -12.73
CA LEU D 62 21.53 15.73 -14.17
C LEU D 62 20.74 16.80 -14.90
N THR D 63 19.46 16.96 -14.58
CA THR D 63 18.67 17.94 -15.33
C THR D 63 19.09 19.36 -14.97
N LEU D 64 19.65 19.55 -13.78
CA LEU D 64 20.20 20.86 -13.42
C LEU D 64 21.47 21.14 -14.20
N ARG D 65 22.38 20.15 -14.28
CA ARG D 65 23.54 20.29 -15.17
C ARG D 65 23.10 20.57 -16.58
N TRP D 66 22.05 19.88 -17.02
CA TRP D 66 21.58 20.03 -18.38
C TRP D 66 21.08 21.44 -18.62
N ALA D 67 20.28 21.96 -17.68
CA ALA D 67 19.73 23.30 -17.84
C ALA D 67 20.85 24.34 -17.89
N LYS D 68 21.82 24.23 -16.98
CA LYS D 68 23.00 25.08 -17.04
C LYS D 68 23.71 24.99 -18.38
N ALA D 69 23.86 23.79 -18.92
CA ALA D 69 24.54 23.62 -20.19
C ALA D 69 23.76 24.27 -21.34
N LEU D 70 22.43 24.18 -21.31
CA LEU D 70 21.63 24.81 -22.37
C LEU D 70 21.67 26.33 -22.25
N LYS D 71 21.78 26.84 -21.03
CA LYS D 71 21.99 28.27 -20.85
C LYS D 71 23.31 28.69 -21.45
N ASN D 72 24.34 27.86 -21.29
CA ASN D 72 25.66 28.16 -21.85
C ASN D 72 25.61 28.18 -23.37
N VAL D 73 24.90 27.21 -23.96
CA VAL D 73 24.66 27.23 -25.41
C VAL D 73 23.89 28.49 -25.81
N ALA D 74 22.89 28.86 -25.02
CA ALA D 74 22.07 30.00 -25.37
C ALA D 74 22.89 31.28 -25.38
N GLU D 75 23.86 31.39 -24.48
CA GLU D 75 24.69 32.58 -24.31
C GLU D 75 25.83 32.67 -25.33
N LYS D 76 26.36 31.54 -25.80
CA LYS D 76 27.63 31.54 -26.52
C LYS D 76 27.51 31.10 -27.95
N MET D 77 26.60 30.21 -28.32
CA MET D 77 26.54 29.76 -29.68
C MET D 77 26.06 30.89 -30.60
N THR D 78 26.55 30.87 -31.84
CA THR D 78 26.18 31.82 -32.87
C THR D 78 24.66 31.83 -33.05
N VAL D 79 24.07 33.02 -33.15
CA VAL D 79 22.66 33.13 -33.48
C VAL D 79 22.52 33.60 -34.93
N TYR D 80 21.37 33.28 -35.53
CA TYR D 80 21.22 33.33 -36.97
C TYR D 80 19.83 33.78 -37.37
N ILE D 81 19.80 34.58 -38.44
CA ILE D 81 18.61 34.80 -39.24
C ILE D 81 18.95 34.31 -40.63
N THR D 82 18.30 33.23 -41.06
CA THR D 82 18.56 32.70 -42.38
C THR D 82 18.25 33.80 -43.39
N PRO D 83 19.14 34.09 -44.34
CA PRO D 83 18.86 35.15 -45.31
C PRO D 83 17.50 35.00 -45.96
N ASP D 84 16.68 36.05 -45.84
CA ASP D 84 15.33 36.19 -46.39
C ASP D 84 14.25 35.53 -45.54
N GLN D 85 14.60 34.97 -44.39
CA GLN D 85 13.61 34.30 -43.55
C GLN D 85 12.66 35.29 -42.90
N LEU D 86 11.40 34.88 -42.76
CA LEU D 86 10.51 35.52 -41.82
C LEU D 86 10.67 35.01 -40.39
N LEU D 87 11.35 33.87 -40.21
CA LEU D 87 11.56 33.28 -38.89
C LEU D 87 12.99 33.48 -38.45
N ALA D 88 13.19 33.77 -37.17
CA ALA D 88 14.52 33.89 -36.62
C ALA D 88 14.91 32.60 -35.88
N GLY D 89 16.14 32.15 -36.11
CA GLY D 89 16.69 31.03 -35.32
C GLY D 89 17.09 29.82 -36.14
N ARG D 90 18.33 29.37 -35.91
CA ARG D 90 18.86 28.08 -36.32
C ARG D 90 19.61 27.48 -35.15
N VAL D 91 20.01 26.21 -35.27
CA VAL D 91 20.92 25.65 -34.27
C VAL D 91 22.24 25.21 -34.88
N GLY D 92 22.55 25.76 -36.06
CA GLY D 92 23.86 25.61 -36.66
C GLY D 92 23.98 26.47 -37.90
N GLN D 93 25.12 26.32 -38.58
CA GLN D 93 25.51 27.19 -39.68
C GLN D 93 24.52 27.16 -40.86
N LEU D 94 24.71 28.13 -41.76
CA LEU D 94 23.93 28.20 -42.99
C LEU D 94 24.18 27.00 -43.89
N GLY D 95 23.26 26.79 -44.79
CA GLY D 95 23.22 25.56 -45.55
C GLY D 95 22.45 24.46 -44.83
N ARG D 96 22.58 23.27 -45.41
CA ARG D 96 22.16 22.07 -44.73
C ARG D 96 23.20 21.70 -43.68
N TYR D 97 22.74 21.34 -42.48
CA TYR D 97 23.65 21.07 -41.37
C TYR D 97 23.03 20.05 -40.42
N GLY D 98 23.90 19.38 -39.66
CA GLY D 98 23.47 18.60 -38.52
C GLY D 98 24.32 18.93 -37.30
N ILE D 99 23.84 18.50 -36.13
CA ILE D 99 24.49 18.86 -34.87
C ILE D 99 24.80 17.59 -34.09
N LEU D 100 25.56 17.75 -33.01
CA LEU D 100 26.18 16.62 -32.34
C LEU D 100 25.71 16.48 -30.89
N TYR D 101 25.66 15.22 -30.48
CA TYR D 101 25.18 14.82 -29.16
C TYR D 101 26.16 13.80 -28.58
N PRO D 102 27.36 14.24 -28.22
CA PRO D 102 28.38 13.29 -27.74
C PRO D 102 28.00 12.53 -26.49
N GLU D 103 27.01 13.03 -25.73
CA GLU D 103 26.53 12.31 -24.54
C GLU D 103 26.03 10.92 -24.90
N ILE D 104 25.58 10.76 -26.16
CA ILE D 104 25.08 9.48 -26.65
C ILE D 104 26.24 8.59 -27.08
N ASP D 105 26.98 9.04 -28.11
CA ASP D 105 27.80 8.18 -28.95
C ASP D 105 29.17 8.80 -29.26
N GLY D 106 29.71 9.62 -28.35
CA GLY D 106 30.98 10.28 -28.60
C GLY D 106 32.16 9.32 -28.75
N ASP D 107 31.98 8.06 -28.35
CA ASP D 107 33.03 7.06 -28.51
C ASP D 107 33.15 6.59 -29.94
N PHE D 108 32.20 6.95 -30.80
CA PHE D 108 32.31 6.66 -32.22
C PHE D 108 33.10 7.73 -32.98
N TYR D 109 33.31 8.92 -32.42
CA TYR D 109 33.84 10.01 -33.24
C TYR D 109 35.18 9.63 -33.85
N ILE D 110 36.04 9.02 -33.05
CA ILE D 110 37.38 8.64 -33.49
C ILE D 110 37.33 7.70 -34.69
N GLU D 111 36.36 6.79 -34.72
CA GLU D 111 36.29 5.79 -35.79
C GLU D 111 35.57 6.30 -37.04
N VAL D 112 34.71 7.30 -36.88
CA VAL D 112 33.67 7.56 -37.86
C VAL D 112 33.82 8.91 -38.54
N MET D 113 34.34 9.92 -37.83
CA MET D 113 34.41 11.25 -38.45
C MET D 113 35.24 11.21 -39.72
N LYS D 114 36.31 10.40 -39.72
CA LYS D 114 37.26 10.37 -40.83
C LYS D 114 36.55 10.18 -42.17
N ASP D 115 35.52 9.35 -42.21
CA ASP D 115 34.90 9.02 -43.48
C ASP D 115 33.42 9.42 -43.57
N LEU D 116 32.97 10.36 -42.75
CA LEU D 116 31.64 10.93 -42.98
C LEU D 116 31.46 11.46 -44.40
N PRO D 117 32.43 12.19 -44.96
CA PRO D 117 32.26 12.66 -46.34
C PRO D 117 32.12 11.53 -47.31
N ASN D 118 32.72 10.37 -47.03
CA ASN D 118 32.73 9.27 -47.99
C ASN D 118 31.66 8.23 -47.72
N ARG D 119 30.90 8.39 -46.66
CA ARG D 119 29.85 7.46 -46.30
C ARG D 119 28.92 7.22 -47.46
N GLU D 120 28.82 5.96 -47.89
CA GLU D 120 27.89 5.62 -48.96
C GLU D 120 26.49 6.11 -48.64
N LYS D 121 26.03 5.90 -47.40
CA LYS D 121 24.70 6.32 -46.97
C LYS D 121 24.82 7.57 -46.10
N SER D 122 24.15 8.67 -46.54
CA SER D 122 23.99 9.90 -45.75
C SER D 122 25.33 10.55 -45.43
N PRO D 123 26.15 10.87 -46.42
CA PRO D 123 27.40 11.54 -46.12
C PRO D 123 27.16 12.92 -45.52
N PHE D 124 28.13 13.33 -44.72
CA PHE D 124 28.23 14.69 -44.22
C PHE D 124 29.64 15.19 -44.47
N GLN D 125 29.79 16.51 -44.63
CA GLN D 125 31.08 17.19 -44.64
C GLN D 125 31.38 17.78 -43.28
N ILE D 126 32.67 17.95 -42.99
CA ILE D 126 33.07 18.59 -41.75
C ILE D 126 34.34 19.42 -42.01
N ASP D 127 34.32 20.66 -41.56
CA ASP D 127 35.46 21.53 -41.72
C ASP D 127 36.60 21.02 -40.86
N PRO D 128 37.85 21.11 -41.33
CA PRO D 128 38.96 20.65 -40.49
C PRO D 128 38.97 21.28 -39.12
N ALA D 129 38.58 22.56 -39.01
CA ALA D 129 38.59 23.21 -37.70
C ALA D 129 37.53 22.61 -36.79
N ALA D 130 36.41 22.16 -37.36
CA ALA D 130 35.38 21.50 -36.56
C ALA D 130 35.86 20.12 -36.14
N ALA D 131 36.53 19.40 -37.04
CA ALA D 131 37.15 18.14 -36.62
C ALA D 131 38.16 18.36 -35.51
N ALA D 132 38.89 19.48 -35.54
CA ALA D 132 39.93 19.70 -34.54
C ALA D 132 39.30 19.96 -33.17
N ILE D 133 38.28 20.81 -33.13
CA ILE D 133 37.62 21.08 -31.86
C ILE D 133 36.99 19.81 -31.34
N LEU D 134 36.39 19.04 -32.23
CA LEU D 134 35.71 17.83 -31.84
C LEU D 134 36.69 16.84 -31.22
N MET D 135 37.85 16.63 -31.87
CA MET D 135 38.76 15.60 -31.39
C MET D 135 39.69 16.08 -30.26
N GLU D 136 39.92 17.38 -30.13
CA GLU D 136 40.80 17.92 -29.10
C GLU D 136 40.05 18.34 -27.85
N GLU D 137 38.83 18.84 -27.98
CA GLU D 137 38.07 19.39 -26.88
C GLU D 137 36.95 18.48 -26.42
N ILE D 138 36.12 18.03 -27.34
CA ILE D 138 34.85 17.41 -27.02
C ILE D 138 35.01 15.91 -26.75
N ALA D 139 35.47 15.16 -27.76
CA ALA D 139 35.62 13.72 -27.62
C ALA D 139 36.48 13.34 -26.43
N PRO D 140 37.57 14.03 -26.12
CA PRO D 140 38.36 13.58 -24.96
C PRO D 140 37.60 13.75 -23.67
N TYR D 141 36.70 14.74 -23.56
CA TYR D 141 35.93 14.88 -22.34
C TYR D 141 34.99 13.68 -22.14
N TRP D 142 34.34 13.22 -23.22
CA TRP D 142 33.33 12.19 -23.12
C TRP D 142 33.89 10.77 -23.04
N GLU D 143 35.22 10.60 -23.08
CA GLU D 143 35.81 9.27 -22.95
C GLU D 143 35.45 8.66 -21.61
N GLY D 144 34.93 7.45 -21.65
CA GLY D 144 34.42 6.81 -20.46
C GLY D 144 33.14 7.40 -19.92
N LYS D 145 32.47 8.27 -20.66
CA LYS D 145 31.29 8.91 -20.11
C LYS D 145 30.06 8.80 -21.02
N THR D 146 30.18 8.23 -22.21
CA THR D 146 29.02 8.20 -23.07
C THR D 146 28.05 7.09 -22.68
N TYR D 147 26.80 7.30 -23.08
CA TYR D 147 25.80 6.27 -22.87
C TYR D 147 26.21 4.97 -23.58
N HIS D 148 26.71 5.08 -24.81
CA HIS D 148 27.05 3.87 -25.54
C HIS D 148 28.10 3.03 -24.80
N GLU D 149 29.17 3.68 -24.27
CA GLU D 149 30.20 2.94 -23.53
C GLU D 149 29.60 2.25 -22.31
N HIS D 150 28.72 2.94 -21.61
CA HIS D 150 28.15 2.39 -20.39
C HIS D 150 27.33 1.15 -20.73
N LEU D 151 26.47 1.26 -21.74
CA LEU D 151 25.64 0.13 -22.13
C LEU D 151 26.50 -1.04 -22.63
N ASN D 152 27.47 -0.77 -23.49
CA ASN D 152 28.32 -1.85 -23.96
C ASN D 152 29.07 -2.51 -22.80
N LYS D 153 29.56 -1.71 -21.86
CA LYS D 153 30.36 -2.28 -20.78
C LYS D 153 29.54 -3.26 -19.93
N VAL D 154 28.29 -2.93 -19.61
CA VAL D 154 27.54 -3.68 -18.60
C VAL D 154 26.59 -4.72 -19.20
N LEU D 155 26.43 -4.76 -20.50
CA LEU D 155 25.50 -5.72 -21.06
C LEU D 155 25.85 -7.15 -20.62
N PRO D 156 24.91 -7.92 -20.08
CA PRO D 156 25.21 -9.30 -19.68
C PRO D 156 25.71 -10.13 -20.84
N ALA D 157 26.63 -11.03 -20.51
CA ALA D 157 27.23 -11.89 -21.54
C ALA D 157 26.17 -12.65 -22.32
N GLU D 158 25.11 -13.10 -21.66
CA GLU D 158 24.04 -13.84 -22.33
C GLU D 158 23.32 -13.03 -23.40
N ILE D 159 23.44 -11.71 -23.40
CA ILE D 159 22.73 -10.79 -24.29
C ILE D 159 23.67 -10.23 -25.35
N ARG D 160 24.97 -10.14 -25.04
CA ARG D 160 25.92 -9.55 -25.96
C ARG D 160 25.83 -10.16 -27.34
N GLY D 161 25.68 -11.48 -27.40
CA GLY D 161 25.80 -12.19 -28.65
C GLY D 161 24.81 -11.75 -29.71
N VAL D 162 23.58 -11.45 -29.31
CA VAL D 162 22.59 -10.99 -30.27
C VAL D 162 22.59 -9.47 -30.43
N THR D 163 23.36 -8.75 -29.63
CA THR D 163 23.34 -7.29 -29.62
C THR D 163 24.48 -6.70 -30.45
N TYR D 164 25.73 -7.02 -30.12
CA TYR D 164 26.89 -6.44 -30.75
C TYR D 164 27.78 -7.52 -31.37
N HIS D 165 28.36 -7.20 -32.53
CA HIS D 165 29.29 -8.11 -33.17
C HIS D 165 30.67 -8.06 -32.53
N ASP D 166 31.08 -6.89 -32.06
CA ASP D 166 32.44 -6.62 -31.62
C ASP D 166 32.50 -6.26 -30.13
N GLU D 167 33.70 -6.32 -29.55
CA GLU D 167 33.86 -6.10 -28.11
C GLU D 167 33.56 -4.65 -27.71
N ARG D 168 33.82 -3.66 -28.59
CA ARG D 168 33.54 -2.27 -28.28
C ARG D 168 32.09 -1.86 -28.59
N GLY D 169 31.30 -2.78 -29.13
CA GLY D 169 29.91 -2.53 -29.42
C GLY D 169 29.68 -1.47 -30.48
N LEU D 170 30.67 -1.23 -31.33
CA LEU D 170 30.52 -0.30 -32.46
C LEU D 170 29.76 -0.90 -33.63
N LYS D 171 29.56 -2.21 -33.66
CA LYS D 171 28.88 -2.86 -34.77
C LYS D 171 27.72 -3.66 -34.21
N SER D 172 26.51 -3.36 -34.69
CA SER D 172 25.37 -4.17 -34.30
C SER D 172 25.45 -5.57 -34.91
N LYS D 173 24.90 -6.54 -34.19
CA LYS D 173 24.71 -7.86 -34.78
C LYS D 173 23.58 -7.86 -35.79
N PHE D 174 22.68 -6.89 -35.71
CA PHE D 174 21.49 -6.83 -36.54
C PHE D 174 20.62 -8.06 -36.34
N VAL D 175 20.59 -8.55 -35.10
CA VAL D 175 19.69 -9.62 -34.69
C VAL D 175 18.66 -9.07 -33.70
N VAL D 176 19.11 -8.75 -32.50
CA VAL D 176 18.34 -8.02 -31.50
C VAL D 176 19.06 -6.69 -31.27
N SER D 177 18.72 -5.64 -32.03
CA SER D 177 19.54 -4.43 -32.03
C SER D 177 19.03 -3.43 -30.98
N GLU D 178 19.94 -2.94 -30.13
CA GLU D 178 19.63 -1.79 -29.31
C GLU D 178 19.66 -0.52 -30.17
N THR D 179 18.81 0.43 -29.82
CA THR D 179 18.62 1.63 -30.64
C THR D 179 18.78 2.87 -29.79
N SER D 180 19.16 2.72 -28.54
CA SER D 180 19.32 3.86 -27.67
C SER D 180 20.72 4.47 -27.76
N SER D 181 21.66 3.86 -28.48
CA SER D 181 22.99 4.45 -28.56
C SER D 181 23.18 5.30 -29.82
N TYR D 182 22.10 5.66 -30.49
CA TYR D 182 22.19 6.61 -31.60
C TYR D 182 21.17 7.74 -31.51
N ARG D 183 20.45 7.86 -30.39
CA ARG D 183 19.49 8.93 -30.20
C ARG D 183 19.33 9.15 -28.70
N SER D 184 18.84 10.34 -28.32
CA SER D 184 18.70 10.61 -26.90
C SER D 184 17.47 9.92 -26.32
N ALA D 185 16.46 9.73 -27.13
CA ALA D 185 15.11 9.42 -26.66
C ALA D 185 14.28 9.02 -27.87
N LEU D 186 13.12 8.43 -27.59
CA LEU D 186 12.04 8.30 -28.55
C LEU D 186 11.63 9.67 -29.11
N GLN D 187 10.75 9.64 -30.09
CA GLN D 187 10.11 10.87 -30.55
C GLN D 187 9.40 11.57 -29.39
N TRP D 188 9.07 12.84 -29.62
CA TRP D 188 8.49 13.67 -28.58
C TRP D 188 7.70 14.83 -29.19
N VAL D 189 6.62 15.19 -28.52
CA VAL D 189 5.83 16.37 -28.86
C VAL D 189 5.72 17.24 -27.62
N PRO D 190 6.43 18.36 -27.55
CA PRO D 190 6.29 19.25 -26.41
C PRO D 190 4.99 20.03 -26.48
N ASP D 191 4.56 20.54 -25.32
CA ASP D 191 3.32 21.32 -25.21
C ASP D 191 3.54 22.76 -25.71
N TYR D 192 3.61 22.91 -27.04
CA TYR D 192 3.81 24.22 -27.65
C TYR D 192 2.71 25.20 -27.25
N GLU D 193 1.46 24.73 -27.18
CA GLU D 193 0.38 25.63 -26.84
C GLU D 193 0.64 26.28 -25.49
N LYS D 194 1.22 25.53 -24.56
CA LYS D 194 1.48 26.09 -23.25
C LYS D 194 2.51 27.21 -23.31
N ALA D 195 3.55 27.03 -24.13
CA ALA D 195 4.58 28.05 -24.23
C ALA D 195 4.03 29.34 -24.83
N MET D 196 3.24 29.26 -25.88
CA MET D 196 2.72 30.48 -26.51
C MET D 196 1.57 31.13 -25.71
N LYS D 197 0.77 30.33 -24.99
CA LYS D 197 -0.30 30.89 -24.14
C LYS D 197 0.25 31.57 -22.89
N ARG D 198 1.29 31.01 -22.27
CA ARG D 198 1.77 31.56 -21.01
C ARG D 198 3.05 32.36 -21.14
N GLY D 199 3.94 31.98 -22.06
CA GLY D 199 5.28 32.53 -22.05
C GLY D 199 6.12 32.02 -20.90
N PHE D 200 7.43 32.06 -21.09
CA PHE D 200 8.35 31.45 -20.12
C PHE D 200 8.59 32.29 -18.87
N ILE D 201 8.29 33.60 -18.89
CA ILE D 201 8.27 34.34 -17.63
C ILE D 201 7.28 33.72 -16.66
N ASP D 202 6.05 33.52 -17.13
CA ASP D 202 5.02 32.98 -16.27
C ASP D 202 5.32 31.53 -15.86
N ILE D 203 5.82 30.72 -16.78
CA ILE D 203 6.22 29.36 -16.41
C ILE D 203 7.35 29.42 -15.39
N GLN D 204 8.30 30.34 -15.59
CA GLN D 204 9.39 30.48 -14.63
C GLN D 204 8.88 30.94 -13.28
N ASN D 205 7.89 31.83 -13.29
CA ASN D 205 7.26 32.24 -12.03
C ASN D 205 6.60 31.07 -11.32
N GLU D 206 5.95 30.17 -12.06
CA GLU D 206 5.42 28.95 -11.42
C GLU D 206 6.54 28.16 -10.74
N ALA D 207 7.70 28.02 -11.39
CA ALA D 207 8.77 27.30 -10.72
C ALA D 207 9.22 28.05 -9.48
N LYS D 208 9.25 29.38 -9.54
CA LYS D 208 9.70 30.17 -8.39
C LYS D 208 8.73 30.05 -7.22
N ALA D 209 7.44 30.03 -7.53
CA ALA D 209 6.41 29.85 -6.50
C ALA D 209 6.49 28.45 -5.89
N LYS D 210 6.69 27.42 -6.71
CA LYS D 210 6.90 26.09 -6.15
C LYS D 210 8.11 26.06 -5.24
N LEU D 211 9.21 26.74 -5.64
CA LEU D 211 10.40 26.81 -4.79
C LEU D 211 10.12 27.51 -3.46
N ALA D 212 9.44 28.65 -3.49
CA ALA D 212 9.04 29.33 -2.26
C ALA D 212 8.15 28.46 -1.39
N GLY D 213 7.32 27.64 -2.01
CA GLY D 213 6.48 26.72 -1.27
C GLY D 213 7.22 25.57 -0.63
N LEU D 214 8.49 25.34 -0.95
CA LEU D 214 9.24 24.30 -0.27
C LEU D 214 9.43 24.67 1.18
N ASP D 215 9.62 23.66 2.02
CA ASP D 215 10.06 23.91 3.39
C ASP D 215 11.57 23.67 3.43
N LEU D 216 12.32 24.76 3.23
CA LEU D 216 13.77 24.71 3.23
C LEU D 216 14.35 24.65 4.62
N THR D 217 13.52 24.53 5.65
CA THR D 217 14.05 24.17 6.96
C THR D 217 14.05 22.67 7.18
N ASN D 218 13.30 21.90 6.38
CA ASN D 218 13.20 20.48 6.69
C ASN D 218 14.41 19.74 6.14
N SER D 219 14.46 18.43 6.40
CA SER D 219 15.65 17.64 6.16
C SER D 219 15.88 17.31 4.70
N VAL D 220 14.88 17.49 3.81
CA VAL D 220 14.89 16.83 2.51
C VAL D 220 14.64 17.75 1.30
N ASP D 221 13.77 18.77 1.45
CA ASP D 221 13.29 19.50 0.29
C ASP D 221 14.45 20.18 -0.44
N ILE D 222 15.42 20.64 0.34
CA ILE D 222 16.56 21.37 -0.21
C ILE D 222 17.35 20.49 -1.17
N TRP D 223 17.34 19.17 -0.95
CA TRP D 223 17.98 18.23 -1.87
C TRP D 223 17.01 17.59 -2.86
N GLU D 224 15.84 17.11 -2.40
CA GLU D 224 15.01 16.31 -3.30
C GLU D 224 14.28 17.13 -4.36
N LYS D 225 13.98 18.40 -4.07
CA LYS D 225 13.08 19.22 -4.88
C LYS D 225 13.71 20.52 -5.37
N LYS D 226 14.48 21.21 -4.52
CA LYS D 226 15.00 22.51 -4.90
C LYS D 226 15.84 22.44 -6.15
N PRO D 227 16.78 21.50 -6.27
CA PRO D 227 17.62 21.44 -7.48
C PRO D 227 16.82 21.29 -8.76
N PHE D 228 15.73 20.52 -8.75
CA PHE D 228 14.91 20.41 -9.95
C PHE D 228 14.29 21.75 -10.31
N LEU D 229 13.75 22.43 -9.31
CA LEU D 229 13.14 23.74 -9.55
C LEU D 229 14.17 24.76 -10.04
N GLU D 230 15.39 24.74 -9.48
CA GLU D 230 16.48 25.60 -9.99
C GLU D 230 16.75 25.29 -11.45
N ALA D 231 16.76 23.99 -11.80
CA ALA D 231 16.94 23.59 -13.19
C ALA D 231 15.88 24.23 -14.08
N MET D 232 14.62 24.17 -13.65
CA MET D 232 13.54 24.74 -14.44
C MET D 232 13.69 26.26 -14.60
N ILE D 233 14.02 26.96 -13.52
CA ILE D 233 14.21 28.40 -13.59
C ILE D 233 15.31 28.74 -14.59
N ILE D 234 16.42 28.00 -14.53
CA ILE D 234 17.54 28.23 -15.42
C ILE D 234 17.17 27.94 -16.87
N VAL D 235 16.42 26.87 -17.12
CA VAL D 235 16.18 26.54 -18.53
C VAL D 235 15.21 27.54 -19.12
N CYS D 236 14.32 28.09 -18.30
CA CYS D 236 13.49 29.19 -18.80
C CYS D 236 14.37 30.39 -19.14
N ASP D 237 15.38 30.67 -18.30
CA ASP D 237 16.31 31.75 -18.65
C ASP D 237 17.03 31.43 -19.95
N ALA D 238 17.45 30.17 -20.12
CA ALA D 238 18.18 29.78 -21.32
C ALA D 238 17.41 30.13 -22.58
N ILE D 239 16.15 29.69 -22.68
CA ILE D 239 15.48 29.90 -23.95
C ILE D 239 15.16 31.38 -24.15
N MET D 240 14.93 32.13 -23.06
CA MET D 240 14.61 33.54 -23.17
C MET D 240 15.85 34.37 -23.55
N ILE D 241 16.98 34.07 -22.92
CA ILE D 241 18.23 34.67 -23.35
C ILE D 241 18.45 34.41 -24.83
N TRP D 242 18.23 33.17 -25.25
CA TRP D 242 18.47 32.82 -26.65
C TRP D 242 17.62 33.67 -27.59
N ALA D 243 16.35 33.88 -27.22
CA ALA D 243 15.48 34.69 -28.08
C ALA D 243 15.85 36.17 -28.07
N LYS D 244 16.18 36.71 -26.90
CA LYS D 244 16.59 38.11 -26.85
C LYS D 244 17.73 38.34 -27.81
N ARG D 245 18.67 37.40 -27.90
CA ARG D 245 19.83 37.58 -28.77
C ARG D 245 19.41 37.69 -30.22
N HIS D 246 18.32 37.02 -30.60
CA HIS D 246 17.84 37.16 -31.96
C HIS D 246 17.22 38.51 -32.21
N ALA D 247 16.56 39.09 -31.19
CA ALA D 247 15.97 40.41 -31.39
C ALA D 247 17.06 41.42 -31.74
N GLN D 248 18.14 41.43 -30.96
CA GLN D 248 19.26 42.31 -31.23
C GLN D 248 19.86 42.05 -32.62
N LEU D 249 20.04 40.77 -32.98
CA LEU D 249 20.54 40.43 -34.30
C LEU D 249 19.62 40.96 -35.38
N ALA D 250 18.32 40.92 -35.14
CA ALA D 250 17.41 41.41 -36.17
C ALA D 250 17.57 42.93 -36.33
N ARG D 251 17.70 43.67 -35.22
N ARG D 251 17.68 43.66 -35.21
CA ARG D 251 17.89 45.11 -35.32
CA ARG D 251 17.91 45.10 -35.28
C ARG D 251 19.23 45.44 -35.97
C ARG D 251 19.21 45.40 -36.01
N ASP D 252 20.29 44.72 -35.61
CA ASP D 252 21.58 44.96 -36.27
C ASP D 252 21.49 44.67 -37.76
N THR D 253 20.80 43.60 -38.14
CA THR D 253 20.69 43.26 -39.56
C THR D 253 19.86 44.29 -40.31
N ALA D 254 18.84 44.83 -39.66
CA ALA D 254 18.03 45.88 -40.29
C ALA D 254 18.88 47.12 -40.52
N ALA D 255 19.63 47.55 -39.50
CA ALA D 255 20.56 48.66 -39.68
C ALA D 255 21.39 48.49 -40.94
N ALA D 256 21.90 47.28 -41.18
CA ALA D 256 22.76 47.04 -42.34
C ALA D 256 22.01 46.74 -43.62
N THR D 257 20.68 46.88 -43.63
CA THR D 257 19.88 46.54 -44.80
C THR D 257 19.30 47.81 -45.42
N SER D 258 19.48 47.98 -46.73
CA SER D 258 19.01 49.18 -47.40
C SER D 258 17.66 49.02 -48.06
N ASP D 259 17.34 47.83 -48.55
CA ASP D 259 15.99 47.57 -49.03
C ASP D 259 14.99 47.98 -47.95
N PRO D 260 14.09 48.92 -48.22
CA PRO D 260 13.21 49.38 -47.15
C PRO D 260 12.24 48.30 -46.69
N VAL D 261 11.73 47.49 -47.61
CA VAL D 261 10.82 46.41 -47.24
C VAL D 261 11.51 45.46 -46.26
N ARG D 262 12.68 44.94 -46.63
CA ARG D 262 13.34 43.92 -45.81
C ARG D 262 13.79 44.51 -44.48
N LYS D 263 14.29 45.74 -44.50
CA LYS D 263 14.57 46.43 -43.23
C LYS D 263 13.36 46.34 -42.31
N GLN D 264 12.16 46.58 -42.88
CA GLN D 264 10.94 46.62 -42.07
C GLN D 264 10.56 45.22 -41.57
N GLU D 265 10.71 44.20 -42.41
CA GLU D 265 10.52 42.82 -41.97
C GLU D 265 11.40 42.53 -40.77
N LEU D 266 12.68 42.91 -40.86
CA LEU D 266 13.63 42.63 -39.79
C LEU D 266 13.26 43.38 -38.53
N LEU D 267 12.75 44.61 -38.66
CA LEU D 267 12.38 45.37 -37.46
C LEU D 267 11.15 44.77 -36.80
N ARG D 268 10.18 44.31 -37.60
CA ARG D 268 9.03 43.59 -37.04
C ARG D 268 9.46 42.30 -36.36
N MET D 269 10.37 41.57 -37.01
CA MET D 269 10.95 40.37 -36.43
C MET D 269 11.66 40.68 -35.12
N ALA D 270 12.30 41.84 -35.04
CA ALA D 270 12.95 42.21 -33.78
C ALA D 270 11.92 42.37 -32.67
N ASP D 271 10.81 43.05 -32.96
CA ASP D 271 9.79 43.21 -31.93
C ASP D 271 9.19 41.87 -31.54
N ILE D 272 8.95 41.00 -32.52
CA ILE D 272 8.40 39.69 -32.22
C ILE D 272 9.30 38.96 -31.24
N CYS D 273 10.60 38.96 -31.53
CA CYS D 273 11.52 38.17 -30.72
C CYS D 273 11.76 38.78 -29.36
N GLU D 274 11.55 40.10 -29.19
CA GLU D 274 11.61 40.65 -27.84
C GLU D 274 10.42 40.21 -27.00
N HIS D 275 9.28 39.92 -27.64
CA HIS D 275 8.08 39.55 -26.88
C HIS D 275 7.99 38.05 -26.58
N VAL D 276 8.08 37.19 -27.61
CA VAL D 276 8.00 35.74 -27.45
C VAL D 276 9.41 35.14 -27.47
N PRO D 277 9.66 34.07 -26.70
CA PRO D 277 8.67 33.32 -25.92
C PRO D 277 8.58 33.76 -24.46
N ALA D 278 9.18 34.91 -24.11
CA ALA D 278 9.12 35.36 -22.72
C ALA D 278 7.69 35.62 -22.28
N TYR D 279 6.87 36.19 -23.16
CA TYR D 279 5.52 36.64 -22.88
C TYR D 279 4.55 35.94 -23.81
N PRO D 280 3.26 35.94 -23.47
CA PRO D 280 2.29 35.29 -24.34
C PRO D 280 2.25 35.88 -25.74
N ALA D 281 2.15 35.00 -26.72
CA ALA D 281 1.98 35.44 -28.10
C ALA D 281 0.72 36.25 -28.23
N ARG D 282 0.77 37.30 -29.04
CA ARG D 282 -0.38 38.19 -29.21
C ARG D 282 -1.06 38.02 -30.55
N ASN D 283 -0.51 37.21 -31.45
CA ASN D 283 -1.01 37.07 -32.80
C ASN D 283 -0.36 35.86 -33.45
N PHE D 284 -0.84 35.53 -34.65
CA PHE D 284 -0.39 34.33 -35.34
C PHE D 284 1.11 34.37 -35.62
N ARG D 285 1.65 35.51 -36.02
N ARG D 285 1.64 35.51 -36.03
CA ARG D 285 3.08 35.58 -36.27
CA ARG D 285 3.08 35.58 -36.28
C ARG D 285 3.86 35.32 -35.00
C ARG D 285 3.87 35.34 -35.00
N GLU D 286 3.35 35.78 -33.86
CA GLU D 286 4.06 35.54 -32.61
C GLU D 286 3.90 34.10 -32.16
N ALA D 287 2.72 33.52 -32.38
CA ALA D 287 2.49 32.14 -31.98
C ALA D 287 3.43 31.22 -32.72
N VAL D 288 3.62 31.48 -34.03
CA VAL D 288 4.50 30.67 -34.86
C VAL D 288 5.94 30.84 -34.44
N GLN D 289 6.37 32.07 -34.17
CA GLN D 289 7.77 32.27 -33.81
C GLN D 289 8.06 31.67 -32.44
N CYS D 290 7.06 31.66 -31.55
CA CYS D 290 7.19 30.97 -30.28
C CYS D 290 7.40 29.47 -30.50
N GLN D 291 6.51 28.85 -31.26
CA GLN D 291 6.65 27.43 -31.61
C GLN D 291 8.02 27.15 -32.19
N TRP D 292 8.48 28.03 -33.08
CA TRP D 292 9.77 27.85 -33.74
C TRP D 292 10.90 27.87 -32.73
N PHE D 293 10.88 28.82 -31.81
CA PHE D 293 11.90 28.86 -30.78
C PHE D 293 11.87 27.59 -29.92
N VAL D 294 10.68 27.10 -29.60
CA VAL D 294 10.59 25.93 -28.72
C VAL D 294 11.11 24.68 -29.44
N GLN D 295 10.71 24.48 -30.71
CA GLN D 295 11.18 23.28 -31.39
C GLN D 295 12.68 23.37 -31.75
N MET D 296 13.19 24.56 -32.03
CA MET D 296 14.63 24.64 -32.28
C MET D 296 15.40 24.45 -30.99
N PHE D 297 14.95 25.03 -29.90
CA PHE D 297 15.68 24.84 -28.66
C PHE D 297 15.56 23.40 -28.15
N SER D 298 14.47 22.71 -28.50
CA SER D 298 14.35 21.27 -28.27
C SER D 298 15.47 20.51 -28.98
N ARG D 299 15.83 20.94 -30.20
CA ARG D 299 16.97 20.33 -30.88
C ARG D 299 18.25 20.57 -30.11
N ILE D 300 18.41 21.77 -29.54
CA ILE D 300 19.58 22.04 -28.70
C ILE D 300 19.58 21.14 -27.46
N GLU D 301 18.40 20.92 -26.89
CA GLU D 301 18.28 20.11 -25.69
C GLU D 301 18.79 18.69 -25.92
N GLN D 302 18.35 18.04 -26.99
CA GLN D 302 18.59 16.61 -27.14
C GLN D 302 18.19 16.16 -28.54
N LYS D 303 18.44 14.89 -28.81
CA LYS D 303 18.10 14.25 -30.08
C LYS D 303 16.89 13.33 -29.87
N ALA D 304 15.70 13.92 -29.80
CA ALA D 304 14.47 13.13 -29.84
C ALA D 304 14.33 12.47 -31.20
N SER D 305 13.95 11.20 -31.19
CA SER D 305 14.00 10.41 -32.41
C SER D 305 13.10 11.04 -33.47
N ALA D 306 13.55 10.97 -34.73
CA ALA D 306 12.87 11.44 -35.94
C ALA D 306 12.99 12.96 -36.14
N ILE D 307 13.65 13.64 -35.22
CA ILE D 307 13.67 15.10 -35.02
C ILE D 307 12.33 15.54 -34.42
N ILE D 308 12.40 16.44 -33.45
CA ILE D 308 11.24 16.80 -32.63
C ILE D 308 10.00 17.05 -33.47
N SER D 309 8.87 16.55 -32.98
CA SER D 309 7.64 16.70 -33.72
C SER D 309 6.90 17.97 -33.28
N ASN D 310 5.90 18.37 -34.06
CA ASN D 310 5.37 19.71 -33.98
C ASN D 310 3.94 19.83 -33.43
N GLY D 311 3.27 18.74 -33.20
CA GLY D 311 2.00 18.79 -32.54
C GLY D 311 0.85 19.16 -33.47
N ARG D 312 -0.28 19.46 -32.82
CA ARG D 312 -1.55 19.72 -33.50
C ARG D 312 -1.61 21.20 -33.92
N MET D 313 -0.79 21.53 -34.92
CA MET D 313 -0.57 22.94 -35.26
C MET D 313 -1.86 23.61 -35.71
N ASP D 314 -2.73 22.88 -36.44
CA ASP D 314 -4.01 23.46 -36.84
C ASP D 314 -4.95 23.74 -35.68
N GLN D 315 -4.71 23.12 -34.52
CA GLN D 315 -5.55 23.35 -33.35
C GLN D 315 -5.01 24.50 -32.51
N TYR D 316 -3.73 24.48 -32.16
CA TYR D 316 -3.28 25.51 -31.23
C TYR D 316 -2.97 26.83 -31.92
N LEU D 317 -2.76 26.85 -33.24
CA LEU D 317 -2.59 28.10 -33.95
C LEU D 317 -3.92 28.73 -34.35
N TYR D 318 -5.01 27.97 -34.31
CA TYR D 318 -6.25 28.43 -34.91
C TYR D 318 -6.80 29.68 -34.23
N PRO D 319 -6.91 29.75 -32.91
CA PRO D 319 -7.39 31.02 -32.28
C PRO D 319 -6.63 32.25 -32.74
N TYR D 320 -5.29 32.17 -32.89
CA TYR D 320 -4.52 33.30 -33.37
C TYR D 320 -4.83 33.60 -34.83
N TYR D 321 -4.83 32.57 -35.67
CA TYR D 321 -5.21 32.68 -37.06
C TYR D 321 -6.54 33.41 -37.20
N LYS D 322 -7.56 32.88 -36.54
CA LYS D 322 -8.93 33.36 -36.71
C LYS D 322 -9.05 34.81 -36.29
N LYS D 323 -8.49 35.15 -35.15
CA LYS D 323 -8.53 36.51 -34.66
C LYS D 323 -7.87 37.46 -35.67
N ASP D 324 -6.67 37.13 -36.15
CA ASP D 324 -5.98 38.02 -37.08
C ASP D 324 -6.68 38.12 -38.43
N ILE D 325 -7.24 37.02 -38.93
CA ILE D 325 -7.99 37.08 -40.19
C ILE D 325 -9.17 38.04 -40.04
N GLU D 326 -9.94 37.88 -38.96
CA GLU D 326 -11.11 38.71 -38.72
C GLU D 326 -10.74 40.18 -38.60
N GLU D 327 -9.62 40.48 -37.96
CA GLU D 327 -9.20 41.84 -37.71
C GLU D 327 -8.45 42.45 -38.89
N GLY D 328 -8.35 41.74 -40.01
CA GLY D 328 -7.65 42.28 -41.15
C GLY D 328 -6.14 42.38 -41.05
N THR D 329 -5.52 41.83 -40.00
CA THR D 329 -4.06 41.90 -39.86
C THR D 329 -3.32 40.74 -40.50
N LEU D 330 -4.04 39.77 -41.07
CA LEU D 330 -3.42 38.60 -41.63
C LEU D 330 -4.33 38.07 -42.71
N THR D 331 -3.73 37.64 -43.81
CA THR D 331 -4.46 36.90 -44.82
C THR D 331 -4.03 35.44 -44.80
N SER D 332 -4.89 34.60 -45.35
CA SER D 332 -4.58 33.18 -45.39
C SER D 332 -3.34 32.94 -46.24
N GLU D 333 -3.18 33.72 -47.31
CA GLU D 333 -1.98 33.65 -48.12
C GLU D 333 -0.74 33.98 -47.29
N GLU D 334 -0.84 34.97 -46.42
CA GLU D 334 0.30 35.34 -45.60
C GLU D 334 0.59 34.24 -44.56
N ALA D 335 -0.47 33.65 -44.02
CA ALA D 335 -0.33 32.51 -43.12
C ALA D 335 0.43 31.38 -43.79
N LYS D 336 -0.01 31.00 -45.00
CA LYS D 336 0.70 29.96 -45.74
C LYS D 336 2.17 30.30 -45.87
N GLU D 337 2.46 31.55 -46.24
CA GLU D 337 3.85 31.92 -46.45
C GLU D 337 4.65 31.67 -45.18
N LEU D 338 4.11 32.05 -44.03
CA LEU D 338 4.87 31.87 -42.81
C LEU D 338 5.07 30.38 -42.48
N LEU D 339 4.03 29.55 -42.61
CA LEU D 339 4.19 28.10 -42.45
C LEU D 339 5.21 27.54 -43.42
N GLU D 340 5.16 27.96 -44.68
CA GLU D 340 6.14 27.45 -45.63
C GLU D 340 7.54 27.92 -45.31
N CYS D 341 7.67 29.12 -44.72
CA CYS D 341 8.96 29.55 -44.19
C CYS D 341 9.48 28.54 -43.18
N MET D 342 8.58 27.99 -42.37
CA MET D 342 8.98 26.98 -41.40
C MET D 342 9.53 25.75 -42.10
N TRP D 343 8.84 25.27 -43.13
CA TRP D 343 9.27 24.06 -43.78
C TRP D 343 10.65 24.22 -44.39
N VAL D 344 10.96 25.38 -44.96
CA VAL D 344 12.20 25.44 -45.71
C VAL D 344 13.39 25.58 -44.78
N ASP D 345 13.21 26.10 -43.56
CA ASP D 345 14.33 26.04 -42.62
C ASP D 345 14.40 24.71 -41.89
N MET D 346 13.26 24.07 -41.60
CA MET D 346 13.30 22.69 -41.10
C MET D 346 14.06 21.79 -42.05
N ALA D 347 13.91 22.04 -43.36
CA ALA D 347 14.59 21.22 -44.37
C ALA D 347 16.08 21.44 -44.40
N GLN D 348 16.59 22.43 -43.66
CA GLN D 348 18.03 22.60 -43.56
C GLN D 348 18.64 21.92 -42.34
N PHE D 349 17.82 21.49 -41.39
CA PHE D 349 18.31 20.74 -40.24
C PHE D 349 18.22 19.25 -40.56
N ILE D 350 19.38 18.62 -40.70
CA ILE D 350 19.50 17.25 -41.19
C ILE D 350 19.89 16.37 -40.02
N ASP D 351 19.23 15.23 -39.86
CA ASP D 351 19.55 14.33 -38.75
C ASP D 351 20.91 13.66 -39.00
N LEU D 352 21.85 13.93 -38.10
CA LEU D 352 23.22 13.40 -38.21
C LEU D 352 23.38 12.21 -37.27
N TYR D 353 23.44 11.02 -37.84
CA TYR D 353 23.71 9.79 -37.11
C TYR D 353 25.18 9.43 -37.27
N ILE D 354 25.91 9.45 -36.16
CA ILE D 354 27.28 9.00 -36.13
C ILE D 354 27.37 7.48 -36.03
N ASN D 355 26.72 6.90 -35.02
CA ASN D 355 26.59 5.46 -34.83
C ASN D 355 26.08 4.82 -36.10
N PRO D 356 26.84 3.92 -36.73
CA PRO D 356 26.38 3.30 -37.98
C PRO D 356 25.02 2.64 -37.88
N THR D 357 24.66 2.10 -36.72
CA THR D 357 23.34 1.49 -36.59
C THR D 357 22.25 2.52 -36.84
N GLY D 358 22.39 3.69 -36.20
CA GLY D 358 21.47 4.78 -36.50
C GLY D 358 21.45 5.15 -37.96
N ASN D 359 22.63 5.27 -38.58
CA ASN D 359 22.67 5.66 -39.99
C ASN D 359 21.95 4.64 -40.86
N GLU D 360 22.18 3.36 -40.60
CA GLU D 360 21.56 2.34 -41.43
C GLU D 360 20.10 2.10 -41.06
N PHE D 361 19.69 2.43 -39.84
CA PHE D 361 18.26 2.41 -39.53
C PHE D 361 17.54 3.67 -39.98
N GLN D 362 18.25 4.74 -40.32
CA GLN D 362 17.62 5.98 -40.78
C GLN D 362 18.34 6.51 -42.03
N GLU D 363 18.52 5.63 -43.00
CA GLU D 363 19.39 5.97 -44.12
C GLU D 363 18.73 7.02 -45.00
N GLY D 364 19.57 7.84 -45.64
CA GLY D 364 19.06 8.88 -46.49
C GLY D 364 18.60 10.10 -45.72
N TYR D 365 19.19 10.35 -44.54
CA TYR D 365 18.78 11.45 -43.66
C TYR D 365 17.30 11.32 -43.26
N ALA D 366 16.84 10.08 -43.04
CA ALA D 366 15.42 9.87 -42.78
C ALA D 366 14.97 10.72 -41.61
N HIS D 367 13.74 11.25 -41.69
CA HIS D 367 13.26 12.16 -40.67
C HIS D 367 11.73 12.17 -40.73
N TRP D 368 11.10 12.45 -39.58
CA TRP D 368 9.62 12.50 -39.50
C TRP D 368 9.18 13.53 -38.45
N GLU D 369 9.36 14.81 -38.76
CA GLU D 369 8.92 15.90 -37.88
C GLU D 369 7.42 16.10 -38.08
N ALA D 370 6.65 15.20 -37.46
CA ALA D 370 5.21 15.14 -37.75
C ALA D 370 4.51 16.45 -37.41
N VAL D 371 3.71 16.94 -38.36
CA VAL D 371 2.73 17.98 -38.14
C VAL D 371 1.34 17.35 -38.18
N THR D 372 0.58 17.49 -37.10
CA THR D 372 -0.73 16.86 -36.98
C THR D 372 -1.84 17.84 -37.36
N VAL D 373 -2.74 17.42 -38.25
CA VAL D 373 -3.96 18.18 -38.55
C VAL D 373 -5.16 17.26 -38.48
N GLY D 374 -6.29 17.87 -38.18
CA GLY D 374 -7.53 17.13 -38.10
C GLY D 374 -7.60 16.31 -36.84
N GLY D 375 -8.60 15.46 -36.80
CA GLY D 375 -8.85 14.62 -35.65
C GLY D 375 -10.08 15.03 -34.90
N GLN D 376 -10.03 14.88 -33.59
CA GLN D 376 -11.12 15.24 -32.71
C GLN D 376 -10.60 16.20 -31.66
N THR D 377 -11.54 16.94 -31.05
CA THR D 377 -11.21 17.80 -29.93
C THR D 377 -11.16 16.98 -28.66
N PRO D 378 -10.74 17.58 -27.55
CA PRO D 378 -10.77 16.86 -26.26
C PRO D 378 -12.15 16.40 -25.84
N GLU D 379 -13.20 16.88 -26.50
CA GLU D 379 -14.58 16.53 -26.20
C GLU D 379 -15.14 15.53 -27.19
N GLY D 380 -14.34 15.05 -28.11
CA GLY D 380 -14.80 14.00 -29.01
C GLY D 380 -15.60 14.45 -30.21
N GLU D 381 -15.50 15.71 -30.61
CA GLU D 381 -16.12 16.20 -31.84
C GLU D 381 -15.05 16.40 -32.90
N ASP D 382 -15.48 16.48 -34.15
CA ASP D 382 -14.51 16.70 -35.21
C ASP D 382 -13.84 18.05 -34.97
N ALA D 383 -12.53 18.11 -35.26
CA ALA D 383 -11.73 19.30 -35.00
C ALA D 383 -11.28 20.00 -36.28
N THR D 384 -11.81 19.61 -37.43
CA THR D 384 -11.49 20.28 -38.68
C THR D 384 -11.82 21.77 -38.58
N ASN D 385 -10.85 22.61 -38.98
CA ASN D 385 -11.08 24.04 -39.15
C ASN D 385 -10.38 24.53 -40.42
N GLU D 386 -10.42 25.85 -40.64
CA GLU D 386 -9.89 26.40 -41.88
C GLU D 386 -8.39 26.19 -41.97
N LEU D 387 -7.69 26.30 -40.84
CA LEU D 387 -6.26 25.97 -40.84
C LEU D 387 -6.00 24.53 -41.31
N SER D 388 -6.84 23.59 -40.88
CA SER D 388 -6.67 22.22 -41.35
C SER D 388 -6.63 22.17 -42.88
N TYR D 389 -7.59 22.86 -43.53
CA TYR D 389 -7.63 22.90 -45.00
C TYR D 389 -6.42 23.63 -45.57
N LEU D 390 -5.97 24.69 -44.90
CA LEU D 390 -4.86 25.46 -45.40
C LEU D 390 -3.59 24.62 -45.47
N PHE D 391 -3.37 23.77 -44.46
CA PHE D 391 -2.20 22.90 -44.47
C PHE D 391 -2.21 21.96 -45.68
N LEU D 392 -3.38 21.41 -46.00
CA LEU D 392 -3.46 20.48 -47.13
C LEU D 392 -3.30 21.21 -48.46
N GLU D 393 -3.90 22.40 -48.61
CA GLU D 393 -3.65 23.23 -49.80
C GLU D 393 -2.17 23.51 -49.98
N SER D 394 -1.52 23.99 -48.91
CA SER D 394 -0.11 24.34 -49.01
C SER D 394 0.73 23.13 -49.41
N LYS D 395 0.39 21.93 -48.91
CA LYS D 395 1.17 20.76 -49.29
C LYS D 395 1.00 20.44 -50.77
N ARG D 396 -0.21 20.61 -51.31
CA ARG D 396 -0.38 20.42 -52.75
C ARG D 396 0.32 21.53 -53.55
N GLU D 397 0.25 22.76 -53.08
CA GLU D 397 0.76 23.90 -53.84
C GLU D 397 2.27 24.03 -53.78
N PHE D 398 2.88 23.56 -52.70
CA PHE D 398 4.30 23.76 -52.44
C PHE D 398 4.92 22.39 -52.16
N PRO D 399 4.97 21.53 -53.19
CA PRO D 399 5.42 20.16 -53.00
C PRO D 399 6.84 20.12 -52.47
N MET D 400 7.01 19.44 -51.36
CA MET D 400 8.34 19.30 -50.78
C MET D 400 8.27 18.17 -49.76
N THR D 401 9.43 17.73 -49.31
CA THR D 401 9.51 16.60 -48.37
C THR D 401 9.32 17.04 -46.93
N TYR D 402 9.08 18.32 -46.71
CA TYR D 402 8.77 18.86 -45.40
C TYR D 402 7.49 19.66 -45.59
N PRO D 403 6.63 19.71 -44.58
CA PRO D 403 6.70 18.98 -43.31
C PRO D 403 6.18 17.55 -43.46
N ASP D 404 6.33 16.71 -42.43
CA ASP D 404 5.70 15.40 -42.48
C ASP D 404 4.24 15.55 -42.05
N LEU D 405 3.39 15.85 -43.00
CA LEU D 405 2.02 16.21 -42.72
C LEU D 405 1.21 14.96 -42.42
N ALA D 406 0.52 14.96 -41.30
CA ALA D 406 -0.10 13.76 -40.79
C ALA D 406 -1.51 14.09 -40.36
N VAL D 407 -2.48 13.33 -40.86
CA VAL D 407 -3.89 13.59 -40.63
C VAL D 407 -4.47 12.53 -39.74
N ARG D 408 -5.16 12.95 -38.67
CA ARG D 408 -5.96 12.06 -37.83
C ARG D 408 -7.35 11.84 -38.45
N ILE D 409 -7.76 10.60 -38.49
CA ILE D 409 -9.02 10.16 -39.07
C ILE D 409 -9.86 9.54 -37.97
N HIS D 410 -11.17 9.70 -38.07
CA HIS D 410 -12.08 9.04 -37.15
C HIS D 410 -13.37 8.74 -37.88
N SER D 411 -14.28 8.09 -37.18
CA SER D 411 -15.47 7.60 -37.86
C SER D 411 -16.44 8.70 -38.25
N ARG D 412 -16.22 9.94 -37.80
CA ARG D 412 -17.04 11.07 -38.25
C ARG D 412 -16.21 12.15 -38.94
N THR D 413 -15.08 11.78 -39.49
CA THR D 413 -14.37 12.72 -40.32
C THR D 413 -15.32 13.23 -41.41
N PRO D 414 -15.48 14.55 -41.57
CA PRO D 414 -16.42 15.07 -42.58
C PRO D 414 -16.02 14.72 -44.00
N ASP D 415 -17.02 14.38 -44.80
CA ASP D 415 -16.82 14.11 -46.22
C ASP D 415 -15.98 15.19 -46.89
N ARG D 416 -16.33 16.45 -46.65
CA ARG D 416 -15.62 17.53 -47.32
C ARG D 416 -14.13 17.49 -46.99
N PHE D 417 -13.78 17.25 -45.72
CA PHE D 417 -12.37 17.16 -45.35
C PHE D 417 -11.73 15.91 -45.92
N LEU D 418 -12.47 14.80 -45.95
CA LEU D 418 -11.90 13.57 -46.47
C LEU D 418 -11.64 13.68 -47.96
N TYR D 419 -12.53 14.39 -48.67
CA TYR D 419 -12.30 14.68 -50.07
C TYR D 419 -11.03 15.49 -50.25
N GLU D 420 -10.86 16.54 -49.43
CA GLU D 420 -9.64 17.32 -49.47
C GLU D 420 -8.41 16.45 -49.26
N ILE D 421 -8.51 15.49 -48.32
CA ILE D 421 -7.41 14.54 -48.10
C ILE D 421 -7.16 13.73 -49.37
N ALA D 422 -8.23 13.27 -50.02
CA ALA D 422 -8.09 12.48 -51.23
C ALA D 422 -7.44 13.28 -52.34
N LEU D 423 -7.76 14.58 -52.44
CA LEU D 423 -7.12 15.40 -53.47
C LEU D 423 -5.64 15.50 -53.21
N THR D 424 -5.26 15.61 -51.94
CA THR D 424 -3.84 15.68 -51.63
C THR D 424 -3.13 14.36 -51.92
N VAL D 425 -3.76 13.24 -51.55
CA VAL D 425 -3.22 11.93 -51.89
C VAL D 425 -3.00 11.85 -53.39
N GLN D 426 -4.02 12.22 -54.16
CA GLN D 426 -4.01 12.22 -55.63
C GLN D 426 -2.81 12.99 -56.20
N ASP D 427 -2.43 14.07 -55.53
CA ASP D 427 -1.35 14.93 -56.02
C ASP D 427 -0.04 14.15 -56.15
N GLY D 428 0.09 13.01 -55.48
CA GLY D 428 1.22 12.12 -55.71
C GLY D 428 2.52 12.49 -55.02
N SER D 429 2.46 13.23 -53.91
CA SER D 429 3.67 13.60 -53.18
C SER D 429 3.85 12.81 -51.88
N GLY D 430 2.95 11.87 -51.58
CA GLY D 430 3.09 11.05 -50.40
C GLY D 430 2.44 11.62 -49.17
N PHE D 431 1.42 12.47 -49.34
CA PHE D 431 0.82 13.15 -48.21
C PHE D 431 -0.69 13.13 -48.35
N PRO D 432 -1.41 13.28 -47.24
CA PRO D 432 -0.86 13.13 -45.87
C PRO D 432 -0.70 11.66 -45.51
N LYS D 433 0.04 11.33 -44.46
CA LYS D 433 -0.08 10.01 -43.84
C LYS D 433 -1.28 10.03 -42.90
N LEU D 434 -1.90 8.88 -42.70
CA LEU D 434 -3.12 8.76 -41.91
C LEU D 434 -2.92 7.92 -40.66
N ILE D 435 -3.53 8.39 -39.59
CA ILE D 435 -3.55 7.70 -38.31
C ILE D 435 -4.99 7.64 -37.82
N ASN D 436 -5.40 6.48 -37.31
CA ASN D 436 -6.79 6.18 -37.01
C ASN D 436 -7.11 6.36 -35.52
N ASP D 437 -7.81 7.45 -35.21
CA ASP D 437 -8.34 7.65 -33.86
C ASP D 437 -9.08 6.42 -33.34
N GLU D 438 -9.83 5.73 -34.19
CA GLU D 438 -10.68 4.65 -33.70
C GLU D 438 -9.89 3.45 -33.18
N GLU D 439 -8.63 3.32 -33.58
CA GLU D 439 -7.65 2.40 -33.02
C GLU D 439 -6.87 3.04 -31.84
N VAL D 440 -6.30 4.20 -32.11
CA VAL D 440 -5.36 4.83 -31.19
C VAL D 440 -6.03 5.18 -29.87
N VAL D 441 -7.18 5.82 -29.92
CA VAL D 441 -7.69 6.47 -28.72
C VAL D 441 -8.13 5.43 -27.69
N PRO D 442 -8.93 4.43 -28.06
CA PRO D 442 -9.30 3.40 -27.07
C PRO D 442 -8.10 2.68 -26.48
N LEU D 443 -7.13 2.30 -27.30
CA LEU D 443 -5.96 1.62 -26.78
C LEU D 443 -5.26 2.49 -25.76
N ASN D 444 -5.02 3.75 -26.10
CA ASN D 444 -4.24 4.57 -25.18
C ASN D 444 -5.03 4.84 -23.91
N ALA D 445 -6.35 4.98 -24.04
CA ALA D 445 -7.17 5.27 -22.86
C ALA D 445 -7.32 4.04 -21.96
N ILE D 446 -7.52 2.85 -22.56
CA ILE D 446 -7.56 1.61 -21.80
C ILE D 446 -6.26 1.43 -21.03
N LYS D 447 -5.14 1.83 -21.64
CA LYS D 447 -3.86 1.69 -20.97
C LYS D 447 -3.65 2.74 -19.90
N GLY D 448 -4.60 3.65 -19.72
CA GLY D 448 -4.53 4.55 -18.58
C GLY D 448 -4.57 6.02 -18.88
N CYS D 449 -4.59 6.44 -20.13
CA CYS D 449 -4.62 7.87 -20.40
C CYS D 449 -6.06 8.38 -20.24
N PRO D 450 -6.28 9.46 -19.46
CA PRO D 450 -7.61 10.08 -19.43
C PRO D 450 -8.13 10.34 -20.84
N ILE D 451 -9.40 10.00 -21.04
CA ILE D 451 -9.96 9.97 -22.40
C ILE D 451 -9.84 11.33 -23.09
N ASN D 452 -10.05 12.42 -22.34
CA ASN D 452 -9.94 13.75 -22.96
C ASN D 452 -8.53 14.02 -23.45
N GLU D 453 -7.52 13.59 -22.70
CA GLU D 453 -6.13 13.69 -23.18
C GLU D 453 -5.87 12.74 -24.34
N ALA D 454 -6.44 11.56 -24.29
CA ALA D 454 -6.21 10.59 -25.37
C ALA D 454 -6.78 11.10 -26.68
N LEU D 455 -7.96 11.72 -26.61
CA LEU D 455 -8.59 12.35 -27.77
C LEU D 455 -7.77 13.53 -28.31
N ASP D 456 -6.92 14.13 -27.48
CA ASP D 456 -6.14 15.28 -27.88
C ASP D 456 -4.76 14.93 -28.40
N TYR D 457 -4.53 13.66 -28.80
CA TYR D 457 -3.18 13.22 -29.10
C TYR D 457 -2.62 13.91 -30.33
N ALA D 458 -1.30 14.03 -30.34
CA ALA D 458 -0.53 14.49 -31.49
C ALA D 458 0.19 13.30 -32.10
N ILE D 459 0.23 13.25 -33.43
CA ILE D 459 1.06 12.27 -34.12
C ILE D 459 2.52 12.68 -33.92
N SER D 460 3.38 11.69 -33.69
CA SER D 460 4.77 11.96 -33.33
C SER D 460 5.66 10.96 -34.04
N GLY D 461 6.73 11.47 -34.62
CA GLY D 461 7.60 10.62 -35.42
C GLY D 461 6.86 10.02 -36.58
N CYS D 462 7.06 8.73 -36.76
N CYS D 462 7.14 8.73 -36.81
CA CYS D 462 6.54 8.06 -37.95
CA CYS D 462 6.53 8.00 -37.93
C CYS D 462 5.06 7.76 -37.84
C CYS D 462 5.02 7.91 -37.73
N THR D 463 4.62 7.22 -36.68
CA THR D 463 3.22 6.82 -36.50
C THR D 463 2.81 6.89 -35.03
N GLU D 464 3.63 7.46 -34.18
CA GLU D 464 3.41 7.30 -32.75
C GLU D 464 2.46 8.36 -32.29
N THR D 465 1.91 8.15 -31.10
CA THR D 465 0.79 8.96 -30.61
C THR D 465 1.13 9.44 -29.23
N ARG D 466 1.33 10.75 -29.10
CA ARG D 466 1.82 11.35 -27.87
C ARG D 466 0.76 12.20 -27.22
N MET D 467 0.74 12.14 -25.90
CA MET D 467 -0.11 12.98 -25.08
C MET D 467 0.82 13.82 -24.21
N PRO D 468 1.05 15.10 -24.58
CA PRO D 468 2.20 15.85 -24.07
C PRO D 468 2.25 16.10 -22.59
N ASN D 469 1.15 15.93 -21.88
CA ASN D 469 1.21 16.10 -20.44
C ASN D 469 0.89 14.81 -19.70
N ARG D 470 0.93 13.68 -20.41
CA ARG D 470 0.63 12.38 -19.80
C ARG D 470 1.70 11.33 -20.09
N ASP D 471 2.16 11.22 -21.35
CA ASP D 471 3.27 10.34 -21.70
C ASP D 471 4.49 10.65 -20.83
N THR D 472 5.13 9.60 -20.32
CA THR D 472 6.37 9.77 -19.58
C THR D 472 7.50 8.87 -20.03
N TYR D 473 7.28 7.96 -20.97
CA TYR D 473 8.32 7.01 -21.37
C TYR D 473 9.10 7.50 -22.59
N THR D 474 10.44 7.43 -22.51
CA THR D 474 11.28 8.06 -23.51
C THR D 474 12.40 7.19 -24.06
N SER D 475 12.47 5.89 -23.67
CA SER D 475 13.59 5.03 -24.08
C SER D 475 13.39 4.50 -25.49
N GLY D 476 14.38 4.75 -26.35
CA GLY D 476 14.48 4.12 -27.64
C GLY D 476 14.51 2.61 -27.45
N CYS D 477 13.70 1.91 -28.23
CA CYS D 477 13.38 0.52 -27.94
C CYS D 477 13.96 -0.42 -29.00
N VAL D 478 14.16 -1.65 -28.53
CA VAL D 478 14.82 -2.70 -29.27
C VAL D 478 14.13 -2.97 -30.59
N TYR D 479 14.94 -3.35 -31.58
CA TYR D 479 14.48 -3.71 -32.92
C TYR D 479 14.86 -5.17 -33.14
N ILE D 480 13.88 -6.00 -33.50
CA ILE D 480 14.12 -7.44 -33.57
C ILE D 480 14.02 -7.90 -35.01
N ASN D 481 15.12 -8.47 -35.51
CA ASN D 481 15.18 -9.10 -36.83
C ASN D 481 14.61 -10.51 -36.70
N PHE D 482 13.29 -10.66 -36.81
CA PHE D 482 12.67 -11.96 -36.66
C PHE D 482 12.95 -12.91 -37.82
N ALA D 483 13.43 -12.43 -38.96
CA ALA D 483 13.88 -13.34 -40.01
C ALA D 483 15.01 -14.23 -39.51
N THR D 484 15.82 -13.75 -38.56
CA THR D 484 16.88 -14.58 -37.98
C THR D 484 16.30 -15.78 -37.24
N ALA D 485 15.12 -15.65 -36.60
CA ALA D 485 14.50 -16.83 -35.99
C ALA D 485 14.21 -17.87 -37.04
N LEU D 486 13.81 -17.41 -38.23
CA LEU D 486 13.46 -18.30 -39.31
C LEU D 486 14.72 -18.98 -39.84
N GLU D 487 15.77 -18.21 -40.10
CA GLU D 487 16.99 -18.81 -40.63
C GLU D 487 17.62 -19.74 -39.59
N MET D 488 17.64 -19.31 -38.32
CA MET D 488 18.22 -20.15 -37.28
C MET D 488 17.44 -21.45 -37.13
N LEU D 489 16.13 -21.43 -37.37
CA LEU D 489 15.35 -22.66 -37.36
C LEU D 489 15.79 -23.58 -38.49
N MET D 490 16.12 -23.02 -39.66
CA MET D 490 16.61 -23.78 -40.78
C MET D 490 18.09 -24.14 -40.64
N ASN D 491 18.75 -23.74 -39.56
CA ASN D 491 20.21 -23.78 -39.56
C ASN D 491 20.78 -24.05 -38.18
N ASN D 492 20.01 -24.72 -37.32
CA ASN D 492 20.50 -25.15 -36.01
C ASN D 492 21.07 -23.99 -35.19
N GLY D 493 20.40 -22.84 -35.22
CA GLY D 493 20.80 -21.72 -34.40
C GLY D 493 21.88 -20.85 -34.96
N ARG D 494 22.32 -21.13 -36.19
CA ARG D 494 23.34 -20.35 -36.86
C ARG D 494 22.73 -19.46 -37.94
N LEU D 495 23.46 -18.42 -38.26
CA LEU D 495 23.18 -17.60 -39.41
C LEU D 495 24.37 -17.71 -40.36
N HIS D 496 24.08 -17.88 -41.65
CA HIS D 496 25.18 -18.04 -42.61
C HIS D 496 26.09 -16.83 -42.59
N TYR D 497 25.53 -15.63 -42.48
CA TYR D 497 26.35 -14.43 -42.42
C TYR D 497 27.41 -14.52 -41.36
N TYR D 498 27.13 -15.21 -40.24
CA TYR D 498 28.07 -15.29 -39.15
C TYR D 498 28.75 -16.66 -39.05
N GLY D 499 28.62 -17.49 -40.07
CA GLY D 499 29.31 -18.77 -40.05
C GLY D 499 28.73 -19.75 -39.03
N ASP D 500 29.62 -20.33 -38.24
CA ASP D 500 29.27 -21.38 -37.30
C ASP D 500 28.96 -20.85 -35.91
N GLU D 501 28.98 -19.53 -35.71
CA GLU D 501 28.66 -18.96 -34.40
C GLU D 501 27.28 -19.41 -33.95
N LEU D 502 27.20 -19.96 -32.75
CA LEU D 502 25.89 -20.31 -32.22
C LEU D 502 25.26 -19.02 -31.72
N ILE D 503 24.19 -18.59 -32.37
CA ILE D 503 23.57 -17.31 -32.08
C ILE D 503 22.25 -17.49 -31.36
N GLY D 504 21.39 -18.38 -31.87
CA GLY D 504 20.12 -18.70 -31.24
C GLY D 504 20.10 -20.06 -30.60
N LEU D 505 19.02 -20.81 -30.77
CA LEU D 505 18.89 -22.12 -30.16
C LEU D 505 19.31 -23.21 -31.14
N GLU D 506 19.77 -24.33 -30.57
CA GLU D 506 20.14 -25.52 -31.35
C GLU D 506 18.92 -26.41 -31.56
N THR D 507 18.04 -25.96 -32.44
CA THR D 507 16.84 -26.72 -32.75
C THR D 507 17.10 -27.87 -33.70
N GLY D 508 18.33 -28.05 -34.19
CA GLY D 508 18.68 -29.28 -34.90
C GLY D 508 18.47 -29.24 -36.40
N ASP D 509 18.68 -30.41 -37.01
CA ASP D 509 18.44 -30.65 -38.42
C ASP D 509 16.96 -30.43 -38.73
N PRO D 510 16.59 -29.42 -39.52
CA PRO D 510 15.17 -29.18 -39.77
C PRO D 510 14.52 -30.24 -40.64
N THR D 511 15.29 -31.13 -41.27
CA THR D 511 14.67 -32.24 -42.02
C THR D 511 14.06 -33.27 -41.08
N ARG D 512 14.40 -33.23 -39.79
CA ARG D 512 13.90 -34.23 -38.86
C ARG D 512 12.44 -33.98 -38.47
N PHE D 513 11.92 -32.77 -38.70
CA PHE D 513 10.57 -32.50 -38.22
C PHE D 513 9.57 -33.21 -39.11
N GLN D 514 8.72 -34.06 -38.52
CA GLN D 514 7.74 -34.77 -39.34
C GLN D 514 6.42 -34.03 -39.48
N THR D 515 6.09 -33.12 -38.57
CA THR D 515 4.82 -32.41 -38.64
C THR D 515 5.00 -30.91 -38.57
N TRP D 516 4.04 -30.19 -39.18
CA TRP D 516 3.99 -28.73 -39.07
C TRP D 516 4.06 -28.29 -37.61
N GLU D 517 3.30 -28.95 -36.75
CA GLU D 517 3.22 -28.58 -35.35
C GLU D 517 4.59 -28.57 -34.68
N GLU D 518 5.41 -29.58 -34.94
CA GLU D 518 6.73 -29.61 -34.31
C GLU D 518 7.64 -28.57 -34.96
N PHE D 519 7.53 -28.40 -36.27
CA PHE D 519 8.34 -27.39 -36.92
C PHE D 519 7.97 -25.98 -36.40
N TYR D 520 6.68 -25.71 -36.26
CA TYR D 520 6.24 -24.42 -35.73
C TYR D 520 6.64 -24.24 -34.28
N GLU D 521 6.51 -25.27 -33.44
CA GLU D 521 6.99 -25.15 -32.06
C GLU D 521 8.46 -24.79 -32.02
N ALA D 522 9.24 -25.31 -32.96
CA ALA D 522 10.64 -24.96 -33.01
C ALA D 522 10.84 -23.53 -33.46
N TYR D 523 10.03 -23.05 -34.43
CA TYR D 523 10.03 -21.63 -34.76
C TYR D 523 9.73 -20.79 -33.54
N LYS D 524 8.66 -21.13 -32.83
CA LYS D 524 8.28 -20.38 -31.64
C LYS D 524 9.42 -20.33 -30.64
N ALA D 525 10.15 -21.44 -30.46
CA ALA D 525 11.27 -21.42 -29.52
C ALA D 525 12.32 -20.40 -29.92
N GLN D 526 12.69 -20.36 -31.21
CA GLN D 526 13.67 -19.36 -31.64
C GLN D 526 13.13 -17.96 -31.43
N HIS D 527 11.87 -17.75 -31.81
CA HIS D 527 11.24 -16.42 -31.78
C HIS D 527 11.15 -15.90 -30.35
N ILE D 528 10.66 -16.72 -29.42
CA ILE D 528 10.54 -16.35 -28.01
C ILE D 528 11.91 -16.15 -27.38
N ASN D 529 12.92 -16.90 -27.80
CA ASN D 529 14.27 -16.65 -27.29
C ASN D 529 14.75 -15.24 -27.69
N LEU D 530 14.41 -14.80 -28.89
CA LEU D 530 14.73 -13.43 -29.29
C LEU D 530 13.97 -12.42 -28.43
N LEU D 531 12.66 -12.64 -28.26
CA LEU D 531 11.86 -11.76 -27.40
C LEU D 531 12.43 -11.65 -26.01
N GLN D 532 12.82 -12.80 -25.41
CA GLN D 532 13.31 -12.75 -24.04
C GLN D 532 14.53 -11.87 -23.90
N LYS D 533 15.44 -11.95 -24.87
CA LYS D 533 16.67 -11.20 -24.81
C LYS D 533 16.42 -9.75 -25.14
N ALA D 534 15.48 -9.51 -26.05
CA ALA D 534 15.06 -8.15 -26.38
C ALA D 534 14.49 -7.45 -25.16
N PHE D 535 13.67 -8.16 -24.38
CA PHE D 535 13.07 -7.52 -23.20
C PHE D 535 14.13 -7.29 -22.13
N GLN D 536 15.08 -8.21 -21.99
CA GLN D 536 16.14 -8.00 -21.01
C GLN D 536 17.01 -6.81 -21.39
N GLN D 537 17.37 -6.73 -22.67
CA GLN D 537 18.11 -5.61 -23.20
C GLN D 537 17.40 -4.29 -22.90
N GLN D 538 16.09 -4.25 -23.12
CA GLN D 538 15.38 -2.99 -23.01
C GLN D 538 15.28 -2.56 -21.57
N HIS D 539 15.05 -3.50 -20.67
CA HIS D 539 15.00 -3.18 -19.26
C HIS D 539 16.32 -2.57 -18.81
N ILE D 540 17.43 -3.08 -19.32
CA ILE D 540 18.71 -2.52 -18.92
C ILE D 540 18.82 -1.10 -19.46
N VAL D 541 18.41 -0.91 -20.72
CA VAL D 541 18.37 0.42 -21.33
C VAL D 541 17.54 1.38 -20.46
N ASP D 542 16.35 0.92 -20.01
CA ASP D 542 15.48 1.75 -19.18
C ASP D 542 16.14 2.14 -17.86
N ARG D 543 16.99 1.27 -17.31
CA ARG D 543 17.71 1.57 -16.10
C ARG D 543 18.91 2.48 -16.32
N LEU D 544 19.54 2.41 -17.47
CA LEU D 544 20.75 3.19 -17.72
C LEU D 544 20.46 4.61 -18.21
N ARG D 545 19.45 4.78 -19.07
CA ARG D 545 19.23 6.08 -19.69
C ARG D 545 19.11 7.21 -18.68
N PRO D 546 18.40 7.07 -17.55
CA PRO D 546 18.29 8.17 -16.59
C PRO D 546 19.61 8.65 -16.04
N GLN D 547 20.65 7.81 -16.06
CA GLN D 547 21.99 8.20 -15.64
C GLN D 547 22.72 9.02 -16.71
N HIS D 548 22.18 9.16 -17.92
CA HIS D 548 22.86 9.84 -19.01
C HIS D 548 22.04 10.96 -19.66
N PHE D 549 20.72 10.88 -19.60
CA PHE D 549 19.89 11.80 -20.37
C PHE D 549 18.96 12.59 -19.47
N ALA D 550 18.90 13.90 -19.72
CA ALA D 550 17.85 14.75 -19.14
C ALA D 550 17.30 15.66 -20.21
N ALA D 551 16.18 16.31 -19.87
CA ALA D 551 15.45 17.15 -20.82
C ALA D 551 14.74 18.26 -20.06
N PRO D 552 15.49 19.21 -19.52
CA PRO D 552 14.88 20.24 -18.69
C PRO D 552 13.80 21.07 -19.41
N LEU D 553 14.00 21.39 -20.69
CA LEU D 553 13.00 22.17 -21.42
C LEU D 553 11.73 21.37 -21.64
N SER D 554 11.88 20.11 -22.09
CA SER D 554 10.72 19.25 -22.23
C SER D 554 10.03 19.07 -20.88
N SER D 555 10.80 19.01 -19.81
CA SER D 555 10.21 18.80 -18.49
C SER D 555 9.43 20.02 -18.02
N VAL D 556 9.97 21.22 -18.23
CA VAL D 556 9.29 22.41 -17.69
C VAL D 556 7.95 22.59 -18.38
N LEU D 557 7.80 22.08 -19.59
CA LEU D 557 6.55 22.15 -20.31
C LEU D 557 5.61 20.95 -20.05
N HIS D 558 5.88 20.10 -19.05
CA HIS D 558 5.13 18.87 -18.82
C HIS D 558 4.51 18.93 -17.44
N ASN D 559 3.17 18.89 -17.38
CA ASN D 559 2.48 19.01 -16.09
C ASN D 559 3.02 18.06 -15.05
N LEU D 560 3.30 16.79 -15.43
CA LEU D 560 3.66 15.80 -14.41
C LEU D 560 5.09 16.01 -13.93
N CYS D 561 5.96 16.42 -14.84
CA CYS D 561 7.33 16.70 -14.44
C CYS D 561 7.35 17.85 -13.44
N MET D 562 6.54 18.89 -13.69
CA MET D 562 6.47 20.03 -12.78
C MET D 562 5.77 19.66 -11.49
N LYS D 563 4.69 18.88 -11.58
CA LYS D 563 3.98 18.49 -10.36
C LYS D 563 4.87 17.65 -9.44
N ASN D 564 5.54 16.65 -10.00
CA ASN D 564 6.34 15.73 -9.19
C ASN D 564 7.77 16.22 -8.99
N MET D 565 8.15 17.28 -9.69
CA MET D 565 9.48 17.81 -9.65
C MET D 565 10.49 16.73 -10.03
N GLN D 566 10.27 16.17 -11.21
CA GLN D 566 11.15 15.17 -11.78
C GLN D 566 11.37 15.47 -13.25
N ASP D 567 12.61 15.30 -13.68
CA ASP D 567 12.93 15.30 -15.10
C ASP D 567 12.18 14.21 -15.86
N LEU D 568 11.86 14.50 -17.12
CA LEU D 568 11.08 13.58 -17.95
C LEU D 568 11.75 12.20 -18.10
N HIS D 569 13.06 12.15 -18.19
CA HIS D 569 13.72 10.88 -18.43
C HIS D 569 13.94 10.09 -17.14
N SER D 570 13.35 10.52 -16.04
CA SER D 570 13.22 9.69 -14.87
C SER D 570 12.43 8.44 -15.24
N GLU D 571 12.70 7.35 -14.53
CA GLU D 571 12.16 6.05 -14.90
C GLU D 571 10.67 6.00 -14.65
N LYS D 572 10.22 6.48 -13.49
CA LYS D 572 8.82 6.41 -13.09
C LYS D 572 8.39 7.78 -12.60
N ILE D 573 7.29 8.28 -13.14
CA ILE D 573 6.76 9.58 -12.83
C ILE D 573 5.28 9.36 -12.53
N GLU D 574 4.90 9.54 -11.28
CA GLU D 574 3.58 9.18 -10.82
C GLU D 574 2.56 10.01 -11.60
N GLY D 575 1.49 9.34 -12.06
CA GLY D 575 0.49 9.94 -12.91
C GLY D 575 0.73 9.71 -14.39
N GLY D 576 1.92 9.34 -14.76
CA GLY D 576 2.22 9.15 -16.15
C GLY D 576 1.76 7.80 -16.67
N VAL D 577 1.74 7.69 -17.98
CA VAL D 577 1.58 6.42 -18.67
C VAL D 577 2.84 6.20 -19.51
N ASP D 578 3.40 4.99 -19.40
CA ASP D 578 4.66 4.58 -20.04
C ASP D 578 4.32 3.61 -21.16
N TYR D 579 4.35 4.13 -22.37
CA TYR D 579 4.08 3.36 -23.59
C TYR D 579 5.43 2.94 -24.19
N SER D 580 5.84 1.70 -23.95
CA SER D 580 7.07 1.18 -24.55
C SER D 580 6.76 0.16 -25.63
N TYR D 581 7.82 -0.21 -26.33
CA TYR D 581 7.73 -0.89 -27.61
C TYR D 581 8.80 -1.98 -27.75
N PHE D 582 8.57 -2.87 -28.71
CA PHE D 582 9.67 -3.63 -29.31
C PHE D 582 9.31 -3.84 -30.78
N GLU D 583 10.29 -3.70 -31.67
CA GLU D 583 9.96 -3.72 -33.10
C GLU D 583 10.00 -5.13 -33.68
N PHE D 584 8.98 -5.42 -34.48
CA PHE D 584 8.86 -6.65 -35.25
C PHE D 584 9.22 -6.36 -36.70
N LEU D 585 10.43 -6.74 -37.10
CA LEU D 585 10.85 -6.64 -38.49
C LEU D 585 10.74 -7.99 -39.16
N GLY D 586 10.33 -7.96 -40.42
CA GLY D 586 10.23 -9.16 -41.22
C GLY D 586 8.96 -9.93 -41.05
N TYR D 587 7.87 -9.28 -40.65
CA TYR D 587 6.62 -9.98 -40.40
C TYR D 587 6.18 -10.82 -41.58
N ALA D 588 6.00 -10.19 -42.75
CA ALA D 588 5.51 -10.92 -43.91
C ALA D 588 6.54 -11.92 -44.44
N THR D 589 7.83 -11.63 -44.29
CA THR D 589 8.86 -12.60 -44.69
C THR D 589 8.72 -13.90 -43.90
N VAL D 590 8.61 -13.79 -42.57
CA VAL D 590 8.40 -14.96 -41.69
C VAL D 590 7.12 -15.69 -42.05
N VAL D 591 5.99 -14.97 -42.06
CA VAL D 591 4.69 -15.58 -42.28
C VAL D 591 4.65 -16.34 -43.61
N ASP D 592 5.10 -15.67 -44.68
CA ASP D 592 5.07 -16.28 -45.99
C ASP D 592 6.04 -17.47 -46.05
N SER D 593 7.18 -17.34 -45.41
CA SER D 593 8.08 -18.49 -45.34
C SER D 593 7.40 -19.66 -44.63
N LEU D 594 6.81 -19.41 -43.46
CA LEU D 594 6.16 -20.47 -42.72
C LEU D 594 5.01 -21.06 -43.51
N ALA D 595 4.24 -20.22 -44.18
CA ALA D 595 3.08 -20.72 -44.91
C ALA D 595 3.52 -21.58 -46.09
N ALA D 596 4.62 -21.19 -46.75
CA ALA D 596 5.10 -21.97 -47.88
C ALA D 596 5.53 -23.36 -47.42
N ILE D 597 6.26 -23.43 -46.30
CA ILE D 597 6.70 -24.72 -45.77
C ILE D 597 5.51 -25.53 -45.32
N LYS D 598 4.52 -24.88 -44.70
CA LYS D 598 3.35 -25.59 -44.21
C LYS D 598 2.56 -26.19 -45.36
N LYS D 599 2.33 -25.40 -46.42
CA LYS D 599 1.55 -25.86 -47.56
C LYS D 599 2.29 -26.95 -48.34
N LEU D 600 3.50 -26.65 -48.76
CA LEU D 600 4.20 -27.47 -49.74
C LEU D 600 5.02 -28.60 -49.13
N VAL D 601 5.57 -28.42 -47.93
CA VAL D 601 6.29 -29.51 -47.30
C VAL D 601 5.36 -30.35 -46.44
N PHE D 602 4.56 -29.77 -45.55
CA PHE D 602 3.84 -30.61 -44.62
C PHE D 602 2.45 -30.98 -45.07
N GLU D 603 1.72 -30.10 -45.77
CA GLU D 603 0.32 -30.38 -46.11
C GLU D 603 0.19 -31.15 -47.41
N GLU D 604 0.83 -30.66 -48.47
CA GLU D 604 0.71 -31.26 -49.79
C GLU D 604 1.91 -32.14 -50.16
N LYS D 605 3.02 -32.00 -49.45
CA LYS D 605 4.17 -32.88 -49.62
C LYS D 605 4.69 -32.85 -51.05
N ARG D 606 4.58 -31.70 -51.70
CA ARG D 606 5.14 -31.52 -53.03
C ARG D 606 6.64 -31.26 -52.99
N LEU D 607 7.17 -30.97 -51.81
CA LEU D 607 8.59 -30.78 -51.62
C LEU D 607 8.95 -31.37 -50.27
N THR D 608 10.22 -31.72 -50.12
CA THR D 608 10.79 -32.07 -48.84
C THR D 608 11.47 -30.85 -48.25
N MET D 609 11.63 -30.86 -46.93
CA MET D 609 12.48 -29.86 -46.28
C MET D 609 13.82 -29.76 -46.99
N ARG D 610 14.41 -30.90 -47.35
CA ARG D 610 15.75 -30.90 -47.93
C ARG D 610 15.76 -30.22 -49.28
N GLU D 611 14.76 -30.50 -50.12
CA GLU D 611 14.65 -29.80 -51.41
C GLU D 611 14.56 -28.29 -51.20
N VAL D 612 13.78 -27.83 -50.21
CA VAL D 612 13.71 -26.39 -49.95
C VAL D 612 15.05 -25.89 -49.44
N LEU D 613 15.65 -26.60 -48.50
CA LEU D 613 16.92 -26.15 -47.93
C LEU D 613 17.98 -26.04 -49.01
N ASP D 614 18.04 -27.01 -49.93
CA ASP D 614 19.07 -26.98 -50.99
C ASP D 614 18.80 -25.84 -51.96
N ALA D 615 17.56 -25.64 -52.34
CA ALA D 615 17.24 -24.50 -53.19
C ALA D 615 17.68 -23.18 -52.54
N MET D 616 17.41 -23.00 -51.24
CA MET D 616 17.81 -21.77 -50.53
C MET D 616 19.33 -21.65 -50.45
N ASN D 617 20.01 -22.74 -50.09
CA ASN D 617 21.47 -22.67 -49.99
C ASN D 617 22.12 -22.29 -51.32
N ALA D 618 21.48 -22.61 -52.44
CA ALA D 618 21.99 -22.16 -53.73
C ALA D 618 21.47 -20.80 -54.12
N ASN D 619 20.81 -20.10 -53.20
CA ASN D 619 20.20 -18.82 -53.49
C ASN D 619 19.28 -18.94 -54.69
N PHE D 620 18.71 -20.11 -54.86
CA PHE D 620 17.73 -20.46 -55.88
C PHE D 620 18.32 -20.51 -57.30
N VAL D 621 19.63 -20.37 -57.49
CA VAL D 621 20.16 -20.51 -58.84
C VAL D 621 20.21 -21.99 -59.19
N GLY D 622 19.58 -22.36 -60.29
CA GLY D 622 19.41 -23.74 -60.65
C GLY D 622 18.18 -24.36 -60.05
N TYR D 623 17.42 -23.60 -59.24
CA TYR D 623 16.24 -24.10 -58.55
C TYR D 623 15.05 -23.19 -58.80
N GLU D 624 15.07 -22.51 -59.91
CA GLU D 624 14.05 -21.54 -60.25
C GLU D 624 12.65 -22.13 -60.14
N PRO D 625 12.45 -23.40 -60.49
CA PRO D 625 11.10 -23.92 -60.39
C PRO D 625 10.62 -24.09 -58.97
N ILE D 626 11.51 -24.40 -58.03
CA ILE D 626 11.10 -24.49 -56.62
C ILE D 626 10.80 -23.09 -56.09
N GLN D 627 11.70 -22.14 -56.36
CA GLN D 627 11.46 -20.76 -56.01
C GLN D 627 10.05 -20.34 -56.42
N GLU D 628 9.68 -20.63 -57.66
CA GLU D 628 8.35 -20.25 -58.16
C GLU D 628 7.24 -20.98 -57.39
N MET D 629 7.42 -22.27 -57.11
CA MET D 629 6.43 -23.00 -56.33
C MET D 629 6.23 -22.35 -54.96
N LEU D 630 7.34 -22.04 -54.30
CA LEU D 630 7.29 -21.35 -53.01
C LEU D 630 6.56 -20.00 -53.14
N LYS D 631 6.95 -19.20 -54.13
CA LYS D 631 6.30 -17.91 -54.30
C LYS D 631 4.80 -18.03 -54.46
N ASN D 632 4.32 -19.15 -54.95
CA ASN D 632 2.90 -19.29 -55.23
C ASN D 632 2.13 -19.91 -54.09
N ALA D 633 2.79 -20.27 -52.99
CA ALA D 633 2.05 -20.69 -51.81
C ALA D 633 1.33 -19.47 -51.19
N PRO D 634 0.33 -19.70 -50.35
CA PRO D 634 -0.43 -18.57 -49.80
C PRO D 634 0.48 -17.58 -49.09
N CYS D 635 0.28 -16.30 -49.39
CA CYS D 635 1.03 -15.20 -48.79
C CYS D 635 0.11 -14.27 -48.02
N TYR D 636 0.69 -13.68 -46.98
CA TYR D 636 0.08 -12.55 -46.29
C TYR D 636 -0.24 -11.42 -47.26
N GLY D 637 -1.39 -10.77 -47.03
CA GLY D 637 -1.73 -9.59 -47.77
C GLY D 637 -2.76 -9.82 -48.85
N ASN D 638 -3.37 -11.00 -48.89
CA ASN D 638 -4.30 -11.40 -49.93
C ASN D 638 -5.64 -11.78 -49.36
N ASN D 639 -5.88 -11.45 -48.08
CA ASN D 639 -7.07 -11.91 -47.36
C ASN D 639 -7.25 -13.41 -47.52
N ASP D 640 -6.14 -14.15 -47.43
CA ASP D 640 -6.14 -15.62 -47.49
C ASP D 640 -5.91 -16.17 -46.08
N PRO D 641 -6.92 -16.77 -45.47
CA PRO D 641 -6.76 -17.24 -44.07
C PRO D 641 -5.64 -18.25 -43.88
N TYR D 642 -5.23 -18.96 -44.93
CA TYR D 642 -4.15 -19.91 -44.77
C TYR D 642 -2.87 -19.20 -44.29
N ALA D 643 -2.53 -18.06 -44.91
CA ALA D 643 -1.36 -17.30 -44.44
C ALA D 643 -1.69 -16.39 -43.25
N ASP D 644 -2.89 -15.79 -43.25
CA ASP D 644 -3.21 -14.75 -42.27
C ASP D 644 -3.42 -15.33 -40.87
N SER D 645 -3.94 -16.56 -40.74
CA SER D 645 -4.06 -17.22 -39.44
C SER D 645 -2.70 -17.44 -38.79
N ILE D 646 -1.66 -17.70 -39.59
CA ILE D 646 -0.31 -17.80 -39.06
C ILE D 646 0.18 -16.43 -38.60
N ALA D 647 -0.03 -15.42 -39.44
CA ALA D 647 0.30 -14.05 -39.07
C ALA D 647 -0.38 -13.71 -37.75
N LYS D 648 -1.63 -14.12 -37.59
CA LYS D 648 -2.37 -13.79 -36.38
C LYS D 648 -1.81 -14.52 -35.18
N ASP D 649 -1.47 -15.80 -35.33
CA ASP D 649 -0.94 -16.53 -34.19
C ASP D 649 0.44 -16.03 -33.80
N VAL D 650 1.27 -15.67 -34.80
CA VAL D 650 2.59 -15.13 -34.51
C VAL D 650 2.47 -13.82 -33.71
N ASP D 651 1.61 -12.91 -34.17
CA ASP D 651 1.37 -11.68 -33.42
C ASP D 651 0.79 -11.99 -32.02
N ARG D 652 -0.08 -13.00 -31.93
CA ARG D 652 -0.72 -13.35 -30.65
C ARG D 652 0.27 -13.85 -29.60
N PHE D 653 1.05 -14.89 -29.93
CA PHE D 653 1.93 -15.43 -28.90
C PHE D 653 3.07 -14.46 -28.61
N THR D 654 3.34 -13.55 -29.53
CA THR D 654 4.27 -12.47 -29.24
C THR D 654 3.72 -11.57 -28.13
N GLN D 655 2.44 -11.22 -28.25
CA GLN D 655 1.77 -10.41 -27.25
C GLN D 655 1.65 -11.11 -25.89
N VAL D 656 1.48 -12.43 -25.89
CA VAL D 656 1.48 -13.19 -24.63
C VAL D 656 2.77 -12.97 -23.87
N GLU D 657 3.92 -13.02 -24.57
CA GLU D 657 5.18 -12.71 -23.91
C GLU D 657 5.24 -11.24 -23.50
N ALA D 658 4.68 -10.36 -24.34
CA ALA D 658 4.73 -8.93 -24.02
C ALA D 658 3.94 -8.64 -22.75
N GLU D 659 2.81 -9.35 -22.55
CA GLU D 659 2.03 -9.14 -21.34
C GLU D 659 2.88 -9.43 -20.10
N LYS D 660 3.69 -10.48 -20.15
CA LYS D 660 4.50 -10.85 -19.00
C LYS D 660 5.60 -9.85 -18.74
N SER D 661 6.28 -9.40 -19.80
CA SER D 661 7.25 -8.33 -19.66
C SER D 661 6.58 -7.08 -19.07
N SER D 662 5.37 -6.77 -19.52
CA SER D 662 4.64 -5.61 -19.01
C SER D 662 4.49 -5.70 -17.51
N ARG D 663 4.05 -6.88 -17.01
CA ARG D 663 3.88 -7.08 -15.58
C ARG D 663 5.22 -6.99 -14.83
N ASP D 664 6.28 -7.59 -15.39
CA ASP D 664 7.56 -7.58 -14.66
C ASP D 664 8.23 -6.20 -14.63
N ARG D 665 8.01 -5.36 -15.65
CA ARG D 665 8.63 -4.05 -15.73
C ARG D 665 7.74 -2.89 -15.28
N GLY D 666 6.45 -3.10 -15.12
CA GLY D 666 5.55 -2.04 -14.69
C GLY D 666 5.24 -0.99 -15.72
N ILE D 667 5.39 -1.30 -17.01
CA ILE D 667 5.08 -0.40 -18.11
C ILE D 667 4.41 -1.22 -19.18
N HIS D 668 3.75 -0.55 -20.12
CA HIS D 668 3.18 -1.23 -21.28
C HIS D 668 4.30 -1.59 -22.24
N VAL D 669 4.38 -2.88 -22.57
CA VAL D 669 5.38 -3.43 -23.48
C VAL D 669 4.60 -3.96 -24.67
N ASP D 670 4.59 -3.22 -25.76
CA ASP D 670 3.66 -3.45 -26.86
C ASP D 670 4.41 -3.73 -28.16
N VAL D 671 3.94 -4.74 -28.90
CA VAL D 671 4.55 -5.06 -30.19
C VAL D 671 4.24 -3.95 -31.18
N ARG D 672 5.23 -3.56 -31.97
CA ARG D 672 5.11 -2.48 -32.92
C ARG D 672 5.79 -2.87 -34.23
N TYR D 673 5.22 -2.39 -35.35
CA TYR D 673 5.73 -2.74 -36.67
C TYR D 673 6.08 -1.49 -37.47
N VAL D 674 7.03 -0.74 -36.95
CA VAL D 674 7.48 0.52 -37.55
C VAL D 674 8.94 0.33 -37.97
N PRO D 675 9.20 0.13 -39.27
CA PRO D 675 10.52 -0.38 -39.70
C PRO D 675 11.63 0.62 -39.73
N ILE D 676 11.31 1.91 -39.77
CA ILE D 676 12.24 2.92 -40.30
C ILE D 676 12.95 2.29 -41.50
N THR D 677 14.28 2.41 -41.63
CA THR D 677 14.94 1.72 -42.74
C THR D 677 15.66 0.46 -42.26
N SER D 678 15.34 -0.07 -41.07
CA SER D 678 16.02 -1.23 -40.53
C SER D 678 15.84 -2.49 -41.37
N HIS D 679 14.80 -2.58 -42.18
CA HIS D 679 14.69 -3.79 -42.97
C HIS D 679 15.80 -3.94 -44.02
N VAL D 680 16.58 -2.89 -44.30
CA VAL D 680 17.65 -2.99 -45.29
C VAL D 680 18.83 -3.72 -44.65
N PRO D 681 19.42 -3.22 -43.57
CA PRO D 681 20.48 -4.00 -42.94
C PRO D 681 20.03 -5.33 -42.37
N PHE D 682 18.80 -5.41 -41.85
CA PHE D 682 18.32 -6.71 -41.39
C PHE D 682 18.29 -7.71 -42.54
N GLY D 683 17.83 -7.29 -43.71
CA GLY D 683 17.79 -8.17 -44.86
C GLY D 683 19.18 -8.56 -45.36
N LYS D 684 20.16 -7.66 -45.19
CA LYS D 684 21.52 -7.97 -45.64
C LYS D 684 22.13 -9.16 -44.93
N ILE D 685 21.75 -9.45 -43.69
CA ILE D 685 22.40 -10.57 -42.99
C ILE D 685 21.60 -11.84 -43.09
N ILE D 686 20.51 -11.84 -43.86
CA ILE D 686 19.61 -12.98 -43.99
C ILE D 686 19.80 -13.58 -45.37
N ALA D 687 20.02 -14.90 -45.41
CA ALA D 687 20.16 -15.63 -46.66
C ALA D 687 18.79 -15.75 -47.34
N ALA D 688 18.75 -16.52 -48.43
CA ALA D 688 17.49 -16.76 -49.09
C ALA D 688 16.54 -17.42 -48.09
N THR D 689 15.25 -17.18 -48.30
CA THR D 689 14.26 -17.62 -47.33
C THR D 689 13.17 -18.43 -48.03
N PRO D 690 12.41 -19.21 -47.27
CA PRO D 690 11.45 -20.13 -47.90
C PRO D 690 10.36 -19.47 -48.72
N ASN D 691 10.14 -18.15 -48.56
CA ASN D 691 9.12 -17.46 -49.36
C ASN D 691 9.63 -17.10 -50.75
N GLY D 692 10.87 -17.42 -51.08
CA GLY D 692 11.39 -17.17 -52.40
C GLY D 692 12.28 -15.96 -52.49
N ARG D 693 12.46 -15.23 -51.39
CA ARG D 693 13.29 -14.06 -51.38
C ARG D 693 14.75 -14.47 -51.38
N VAL D 694 15.57 -13.75 -52.13
CA VAL D 694 16.97 -14.11 -52.31
C VAL D 694 17.79 -13.51 -51.19
N ALA D 695 19.01 -14.01 -51.07
CA ALA D 695 19.89 -13.60 -49.99
C ALA D 695 20.17 -12.10 -50.04
N GLY D 696 20.29 -11.50 -48.86
CA GLY D 696 20.64 -10.10 -48.72
C GLY D 696 19.56 -9.11 -49.10
N PHE D 697 18.45 -9.56 -49.65
CA PHE D 697 17.37 -8.67 -50.04
C PHE D 697 16.66 -8.10 -48.81
N PRO D 698 16.11 -6.88 -48.90
CA PRO D 698 15.45 -6.29 -47.72
C PRO D 698 14.33 -7.19 -47.20
N LEU D 699 14.18 -7.21 -45.88
CA LEU D 699 13.01 -7.87 -45.32
C LEU D 699 11.73 -7.08 -45.64
N ALA D 700 10.61 -7.79 -45.54
CA ALA D 700 9.31 -7.13 -45.44
C ALA D 700 9.31 -6.17 -44.27
N ASP D 701 8.72 -5.00 -44.50
CA ASP D 701 8.76 -3.89 -43.56
C ASP D 701 7.36 -3.66 -43.00
N GLY D 702 7.32 -3.29 -41.73
CA GLY D 702 6.05 -3.03 -41.08
C GLY D 702 5.09 -4.20 -41.17
N SER D 703 3.80 -3.89 -41.35
CA SER D 703 2.76 -4.88 -41.59
C SER D 703 2.29 -4.87 -43.05
N SER D 704 3.09 -4.35 -43.94
CA SER D 704 2.78 -4.41 -45.35
C SER D 704 3.07 -5.80 -45.90
N ALA D 705 2.47 -6.10 -47.03
CA ALA D 705 2.81 -7.32 -47.74
C ALA D 705 4.28 -7.34 -48.11
N SER D 706 4.83 -8.55 -48.12
CA SER D 706 6.12 -8.83 -48.73
C SER D 706 6.14 -8.33 -50.17
N HIS D 707 7.30 -7.86 -50.62
CA HIS D 707 7.46 -7.29 -51.94
C HIS D 707 6.80 -8.15 -53.02
N GLY D 708 5.74 -7.63 -53.64
CA GLY D 708 5.10 -8.28 -54.76
C GLY D 708 4.22 -9.45 -54.42
N ALA D 709 3.97 -9.74 -53.14
CA ALA D 709 3.21 -10.93 -52.78
C ALA D 709 1.71 -10.69 -52.74
N ASP D 710 1.27 -9.44 -52.75
CA ASP D 710 -0.16 -9.12 -52.73
C ASP D 710 -0.68 -8.98 -54.16
N HIS D 711 -1.68 -9.79 -54.50
CA HIS D 711 -2.19 -9.82 -55.86
C HIS D 711 -3.71 -9.80 -55.90
N ASN D 712 -4.36 -9.45 -54.79
CA ASN D 712 -5.81 -9.42 -54.72
C ASN D 712 -6.36 -8.03 -54.43
N GLY D 713 -5.56 -6.98 -54.66
CA GLY D 713 -6.02 -5.63 -54.51
C GLY D 713 -5.75 -5.04 -53.13
N PRO D 714 -5.89 -3.71 -53.01
CA PRO D 714 -5.57 -3.04 -51.73
C PRO D 714 -6.49 -3.42 -50.59
N THR D 715 -7.79 -3.63 -50.85
CA THR D 715 -8.69 -3.96 -49.76
C THR D 715 -8.27 -5.27 -49.10
N ALA D 716 -7.77 -6.21 -49.89
CA ALA D 716 -7.36 -7.46 -49.28
C ALA D 716 -6.13 -7.29 -48.41
N VAL D 717 -5.25 -6.33 -48.71
CA VAL D 717 -4.16 -6.02 -47.79
C VAL D 717 -4.73 -5.56 -46.46
N LEU D 718 -5.71 -4.67 -46.49
CA LEU D 718 -6.31 -4.15 -45.28
C LEU D 718 -6.90 -5.28 -44.48
N LEU D 719 -7.58 -6.21 -45.17
CA LEU D 719 -8.27 -7.28 -44.47
C LEU D 719 -7.28 -8.29 -43.92
N SER D 720 -6.17 -8.54 -44.62
CA SER D 720 -5.13 -9.36 -44.01
C SER D 720 -4.58 -8.67 -42.76
N ASN D 721 -4.54 -7.35 -42.76
CA ASN D 721 -4.04 -6.67 -41.57
C ASN D 721 -5.02 -6.84 -40.43
N TYR D 722 -6.31 -6.62 -40.72
CA TYR D 722 -7.35 -6.80 -39.73
C TYR D 722 -7.31 -8.20 -39.12
N HIS D 723 -7.39 -9.22 -39.97
CA HIS D 723 -7.48 -10.61 -39.52
C HIS D 723 -6.18 -11.14 -38.91
N SER D 724 -5.06 -10.44 -39.05
CA SER D 724 -3.82 -10.89 -38.46
C SER D 724 -3.53 -10.23 -37.13
N LYS D 725 -4.45 -9.42 -36.65
CA LYS D 725 -4.30 -8.74 -35.38
C LYS D 725 -5.05 -9.50 -34.29
N ASN D 726 -4.93 -9.02 -33.05
CA ASN D 726 -5.55 -9.69 -31.91
C ASN D 726 -6.23 -8.65 -31.03
N TYR D 727 -7.48 -8.34 -31.40
CA TYR D 727 -8.21 -7.21 -30.84
C TYR D 727 -8.77 -7.50 -29.45
N GLY D 728 -8.76 -8.76 -29.05
CA GLY D 728 -9.05 -9.17 -27.71
C GLY D 728 -7.87 -9.07 -26.78
N MET D 729 -6.76 -8.53 -27.26
CA MET D 729 -5.62 -8.16 -26.42
C MET D 729 -5.35 -6.67 -26.59
N ILE D 730 -4.38 -6.14 -25.83
CA ILE D 730 -4.02 -4.73 -25.94
C ILE D 730 -2.54 -4.45 -26.10
N ASN D 731 -1.65 -5.46 -26.04
CA ASN D 731 -0.23 -5.19 -26.11
C ASN D 731 0.28 -5.01 -27.54
N ARG D 732 -0.38 -4.11 -28.26
CA ARG D 732 0.02 -3.67 -29.59
C ARG D 732 0.13 -2.15 -29.65
N ALA D 733 0.94 -1.70 -30.60
CA ALA D 733 1.03 -0.28 -30.93
C ALA D 733 0.89 -0.18 -32.45
N SER D 734 1.56 0.81 -33.06
CA SER D 734 1.43 1.05 -34.50
C SER D 734 1.82 -0.18 -35.35
N ARG D 735 1.15 -0.28 -36.50
CA ARG D 735 1.61 -1.04 -37.67
C ARG D 735 1.76 -0.05 -38.83
N LEU D 736 2.94 -0.06 -39.49
CA LEU D 736 3.23 0.76 -40.64
C LEU D 736 2.66 -0.03 -41.83
N LEU D 737 1.74 0.57 -42.58
CA LEU D 737 1.05 -0.06 -43.68
C LEU D 737 1.11 0.85 -44.90
N ASN D 738 1.75 0.36 -45.96
CA ASN D 738 1.93 1.10 -47.22
C ASN D 738 1.25 0.37 -48.38
N ILE D 739 0.51 1.13 -49.19
CA ILE D 739 -0.08 0.60 -50.41
C ILE D 739 0.31 1.49 -51.58
N LYS D 740 0.81 0.89 -52.66
CA LYS D 740 1.15 1.60 -53.88
C LYS D 740 0.01 1.39 -54.90
N LEU D 741 -0.48 2.50 -55.47
CA LEU D 741 -1.51 2.48 -56.50
C LEU D 741 -1.02 3.12 -57.79
N SER D 742 -1.57 2.63 -58.90
CA SER D 742 -1.39 3.24 -60.22
C SER D 742 -2.09 4.61 -60.25
N PRO D 743 -1.41 5.66 -60.72
CA PRO D 743 -2.10 6.95 -60.84
C PRO D 743 -3.36 6.89 -61.68
N LYS D 744 -3.44 5.98 -62.67
CA LYS D 744 -4.63 5.89 -63.52
C LYS D 744 -5.86 5.53 -62.72
N CYS D 745 -5.73 4.60 -61.77
CA CYS D 745 -6.92 4.17 -61.04
C CYS D 745 -7.41 5.17 -59.99
N VAL D 746 -6.65 6.24 -59.67
CA VAL D 746 -7.13 7.25 -58.74
C VAL D 746 -7.31 8.62 -59.40
N ALA D 747 -7.44 8.67 -60.73
CA ALA D 747 -7.51 9.94 -61.43
C ALA D 747 -8.91 10.55 -61.34
N GLY D 748 -8.95 11.86 -61.32
CA GLY D 748 -10.25 12.50 -61.37
C GLY D 748 -11.15 12.22 -60.17
N GLU D 749 -12.38 12.69 -60.31
CA GLU D 749 -13.32 12.67 -59.20
C GLU D 749 -13.59 11.26 -58.72
N GLN D 750 -13.77 10.34 -59.67
CA GLN D 750 -14.07 8.95 -59.30
C GLN D 750 -12.89 8.35 -58.56
N GLY D 751 -11.67 8.74 -58.93
CA GLY D 751 -10.49 8.27 -58.21
C GLY D 751 -10.42 8.81 -56.80
N ALA D 752 -10.68 10.11 -56.62
CA ALA D 752 -10.76 10.68 -55.29
C ALA D 752 -11.82 9.97 -54.47
N LYS D 753 -12.96 9.62 -55.08
CA LYS D 753 -14.00 8.93 -54.33
C LYS D 753 -13.54 7.55 -53.90
N LYS D 754 -12.72 6.87 -54.70
CA LYS D 754 -12.20 5.57 -54.34
C LYS D 754 -11.25 5.68 -53.15
N ILE D 755 -10.41 6.72 -53.13
CA ILE D 755 -9.51 6.95 -52.00
C ILE D 755 -10.30 7.21 -50.72
N MET D 756 -11.35 8.01 -50.80
CA MET D 756 -12.19 8.24 -49.64
C MET D 756 -12.76 6.92 -49.13
N SER D 757 -13.16 6.04 -50.05
CA SER D 757 -13.87 4.85 -49.63
C SER D 757 -12.94 3.89 -48.94
N ILE D 758 -11.72 3.74 -49.47
CA ILE D 758 -10.76 2.87 -48.83
C ILE D 758 -10.39 3.42 -47.46
N ILE D 759 -10.35 4.75 -47.29
CA ILE D 759 -9.99 5.32 -46.00
C ILE D 759 -11.07 5.00 -44.98
N ARG D 760 -12.35 5.12 -45.38
CA ARG D 760 -13.44 4.77 -44.50
C ARG D 760 -13.36 3.30 -44.05
N THR D 761 -12.97 2.42 -44.98
CA THR D 761 -12.90 0.99 -44.66
C THR D 761 -11.74 0.71 -43.69
N TRP D 762 -10.58 1.30 -43.98
CA TRP D 762 -9.42 1.21 -43.11
C TRP D 762 -9.74 1.70 -41.70
N CYS D 763 -10.47 2.80 -41.61
CA CYS D 763 -10.88 3.30 -40.30
C CYS D 763 -11.81 2.32 -39.61
N ASP D 764 -12.80 1.78 -40.33
CA ASP D 764 -13.73 0.82 -39.70
C ASP D 764 -13.00 -0.39 -39.17
N LEU D 765 -11.92 -0.79 -39.83
CA LEU D 765 -11.16 -1.98 -39.49
C LEU D 765 -10.21 -1.74 -38.33
N LYS D 766 -10.15 -0.53 -37.79
CA LYS D 766 -9.31 -0.20 -36.65
C LYS D 766 -7.86 -0.47 -36.95
N LEU D 767 -7.44 -0.23 -38.19
CA LEU D 767 -6.02 -0.24 -38.47
C LEU D 767 -5.42 1.10 -38.07
N TRP D 768 -4.18 1.06 -37.63
CA TRP D 768 -3.56 2.20 -36.98
C TRP D 768 -3.17 3.28 -37.98
N HIS D 769 -2.56 2.88 -39.11
CA HIS D 769 -1.87 3.77 -40.04
C HIS D 769 -2.12 3.34 -41.47
N LEU D 770 -2.06 4.32 -42.38
CA LEU D 770 -2.15 4.09 -43.81
C LEU D 770 -1.38 5.16 -44.56
N GLN D 771 -0.52 4.71 -45.46
CA GLN D 771 0.18 5.57 -46.40
C GLN D 771 -0.09 5.08 -47.82
N PHE D 772 -0.60 5.96 -48.67
CA PHE D 772 -0.65 5.69 -50.11
C PHE D 772 0.62 6.16 -50.81
N ASN D 773 1.11 5.35 -51.75
CA ASN D 773 2.11 5.78 -52.72
C ASN D 773 1.46 5.72 -54.11
N ILE D 774 1.40 6.86 -54.79
CA ILE D 774 0.72 6.99 -56.08
C ILE D 774 1.77 7.27 -57.14
N VAL D 775 2.18 6.24 -57.88
CA VAL D 775 3.27 6.38 -58.83
C VAL D 775 3.37 5.08 -59.61
N ASN D 776 3.75 5.14 -60.89
CA ASN D 776 3.85 3.94 -61.69
C ASN D 776 5.32 3.60 -61.93
N ARG D 777 5.54 2.34 -62.31
CA ARG D 777 6.88 1.80 -62.47
C ARG D 777 7.67 2.56 -63.53
N ASP D 778 6.99 2.94 -64.62
CA ASP D 778 7.63 3.70 -65.68
C ASP D 778 8.28 4.96 -65.11
N THR D 779 7.56 5.68 -64.26
CA THR D 779 8.13 6.90 -63.69
C THR D 779 9.35 6.59 -62.85
N LEU D 780 9.30 5.53 -62.06
CA LEU D 780 10.44 5.23 -61.20
C LEU D 780 11.65 4.80 -62.02
N LEU D 781 11.45 3.91 -62.99
CA LEU D 781 12.58 3.51 -63.83
C LEU D 781 13.10 4.70 -64.62
N ALA D 782 12.19 5.54 -65.14
CA ALA D 782 12.59 6.73 -65.88
C ALA D 782 13.46 7.64 -65.03
N ALA D 783 13.04 7.89 -63.77
CA ALA D 783 13.84 8.70 -62.85
C ALA D 783 15.17 8.05 -62.51
N GLN D 784 15.21 6.72 -62.50
CA GLN D 784 16.46 5.99 -62.25
C GLN D 784 17.47 6.22 -63.36
N LYS D 785 16.99 6.28 -64.61
CA LYS D 785 17.88 6.47 -65.75
C LYS D 785 18.21 7.95 -66.01
N ASP D 786 17.26 8.85 -65.72
CA ASP D 786 17.38 10.26 -66.11
C ASP D 786 17.00 11.15 -64.93
N PRO D 787 17.76 11.09 -63.83
CA PRO D 787 17.35 11.80 -62.60
C PRO D 787 17.18 13.30 -62.77
N ASN D 788 18.02 13.95 -63.59
CA ASN D 788 17.91 15.41 -63.73
C ASN D 788 16.54 15.81 -64.29
N SER D 789 15.87 14.94 -65.03
CA SER D 789 14.54 15.22 -65.54
C SER D 789 13.45 14.79 -64.58
N TYR D 790 13.79 14.39 -63.34
CA TYR D 790 12.81 13.91 -62.36
C TYR D 790 13.13 14.39 -60.95
N ARG D 791 13.83 15.52 -60.84
CA ARG D 791 14.26 16.04 -59.56
C ARG D 791 13.11 16.50 -58.65
N ASN D 792 11.85 16.52 -59.15
CA ASN D 792 10.68 16.88 -58.35
C ASN D 792 9.85 15.67 -57.93
N LEU D 793 10.26 14.46 -58.29
CA LEU D 793 9.49 13.27 -57.93
C LEU D 793 9.71 12.97 -56.45
N ILE D 794 8.62 12.97 -55.70
CA ILE D 794 8.66 12.74 -54.25
C ILE D 794 7.87 11.49 -53.97
N VAL D 795 8.45 10.53 -53.23
CA VAL D 795 7.81 9.29 -52.87
C VAL D 795 7.93 9.02 -51.38
N ARG D 796 7.21 8.06 -50.87
CA ARG D 796 7.35 7.69 -49.50
C ARG D 796 8.21 6.45 -49.51
N VAL D 797 9.20 6.37 -48.67
CA VAL D 797 10.03 5.21 -48.61
C VAL D 797 10.38 5.02 -47.14
N ALA D 798 10.20 3.81 -46.56
CA ALA D 798 10.50 3.49 -45.17
C ALA D 798 9.71 4.39 -44.21
N GLY D 799 8.55 4.89 -44.64
CA GLY D 799 7.71 5.74 -43.83
C GLY D 799 7.92 7.22 -44.05
N TYR D 800 9.04 7.63 -44.63
CA TYR D 800 9.36 9.05 -44.77
C TYR D 800 9.38 9.54 -46.21
N SER D 801 9.24 10.86 -46.32
CA SER D 801 9.14 11.55 -47.59
C SER D 801 10.54 11.81 -48.14
N ALA D 802 10.78 11.37 -49.37
CA ALA D 802 12.08 11.48 -50.00
C ALA D 802 11.91 11.85 -51.46
N TYR D 803 12.86 12.65 -51.95
CA TYR D 803 13.05 12.79 -53.40
C TYR D 803 13.62 11.49 -53.95
N PHE D 804 12.89 10.86 -54.88
CA PHE D 804 13.29 9.56 -55.40
C PHE D 804 14.73 9.56 -55.89
N CYS D 805 15.17 10.64 -56.54
CA CYS D 805 16.49 10.70 -57.12
C CYS D 805 17.58 11.02 -56.10
N ASP D 806 17.24 11.19 -54.83
CA ASP D 806 18.27 11.22 -53.79
C ASP D 806 18.45 9.88 -53.11
N MET D 807 17.55 8.94 -53.32
CA MET D 807 17.53 7.72 -52.52
C MET D 807 18.57 6.73 -53.02
N SER D 808 19.14 5.98 -52.08
CA SER D 808 20.08 4.95 -52.44
C SER D 808 19.41 3.93 -53.36
N PRO D 809 20.19 3.19 -54.14
CA PRO D 809 19.61 2.07 -54.90
C PRO D 809 18.92 1.03 -54.03
N ASP D 810 19.44 0.72 -52.84
CA ASP D 810 18.70 -0.19 -51.94
C ASP D 810 17.28 0.31 -51.74
N LEU D 811 17.10 1.61 -51.51
CA LEU D 811 15.78 2.10 -51.18
C LEU D 811 14.93 2.31 -52.43
N GLN D 812 15.56 2.68 -53.55
CA GLN D 812 14.81 2.80 -54.79
C GLN D 812 14.20 1.46 -55.19
N ASN D 813 14.97 0.37 -55.02
CA ASN D 813 14.48 -0.95 -55.34
C ASN D 813 13.41 -1.40 -54.37
N ASP D 814 13.54 -0.97 -53.11
CA ASP D 814 12.54 -1.29 -52.10
C ASP D 814 11.14 -0.85 -52.52
N ILE D 815 11.02 0.35 -53.10
CA ILE D 815 9.74 0.89 -53.56
C ILE D 815 9.36 0.37 -54.95
N ILE D 816 10.35 0.17 -55.85
CA ILE D 816 10.02 -0.31 -57.19
C ILE D 816 9.40 -1.71 -57.13
N ASP D 817 9.93 -2.57 -56.27
CA ASP D 817 9.54 -3.97 -56.22
C ASP D 817 8.31 -4.23 -55.39
N ARG D 818 7.61 -3.19 -54.96
CA ARG D 818 6.31 -3.36 -54.34
C ARG D 818 5.25 -3.43 -55.41
N THR D 819 4.21 -4.22 -55.13
CA THR D 819 3.09 -4.33 -56.04
C THR D 819 2.50 -2.96 -56.32
N GLU D 820 2.13 -2.73 -57.58
CA GLU D 820 1.42 -1.53 -58.00
C GLU D 820 -0.02 -1.94 -58.24
N HIS D 821 -0.93 -1.47 -57.39
CA HIS D 821 -2.32 -1.91 -57.48
C HIS D 821 -3.05 -1.13 -58.55
N ALA D 822 -3.69 -1.86 -59.45
CA ALA D 822 -4.29 -1.24 -60.62
C ALA D 822 -5.72 -0.78 -60.40
N ASP D 823 -6.43 -1.33 -59.41
CA ASP D 823 -7.86 -1.04 -59.25
C ASP D 823 -8.19 -0.90 -57.75
N LEU D 824 -8.10 0.33 -57.25
CA LEU D 824 -8.64 0.65 -55.95
C LEU D 824 -10.12 0.26 -55.89
#